data_3QMN
#
_entry.id   3QMN
#
_cell.length_a   94.553
_cell.length_b   139.039
_cell.length_c   138.319
_cell.angle_alpha   90.00
_cell.angle_beta   93.72
_cell.angle_gamma   90.00
#
_symmetry.space_group_name_H-M   'P 1 21 1'
#
loop_
_entity.id
_entity.type
_entity.pdbx_description
1 polymer 'Holo-[acyl-carrier-protein] synthase'
2 non-polymer 'COENZYME A'
3 non-polymer 'CHLORIDE ION'
4 non-polymer 'CALCIUM ION'
5 non-polymer (4S)-2-METHYL-2,4-PENTANEDIOL
6 non-polymer 'ACETATE ION'
7 non-polymer (4R)-2-METHYLPENTANE-2,4-DIOL
8 non-polymer "ADENOSINE-3'-5'-DIPHOSPHATE"
9 water water
#
_entity_poly.entity_id   1
_entity_poly.type   'polypeptide(L)'
_entity_poly.pdbx_seq_one_letter_code
;SNA(MSE)IVGLGTDIAEIERVEKALARSGENFARRILTDSELEQFHASKQQGRFLAKRFAAKEAASKALGTGIAQGVTF
HDFTISHDKLGKPLLILSGQAAELASQLQVENIHLSISDERHYA(MSE)ATVILERR
;
_entity_poly.pdbx_strand_id   A,B,C,D,E,F,G,H,I,J,K,L,M,N,O,P,Q,R,S,T,U,V,W,X
#
loop_
_chem_comp.id
_chem_comp.type
_chem_comp.name
_chem_comp.formula
A3P RNA linking ADENOSINE-3'-5'-DIPHOSPHATE 'C10 H15 N5 O10 P2'
ACT non-polymer 'ACETATE ION' 'C2 H3 O2 -1'
CA non-polymer 'CALCIUM ION' 'Ca 2'
CL non-polymer 'CHLORIDE ION' 'Cl -1'
COA non-polymer 'COENZYME A' 'C21 H36 N7 O16 P3 S'
MPD non-polymer (4S)-2-METHYL-2,4-PENTANEDIOL 'C6 H14 O2'
MRD non-polymer (4R)-2-METHYLPENTANE-2,4-DIOL 'C6 H14 O2'
#
# COMPACT_ATOMS: atom_id res chain seq x y z
N ALA A 3 -53.50 39.67 -41.39
CA ALA A 3 -53.28 38.24 -41.15
C ALA A 3 -52.00 38.09 -40.36
N MSE A 4 -51.74 36.88 -39.85
CA MSE A 4 -50.56 36.64 -39.11
C MSE A 4 -50.51 35.18 -38.70
O MSE A 4 -51.52 34.46 -38.70
CB MSE A 4 -50.44 37.50 -37.84
CG MSE A 4 -51.29 37.09 -36.69
SE MSE A 4 -50.97 38.29 -35.17
CE MSE A 4 -51.65 39.95 -35.97
N ILE A 5 -49.31 34.77 -38.34
CA ILE A 5 -49.05 33.43 -37.92
C ILE A 5 -49.52 33.27 -36.50
N VAL A 6 -50.32 32.25 -36.25
CA VAL A 6 -50.83 32.00 -34.92
C VAL A 6 -50.18 30.78 -34.26
N GLY A 7 -49.41 30.01 -35.02
CA GLY A 7 -48.76 28.83 -34.46
C GLY A 7 -47.74 28.23 -35.39
N LEU A 8 -46.68 27.68 -34.80
CA LEU A 8 -45.58 27.05 -35.50
C LEU A 8 -45.24 25.79 -34.76
N GLY A 9 -45.07 24.69 -35.50
CA GLY A 9 -44.72 23.40 -34.91
C GLY A 9 -43.77 22.63 -35.78
N THR A 10 -42.89 21.83 -35.16
CA THR A 10 -41.95 21.05 -35.89
C THR A 10 -41.72 19.76 -35.11
N ASP A 11 -41.37 18.68 -35.77
CA ASP A 11 -41.13 17.42 -35.08
C ASP A 11 -40.23 16.54 -35.94
N ILE A 12 -39.41 15.74 -35.27
CA ILE A 12 -38.52 14.77 -35.93
C ILE A 12 -38.79 13.41 -35.28
N ALA A 13 -38.97 12.38 -36.09
CA ALA A 13 -39.26 11.00 -35.63
C ALA A 13 -38.27 10.00 -36.18
N GLU A 14 -37.78 9.11 -35.32
CA GLU A 14 -36.86 8.06 -35.73
C GLU A 14 -37.73 6.92 -36.32
N ILE A 15 -37.56 6.64 -37.60
CA ILE A 15 -38.35 5.62 -38.30
C ILE A 15 -38.24 4.22 -37.70
N GLU A 16 -37.03 3.82 -37.36
CA GLU A 16 -36.84 2.48 -36.78
C GLU A 16 -37.68 2.25 -35.51
N ARG A 17 -37.91 3.27 -34.69
CA ARG A 17 -38.70 3.06 -33.49
C ARG A 17 -40.16 2.80 -33.86
N VAL A 18 -40.62 3.45 -34.93
CA VAL A 18 -42.00 3.25 -35.38
C VAL A 18 -42.10 1.82 -35.92
N GLU A 19 -41.13 1.40 -36.74
CA GLU A 19 -41.11 0.05 -37.30
C GLU A 19 -41.12 -1.01 -36.17
N LYS A 20 -40.34 -0.78 -35.12
CA LYS A 20 -40.31 -1.72 -33.98
C LYS A 20 -41.67 -1.80 -33.30
N ALA A 21 -42.33 -0.65 -33.13
CA ALA A 21 -43.64 -0.59 -32.51
C ALA A 21 -44.65 -1.35 -33.39
N LEU A 22 -44.59 -1.17 -34.71
CA LEU A 22 -45.51 -1.91 -35.60
C LEU A 22 -45.28 -3.44 -35.55
N ALA A 23 -44.02 -3.86 -35.49
CA ALA A 23 -43.68 -5.28 -35.44
C ALA A 23 -44.22 -5.91 -34.18
N ARG A 24 -44.35 -5.13 -33.11
CA ARG A 24 -44.86 -5.65 -31.87
C ARG A 24 -46.37 -5.51 -31.66
N SER A 25 -46.91 -4.31 -31.91
CA SER A 25 -48.33 -4.02 -31.67
C SER A 25 -49.24 -3.77 -32.88
N GLY A 26 -48.62 -3.65 -34.05
CA GLY A 26 -49.31 -3.49 -35.31
C GLY A 26 -50.46 -2.53 -35.35
N GLU A 27 -51.62 -3.05 -35.73
CA GLU A 27 -52.84 -2.24 -35.87
C GLU A 27 -53.22 -1.46 -34.61
N ASN A 28 -53.03 -2.06 -33.43
CA ASN A 28 -53.33 -1.37 -32.18
C ASN A 28 -52.52 -0.10 -32.02
N PHE A 29 -51.30 -0.12 -32.52
CA PHE A 29 -50.46 1.06 -32.44
C PHE A 29 -50.86 2.03 -33.54
N ALA A 30 -50.95 1.52 -34.77
CA ALA A 30 -51.31 2.37 -35.89
C ALA A 30 -52.65 3.10 -35.66
N ARG A 31 -53.63 2.41 -35.08
N ARG A 31 -53.63 2.41 -35.07
CA ARG A 31 -54.95 2.99 -34.81
CA ARG A 31 -54.94 3.04 -34.85
C ARG A 31 -54.96 4.08 -33.75
C ARG A 31 -54.92 4.15 -33.81
N ARG A 32 -53.91 4.18 -32.95
CA ARG A 32 -53.81 5.23 -31.93
C ARG A 32 -53.43 6.54 -32.61
N ILE A 33 -52.70 6.44 -33.72
CA ILE A 33 -52.21 7.60 -34.43
C ILE A 33 -53.06 8.02 -35.63
N LEU A 34 -53.61 7.04 -36.34
CA LEU A 34 -54.38 7.28 -37.56
C LEU A 34 -55.89 7.19 -37.43
N THR A 35 -56.59 8.06 -38.17
CA THR A 35 -58.03 8.04 -38.18
C THR A 35 -58.41 6.87 -39.08
N ASP A 36 -59.66 6.46 -39.00
CA ASP A 36 -60.15 5.36 -39.83
C ASP A 36 -59.95 5.65 -41.33
N SER A 37 -60.12 6.90 -41.73
N SER A 37 -60.11 6.91 -41.74
CA SER A 37 -59.94 7.24 -43.14
CA SER A 37 -59.93 7.26 -43.14
C SER A 37 -58.47 7.06 -43.55
C SER A 37 -58.47 7.06 -43.55
N GLU A 38 -57.54 7.49 -42.69
CA GLU A 38 -56.13 7.35 -42.97
C GLU A 38 -55.70 5.89 -42.97
N LEU A 39 -56.40 5.03 -42.23
CA LEU A 39 -56.02 3.63 -42.17
C LEU A 39 -56.07 2.94 -43.53
N GLU A 40 -57.02 3.35 -44.38
N GLU A 40 -57.02 3.36 -44.38
CA GLU A 40 -57.15 2.73 -45.70
CA GLU A 40 -57.16 2.78 -45.72
C GLU A 40 -55.87 2.95 -46.53
C GLU A 40 -55.86 2.95 -46.51
N GLN A 41 -55.32 4.16 -46.46
CA GLN A 41 -54.09 4.50 -47.19
C GLN A 41 -52.90 3.75 -46.56
N PHE A 42 -52.87 3.73 -45.24
CA PHE A 42 -51.82 3.05 -44.50
C PHE A 42 -51.81 1.57 -44.87
N HIS A 43 -52.98 0.93 -44.87
CA HIS A 43 -53.05 -0.47 -45.21
C HIS A 43 -52.59 -0.82 -46.62
N ALA A 44 -52.73 0.11 -47.55
CA ALA A 44 -52.32 -0.09 -48.93
C ALA A 44 -50.81 0.18 -49.13
N SER A 45 -50.18 0.80 -48.16
CA SER A 45 -48.77 1.10 -48.26
C SER A 45 -47.90 -0.15 -48.17
N LYS A 46 -46.78 -0.12 -48.88
CA LYS A 46 -45.82 -1.21 -48.85
C LYS A 46 -44.58 -0.83 -48.01
N GLN A 47 -44.67 0.31 -47.32
N GLN A 47 -44.67 0.31 -47.32
CA GLN A 47 -43.62 0.83 -46.45
CA GLN A 47 -43.62 0.82 -46.44
C GLN A 47 -44.36 1.51 -45.30
C GLN A 47 -44.35 1.51 -45.29
N GLN A 48 -45.10 0.71 -44.56
CA GLN A 48 -45.94 1.19 -43.44
C GLN A 48 -45.26 1.92 -42.29
N GLY A 49 -44.09 1.46 -41.90
CA GLY A 49 -43.33 2.13 -40.86
C GLY A 49 -42.98 3.55 -41.28
N ARG A 50 -42.56 3.70 -42.52
CA ARG A 50 -42.19 5.01 -43.08
C ARG A 50 -43.43 5.91 -43.21
N PHE A 51 -44.53 5.34 -43.70
CA PHE A 51 -45.80 6.04 -43.83
C PHE A 51 -46.24 6.58 -42.46
N LEU A 52 -46.26 5.68 -41.46
CA LEU A 52 -46.67 6.04 -40.13
C LEU A 52 -45.72 7.02 -39.44
N ALA A 53 -44.41 6.86 -39.60
CA ALA A 53 -43.49 7.84 -39.00
C ALA A 53 -43.77 9.27 -39.54
N LYS A 54 -44.04 9.38 -40.83
CA LYS A 54 -44.35 10.73 -41.40
C LYS A 54 -45.65 11.32 -40.83
N ARG A 55 -46.67 10.49 -40.67
N ARG A 55 -46.66 10.49 -40.67
CA ARG A 55 -47.93 10.96 -40.11
CA ARG A 55 -47.92 10.94 -40.11
C ARG A 55 -47.75 11.35 -38.65
C ARG A 55 -47.74 11.35 -38.65
N PHE A 56 -46.97 10.56 -37.93
CA PHE A 56 -46.68 10.81 -36.56
C PHE A 56 -45.99 12.17 -36.40
N ALA A 57 -44.97 12.41 -37.21
CA ALA A 57 -44.26 13.69 -37.17
C ALA A 57 -45.18 14.86 -37.53
N ALA A 58 -46.02 14.68 -38.56
CA ALA A 58 -46.93 15.73 -39.00
C ALA A 58 -47.91 16.12 -37.90
N LYS A 59 -48.47 15.10 -37.24
CA LYS A 59 -49.46 15.32 -36.19
C LYS A 59 -48.83 15.95 -34.95
N GLU A 60 -47.66 15.48 -34.52
N GLU A 60 -47.66 15.46 -34.56
CA GLU A 60 -47.05 16.13 -33.36
CA GLU A 60 -46.93 16.03 -33.43
C GLU A 60 -46.70 17.57 -33.73
C GLU A 60 -46.64 17.51 -33.72
N ALA A 61 -46.15 17.79 -34.93
CA ALA A 61 -45.84 19.18 -35.36
C ALA A 61 -47.13 20.03 -35.30
N ALA A 62 -48.22 19.49 -35.82
CA ALA A 62 -49.49 20.23 -35.81
C ALA A 62 -49.96 20.53 -34.38
N SER A 63 -49.81 19.57 -33.48
CA SER A 63 -50.25 19.76 -32.07
C SER A 63 -49.42 20.84 -31.40
N LYS A 64 -48.15 20.98 -31.79
CA LYS A 64 -47.32 22.04 -31.22
C LYS A 64 -47.70 23.40 -31.81
N ALA A 65 -48.09 23.42 -33.09
CA ALA A 65 -48.51 24.66 -33.73
C ALA A 65 -49.79 25.19 -33.04
N LEU A 66 -50.65 24.28 -32.57
CA LEU A 66 -51.86 24.65 -31.85
C LEU A 66 -51.54 25.15 -30.45
N GLY A 67 -50.35 24.82 -29.94
CA GLY A 67 -49.90 25.25 -28.64
C GLY A 67 -50.21 24.35 -27.46
N THR A 68 -50.76 23.17 -27.73
CA THR A 68 -51.13 22.26 -26.65
C THR A 68 -50.37 20.95 -26.62
N GLY A 69 -49.86 20.54 -27.77
CA GLY A 69 -49.22 19.24 -27.85
C GLY A 69 -50.37 18.24 -27.87
N ILE A 70 -50.07 16.96 -27.69
CA ILE A 70 -51.11 15.95 -27.66
C ILE A 70 -51.46 15.91 -26.17
N ALA A 71 -52.37 16.80 -25.81
CA ALA A 71 -52.81 17.00 -24.46
C ALA A 71 -53.99 17.97 -24.47
N GLN A 72 -54.57 18.19 -23.28
CA GLN A 72 -55.69 19.12 -23.13
C GLN A 72 -56.88 18.78 -24.01
N GLY A 73 -57.12 17.49 -24.21
CA GLY A 73 -58.22 17.02 -25.05
C GLY A 73 -57.89 16.84 -26.51
N VAL A 74 -56.74 17.33 -26.94
CA VAL A 74 -56.31 17.22 -28.34
C VAL A 74 -55.70 15.82 -28.53
N THR A 75 -56.22 15.06 -29.50
CA THR A 75 -55.75 13.70 -29.75
C THR A 75 -55.20 13.54 -31.17
N PHE A 76 -54.47 12.46 -31.41
CA PHE A 76 -53.97 12.21 -32.75
C PHE A 76 -55.11 12.13 -33.75
N HIS A 77 -56.27 11.69 -33.32
CA HIS A 77 -57.41 11.60 -34.24
C HIS A 77 -58.01 12.92 -34.65
N ASP A 78 -57.57 14.01 -34.02
CA ASP A 78 -58.06 15.35 -34.34
C ASP A 78 -57.38 15.91 -35.57
N PHE A 79 -56.38 15.19 -36.10
CA PHE A 79 -55.65 15.61 -37.27
C PHE A 79 -55.78 14.59 -38.39
N THR A 80 -56.12 15.06 -39.58
CA THR A 80 -56.24 14.18 -40.73
C THR A 80 -55.34 14.71 -41.84
N ILE A 81 -54.45 13.86 -42.33
CA ILE A 81 -53.54 14.23 -43.40
C ILE A 81 -54.06 13.62 -44.72
N SER A 82 -54.16 14.46 -45.73
CA SER A 82 -54.57 14.03 -47.06
C SER A 82 -53.59 14.70 -48.03
N HIS A 83 -53.84 14.57 -49.33
CA HIS A 83 -52.95 15.17 -50.33
C HIS A 83 -53.70 15.71 -51.50
N ASP A 84 -53.14 16.73 -52.15
CA ASP A 84 -53.81 17.22 -53.35
C ASP A 84 -53.31 16.39 -54.53
N LYS A 85 -53.81 16.72 -55.72
CA LYS A 85 -53.47 15.96 -56.91
C LYS A 85 -51.99 15.94 -57.29
N LEU A 86 -51.21 16.92 -56.83
CA LEU A 86 -49.77 16.96 -57.14
C LEU A 86 -48.92 16.30 -56.04
N GLY A 87 -49.55 15.84 -54.96
CA GLY A 87 -48.83 15.20 -53.84
C GLY A 87 -48.58 16.08 -52.63
N LYS A 88 -49.02 17.34 -52.68
CA LYS A 88 -48.82 18.24 -51.55
C LYS A 88 -49.65 17.76 -50.35
N PRO A 89 -49.02 17.67 -49.16
CA PRO A 89 -49.79 17.23 -47.99
C PRO A 89 -50.75 18.33 -47.47
N LEU A 90 -51.92 17.91 -47.02
CA LEU A 90 -52.95 18.79 -46.50
C LEU A 90 -53.37 18.31 -45.11
N LEU A 91 -53.62 19.26 -44.21
CA LEU A 91 -54.01 18.95 -42.84
C LEU A 91 -55.41 19.50 -42.54
N ILE A 92 -56.30 18.64 -42.08
CA ILE A 92 -57.66 19.04 -41.74
C ILE A 92 -57.84 18.69 -40.27
N LEU A 93 -58.38 19.62 -39.50
CA LEU A 93 -58.57 19.40 -38.08
C LEU A 93 -59.99 19.02 -37.69
N SER A 94 -60.10 18.34 -36.56
CA SER A 94 -61.40 17.93 -36.03
C SER A 94 -61.31 17.92 -34.51
N GLY A 95 -62.43 17.59 -33.88
CA GLY A 95 -62.50 17.52 -32.44
C GLY A 95 -61.98 18.76 -31.74
N GLN A 96 -61.25 18.54 -30.65
CA GLN A 96 -60.73 19.64 -29.86
C GLN A 96 -59.71 20.47 -30.64
N ALA A 97 -58.93 19.83 -31.52
CA ALA A 97 -57.98 20.60 -32.33
C ALA A 97 -58.71 21.68 -33.12
N ALA A 98 -59.82 21.29 -33.75
CA ALA A 98 -60.62 22.23 -34.56
C ALA A 98 -61.23 23.34 -33.70
N GLU A 99 -61.68 22.97 -32.50
CA GLU A 99 -62.26 23.94 -31.58
C GLU A 99 -61.22 24.98 -31.20
N LEU A 100 -60.02 24.54 -30.86
CA LEU A 100 -58.94 25.46 -30.50
C LEU A 100 -58.50 26.33 -31.68
N ALA A 101 -58.41 25.74 -32.86
CA ALA A 101 -58.02 26.48 -34.06
C ALA A 101 -59.03 27.59 -34.34
N SER A 102 -60.30 27.27 -34.14
CA SER A 102 -61.39 28.22 -34.33
C SER A 102 -61.21 29.38 -33.34
N GLN A 103 -60.85 29.06 -32.11
CA GLN A 103 -60.61 30.07 -31.06
C GLN A 103 -59.37 30.91 -31.43
N LEU A 104 -58.42 30.32 -32.13
CA LEU A 104 -57.23 31.03 -32.61
C LEU A 104 -57.48 31.77 -33.94
N GLN A 105 -58.69 31.63 -34.49
CA GLN A 105 -59.06 32.26 -35.77
C GLN A 105 -58.21 31.73 -36.95
N VAL A 106 -57.86 30.45 -36.90
CA VAL A 106 -57.07 29.83 -37.96
C VAL A 106 -57.89 29.72 -39.25
N GLU A 107 -57.34 30.27 -40.32
CA GLU A 107 -57.99 30.25 -41.63
C GLU A 107 -57.20 29.44 -42.65
N ASN A 108 -55.90 29.32 -42.45
CA ASN A 108 -55.05 28.60 -43.38
C ASN A 108 -54.03 27.76 -42.59
N ILE A 109 -53.84 26.52 -43.05
CA ILE A 109 -52.94 25.60 -42.42
C ILE A 109 -51.94 25.12 -43.45
N HIS A 110 -50.65 25.18 -43.11
CA HIS A 110 -49.61 24.75 -44.00
C HIS A 110 -48.82 23.65 -43.29
N LEU A 111 -48.49 22.62 -44.06
CA LEU A 111 -47.74 21.44 -43.60
C LEU A 111 -46.78 21.00 -44.66
N SER A 112 -45.56 20.66 -44.23
CA SER A 112 -44.57 20.06 -45.12
C SER A 112 -43.96 18.91 -44.36
N ILE A 113 -43.62 17.83 -45.09
CA ILE A 113 -43.08 16.61 -44.54
C ILE A 113 -41.89 16.17 -45.38
N SER A 114 -40.91 15.57 -44.73
CA SER A 114 -39.77 15.03 -45.43
C SER A 114 -39.25 13.79 -44.70
N ASP A 115 -38.72 12.80 -45.42
CA ASP A 115 -38.06 11.70 -44.71
C ASP A 115 -36.82 11.27 -45.47
N GLU A 116 -35.88 10.73 -44.73
CA GLU A 116 -34.69 10.18 -45.35
C GLU A 116 -34.63 8.76 -44.78
N ARG A 117 -33.54 8.04 -44.92
N ARG A 117 -33.51 8.08 -44.92
CA ARG A 117 -33.56 6.64 -44.48
CA ARG A 117 -33.42 6.68 -44.50
C ARG A 117 -33.93 6.41 -43.02
C ARG A 117 -33.83 6.38 -43.05
N HIS A 118 -33.38 7.22 -42.11
CA HIS A 118 -33.66 7.02 -40.71
C HIS A 118 -34.63 7.96 -39.99
N TYR A 119 -34.89 9.12 -40.57
CA TYR A 119 -35.74 10.11 -39.92
C TYR A 119 -36.80 10.70 -40.79
N ALA A 120 -37.94 10.98 -40.15
CA ALA A 120 -39.06 11.63 -40.80
C ALA A 120 -39.22 12.94 -40.04
N MSE A 121 -39.53 14.03 -40.73
CA MSE A 121 -39.79 15.27 -40.03
C MSE A 121 -40.89 16.06 -40.71
O MSE A 121 -41.23 15.81 -41.88
CB MSE A 121 -38.52 16.13 -39.86
CG MSE A 121 -38.01 16.71 -41.07
SE MSE A 121 -36.32 17.71 -40.79
CE MSE A 121 -36.51 18.44 -42.53
N ALA A 122 -41.46 16.99 -39.94
CA ALA A 122 -42.50 17.82 -40.45
C ALA A 122 -42.54 19.19 -39.77
N THR A 123 -43.07 20.16 -40.50
CA THR A 123 -43.32 21.51 -40.00
C THR A 123 -44.72 21.93 -40.37
N VAL A 124 -45.38 22.61 -39.44
CA VAL A 124 -46.73 23.11 -39.62
C VAL A 124 -46.81 24.57 -39.21
N ILE A 125 -47.48 25.37 -40.04
CA ILE A 125 -47.72 26.77 -39.72
C ILE A 125 -49.23 27.03 -39.79
N LEU A 126 -49.77 27.66 -38.77
CA LEU A 126 -51.20 27.99 -38.75
C LEU A 126 -51.27 29.49 -38.91
N GLU A 127 -52.15 29.97 -39.78
CA GLU A 127 -52.28 31.43 -39.96
C GLU A 127 -53.72 31.89 -39.92
N ARG A 128 -53.92 33.13 -39.51
CA ARG A 128 -55.25 33.70 -39.45
C ARG A 128 -55.37 34.78 -40.53
N ALA B 3 -47.70 41.29 -40.27
CA ALA B 3 -48.18 41.16 -41.68
C ALA B 3 -47.24 40.25 -42.46
N MSE B 4 -45.96 40.64 -42.58
CA MSE B 4 -45.04 39.83 -43.34
C MSE B 4 -43.91 39.25 -42.48
O MSE B 4 -43.61 39.72 -41.40
CB MSE B 4 -44.45 40.56 -44.56
CG MSE B 4 -43.31 41.56 -44.31
SE MSE B 4 -42.66 42.24 -46.06
CE MSE B 4 -41.22 43.41 -45.45
N ILE B 5 -43.32 38.20 -43.03
CA ILE B 5 -42.24 37.51 -42.37
C ILE B 5 -40.98 38.28 -42.65
N VAL B 6 -40.25 38.58 -41.58
CA VAL B 6 -39.02 39.33 -41.58
C VAL B 6 -37.82 38.40 -41.63
N GLY B 7 -37.98 37.20 -41.12
CA GLY B 7 -36.89 36.25 -41.08
C GLY B 7 -37.33 34.85 -40.72
N LEU B 8 -36.52 33.89 -41.16
CA LEU B 8 -36.77 32.49 -40.95
C LEU B 8 -35.44 31.88 -40.60
N GLY B 9 -35.45 30.99 -39.62
CA GLY B 9 -34.21 30.33 -39.18
C GLY B 9 -34.48 28.90 -38.78
N THR B 10 -33.51 28.02 -39.06
CA THR B 10 -33.64 26.64 -38.67
C THR B 10 -32.29 26.09 -38.24
N ASP B 11 -32.27 25.09 -37.38
CA ASP B 11 -31.01 24.53 -36.95
C ASP B 11 -31.19 23.12 -36.44
N ILE B 12 -30.16 22.31 -36.66
CA ILE B 12 -30.11 20.93 -36.17
C ILE B 12 -28.81 20.77 -35.38
N ALA B 13 -28.91 20.13 -34.22
CA ALA B 13 -27.75 19.89 -33.36
C ALA B 13 -27.67 18.42 -32.95
N GLU B 14 -26.45 17.87 -33.02
CA GLU B 14 -26.22 16.47 -32.62
C GLU B 14 -26.07 16.49 -31.10
N ILE B 15 -26.95 15.78 -30.40
CA ILE B 15 -26.95 15.78 -28.96
C ILE B 15 -25.64 15.25 -28.34
N GLU B 16 -25.09 14.19 -28.90
N GLU B 16 -25.07 14.19 -28.91
CA GLU B 16 -23.85 13.60 -28.38
CA GLU B 16 -23.84 13.61 -28.37
C GLU B 16 -22.68 14.57 -28.36
C GLU B 16 -22.71 14.62 -28.32
N ARG B 17 -22.65 15.51 -29.31
CA ARG B 17 -21.58 16.51 -29.36
C ARG B 17 -21.68 17.49 -28.18
N VAL B 18 -22.93 17.86 -27.85
CA VAL B 18 -23.18 18.76 -26.73
C VAL B 18 -22.82 18.03 -25.43
N GLU B 19 -23.24 16.76 -25.30
CA GLU B 19 -22.89 15.97 -24.11
C GLU B 19 -21.38 15.87 -23.90
N LYS B 20 -20.63 15.65 -24.98
CA LYS B 20 -19.16 15.56 -24.92
C LYS B 20 -18.52 16.86 -24.46
N ALA B 21 -19.07 17.98 -24.94
CA ALA B 21 -18.58 19.29 -24.61
C ALA B 21 -18.84 19.57 -23.11
N LEU B 22 -20.01 19.18 -22.61
CA LEU B 22 -20.32 19.35 -21.18
C LEU B 22 -19.40 18.47 -20.30
N ALA B 23 -19.12 17.26 -20.77
CA ALA B 23 -18.25 16.33 -20.02
C ALA B 23 -16.83 16.89 -19.90
N ARG B 24 -16.41 17.67 -20.89
CA ARG B 24 -15.08 18.28 -20.89
C ARG B 24 -14.97 19.65 -20.24
N SER B 25 -15.87 20.55 -20.64
CA SER B 25 -15.88 21.95 -20.19
C SER B 25 -17.02 22.43 -19.29
N GLY B 26 -18.03 21.60 -19.16
CA GLY B 26 -19.16 21.86 -18.25
C GLY B 26 -19.75 23.25 -18.25
N GLU B 27 -19.77 23.87 -17.06
CA GLU B 27 -20.35 25.21 -16.87
C GLU B 27 -19.75 26.28 -17.77
N ASN B 28 -18.46 26.17 -18.09
CA ASN B 28 -17.80 27.13 -18.98
C ASN B 28 -18.47 27.13 -20.33
N PHE B 29 -18.88 25.94 -20.77
CA PHE B 29 -19.56 25.80 -22.02
C PHE B 29 -21.04 26.19 -21.88
N ALA B 30 -21.72 25.67 -20.85
CA ALA B 30 -23.13 25.99 -20.65
C ALA B 30 -23.39 27.51 -20.51
N ARG B 31 -22.53 28.20 -19.75
CA ARG B 31 -22.67 29.64 -19.55
C ARG B 31 -22.47 30.50 -20.79
N ARG B 32 -21.76 30.00 -21.80
CA ARG B 32 -21.56 30.76 -23.02
C ARG B 32 -22.86 30.77 -23.82
N ILE B 33 -23.66 29.72 -23.62
CA ILE B 33 -24.90 29.56 -24.36
C ILE B 33 -26.14 30.09 -23.64
N LEU B 34 -26.18 29.84 -22.35
CA LEU B 34 -27.30 30.20 -21.50
C LEU B 34 -27.10 31.46 -20.68
N THR B 35 -28.19 32.21 -20.51
CA THR B 35 -28.19 33.42 -19.70
C THR B 35 -28.32 32.96 -18.25
N ASP B 36 -28.07 33.86 -17.31
CA ASP B 36 -28.19 33.48 -15.91
C ASP B 36 -29.57 32.93 -15.54
N SER B 37 -30.64 33.52 -16.08
CA SER B 37 -32.01 33.04 -15.79
C SER B 37 -32.24 31.60 -16.28
N GLU B 38 -31.71 31.28 -17.46
CA GLU B 38 -31.83 29.96 -18.04
C GLU B 38 -31.05 28.89 -17.30
N LEU B 39 -29.94 29.28 -16.67
CA LEU B 39 -29.10 28.33 -15.92
C LEU B 39 -29.80 27.64 -14.73
N GLU B 40 -30.77 28.32 -14.10
CA GLU B 40 -31.48 27.69 -12.99
C GLU B 40 -32.23 26.45 -13.45
N GLN B 41 -32.92 26.57 -14.57
CA GLN B 41 -33.68 25.49 -15.13
C GLN B 41 -32.71 24.39 -15.60
N PHE B 42 -31.61 24.83 -16.20
CA PHE B 42 -30.58 23.92 -16.70
C PHE B 42 -30.01 23.10 -15.55
N HIS B 43 -29.61 23.75 -14.46
CA HIS B 43 -29.04 23.02 -13.32
C HIS B 43 -30.00 22.03 -12.68
N ALA B 44 -31.30 22.29 -12.80
CA ALA B 44 -32.32 21.43 -12.25
C ALA B 44 -32.54 20.18 -13.11
N SER B 45 -32.19 20.24 -14.38
CA SER B 45 -32.38 19.10 -15.28
C SER B 45 -31.47 17.91 -14.97
N LYS B 46 -31.99 16.72 -15.25
CA LYS B 46 -31.24 15.47 -15.11
C LYS B 46 -30.82 14.97 -16.50
N GLN B 47 -31.12 15.76 -17.52
CA GLN B 47 -30.72 15.43 -18.90
C GLN B 47 -30.16 16.72 -19.47
N GLN B 48 -29.12 17.24 -18.81
CA GLN B 48 -28.51 18.50 -19.22
C GLN B 48 -28.00 18.64 -20.66
N GLY B 49 -27.41 17.60 -21.24
CA GLY B 49 -26.95 17.68 -22.62
C GLY B 49 -28.11 17.86 -23.58
N ARG B 50 -29.21 17.14 -23.31
CA ARG B 50 -30.39 17.24 -24.16
C ARG B 50 -31.02 18.64 -24.02
N PHE B 51 -31.10 19.13 -22.77
CA PHE B 51 -31.62 20.45 -22.47
C PHE B 51 -30.81 21.51 -23.22
N LEU B 52 -29.49 21.44 -23.09
CA LEU B 52 -28.62 22.40 -23.75
C LEU B 52 -28.66 22.30 -25.29
N ALA B 53 -28.72 21.09 -25.84
CA ALA B 53 -28.81 20.89 -27.29
C ALA B 53 -30.01 21.61 -27.89
N LYS B 54 -31.15 21.50 -27.21
CA LYS B 54 -32.37 22.18 -27.66
C LYS B 54 -32.22 23.69 -27.59
N ARG B 55 -31.67 24.22 -26.50
N ARG B 55 -31.65 24.20 -26.50
CA ARG B 55 -31.50 25.67 -26.40
CA ARG B 55 -31.44 25.64 -26.37
C ARG B 55 -30.50 26.16 -27.44
C ARG B 55 -30.51 26.14 -27.45
N PHE B 56 -29.45 25.38 -27.68
CA PHE B 56 -28.45 25.72 -28.68
C PHE B 56 -29.12 25.78 -30.08
N ALA B 57 -29.92 24.78 -30.44
CA ALA B 57 -30.59 24.79 -31.75
C ALA B 57 -31.56 25.99 -31.86
N ALA B 58 -32.28 26.26 -30.79
CA ALA B 58 -33.25 27.38 -30.79
C ALA B 58 -32.57 28.72 -31.01
N LYS B 59 -31.46 28.93 -30.31
CA LYS B 59 -30.75 30.19 -30.41
C LYS B 59 -30.06 30.33 -31.76
N GLU B 60 -29.50 29.24 -32.29
CA GLU B 60 -28.90 29.35 -33.59
C GLU B 60 -30.00 29.64 -34.63
N ALA B 61 -31.14 28.96 -34.53
CA ALA B 61 -32.25 29.22 -35.47
C ALA B 61 -32.68 30.69 -35.35
N ALA B 62 -32.79 31.22 -34.13
CA ALA B 62 -33.19 32.63 -33.92
C ALA B 62 -32.20 33.60 -34.58
N SER B 63 -30.91 33.34 -34.40
CA SER B 63 -29.87 34.20 -34.96
C SER B 63 -29.94 34.23 -36.50
N LYS B 64 -30.32 33.12 -37.08
CA LYS B 64 -30.47 33.07 -38.54
C LYS B 64 -31.73 33.83 -38.97
N ALA B 65 -32.80 33.77 -38.18
CA ALA B 65 -34.04 34.47 -38.52
C ALA B 65 -33.76 35.99 -38.52
N LEU B 66 -32.80 36.42 -37.70
CA LEU B 66 -32.39 37.81 -37.64
C LEU B 66 -31.58 38.25 -38.85
N GLY B 67 -30.93 37.29 -39.51
CA GLY B 67 -30.13 37.55 -40.68
C GLY B 67 -28.65 37.79 -40.38
N THR B 68 -28.26 37.58 -39.13
CA THR B 68 -26.89 37.78 -38.70
C THR B 68 -26.10 36.55 -38.27
N GLY B 69 -26.79 35.52 -37.75
CA GLY B 69 -26.11 34.35 -37.21
C GLY B 69 -25.59 34.86 -35.87
N ILE B 70 -24.65 34.14 -35.25
CA ILE B 70 -24.07 34.58 -33.97
C ILE B 70 -22.82 35.33 -34.43
N ALA B 71 -23.05 36.61 -34.72
CA ALA B 71 -22.04 37.50 -35.23
C ALA B 71 -22.65 38.88 -35.28
N GLN B 72 -21.86 39.86 -35.70
CA GLN B 72 -22.31 41.25 -35.85
C GLN B 72 -22.88 41.80 -34.54
N GLY B 73 -22.29 41.40 -33.42
CA GLY B 73 -22.73 41.86 -32.12
C GLY B 73 -23.77 40.96 -31.47
N VAL B 74 -24.37 40.07 -32.25
CA VAL B 74 -25.40 39.14 -31.77
C VAL B 74 -24.74 37.95 -31.07
N THR B 75 -25.09 37.76 -29.79
CA THR B 75 -24.51 36.67 -28.98
C THR B 75 -25.61 35.73 -28.48
N PHE B 76 -25.20 34.55 -27.98
CA PHE B 76 -26.18 33.60 -27.46
C PHE B 76 -26.98 34.21 -26.32
N HIS B 77 -26.36 35.12 -25.57
CA HIS B 77 -27.04 35.77 -24.46
C HIS B 77 -28.14 36.79 -24.85
N ASP B 78 -28.24 37.10 -26.14
CA ASP B 78 -29.27 38.01 -26.63
C ASP B 78 -30.60 37.28 -26.79
N PHE B 79 -30.59 35.96 -26.56
CA PHE B 79 -31.79 35.17 -26.68
C PHE B 79 -32.09 34.46 -25.37
N THR B 80 -33.35 34.50 -24.96
CA THR B 80 -33.76 33.80 -23.75
C THR B 80 -34.95 32.93 -24.09
N ILE B 81 -34.87 31.64 -23.79
CA ILE B 81 -35.97 30.75 -24.07
C ILE B 81 -36.77 30.50 -22.81
N SER B 82 -38.10 30.64 -22.91
CA SER B 82 -38.99 30.38 -21.78
C SER B 82 -40.13 29.51 -22.32
N HIS B 83 -41.15 29.27 -21.49
CA HIS B 83 -42.31 28.45 -21.87
C HIS B 83 -43.65 28.99 -21.38
N ASP B 84 -44.72 28.81 -22.15
CA ASP B 84 -46.03 29.26 -21.70
C ASP B 84 -46.58 28.18 -20.75
N LYS B 85 -47.80 28.35 -20.26
CA LYS B 85 -48.39 27.41 -19.28
C LYS B 85 -48.64 25.99 -19.77
N LEU B 86 -48.66 25.78 -21.07
CA LEU B 86 -48.89 24.45 -21.60
C LEU B 86 -47.59 23.84 -22.10
N GLY B 87 -46.48 24.55 -21.94
CA GLY B 87 -45.18 24.04 -22.40
C GLY B 87 -44.67 24.54 -23.74
N LYS B 88 -45.42 25.40 -24.42
CA LYS B 88 -44.98 25.96 -25.70
C LYS B 88 -43.78 26.84 -25.47
N PRO B 89 -42.72 26.66 -26.27
CA PRO B 89 -41.55 27.49 -26.04
C PRO B 89 -41.72 28.92 -26.57
N LEU B 90 -41.10 29.87 -25.89
CA LEU B 90 -41.18 31.28 -26.24
C LEU B 90 -39.77 31.84 -26.32
N LEU B 91 -39.58 32.84 -27.16
CA LEU B 91 -38.29 33.47 -27.33
C LEU B 91 -38.33 34.95 -27.05
N ILE B 92 -37.43 35.41 -26.18
CA ILE B 92 -37.36 36.83 -25.83
C ILE B 92 -35.98 37.33 -26.20
N LEU B 93 -35.94 38.47 -26.87
CA LEU B 93 -34.70 39.07 -27.33
C LEU B 93 -34.16 40.20 -26.47
N SER B 94 -32.83 40.30 -26.42
CA SER B 94 -32.15 41.37 -25.68
C SER B 94 -30.90 41.78 -26.46
N GLY B 95 -30.19 42.80 -25.96
CA GLY B 95 -28.97 43.26 -26.62
C GLY B 95 -29.13 43.60 -28.09
N GLN B 96 -28.10 43.27 -28.88
CA GLN B 96 -28.11 43.56 -30.32
C GLN B 96 -29.28 42.88 -31.04
N ALA B 97 -29.62 41.67 -30.63
CA ALA B 97 -30.75 40.97 -31.26
C ALA B 97 -32.02 41.81 -31.11
N ALA B 98 -32.25 42.35 -29.92
CA ALA B 98 -33.43 43.18 -29.68
C ALA B 98 -33.39 44.45 -30.55
N GLU B 99 -32.20 45.05 -30.68
CA GLU B 99 -32.06 46.26 -31.49
C GLU B 99 -32.37 46.02 -32.96
N LEU B 100 -31.86 44.90 -33.50
CA LEU B 100 -32.09 44.58 -34.91
C LEU B 100 -33.55 44.26 -35.15
N ALA B 101 -34.14 43.51 -34.21
CA ALA B 101 -35.57 43.16 -34.28
C ALA B 101 -36.42 44.43 -34.34
N SER B 102 -36.05 45.42 -33.53
N SER B 102 -36.06 45.43 -33.53
CA SER B 102 -36.79 46.68 -33.51
CA SER B 102 -36.79 46.69 -33.53
C SER B 102 -36.64 47.40 -34.86
C SER B 102 -36.64 47.39 -34.87
N GLN B 103 -35.41 47.44 -35.39
CA GLN B 103 -35.13 48.06 -36.69
C GLN B 103 -35.98 47.37 -37.77
N LEU B 104 -36.07 46.05 -37.68
CA LEU B 104 -36.87 45.25 -38.62
C LEU B 104 -38.37 45.30 -38.32
N GLN B 105 -38.74 45.99 -37.24
CA GLN B 105 -40.14 46.15 -36.80
C GLN B 105 -40.83 44.83 -36.44
N VAL B 106 -40.09 43.93 -35.80
CA VAL B 106 -40.64 42.62 -35.39
C VAL B 106 -41.67 42.79 -34.28
N GLU B 107 -42.85 42.21 -34.48
CA GLU B 107 -43.92 42.30 -33.51
C GLU B 107 -44.28 40.94 -32.91
N ASN B 108 -44.00 39.87 -33.63
CA ASN B 108 -44.29 38.53 -33.14
C ASN B 108 -43.19 37.56 -33.49
N ILE B 109 -42.85 36.73 -32.51
CA ILE B 109 -41.79 35.76 -32.66
C ILE B 109 -42.37 34.36 -32.41
N HIS B 110 -42.10 33.43 -33.32
CA HIS B 110 -42.57 32.06 -33.19
C HIS B 110 -41.38 31.10 -33.17
N LEU B 111 -41.39 30.17 -32.24
CA LEU B 111 -40.33 29.19 -32.07
C LEU B 111 -40.94 27.82 -31.83
N SER B 112 -40.36 26.79 -32.43
CA SER B 112 -40.76 25.42 -32.16
C SER B 112 -39.46 24.62 -32.06
N ILE B 113 -39.46 23.63 -31.18
CA ILE B 113 -38.32 22.79 -30.87
C ILE B 113 -38.77 21.34 -30.85
N SER B 114 -37.87 20.44 -31.25
CA SER B 114 -38.16 19.01 -31.21
C SER B 114 -36.85 18.28 -31.04
N ASP B 115 -36.87 17.11 -30.42
CA ASP B 115 -35.67 16.31 -30.32
C ASP B 115 -36.03 14.84 -30.35
N GLU B 116 -35.13 14.02 -30.85
CA GLU B 116 -35.33 12.58 -30.81
C GLU B 116 -34.09 12.07 -30.06
N ARG B 117 -33.81 10.77 -30.11
N ARG B 117 -33.83 10.78 -30.12
CA ARG B 117 -32.66 10.29 -29.36
CA ARG B 117 -32.68 10.19 -29.42
C ARG B 117 -31.33 10.98 -29.66
C ARG B 117 -31.32 10.86 -29.68
N HIS B 118 -31.03 11.16 -30.94
CA HIS B 118 -29.75 11.76 -31.31
C HIS B 118 -29.68 13.19 -31.77
N TYR B 119 -30.82 13.76 -32.19
CA TYR B 119 -30.82 15.11 -32.69
C TYR B 119 -31.87 16.02 -32.09
N ALA B 120 -31.52 17.30 -32.00
CA ALA B 120 -32.43 18.33 -31.54
C ALA B 120 -32.54 19.28 -32.71
N MSE B 121 -33.71 19.87 -32.90
CA MSE B 121 -33.86 20.87 -33.96
C MSE B 121 -34.83 21.95 -33.58
O MSE B 121 -35.64 21.81 -32.66
CB MSE B 121 -34.22 20.19 -35.27
CG MSE B 121 -35.55 19.65 -35.36
SE MSE B 121 -35.74 18.80 -37.13
CE MSE B 121 -37.68 18.85 -37.05
N ALA B 122 -34.73 23.07 -34.26
CA ALA B 122 -35.63 24.19 -33.98
C ALA B 122 -35.83 25.02 -35.20
N THR B 123 -36.96 25.72 -35.22
CA THR B 123 -37.28 26.65 -36.27
C THR B 123 -37.86 27.89 -35.64
N VAL B 124 -37.49 29.04 -36.20
CA VAL B 124 -37.92 30.34 -35.74
C VAL B 124 -38.41 31.21 -36.88
N ILE B 125 -39.53 31.89 -36.65
CA ILE B 125 -40.07 32.84 -37.62
C ILE B 125 -40.30 34.18 -36.93
N LEU B 126 -39.85 35.26 -37.56
CA LEU B 126 -40.05 36.62 -37.06
C LEU B 126 -41.01 37.28 -37.99
N GLU B 127 -42.04 37.92 -37.45
CA GLU B 127 -42.99 38.62 -38.32
C GLU B 127 -43.26 40.04 -37.82
N ARG B 128 -43.59 40.90 -38.76
CA ARG B 128 -43.91 42.29 -38.44
C ARG B 128 -45.40 42.49 -38.63
N ALA C 3 -50.51 40.03 -46.39
CA ALA C 3 -49.53 39.07 -46.94
C ALA C 3 -49.67 37.70 -46.28
N MSE C 4 -50.19 36.73 -47.02
CA MSE C 4 -50.36 35.40 -46.47
C MSE C 4 -49.32 34.44 -47.04
O MSE C 4 -48.61 34.74 -47.99
CB MSE C 4 -51.77 34.87 -46.71
CG MSE C 4 -52.07 34.46 -48.11
SE MSE C 4 -53.95 33.97 -48.26
CE MSE C 4 -54.68 35.76 -48.02
N ILE C 5 -49.24 33.29 -46.40
CA ILE C 5 -48.31 32.26 -46.82
C ILE C 5 -48.91 31.47 -47.96
N VAL C 6 -48.14 31.37 -49.03
CA VAL C 6 -48.50 30.67 -50.26
C VAL C 6 -48.08 29.20 -50.17
N GLY C 7 -46.96 28.98 -49.52
CA GLY C 7 -46.44 27.63 -49.37
C GLY C 7 -45.36 27.48 -48.35
N LEU C 8 -45.17 26.23 -47.92
CA LEU C 8 -44.18 25.85 -46.96
C LEU C 8 -43.56 24.55 -47.40
N GLY C 9 -42.24 24.49 -47.36
CA GLY C 9 -41.52 23.28 -47.72
C GLY C 9 -40.38 23.02 -46.76
N THR C 10 -40.08 21.73 -46.56
CA THR C 10 -39.01 21.36 -45.70
C THR C 10 -38.33 20.12 -46.29
N ASP C 11 -37.06 19.89 -45.99
CA ASP C 11 -36.37 18.73 -46.51
C ASP C 11 -35.14 18.40 -45.71
N ILE C 12 -34.85 17.10 -45.56
CA ILE C 12 -33.66 16.61 -44.90
C ILE C 12 -32.93 15.71 -45.91
N ALA C 13 -31.61 15.86 -45.97
CA ALA C 13 -30.76 15.10 -46.89
C ALA C 13 -29.58 14.46 -46.15
N GLU C 14 -29.30 13.20 -46.44
CA GLU C 14 -28.20 12.48 -45.81
C GLU C 14 -26.94 12.81 -46.64
N ILE C 15 -25.99 13.47 -45.99
CA ILE C 15 -24.79 13.94 -46.70
C ILE C 15 -23.95 12.84 -47.35
N GLU C 16 -23.74 11.71 -46.66
N GLU C 16 -23.79 11.72 -46.65
CA GLU C 16 -22.93 10.63 -47.25
CA GLU C 16 -23.02 10.58 -47.15
C GLU C 16 -23.53 10.09 -48.56
C GLU C 16 -23.54 10.09 -48.51
N ARG C 17 -24.85 10.13 -48.70
CA ARG C 17 -25.47 9.69 -49.96
C ARG C 17 -25.09 10.60 -51.13
N VAL C 18 -24.99 11.88 -50.83
CA VAL C 18 -24.58 12.89 -51.81
C VAL C 18 -23.11 12.68 -52.13
N GLU C 19 -22.30 12.46 -51.11
CA GLU C 19 -20.86 12.21 -51.32
C GLU C 19 -20.64 10.97 -52.20
N LYS C 20 -21.32 9.88 -51.88
CA LYS C 20 -21.21 8.68 -52.70
C LYS C 20 -21.58 8.91 -54.16
N ALA C 21 -22.65 9.68 -54.40
CA ALA C 21 -23.13 10.00 -55.74
C ALA C 21 -22.05 10.76 -56.50
N LEU C 22 -21.41 11.71 -55.83
CA LEU C 22 -20.35 12.48 -56.43
C LEU C 22 -19.14 11.64 -56.79
N ALA C 23 -18.79 10.70 -55.92
CA ALA C 23 -17.64 9.80 -56.16
C ALA C 23 -17.87 8.90 -57.37
N ARG C 24 -19.13 8.61 -57.67
CA ARG C 24 -19.45 7.78 -58.80
C ARG C 24 -19.75 8.51 -60.10
N SER C 25 -20.59 9.55 -60.02
CA SER C 25 -21.03 10.30 -61.19
C SER C 25 -20.55 11.72 -61.35
N GLY C 26 -19.93 12.26 -60.30
CA GLY C 26 -19.38 13.60 -60.32
C GLY C 26 -20.21 14.70 -60.93
N GLU C 27 -19.63 15.36 -61.94
N GLU C 27 -19.64 15.37 -61.93
CA GLU C 27 -20.25 16.49 -62.63
CA GLU C 27 -20.32 16.51 -62.57
C GLU C 27 -21.65 16.18 -63.21
C GLU C 27 -21.68 16.18 -63.20
N ASN C 28 -21.85 14.94 -63.68
CA ASN C 28 -23.13 14.52 -64.26
C ASN C 28 -24.22 14.66 -63.23
N PHE C 29 -23.89 14.34 -61.99
CA PHE C 29 -24.81 14.47 -60.88
C PHE C 29 -24.91 15.93 -60.45
N ALA C 30 -23.77 16.57 -60.19
CA ALA C 30 -23.78 17.97 -59.74
C ALA C 30 -24.48 18.90 -60.71
N ARG C 31 -24.29 18.71 -62.02
N ARG C 31 -24.30 18.68 -62.01
CA ARG C 31 -24.94 19.59 -63.00
CA ARG C 31 -24.90 19.52 -63.02
C ARG C 31 -26.45 19.40 -63.11
C ARG C 31 -26.42 19.40 -63.09
N ARG C 32 -26.98 18.29 -62.61
CA ARG C 32 -28.44 18.08 -62.64
C ARG C 32 -29.10 18.95 -61.54
N ILE C 33 -28.38 19.13 -60.45
CA ILE C 33 -28.92 19.86 -59.31
C ILE C 33 -28.64 21.37 -59.37
N LEU C 34 -27.42 21.71 -59.79
CA LEU C 34 -26.96 23.08 -59.82
C LEU C 34 -26.98 23.76 -61.17
N THR C 35 -27.31 25.04 -61.18
CA THR C 35 -27.31 25.84 -62.42
C THR C 35 -25.84 26.10 -62.77
N ASP C 36 -25.57 26.50 -64.01
CA ASP C 36 -24.19 26.79 -64.42
C ASP C 36 -23.55 27.83 -63.48
N SER C 37 -24.35 28.82 -63.10
N SER C 37 -24.31 28.85 -63.07
CA SER C 37 -23.90 29.89 -62.21
CA SER C 37 -23.79 29.87 -62.15
C SER C 37 -23.52 29.36 -60.81
C SER C 37 -23.42 29.26 -60.81
N GLU C 38 -24.30 28.43 -60.26
CA GLU C 38 -24.02 27.82 -58.97
C GLU C 38 -22.81 26.89 -59.03
N LEU C 39 -22.55 26.28 -60.18
CA LEU C 39 -21.41 25.37 -60.35
C LEU C 39 -20.06 26.05 -60.07
N GLU C 40 -19.99 27.35 -60.33
CA GLU C 40 -18.77 28.11 -60.10
C GLU C 40 -18.38 28.04 -58.61
N GLN C 41 -19.34 28.29 -57.74
N GLN C 41 -19.31 28.32 -57.71
CA GLN C 41 -19.13 28.27 -56.28
CA GLN C 41 -18.99 28.27 -56.27
C GLN C 41 -18.82 26.83 -55.83
C GLN C 41 -18.80 26.82 -55.81
N PHE C 42 -19.58 25.90 -56.37
CA PHE C 42 -19.44 24.50 -56.05
C PHE C 42 -18.01 24.06 -56.39
N HIS C 43 -17.54 24.43 -57.57
CA HIS C 43 -16.20 24.01 -57.98
C HIS C 43 -15.09 24.55 -57.09
N ALA C 44 -15.34 25.68 -56.45
CA ALA C 44 -14.36 26.31 -55.58
C ALA C 44 -14.36 25.71 -54.16
N SER C 45 -15.39 24.95 -53.83
CA SER C 45 -15.47 24.35 -52.52
C SER C 45 -14.51 23.17 -52.38
N LYS C 46 -14.06 22.99 -51.13
CA LYS C 46 -13.19 21.89 -50.70
C LYS C 46 -14.03 20.87 -49.92
N GLN C 47 -15.34 21.05 -49.92
N GLN C 47 -15.34 21.05 -49.91
CA GLN C 47 -16.24 20.12 -49.24
CA GLN C 47 -16.27 20.14 -49.23
C GLN C 47 -17.48 20.08 -50.10
C GLN C 47 -17.49 20.09 -50.12
N GLN C 48 -17.26 19.68 -51.35
CA GLN C 48 -18.32 19.62 -52.36
C GLN C 48 -19.54 18.81 -52.04
N GLY C 49 -19.38 17.65 -51.39
CA GLY C 49 -20.52 16.81 -50.99
C GLY C 49 -21.42 17.55 -50.00
N ARG C 50 -20.81 18.19 -49.02
CA ARG C 50 -21.58 18.96 -48.04
C ARG C 50 -22.26 20.18 -48.68
N PHE C 51 -21.56 20.87 -49.57
CA PHE C 51 -22.09 22.03 -50.29
C PHE C 51 -23.33 21.59 -51.07
N LEU C 52 -23.19 20.51 -51.85
CA LEU C 52 -24.26 20.01 -52.67
C LEU C 52 -25.43 19.47 -51.86
N ALA C 53 -25.16 18.81 -50.74
CA ALA C 53 -26.24 18.30 -49.86
C ALA C 53 -27.15 19.46 -49.37
N LYS C 54 -26.53 20.58 -49.01
CA LYS C 54 -27.30 21.78 -48.57
C LYS C 54 -28.15 22.34 -49.71
N ARG C 55 -27.58 22.44 -50.89
N ARG C 55 -27.56 22.43 -50.89
CA ARG C 55 -28.31 22.95 -52.05
CA ARG C 55 -28.27 22.93 -52.07
C ARG C 55 -29.45 22.01 -52.43
C ARG C 55 -29.44 22.01 -52.43
N PHE C 56 -29.20 20.71 -52.34
CA PHE C 56 -30.20 19.70 -52.65
C PHE C 56 -31.38 19.87 -51.70
N ALA C 57 -31.10 20.01 -50.41
CA ALA C 57 -32.15 20.19 -49.43
C ALA C 57 -32.91 21.49 -49.65
N ALA C 58 -32.22 22.58 -49.92
CA ALA C 58 -32.86 23.87 -50.16
C ALA C 58 -33.81 23.84 -51.35
N LYS C 59 -33.37 23.20 -52.43
CA LYS C 59 -34.17 23.15 -53.63
C LYS C 59 -35.37 22.25 -53.47
N GLU C 60 -35.18 21.07 -52.87
CA GLU C 60 -36.31 20.20 -52.62
C GLU C 60 -37.35 20.92 -51.73
N ALA C 61 -36.88 21.58 -50.67
CA ALA C 61 -37.79 22.32 -49.80
C ALA C 61 -38.53 23.40 -50.61
N ALA C 62 -37.82 24.12 -51.46
CA ALA C 62 -38.41 25.18 -52.27
C ALA C 62 -39.49 24.60 -53.18
N SER C 63 -39.21 23.44 -53.77
CA SER C 63 -40.19 22.80 -54.67
C SER C 63 -41.46 22.39 -53.97
N LYS C 64 -41.35 21.98 -52.70
CA LYS C 64 -42.52 21.64 -51.90
C LYS C 64 -43.32 22.91 -51.56
N ALA C 65 -42.63 24.01 -51.26
CA ALA C 65 -43.29 25.28 -50.94
C ALA C 65 -44.11 25.76 -52.14
N LEU C 66 -43.62 25.50 -53.35
CA LEU C 66 -44.31 25.89 -54.56
C LEU C 66 -45.56 25.04 -54.74
N GLY C 67 -45.52 23.81 -54.24
CA GLY C 67 -46.64 22.89 -54.30
C GLY C 67 -46.56 21.87 -55.43
N THR C 68 -45.45 21.83 -56.14
CA THR C 68 -45.27 20.91 -57.26
C THR C 68 -44.27 19.78 -57.05
N GLY C 69 -43.30 20.02 -56.20
CA GLY C 69 -42.21 19.09 -56.04
C GLY C 69 -41.35 19.29 -57.29
N ILE C 70 -40.42 18.38 -57.54
CA ILE C 70 -39.58 18.46 -58.72
C ILE C 70 -40.34 17.53 -59.68
N ALA C 71 -41.21 18.19 -60.44
CA ALA C 71 -42.15 17.58 -61.36
C ALA C 71 -42.93 18.73 -62.04
N GLN C 72 -43.86 18.37 -62.92
CA GLN C 72 -44.73 19.35 -63.59
C GLN C 72 -43.98 20.49 -64.28
N GLY C 73 -42.83 20.14 -64.87
CA GLY C 73 -42.01 21.10 -65.58
C GLY C 73 -41.07 21.88 -64.68
N VAL C 74 -41.18 21.69 -63.37
CA VAL C 74 -40.33 22.37 -62.40
C VAL C 74 -39.10 21.49 -62.21
N THR C 75 -37.91 22.09 -62.35
CA THR C 75 -36.68 21.33 -62.22
C THR C 75 -35.78 21.93 -61.14
N PHE C 76 -34.72 21.21 -60.80
CA PHE C 76 -33.77 21.69 -59.84
C PHE C 76 -33.14 23.02 -60.34
N HIS C 77 -33.01 23.16 -61.65
CA HIS C 77 -32.42 24.37 -62.18
C HIS C 77 -33.32 25.62 -62.02
N ASP C 78 -34.57 25.43 -61.63
CA ASP C 78 -35.48 26.55 -61.45
C ASP C 78 -35.32 27.27 -60.09
N PHE C 79 -34.39 26.78 -59.30
CA PHE C 79 -34.08 27.31 -57.98
C PHE C 79 -32.60 27.69 -57.91
N THR C 80 -32.30 28.92 -57.51
CA THR C 80 -30.93 29.35 -57.39
C THR C 80 -30.73 29.87 -55.98
N ILE C 81 -29.71 29.34 -55.31
CA ILE C 81 -29.38 29.75 -53.97
C ILE C 81 -28.17 30.69 -54.04
N SER C 82 -28.30 31.84 -53.39
CA SER C 82 -27.21 32.81 -53.31
C SER C 82 -27.16 33.22 -51.83
N HIS C 83 -26.28 34.17 -51.52
CA HIS C 83 -26.15 34.65 -50.14
C HIS C 83 -25.96 36.15 -50.05
N ASP C 84 -26.40 36.75 -48.95
CA ASP C 84 -26.18 38.18 -48.77
C ASP C 84 -24.80 38.34 -48.09
N LYS C 85 -24.39 39.60 -47.88
CA LYS C 85 -23.08 39.90 -47.32
C LYS C 85 -22.82 39.33 -45.95
N LEU C 86 -23.89 39.05 -45.21
CA LEU C 86 -23.76 38.51 -43.87
C LEU C 86 -23.85 37.00 -43.83
N GLY C 87 -24.06 36.36 -44.97
CA GLY C 87 -24.12 34.90 -45.03
C GLY C 87 -25.52 34.33 -45.10
N LYS C 88 -26.54 35.18 -45.06
CA LYS C 88 -27.92 34.69 -45.13
C LYS C 88 -28.19 34.10 -46.50
N PRO C 89 -28.78 32.89 -46.55
CA PRO C 89 -29.08 32.31 -47.84
C PRO C 89 -30.34 32.93 -48.46
N LEU C 90 -30.30 33.10 -49.77
CA LEU C 90 -31.38 33.69 -50.54
C LEU C 90 -31.79 32.75 -51.66
N LEU C 91 -33.08 32.68 -51.96
CA LEU C 91 -33.62 31.80 -53.00
C LEU C 91 -34.27 32.63 -54.09
N ILE C 92 -33.89 32.37 -55.35
CA ILE C 92 -34.44 33.10 -56.49
C ILE C 92 -34.98 32.04 -57.44
N LEU C 93 -36.19 32.25 -57.92
CA LEU C 93 -36.85 31.30 -58.80
C LEU C 93 -36.72 31.67 -60.27
N SER C 94 -36.74 30.65 -61.12
CA SER C 94 -36.71 30.86 -62.56
C SER C 94 -37.52 29.74 -63.22
N GLY C 95 -37.55 29.75 -64.54
CA GLY C 95 -38.29 28.75 -65.29
C GLY C 95 -39.74 28.67 -64.89
N GLN C 96 -40.25 27.45 -64.89
CA GLN C 96 -41.63 27.18 -64.56
C GLN C 96 -41.94 27.53 -63.09
N ALA C 97 -40.95 27.40 -62.22
CA ALA C 97 -41.14 27.74 -60.81
C ALA C 97 -41.49 29.22 -60.70
N ALA C 98 -40.76 30.06 -61.43
CA ALA C 98 -41.01 31.49 -61.43
C ALA C 98 -42.37 31.80 -62.05
N GLU C 99 -42.72 31.09 -63.13
CA GLU C 99 -44.02 31.34 -63.74
C GLU C 99 -45.17 31.02 -62.77
N LEU C 100 -45.06 29.89 -62.07
CA LEU C 100 -46.07 29.49 -61.10
C LEU C 100 -46.12 30.44 -59.90
N ALA C 101 -44.95 30.87 -59.44
CA ALA C 101 -44.86 31.79 -58.31
C ALA C 101 -45.53 33.12 -58.66
N SER C 102 -45.42 33.55 -59.91
CA SER C 102 -46.04 34.79 -60.36
C SER C 102 -47.55 34.64 -60.37
N GLN C 103 -48.03 33.49 -60.82
CA GLN C 103 -49.46 33.23 -60.84
C GLN C 103 -50.01 33.19 -59.40
N LEU C 104 -49.19 32.73 -58.46
CA LEU C 104 -49.57 32.67 -57.06
C LEU C 104 -49.33 33.98 -56.33
N GLN C 105 -48.83 34.98 -57.04
CA GLN C 105 -48.55 36.29 -56.50
C GLN C 105 -47.50 36.29 -55.38
N VAL C 106 -46.52 35.40 -55.47
CA VAL C 106 -45.45 35.33 -54.49
C VAL C 106 -44.63 36.61 -54.58
N GLU C 107 -44.44 37.26 -53.44
CA GLU C 107 -43.65 38.50 -53.40
C GLU C 107 -42.46 38.44 -52.48
N ASN C 108 -42.45 37.49 -51.57
CA ASN C 108 -41.36 37.35 -50.65
C ASN C 108 -41.05 35.88 -50.45
N ILE C 109 -39.76 35.59 -50.49
CA ILE C 109 -39.28 34.24 -50.36
C ILE C 109 -38.30 34.13 -49.21
N HIS C 110 -38.47 33.13 -48.35
CA HIS C 110 -37.58 32.93 -47.22
C HIS C 110 -37.05 31.50 -47.20
N LEU C 111 -35.76 31.40 -46.95
CA LEU C 111 -35.05 30.13 -46.88
C LEU C 111 -34.07 30.11 -45.71
N SER C 112 -33.96 28.97 -45.03
CA SER C 112 -32.94 28.80 -43.99
C SER C 112 -32.41 27.38 -44.22
N ILE C 113 -31.11 27.22 -43.94
CA ILE C 113 -30.39 25.96 -44.12
C ILE C 113 -29.56 25.68 -42.88
N SER C 114 -29.43 24.40 -42.54
CA SER C 114 -28.59 23.97 -41.44
C SER C 114 -28.00 22.60 -41.78
N ASP C 115 -26.78 22.34 -41.35
CA ASP C 115 -26.19 21.00 -41.48
C ASP C 115 -25.42 20.63 -40.22
N GLU C 116 -25.33 19.34 -39.93
CA GLU C 116 -24.52 18.85 -38.83
C GLU C 116 -23.64 17.79 -39.50
N ARG C 117 -22.96 16.93 -38.76
CA ARG C 117 -22.07 16.01 -39.42
C ARG C 117 -22.68 15.11 -40.49
N HIS C 118 -23.87 14.58 -40.26
CA HIS C 118 -24.45 13.66 -41.21
C HIS C 118 -25.64 14.13 -42.03
N TYR C 119 -26.29 15.19 -41.60
CA TYR C 119 -27.47 15.66 -42.26
C TYR C 119 -27.51 17.14 -42.57
N ALA C 120 -28.11 17.45 -43.71
CA ALA C 120 -28.35 18.85 -44.12
C ALA C 120 -29.86 19.00 -44.15
N MSE C 121 -30.36 20.17 -43.75
CA MSE C 121 -31.79 20.39 -43.83
C MSE C 121 -32.11 21.85 -44.23
O MSE C 121 -31.25 22.73 -44.17
CB MSE C 121 -32.51 19.98 -42.56
CG MSE C 121 -32.33 20.80 -41.41
SE MSE C 121 -33.39 20.04 -39.89
CE MSE C 121 -33.15 21.68 -38.90
N ALA C 122 -33.31 22.06 -44.72
CA ALA C 122 -33.76 23.38 -45.13
C ALA C 122 -35.25 23.50 -45.02
N THR C 123 -35.67 24.77 -44.87
CA THR C 123 -37.07 25.13 -44.83
C THR C 123 -37.22 26.39 -45.68
N VAL C 124 -38.35 26.46 -46.40
CA VAL C 124 -38.68 27.55 -47.29
C VAL C 124 -40.13 27.95 -47.07
N ILE C 125 -40.36 29.26 -47.11
CA ILE C 125 -41.70 29.80 -47.01
C ILE C 125 -41.84 30.84 -48.12
N LEU C 126 -42.96 30.74 -48.85
CA LEU C 126 -43.32 31.67 -49.91
C LEU C 126 -44.50 32.47 -49.38
N GLU C 127 -44.41 33.79 -49.54
CA GLU C 127 -45.42 34.71 -49.02
C GLU C 127 -45.90 35.65 -50.11
N ARG C 128 -47.20 35.96 -50.12
CA ARG C 128 -47.75 36.90 -51.10
C ARG C 128 -48.06 38.22 -50.42
N ALA D 3 -35.08 1.93 44.18
CA ALA D 3 -34.16 2.72 43.29
C ALA D 3 -32.93 3.12 44.10
N MSE D 4 -32.55 2.26 45.04
CA MSE D 4 -31.44 2.52 45.95
C MSE D 4 -30.18 1.70 45.63
O MSE D 4 -30.26 0.57 45.16
CB MSE D 4 -31.94 2.24 47.37
CG MSE D 4 -30.91 2.27 48.45
SE MSE D 4 -31.53 1.84 50.25
CE MSE D 4 -29.73 1.67 51.01
N ILE D 5 -29.03 2.28 45.91
CA ILE D 5 -27.74 1.62 45.69
C ILE D 5 -27.52 0.60 46.80
N VAL D 6 -27.24 -0.63 46.40
CA VAL D 6 -26.99 -1.79 47.26
C VAL D 6 -25.50 -1.91 47.58
N GLY D 7 -24.67 -1.54 46.63
CA GLY D 7 -23.22 -1.62 46.84
C GLY D 7 -22.43 -0.91 45.77
N LEU D 8 -21.18 -0.59 46.12
CA LEU D 8 -20.25 0.09 45.28
C LEU D 8 -18.90 -0.60 45.41
N GLY D 9 -18.22 -0.81 44.29
CA GLY D 9 -16.92 -1.44 44.34
C GLY D 9 -15.99 -0.79 43.33
N THR D 10 -14.72 -0.73 43.68
CA THR D 10 -13.75 -0.17 42.79
C THR D 10 -12.47 -1.01 42.92
N ASP D 11 -11.64 -1.04 41.88
CA ASP D 11 -10.41 -1.79 41.95
C ASP D 11 -9.42 -1.28 40.93
N ILE D 12 -8.13 -1.35 41.29
CA ILE D 12 -7.02 -0.96 40.42
C ILE D 12 -6.06 -2.16 40.40
N ALA D 13 -5.60 -2.51 39.21
CA ALA D 13 -4.72 -3.64 38.97
C ALA D 13 -3.48 -3.28 38.13
N GLU D 14 -2.30 -3.72 38.56
CA GLU D 14 -1.05 -3.44 37.84
C GLU D 14 -0.94 -4.47 36.71
N ILE D 15 -0.96 -3.99 35.47
CA ILE D 15 -0.96 -4.87 34.28
C ILE D 15 0.28 -5.78 34.18
N GLU D 16 1.44 -5.25 34.51
CA GLU D 16 2.67 -6.04 34.42
C GLU D 16 2.66 -7.28 35.30
N ARG D 17 2.02 -7.20 36.47
N ARG D 17 2.04 -7.21 36.47
CA ARG D 17 1.93 -8.34 37.37
CA ARG D 17 1.99 -8.36 37.37
C ARG D 17 1.16 -9.47 36.73
C ARG D 17 1.14 -9.48 36.77
N VAL D 18 0.07 -9.10 36.05
CA VAL D 18 -0.80 -10.06 35.39
C VAL D 18 -0.01 -10.68 34.24
N GLU D 19 0.71 -9.86 33.48
CA GLU D 19 1.53 -10.37 32.37
C GLU D 19 2.59 -11.35 32.88
N LYS D 20 3.25 -11.02 33.99
CA LYS D 20 4.26 -11.91 34.54
C LYS D 20 3.63 -13.24 34.96
N ALA D 21 2.45 -13.18 35.54
CA ALA D 21 1.73 -14.38 36.01
C ALA D 21 1.40 -15.29 34.83
N LEU D 22 0.98 -14.68 33.72
CA LEU D 22 0.69 -15.45 32.49
C LEU D 22 1.90 -16.13 31.87
N ALA D 23 3.03 -15.42 31.88
CA ALA D 23 4.27 -15.94 31.34
C ALA D 23 4.74 -17.12 32.18
N ARG D 24 4.37 -17.16 33.44
CA ARG D 24 4.78 -18.27 34.26
C ARG D 24 3.78 -19.43 34.32
N SER D 25 2.52 -19.10 34.56
CA SER D 25 1.48 -20.13 34.73
C SER D 25 0.42 -20.25 33.66
N GLY D 26 0.37 -19.30 32.77
CA GLY D 26 -0.55 -19.34 31.65
C GLY D 26 -2.00 -19.63 31.91
N GLU D 27 -2.48 -20.65 31.21
CA GLU D 27 -3.88 -21.05 31.27
C GLU D 27 -4.31 -21.40 32.69
N ASN D 28 -3.41 -22.01 33.46
CA ASN D 28 -3.72 -22.35 34.85
C ASN D 28 -4.08 -21.11 35.65
N PHE D 29 -3.38 -20.00 35.41
CA PHE D 29 -3.70 -18.77 36.06
C PHE D 29 -4.96 -18.13 35.46
N ALA D 30 -5.06 -18.06 34.13
CA ALA D 30 -6.21 -17.43 33.50
C ALA D 30 -7.52 -18.09 33.88
N ARG D 31 -7.49 -19.42 34.05
N ARG D 31 -7.52 -19.43 33.96
CA ARG D 31 -8.68 -20.19 34.43
CA ARG D 31 -8.73 -20.19 34.26
C ARG D 31 -9.16 -19.94 35.87
C ARG D 31 -9.23 -20.01 35.70
N ARG D 32 -8.30 -19.42 36.73
N ARG D 32 -8.39 -19.46 36.56
CA ARG D 32 -8.73 -19.14 38.09
CA ARG D 32 -8.78 -19.22 37.94
C ARG D 32 -9.55 -17.85 38.09
C ARG D 32 -9.70 -17.99 37.93
N ILE D 33 -9.40 -17.07 37.02
CA ILE D 33 -10.12 -15.80 36.93
C ILE D 33 -11.28 -15.80 35.94
N LEU D 34 -11.11 -16.44 34.79
CA LEU D 34 -12.10 -16.41 33.77
C LEU D 34 -12.95 -17.69 33.71
N THR D 35 -14.22 -17.52 33.35
CA THR D 35 -15.10 -18.65 33.18
C THR D 35 -14.69 -19.33 31.84
N ASP D 36 -15.10 -20.58 31.66
CA ASP D 36 -14.77 -21.30 30.43
C ASP D 36 -15.31 -20.51 29.25
N SER D 37 -16.40 -19.82 29.49
CA SER D 37 -17.02 -19.03 28.45
C SER D 37 -16.17 -17.81 28.08
N GLU D 38 -15.65 -17.07 29.06
CA GLU D 38 -14.81 -15.92 28.82
C GLU D 38 -13.46 -16.27 28.22
N LEU D 39 -13.00 -17.50 28.46
CA LEU D 39 -11.72 -17.97 27.92
C LEU D 39 -11.67 -17.94 26.38
N GLU D 40 -12.84 -17.98 25.75
N GLU D 40 -12.79 -18.18 25.71
CA GLU D 40 -12.99 -17.93 24.29
CA GLU D 40 -12.77 -18.18 24.24
C GLU D 40 -12.49 -16.59 23.71
C GLU D 40 -12.26 -16.84 23.72
N GLN D 41 -12.92 -15.49 24.32
N GLN D 41 -12.87 -15.77 24.23
CA GLN D 41 -12.52 -14.16 23.89
CA GLN D 41 -12.53 -14.39 23.87
C GLN D 41 -11.06 -13.94 24.30
C GLN D 41 -11.07 -14.12 24.23
N PHE D 42 -10.71 -14.45 25.47
CA PHE D 42 -9.34 -14.32 25.98
C PHE D 42 -8.35 -14.98 25.01
N HIS D 43 -8.64 -16.21 24.59
CA HIS D 43 -7.74 -16.92 23.69
C HIS D 43 -7.56 -16.23 22.32
N ALA D 44 -8.59 -15.50 21.88
CA ALA D 44 -8.53 -14.80 20.59
C ALA D 44 -7.77 -13.47 20.66
N SER D 45 -7.58 -12.96 21.87
CA SER D 45 -6.88 -11.69 22.07
C SER D 45 -5.38 -11.77 21.76
N LYS D 46 -4.85 -10.66 21.25
CA LYS D 46 -3.43 -10.54 20.95
C LYS D 46 -2.76 -9.70 22.06
N GLN D 47 -3.51 -9.37 23.12
CA GLN D 47 -2.98 -8.61 24.27
C GLN D 47 -3.60 -9.24 25.49
N GLN D 48 -3.33 -10.52 25.68
CA GLN D 48 -3.94 -11.31 26.74
C GLN D 48 -3.73 -10.83 28.17
N GLY D 49 -2.54 -10.34 28.48
CA GLY D 49 -2.29 -9.79 29.82
C GLY D 49 -3.18 -8.55 30.11
N ARG D 50 -3.31 -7.67 29.12
CA ARG D 50 -4.16 -6.48 29.28
C ARG D 50 -5.62 -6.87 29.39
N PHE D 51 -6.04 -7.81 28.55
CA PHE D 51 -7.40 -8.33 28.59
C PHE D 51 -7.70 -8.86 29.99
N LEU D 52 -6.80 -9.72 30.49
CA LEU D 52 -7.00 -10.34 31.80
C LEU D 52 -6.96 -9.35 32.95
N ALA D 53 -6.07 -8.35 32.89
CA ALA D 53 -5.99 -7.36 33.95
C ALA D 53 -7.32 -6.61 34.11
N LYS D 54 -7.93 -6.25 32.98
CA LYS D 54 -9.23 -5.57 32.99
C LYS D 54 -10.33 -6.43 33.61
N ARG D 55 -10.35 -7.72 33.26
N ARG D 55 -10.34 -7.73 33.28
CA ARG D 55 -11.33 -8.65 33.80
CA ARG D 55 -11.34 -8.64 33.82
C ARG D 55 -11.12 -8.81 35.31
C ARG D 55 -11.11 -8.82 35.31
N PHE D 56 -9.84 -8.87 35.72
CA PHE D 56 -9.49 -9.04 37.10
C PHE D 56 -10.00 -7.83 37.93
N ALA D 57 -9.76 -6.62 37.42
CA ALA D 57 -10.21 -5.39 38.06
C ALA D 57 -11.74 -5.34 38.17
N ALA D 58 -12.41 -5.67 37.06
CA ALA D 58 -13.86 -5.65 37.03
C ALA D 58 -14.45 -6.61 38.04
N LYS D 59 -13.89 -7.80 38.12
CA LYS D 59 -14.41 -8.83 39.02
C LYS D 59 -14.14 -8.51 40.48
N GLU D 60 -12.96 -7.99 40.78
CA GLU D 60 -12.71 -7.58 42.17
C GLU D 60 -13.64 -6.44 42.58
N ALA D 61 -13.81 -5.43 41.71
CA ALA D 61 -14.74 -4.34 41.99
C ALA D 61 -16.16 -4.88 42.21
N ALA D 62 -16.59 -5.83 41.38
CA ALA D 62 -17.92 -6.42 41.52
C ALA D 62 -18.05 -7.14 42.88
N SER D 63 -17.02 -7.86 43.29
CA SER D 63 -17.07 -8.58 44.58
C SER D 63 -17.18 -7.61 45.75
N LYS D 64 -16.56 -6.44 45.62
CA LYS D 64 -16.63 -5.41 46.68
C LYS D 64 -18.02 -4.78 46.71
N ALA D 65 -18.62 -4.58 45.54
CA ALA D 65 -19.96 -4.02 45.44
C ALA D 65 -20.97 -4.98 46.08
N LEU D 66 -20.70 -6.27 45.99
CA LEU D 66 -21.55 -7.25 46.62
C LEU D 66 -21.43 -7.23 48.13
N GLY D 67 -20.28 -6.79 48.64
CA GLY D 67 -20.05 -6.71 50.07
C GLY D 67 -19.30 -7.86 50.69
N THR D 68 -18.84 -8.79 49.87
CA THR D 68 -18.13 -9.97 50.34
C THR D 68 -16.69 -10.06 49.92
N GLY D 69 -16.33 -9.39 48.83
CA GLY D 69 -15.01 -9.56 48.28
C GLY D 69 -15.01 -10.98 47.71
N ILE D 70 -13.83 -11.51 47.39
CA ILE D 70 -13.67 -12.86 46.86
C ILE D 70 -13.46 -13.69 48.13
N ALA D 71 -14.58 -14.10 48.69
CA ALA D 71 -14.68 -14.82 49.94
C ALA D 71 -16.13 -15.19 50.13
N GLN D 72 -16.41 -15.88 51.23
CA GLN D 72 -17.78 -16.29 51.57
C GLN D 72 -18.46 -17.09 50.46
N GLY D 73 -17.70 -17.92 49.76
CA GLY D 73 -18.26 -18.73 48.67
C GLY D 73 -18.33 -18.02 47.33
N VAL D 74 -18.07 -16.71 47.33
CA VAL D 74 -18.08 -15.89 46.11
C VAL D 74 -16.71 -16.02 45.43
N THR D 75 -16.73 -16.46 44.18
CA THR D 75 -15.48 -16.68 43.45
C THR D 75 -15.38 -15.82 42.19
N PHE D 76 -14.18 -15.76 41.60
CA PHE D 76 -14.05 -15.01 40.34
C PHE D 76 -14.99 -15.56 39.27
N HIS D 77 -15.30 -16.84 39.32
CA HIS D 77 -16.19 -17.41 38.30
C HIS D 77 -17.66 -17.02 38.44
N ASP D 78 -17.99 -16.31 39.51
CA ASP D 78 -19.35 -15.85 39.76
C ASP D 78 -19.65 -14.55 39.05
N PHE D 79 -18.66 -14.04 38.33
CA PHE D 79 -18.83 -12.79 37.62
C PHE D 79 -18.47 -13.03 36.17
N THR D 80 -19.34 -12.61 35.25
CA THR D 80 -19.05 -12.77 33.84
C THR D 80 -19.12 -11.41 33.17
N ILE D 81 -18.07 -11.05 32.42
CA ILE D 81 -18.06 -9.78 31.70
C ILE D 81 -18.34 -10.04 30.21
N SER D 82 -19.31 -9.31 29.68
CA SER D 82 -19.68 -9.37 28.26
C SER D 82 -19.75 -7.93 27.77
N HIS D 83 -20.15 -7.75 26.51
CA HIS D 83 -20.25 -6.42 25.94
C HIS D 83 -21.45 -6.24 25.03
N ASP D 84 -21.98 -5.02 24.96
CA ASP D 84 -23.08 -4.78 24.06
C ASP D 84 -22.48 -4.45 22.70
N LYS D 85 -23.34 -4.23 21.72
CA LYS D 85 -22.92 -3.93 20.36
C LYS D 85 -22.02 -2.69 20.21
N LEU D 86 -22.13 -1.74 21.14
CA LEU D 86 -21.30 -0.53 21.05
C LEU D 86 -19.99 -0.60 21.81
N GLY D 87 -19.77 -1.69 22.52
CA GLY D 87 -18.55 -1.91 23.30
C GLY D 87 -18.70 -1.70 24.79
N LYS D 88 -19.91 -1.34 25.26
CA LYS D 88 -20.16 -1.12 26.69
C LYS D 88 -20.07 -2.45 27.43
N PRO D 89 -19.30 -2.50 28.53
CA PRO D 89 -19.15 -3.75 29.30
C PRO D 89 -20.39 -4.00 30.12
N LEU D 90 -20.73 -5.28 30.24
CA LEU D 90 -21.91 -5.70 30.96
C LEU D 90 -21.48 -6.75 31.96
N LEU D 91 -22.10 -6.73 33.11
CA LEU D 91 -21.74 -7.66 34.18
C LEU D 91 -22.91 -8.53 34.56
N ILE D 92 -22.67 -9.84 34.57
CA ILE D 92 -23.73 -10.84 34.89
C ILE D 92 -23.22 -11.70 36.04
N LEU D 93 -24.05 -11.88 37.08
CA LEU D 93 -23.66 -12.65 38.24
C LEU D 93 -24.16 -14.07 38.17
N SER D 94 -23.46 -14.97 38.85
CA SER D 94 -23.84 -16.37 38.90
C SER D 94 -23.35 -16.92 40.23
N GLY D 95 -23.58 -18.20 40.44
CA GLY D 95 -23.14 -18.85 41.67
C GLY D 95 -23.62 -18.13 42.93
N GLN D 96 -22.80 -18.12 43.94
CA GLN D 96 -23.17 -17.49 45.20
C GLN D 96 -23.35 -15.97 45.05
N ALA D 97 -22.65 -15.33 44.11
CA ALA D 97 -22.83 -13.90 43.87
C ALA D 97 -24.27 -13.62 43.48
N ALA D 98 -24.82 -14.39 42.55
CA ALA D 98 -26.20 -14.21 42.12
C ALA D 98 -27.20 -14.47 43.23
N GLU D 99 -26.94 -15.47 44.05
CA GLU D 99 -27.85 -15.79 45.14
C GLU D 99 -27.91 -14.65 46.16
N LEU D 100 -26.75 -14.13 46.53
N LEU D 100 -26.74 -14.13 46.51
CA LEU D 100 -26.70 -13.02 47.49
CA LEU D 100 -26.67 -13.02 47.45
C LEU D 100 -27.32 -11.77 46.86
C LEU D 100 -27.33 -11.79 46.86
N ALA D 101 -27.07 -11.54 45.58
CA ALA D 101 -27.65 -10.39 44.88
C ALA D 101 -29.16 -10.52 44.88
N SER D 102 -29.66 -11.73 44.73
CA SER D 102 -31.11 -11.97 44.76
C SER D 102 -31.66 -11.63 46.16
N GLN D 103 -30.98 -12.07 47.22
CA GLN D 103 -31.44 -11.76 48.57
C GLN D 103 -31.42 -10.22 48.80
N LEU D 104 -30.45 -9.53 48.21
CA LEU D 104 -30.34 -8.07 48.35
C LEU D 104 -31.28 -7.33 47.39
N GLN D 105 -32.02 -8.08 46.59
CA GLN D 105 -32.97 -7.53 45.61
C GLN D 105 -32.33 -6.65 44.52
N VAL D 106 -31.11 -7.02 44.13
CA VAL D 106 -30.41 -6.32 43.07
C VAL D 106 -31.14 -6.49 41.74
N GLU D 107 -31.46 -5.38 41.08
CA GLU D 107 -32.12 -5.45 39.79
C GLU D 107 -31.38 -4.78 38.65
N ASN D 108 -30.38 -3.96 38.95
N ASN D 108 -30.40 -3.94 38.98
CA ASN D 108 -29.62 -3.30 37.91
CA ASN D 108 -29.64 -3.19 37.98
C ASN D 108 -28.16 -3.24 38.32
C ASN D 108 -28.15 -3.23 38.34
N ILE D 109 -27.31 -3.61 37.37
CA ILE D 109 -25.89 -3.70 37.57
C ILE D 109 -25.15 -2.82 36.56
N HIS D 110 -24.21 -2.03 37.06
CA HIS D 110 -23.45 -1.14 36.21
C HIS D 110 -21.96 -1.34 36.43
N LEU D 111 -21.26 -1.37 35.32
CA LEU D 111 -19.82 -1.58 35.29
C LEU D 111 -19.14 -0.67 34.30
N SER D 112 -18.00 -0.13 34.69
CA SER D 112 -17.16 0.64 33.75
C SER D 112 -15.72 0.20 33.99
N ILE D 113 -14.97 0.15 32.90
CA ILE D 113 -13.58 -0.28 32.88
C ILE D 113 -12.71 0.71 32.10
N SER D 114 -11.47 0.89 32.56
CA SER D 114 -10.52 1.77 31.87
C SER D 114 -9.12 1.24 32.07
N ASP D 115 -8.25 1.42 31.08
CA ASP D 115 -6.86 1.06 31.31
C ASP D 115 -5.94 2.06 30.65
N GLU D 116 -4.72 2.17 31.15
CA GLU D 116 -3.75 3.03 30.49
C GLU D 116 -2.52 2.10 30.39
N ARG D 117 -1.36 2.62 30.08
CA ARG D 117 -0.23 1.73 29.88
C ARG D 117 0.10 0.73 30.98
N HIS D 118 0.07 1.14 32.23
CA HIS D 118 0.43 0.28 33.35
C HIS D 118 -0.68 -0.21 34.26
N TYR D 119 -1.84 0.43 34.21
CA TYR D 119 -2.90 0.08 35.12
C TYR D 119 -4.25 -0.08 34.49
N ALA D 120 -5.01 -1.02 35.04
CA ALA D 120 -6.38 -1.26 34.65
C ALA D 120 -7.23 -0.96 35.88
N MSE D 121 -8.41 -0.40 35.68
CA MSE D 121 -9.28 -0.13 36.82
C MSE D 121 -10.75 -0.32 36.42
O MSE D 121 -11.11 -0.28 35.23
CB MSE D 121 -9.01 1.22 37.47
CG MSE D 121 -9.44 2.38 36.71
SE MSE D 121 -9.06 4.05 37.63
CE MSE D 121 -10.17 5.03 36.42
N ALA D 122 -11.59 -0.54 37.41
CA ALA D 122 -13.00 -0.74 37.19
C ALA D 122 -13.81 -0.27 38.39
N THR D 123 -15.05 0.11 38.12
CA THR D 123 -16.01 0.49 39.15
C THR D 123 -17.31 -0.22 38.81
N VAL D 124 -17.95 -0.70 39.85
CA VAL D 124 -19.24 -1.39 39.77
C VAL D 124 -20.21 -0.81 40.79
N ILE D 125 -21.47 -0.68 40.40
CA ILE D 125 -22.55 -0.22 41.26
C ILE D 125 -23.70 -1.21 41.12
N LEU D 126 -24.23 -1.66 42.24
CA LEU D 126 -25.42 -2.54 42.24
C LEU D 126 -26.59 -1.72 42.79
N GLU D 127 -27.76 -1.79 42.12
N GLU D 127 -27.74 -1.79 42.11
CA GLU D 127 -28.94 -1.06 42.59
CA GLU D 127 -28.96 -1.09 42.53
C GLU D 127 -30.16 -1.96 42.67
C GLU D 127 -30.16 -2.00 42.69
N ARG D 128 -31.01 -1.69 43.66
CA ARG D 128 -32.22 -2.46 43.88
C ARG D 128 -33.40 -1.72 43.25
N ALA E 3 -35.32 8.91 45.45
CA ALA E 3 -34.12 8.09 45.75
C ALA E 3 -33.02 8.45 44.77
N MSE E 4 -32.35 9.57 45.00
CA MSE E 4 -31.30 10.05 44.10
C MSE E 4 -29.94 10.29 44.77
O MSE E 4 -29.79 10.33 45.98
CB MSE E 4 -31.74 11.34 43.38
CG MSE E 4 -31.72 12.61 44.20
SE MSE E 4 -32.29 14.16 43.13
CE MSE E 4 -34.15 13.65 42.79
N ILE E 5 -28.95 10.39 43.89
CA ILE E 5 -27.58 10.62 44.28
C ILE E 5 -27.39 12.11 44.54
N VAL E 6 -26.87 12.43 45.71
CA VAL E 6 -26.65 13.82 46.11
C VAL E 6 -25.19 14.23 45.89
N GLY E 7 -24.32 13.24 45.74
CA GLY E 7 -22.91 13.52 45.52
C GLY E 7 -22.07 12.31 45.17
N LEU E 8 -21.00 12.58 44.42
CA LEU E 8 -20.03 11.61 43.96
C LEU E 8 -18.66 12.18 44.12
N GLY E 9 -17.75 11.36 44.64
CA GLY E 9 -16.38 11.77 44.82
C GLY E 9 -15.41 10.63 44.56
N THR E 10 -14.23 10.97 44.05
CA THR E 10 -13.22 9.98 43.78
C THR E 10 -11.86 10.58 44.12
N ASP E 11 -10.85 9.76 44.38
CA ASP E 11 -9.53 10.30 44.68
C ASP E 11 -8.49 9.23 44.52
N ILE E 12 -7.30 9.63 44.07
CA ILE E 12 -6.16 8.74 43.89
C ILE E 12 -4.99 9.35 44.67
N ALA E 13 -4.32 8.53 45.47
CA ALA E 13 -3.17 8.97 46.26
C ALA E 13 -1.94 8.12 45.98
N GLU E 14 -0.77 8.77 45.88
CA GLU E 14 0.50 8.08 45.68
C GLU E 14 1.01 7.62 47.05
N ILE E 15 1.10 6.33 47.26
CA ILE E 15 1.51 5.78 48.56
C ILE E 15 2.88 6.24 49.03
N GLU E 16 3.85 6.28 48.14
CA GLU E 16 5.20 6.72 48.52
C GLU E 16 5.24 8.13 49.10
N ARG E 17 4.37 9.03 48.63
CA ARG E 17 4.35 10.39 49.20
C ARG E 17 3.91 10.39 50.66
N VAL E 18 2.96 9.53 50.98
CA VAL E 18 2.45 9.37 52.33
C VAL E 18 3.53 8.74 53.21
N GLU E 19 4.22 7.74 52.68
CA GLU E 19 5.31 7.11 53.42
C GLU E 19 6.41 8.11 53.75
N LYS E 20 6.77 8.94 52.78
CA LYS E 20 7.81 9.95 53.00
C LYS E 20 7.36 10.95 54.05
N ALA E 21 6.09 11.34 54.01
CA ALA E 21 5.57 12.29 55.00
C ALA E 21 5.61 11.69 56.41
N LEU E 22 5.25 10.41 56.55
CA LEU E 22 5.32 9.73 57.85
C LEU E 22 6.74 9.65 58.40
N ALA E 23 7.69 9.41 57.50
CA ALA E 23 9.09 9.29 57.88
C ALA E 23 9.64 10.60 58.40
N ARG E 24 9.07 11.71 57.94
CA ARG E 24 9.49 13.03 58.36
C ARG E 24 8.72 13.58 59.55
N SER E 25 7.38 13.55 59.48
CA SER E 25 6.52 14.13 60.53
C SER E 25 5.71 13.18 61.40
N GLY E 26 5.67 11.92 61.00
CA GLY E 26 5.03 10.87 61.75
C GLY E 26 3.65 11.17 62.31
N GLU E 27 3.53 11.04 63.62
CA GLU E 27 2.23 11.23 64.29
C GLU E 27 1.58 12.61 64.02
N ASN E 28 2.37 13.66 63.83
CA ASN E 28 1.80 14.99 63.53
C ASN E 28 1.09 15.00 62.20
N PHE E 29 1.59 14.20 61.28
CA PHE E 29 0.93 14.12 60.01
C PHE E 29 -0.25 13.16 60.13
N ALA E 30 -0.02 12.00 60.73
CA ALA E 30 -1.12 11.04 60.84
C ALA E 30 -2.34 11.61 61.60
N ARG E 31 -2.11 12.37 62.66
CA ARG E 31 -3.22 12.95 63.45
C ARG E 31 -4.03 14.01 62.73
N ARG E 32 -3.45 14.63 61.72
N ARG E 32 -3.43 14.60 61.72
CA ARG E 32 -4.18 15.65 60.97
CA ARG E 32 -4.08 15.62 60.90
C ARG E 32 -5.23 14.96 60.09
C ARG E 32 -5.19 14.97 60.07
N ILE E 33 -4.94 13.74 59.66
CA ILE E 33 -5.86 12.98 58.81
C ILE E 33 -6.80 12.03 59.53
N LEU E 34 -6.31 11.39 60.58
CA LEU E 34 -7.10 10.39 61.32
C LEU E 34 -7.68 10.88 62.65
N THR E 35 -8.91 10.47 62.94
CA THR E 35 -9.56 10.82 64.18
C THR E 35 -8.88 10.01 65.26
N ASP E 36 -9.05 10.42 66.52
CA ASP E 36 -8.42 9.67 67.58
C ASP E 36 -8.88 8.21 67.54
N SER E 37 -10.15 7.96 67.20
CA SER E 37 -10.66 6.57 67.14
C SER E 37 -9.96 5.74 66.06
N GLU E 38 -9.62 6.36 64.93
CA GLU E 38 -8.94 5.66 63.83
C GLU E 38 -7.47 5.39 64.13
N LEU E 39 -6.91 6.19 65.03
CA LEU E 39 -5.51 6.01 65.42
C LEU E 39 -5.19 4.65 66.02
N GLU E 40 -6.14 4.04 66.73
N GLU E 40 -6.15 4.06 66.73
CA GLU E 40 -5.90 2.74 67.35
CA GLU E 40 -5.95 2.75 67.34
C GLU E 40 -5.53 1.71 66.29
C GLU E 40 -5.53 1.72 66.28
N GLN E 41 -6.33 1.62 65.24
CA GLN E 41 -6.04 0.66 64.17
C GLN E 41 -4.78 1.01 63.42
N PHE E 42 -4.59 2.31 63.18
CA PHE E 42 -3.40 2.80 62.48
C PHE E 42 -2.15 2.41 63.24
N HIS E 43 -2.15 2.62 64.55
CA HIS E 43 -0.97 2.28 65.34
C HIS E 43 -0.65 0.79 65.35
N ALA E 44 -1.66 -0.05 65.20
CA ALA E 44 -1.48 -1.51 65.18
C ALA E 44 -0.98 -2.02 63.83
N SER E 45 -1.11 -1.23 62.77
CA SER E 45 -0.68 -1.65 61.44
C SER E 45 0.83 -1.75 61.29
N LYS E 46 1.27 -2.67 60.42
CA LYS E 46 2.69 -2.82 60.11
C LYS E 46 2.96 -2.29 58.71
N GLN E 47 1.93 -1.66 58.12
CA GLN E 47 2.00 -1.06 56.80
C GLN E 47 1.30 0.29 56.95
N GLN E 48 1.80 1.12 57.87
CA GLN E 48 1.18 2.43 58.17
C GLN E 48 0.97 3.42 57.02
N GLY E 49 1.95 3.52 56.14
CA GLY E 49 1.85 4.39 54.98
C GLY E 49 0.74 3.94 54.06
N ARG E 50 0.64 2.63 53.82
CA ARG E 50 -0.41 2.09 52.95
C ARG E 50 -1.81 2.32 53.61
N PHE E 51 -1.87 2.06 54.91
CA PHE E 51 -3.11 2.25 55.68
C PHE E 51 -3.56 3.69 55.57
N LEU E 52 -2.64 4.63 55.82
CA LEU E 52 -2.95 6.05 55.79
C LEU E 52 -3.24 6.54 54.36
N ALA E 53 -2.57 6.02 53.34
CA ALA E 53 -2.86 6.43 51.96
C ALA E 53 -4.31 6.09 51.58
N LYS E 54 -4.77 4.90 51.98
CA LYS E 54 -6.16 4.51 51.72
C LYS E 54 -7.16 5.42 52.44
N ARG E 55 -6.87 5.79 53.68
N ARG E 55 -6.86 5.80 53.68
CA ARG E 55 -7.80 6.66 54.43
CA ARG E 55 -7.75 6.68 54.44
C ARG E 55 -7.77 8.08 53.85
C ARG E 55 -7.76 8.06 53.83
N PHE E 56 -6.60 8.53 53.39
CA PHE E 56 -6.47 9.84 52.79
C PHE E 56 -7.37 9.89 51.55
N ALA E 57 -7.25 8.88 50.70
CA ALA E 57 -8.06 8.81 49.48
C ALA E 57 -9.55 8.76 49.81
N ALA E 58 -9.94 7.92 50.77
CA ALA E 58 -11.35 7.79 51.12
C ALA E 58 -11.94 9.10 51.64
N LYS E 59 -11.18 9.80 52.48
CA LYS E 59 -11.64 11.05 53.03
C LYS E 59 -11.71 12.15 51.97
N GLU E 60 -10.72 12.24 51.08
CA GLU E 60 -10.79 13.23 50.02
C GLU E 60 -11.96 12.94 49.09
N ALA E 61 -12.14 11.66 48.76
CA ALA E 61 -13.27 11.25 47.93
C ALA E 61 -14.58 11.68 48.63
N ALA E 62 -14.68 11.41 49.93
CA ALA E 62 -15.89 11.80 50.65
C ALA E 62 -16.14 13.31 50.66
N SER E 63 -15.08 14.10 50.82
CA SER E 63 -15.23 15.55 50.85
C SER E 63 -15.73 16.09 49.52
N LYS E 64 -15.38 15.42 48.43
CA LYS E 64 -15.81 15.82 47.10
C LYS E 64 -17.28 15.43 46.90
N ALA E 65 -17.62 14.27 47.40
CA ALA E 65 -19.03 13.82 47.35
C ALA E 65 -19.95 14.83 48.08
N LEU E 66 -19.46 15.39 49.18
N LEU E 66 -19.49 15.39 49.20
CA LEU E 66 -20.19 16.39 49.99
CA LEU E 66 -20.29 16.38 49.93
C LEU E 66 -20.33 17.69 49.21
C LEU E 66 -20.44 17.63 49.09
N GLY E 67 -19.42 17.92 48.28
CA GLY E 67 -19.42 19.11 47.44
C GLY E 67 -18.60 20.28 47.94
N THR E 68 -17.83 20.07 49.01
CA THR E 68 -17.00 21.11 49.60
C THR E 68 -15.49 20.92 49.48
N GLY E 69 -15.04 19.67 49.41
CA GLY E 69 -13.63 19.41 49.40
C GLY E 69 -13.26 19.59 50.87
N ILE E 70 -11.97 19.66 51.17
CA ILE E 70 -11.48 19.87 52.54
C ILE E 70 -11.29 21.37 52.50
N ALA E 71 -12.37 22.05 52.86
CA ALA E 71 -12.48 23.48 52.82
C ALA E 71 -13.82 23.84 53.44
N GLN E 72 -14.08 25.14 53.58
CA GLN E 72 -15.31 25.66 54.14
C GLN E 72 -15.57 25.09 55.55
N GLY E 73 -14.52 24.86 56.32
CA GLY E 73 -14.65 24.36 57.68
C GLY E 73 -14.68 22.86 57.80
N VAL E 74 -14.79 22.17 56.65
CA VAL E 74 -14.81 20.70 56.61
C VAL E 74 -13.37 20.24 56.67
N THR E 75 -13.09 19.32 57.58
CA THR E 75 -11.75 18.78 57.76
C THR E 75 -11.67 17.25 57.65
N PHE E 76 -10.46 16.72 57.73
CA PHE E 76 -10.28 15.28 57.65
C PHE E 76 -10.96 14.56 58.79
N HIS E 77 -11.03 15.21 59.95
CA HIS E 77 -11.67 14.57 61.10
C HIS E 77 -13.19 14.42 61.01
N ASP E 78 -13.79 15.03 59.99
CA ASP E 78 -15.23 14.94 59.79
C ASP E 78 -15.64 13.66 59.08
N PHE E 79 -14.65 12.84 58.73
CA PHE E 79 -14.93 11.59 58.03
C PHE E 79 -14.25 10.46 58.79
N THR E 80 -15.02 9.47 59.20
CA THR E 80 -14.45 8.36 59.91
C THR E 80 -14.71 7.09 59.11
N ILE E 81 -13.66 6.31 58.88
CA ILE E 81 -13.77 5.07 58.14
C ILE E 81 -13.73 3.89 59.10
N SER E 82 -14.70 3.01 58.97
CA SER E 82 -14.75 1.80 59.77
C SER E 82 -15.01 0.64 58.78
N HIS E 83 -15.29 -0.54 59.32
CA HIS E 83 -15.53 -1.72 58.48
C HIS E 83 -16.57 -2.63 59.08
N ASP E 84 -17.27 -3.37 58.23
CA ASP E 84 -18.24 -4.32 58.76
C ASP E 84 -17.52 -5.64 58.97
N LYS E 85 -18.25 -6.65 59.43
CA LYS E 85 -17.66 -7.94 59.73
C LYS E 85 -17.03 -8.67 58.54
N LEU E 86 -17.40 -8.30 57.32
CA LEU E 86 -16.82 -8.95 56.14
C LEU E 86 -15.67 -8.18 55.52
N GLY E 87 -15.36 -7.03 56.11
CA GLY E 87 -14.28 -6.17 55.65
C GLY E 87 -14.72 -5.00 54.77
N LYS E 88 -16.02 -4.86 54.51
CA LYS E 88 -16.51 -3.74 53.69
C LYS E 88 -16.27 -2.43 54.44
N PRO E 89 -15.72 -1.42 53.75
CA PRO E 89 -15.45 -0.15 54.42
C PRO E 89 -16.72 0.65 54.56
N LEU E 90 -16.85 1.35 55.68
CA LEU E 90 -18.02 2.18 55.98
C LEU E 90 -17.56 3.59 56.31
N LEU E 91 -18.36 4.59 55.89
CA LEU E 91 -18.04 6.00 56.12
C LEU E 91 -19.08 6.63 57.03
N ILE E 92 -18.61 7.28 58.10
CA ILE E 92 -19.48 7.96 59.05
C ILE E 92 -19.05 9.44 59.11
N LEU E 93 -20.02 10.32 59.02
CA LEU E 93 -19.75 11.75 59.01
C LEU E 93 -19.98 12.42 60.33
N SER E 94 -19.25 13.49 60.54
CA SER E 94 -19.36 14.31 61.76
C SER E 94 -19.09 15.78 61.41
N GLY E 95 -19.23 16.66 62.41
CA GLY E 95 -19.00 18.10 62.22
C GLY E 95 -19.80 18.67 61.06
N GLN E 96 -19.17 19.58 60.32
CA GLN E 96 -19.82 20.21 59.17
C GLN E 96 -20.27 19.20 58.12
N ALA E 97 -19.52 18.11 57.95
CA ALA E 97 -19.89 17.11 56.96
C ALA E 97 -21.25 16.52 57.33
N ALA E 98 -21.46 16.25 58.63
CA ALA E 98 -22.74 15.68 59.08
C ALA E 98 -23.87 16.71 58.93
N GLU E 99 -23.60 17.97 59.27
CA GLU E 99 -24.59 19.03 59.14
C GLU E 99 -25.03 19.18 57.69
N LEU E 100 -24.05 19.28 56.78
CA LEU E 100 -24.33 19.45 55.37
C LEU E 100 -25.06 18.23 54.79
N ALA E 101 -24.64 17.04 55.16
CA ALA E 101 -25.27 15.82 54.68
C ALA E 101 -26.73 15.81 55.12
N SER E 102 -26.95 16.22 56.37
CA SER E 102 -28.32 16.29 56.91
C SER E 102 -29.16 17.27 56.09
N GLN E 103 -28.61 18.44 55.78
CA GLN E 103 -29.33 19.42 54.97
C GLN E 103 -29.64 18.86 53.59
N LEU E 104 -28.73 18.04 53.06
CA LEU E 104 -28.93 17.42 51.75
C LEU E 104 -29.82 16.16 51.79
N GLN E 105 -30.30 15.82 52.98
CA GLN E 105 -31.16 14.65 53.17
C GLN E 105 -30.47 13.31 52.86
N VAL E 106 -29.16 13.23 53.12
CA VAL E 106 -28.40 12.02 52.90
C VAL E 106 -28.85 10.93 53.87
N GLU E 107 -29.16 9.75 53.34
N GLU E 107 -29.21 9.78 53.31
CA GLU E 107 -29.58 8.65 54.20
CA GLU E 107 -29.68 8.63 54.10
C GLU E 107 -28.71 7.42 54.00
C GLU E 107 -28.87 7.37 53.91
N ASN E 108 -28.01 7.34 52.88
CA ASN E 108 -27.17 6.19 52.61
C ASN E 108 -25.86 6.65 52.04
N ILE E 109 -24.78 6.08 52.56
CA ILE E 109 -23.43 6.43 52.15
C ILE E 109 -22.71 5.18 51.68
N HIS E 110 -22.06 5.25 50.52
CA HIS E 110 -21.30 4.12 49.98
C HIS E 110 -19.87 4.54 49.72
N LEU E 111 -18.94 3.67 50.09
CA LEU E 111 -17.52 3.88 49.91
C LEU E 111 -16.84 2.58 49.46
N SER E 112 -15.91 2.70 48.52
CA SER E 112 -15.07 1.57 48.12
C SER E 112 -13.66 2.09 48.03
N ILE E 113 -12.73 1.23 48.39
CA ILE E 113 -11.32 1.54 48.41
C ILE E 113 -10.54 0.42 47.73
N SER E 114 -9.42 0.78 47.12
CA SER E 114 -8.52 -0.18 46.48
C SER E 114 -7.11 0.38 46.47
N ASP E 115 -6.11 -0.51 46.57
CA ASP E 115 -4.72 -0.10 46.44
C ASP E 115 -3.94 -1.18 45.69
N GLU E 116 -2.84 -0.78 45.09
CA GLU E 116 -1.96 -1.71 44.45
C GLU E 116 -0.62 -1.24 44.99
N ARG E 117 0.50 -1.66 44.40
CA ARG E 117 1.80 -1.31 44.96
C ARG E 117 2.10 0.17 45.17
N HIS E 118 1.76 1.00 44.19
CA HIS E 118 2.06 2.41 44.29
C HIS E 118 0.91 3.39 44.54
N TYR E 119 -0.32 2.97 44.28
CA TYR E 119 -1.46 3.85 44.42
C TYR E 119 -2.63 3.32 45.21
N ALA E 120 -3.32 4.23 45.89
CA ALA E 120 -4.51 3.91 46.64
C ALA E 120 -5.59 4.76 46.04
N MSE E 121 -6.81 4.25 45.96
CA MSE E 121 -7.88 5.08 45.46
C MSE E 121 -9.19 4.73 46.13
O MSE E 121 -9.31 3.66 46.77
CB MSE E 121 -8.03 4.99 43.94
CG MSE E 121 -8.50 3.76 43.41
SE MSE E 121 -8.49 3.72 41.41
CE MSE E 121 -9.66 2.20 41.37
N ALA E 122 -10.13 5.63 45.98
CA ALA E 122 -11.44 5.46 46.57
C ALA E 122 -12.51 6.26 45.85
N THR E 123 -13.73 5.76 45.98
CA THR E 123 -14.89 6.41 45.44
C THR E 123 -15.98 6.36 46.51
N VAL E 124 -16.74 7.45 46.60
CA VAL E 124 -17.85 7.62 47.54
C VAL E 124 -19.08 8.14 46.83
N ILE E 125 -20.23 7.60 47.20
CA ILE E 125 -21.49 8.07 46.66
C ILE E 125 -22.43 8.33 47.82
N LEU E 126 -23.08 9.48 47.81
CA LEU E 126 -24.05 9.85 48.86
C LEU E 126 -25.41 9.83 48.21
N GLU E 127 -26.40 9.20 48.85
CA GLU E 127 -27.72 9.17 48.27
C GLU E 127 -28.81 9.51 49.29
N ARG E 128 -29.90 10.06 48.78
CA ARG E 128 -31.01 10.39 49.65
C ARG E 128 -32.15 9.49 49.26
N ARG E 129 -33.22 9.51 50.03
CA ARG E 129 -34.40 8.72 49.73
C ARG E 129 -35.35 9.56 48.90
N ALA F 3 -34.50 8.61 39.78
CA ALA F 3 -34.79 7.19 40.12
C ALA F 3 -33.52 6.35 39.99
N MSE F 4 -33.39 5.64 38.87
CA MSE F 4 -32.25 4.76 38.70
C MSE F 4 -31.10 5.30 37.87
O MSE F 4 -31.19 6.29 37.15
CB MSE F 4 -32.70 3.44 38.11
CG MSE F 4 -33.13 3.47 36.67
SE MSE F 4 -33.69 1.68 36.09
CE MSE F 4 -35.32 1.51 37.17
N ILE F 5 -29.98 4.62 38.03
CA ILE F 5 -28.77 4.91 37.32
C ILE F 5 -28.94 4.41 35.91
N VAL F 6 -28.67 5.26 34.94
CA VAL F 6 -28.78 4.86 33.55
C VAL F 6 -27.43 4.69 32.87
N GLY F 7 -26.36 5.07 33.56
CA GLY F 7 -25.01 4.92 33.01
C GLY F 7 -23.93 5.27 34.00
N LEU F 8 -22.80 4.58 33.86
CA LEU F 8 -21.63 4.75 34.67
C LEU F 8 -20.42 4.70 33.75
N GLY F 9 -19.48 5.60 33.99
CA GLY F 9 -18.27 5.71 33.19
C GLY F 9 -17.09 6.06 34.06
N THR F 10 -15.91 5.52 33.73
CA THR F 10 -14.72 5.84 34.50
C THR F 10 -13.56 5.89 33.51
N ASP F 11 -12.51 6.65 33.82
CA ASP F 11 -11.37 6.73 32.93
C ASP F 11 -10.13 7.21 33.69
N ILE F 12 -8.98 6.67 33.27
CA ILE F 12 -7.68 7.07 33.83
C ILE F 12 -6.78 7.51 32.65
N ALA F 13 -6.05 8.61 32.83
CA ALA F 13 -5.18 9.14 31.79
C ALA F 13 -3.79 9.44 32.37
N GLU F 14 -2.76 9.08 31.62
CA GLU F 14 -1.38 9.30 32.02
C GLU F 14 -1.05 10.75 31.61
N ILE F 15 -0.77 11.59 32.60
CA ILE F 15 -0.53 13.01 32.36
C ILE F 15 0.62 13.30 31.41
N GLU F 16 1.73 12.57 31.57
CA GLU F 16 2.89 12.77 30.72
C GLU F 16 2.56 12.57 29.23
N ARG F 17 1.63 11.67 28.91
CA ARG F 17 1.26 11.46 27.49
C ARG F 17 0.51 12.65 26.94
N VAL F 18 -0.30 13.29 27.78
CA VAL F 18 -1.02 14.50 27.38
C VAL F 18 0.00 15.63 27.21
N GLU F 19 0.95 15.75 28.14
CA GLU F 19 1.98 16.77 28.03
C GLU F 19 2.76 16.62 26.73
N LYS F 20 3.13 15.39 26.38
CA LYS F 20 3.89 15.17 25.15
C LYS F 20 3.09 15.55 23.91
N ALA F 21 1.81 15.24 23.92
CA ALA F 21 0.94 15.57 22.81
C ALA F 21 0.86 17.08 22.66
N LEU F 22 0.77 17.81 23.79
CA LEU F 22 0.71 19.27 23.75
C LEU F 22 2.01 19.88 23.22
N ALA F 23 3.15 19.28 23.57
CA ALA F 23 4.44 19.80 23.09
C ALA F 23 4.59 19.58 21.59
N ARG F 24 3.88 18.59 21.05
CA ARG F 24 3.98 18.33 19.62
C ARG F 24 2.93 19.06 18.79
N SER F 25 1.68 18.93 19.22
CA SER F 25 0.53 19.47 18.49
C SER F 25 -0.24 20.63 19.08
N GLY F 26 0.06 20.97 20.31
CA GLY F 26 -0.53 22.10 20.99
C GLY F 26 -2.02 22.32 20.81
N GLU F 27 -2.34 23.54 20.36
CA GLU F 27 -3.74 23.95 20.18
C GLU F 27 -4.56 22.98 19.32
N ASN F 28 -3.92 22.36 18.32
CA ASN F 28 -4.65 21.41 17.48
C ASN F 28 -5.20 20.24 18.30
N PHE F 29 -4.42 19.83 19.30
CA PHE F 29 -4.85 18.76 20.18
C PHE F 29 -5.85 19.31 21.16
N ALA F 30 -5.51 20.42 21.81
CA ALA F 30 -6.39 21.00 22.82
C ALA F 30 -7.78 21.36 22.28
N ARG F 31 -7.85 21.98 21.11
N ARG F 31 -7.85 21.96 21.10
CA ARG F 31 -9.14 22.39 20.54
CA ARG F 31 -9.12 22.38 20.52
C ARG F 31 -10.03 21.24 20.12
C ARG F 31 -10.04 21.22 20.22
N ARG F 32 -9.47 20.05 19.93
CA ARG F 32 -10.28 18.89 19.61
C ARG F 32 -11.02 18.40 20.85
N ILE F 33 -10.34 18.45 21.98
CA ILE F 33 -10.90 17.98 23.23
C ILE F 33 -11.81 18.99 23.93
N LEU F 34 -11.43 20.25 23.86
CA LEU F 34 -12.13 21.32 24.55
C LEU F 34 -13.00 22.22 23.68
N THR F 35 -14.13 22.65 24.26
CA THR F 35 -15.05 23.55 23.58
C THR F 35 -14.40 24.91 23.64
N ASP F 36 -14.88 25.83 22.81
CA ASP F 36 -14.33 27.17 22.79
C ASP F 36 -14.39 27.85 24.16
N SER F 37 -15.45 27.58 24.91
CA SER F 37 -15.61 28.16 26.24
C SER F 37 -14.59 27.56 27.22
N GLU F 38 -14.34 26.26 27.13
CA GLU F 38 -13.37 25.63 28.00
C GLU F 38 -11.95 26.09 27.65
N LEU F 39 -11.70 26.41 26.38
CA LEU F 39 -10.37 26.88 25.96
C LEU F 39 -9.90 28.14 26.67
N GLU F 40 -10.81 29.03 27.01
CA GLU F 40 -10.41 30.27 27.71
C GLU F 40 -9.75 29.93 29.04
N GLN F 41 -10.36 29.00 29.79
CA GLN F 41 -9.85 28.57 31.09
C GLN F 41 -8.52 27.81 30.91
N PHE F 42 -8.46 26.96 29.89
CA PHE F 42 -7.23 26.21 29.59
C PHE F 42 -6.09 27.17 29.28
N HIS F 43 -6.36 28.15 28.43
CA HIS F 43 -5.32 29.11 28.07
C HIS F 43 -4.77 29.90 29.25
N ALA F 44 -5.58 30.11 30.28
CA ALA F 44 -5.14 30.84 31.46
C ALA F 44 -4.39 29.97 32.45
N SER F 45 -4.44 28.65 32.26
CA SER F 45 -3.75 27.75 33.17
C SER F 45 -2.23 27.77 32.99
N LYS F 46 -1.50 27.53 34.08
CA LYS F 46 -0.03 27.44 34.03
C LYS F 46 0.39 25.94 34.16
N GLN F 47 -0.60 25.05 34.11
N GLN F 47 -0.58 25.03 34.10
CA GLN F 47 -0.40 23.60 34.20
CA GLN F 47 -0.33 23.59 34.14
C GLN F 47 -1.35 22.99 33.16
C GLN F 47 -1.31 22.96 33.16
N GLN F 48 -1.18 23.41 31.91
CA GLN F 48 -2.05 22.97 30.84
C GLN F 48 -2.15 21.48 30.60
N GLY F 49 -1.04 20.75 30.69
CA GLY F 49 -1.10 19.30 30.52
C GLY F 49 -1.98 18.64 31.58
N ARG F 50 -1.82 19.08 32.82
CA ARG F 50 -2.61 18.52 33.91
C ARG F 50 -4.11 18.90 33.73
N PHE F 51 -4.35 20.16 33.38
CA PHE F 51 -5.71 20.66 33.12
C PHE F 51 -6.39 19.84 32.05
N LEU F 52 -5.67 19.61 30.93
CA LEU F 52 -6.22 18.85 29.82
C LEU F 52 -6.39 17.38 30.14
N ALA F 53 -5.45 16.78 30.89
CA ALA F 53 -5.58 15.37 31.27
C ALA F 53 -6.88 15.14 32.07
N LYS F 54 -7.16 16.05 33.00
CA LYS F 54 -8.39 15.96 33.82
C LYS F 54 -9.66 16.07 32.94
N ARG F 55 -9.67 17.00 32.00
CA ARG F 55 -10.82 17.18 31.11
C ARG F 55 -10.98 15.98 30.20
N PHE F 56 -9.87 15.44 29.70
CA PHE F 56 -9.88 14.29 28.83
C PHE F 56 -10.48 13.08 29.57
N ALA F 57 -10.03 12.84 30.79
CA ALA F 57 -10.54 11.73 31.59
C ALA F 57 -12.04 11.92 31.86
N ALA F 58 -12.43 13.12 32.27
CA ALA F 58 -13.86 13.41 32.53
C ALA F 58 -14.73 13.14 31.29
N LYS F 59 -14.30 13.60 30.13
CA LYS F 59 -15.08 13.44 28.92
C LYS F 59 -15.13 11.97 28.45
N GLU F 60 -14.01 11.25 28.56
CA GLU F 60 -14.03 9.87 28.20
C GLU F 60 -14.97 9.11 29.14
N ALA F 61 -14.91 9.43 30.43
CA ALA F 61 -15.78 8.79 31.43
C ALA F 61 -17.23 9.08 31.11
N ALA F 62 -17.53 10.33 30.78
CA ALA F 62 -18.90 10.72 30.42
C ALA F 62 -19.40 9.95 29.19
N SER F 63 -18.51 9.77 28.22
CA SER F 63 -18.86 9.10 26.97
C SER F 63 -19.20 7.63 27.20
N LYS F 64 -18.51 7.00 28.14
CA LYS F 64 -18.79 5.63 28.53
C LYS F 64 -20.11 5.53 29.32
N ALA F 65 -20.40 6.52 30.16
CA ALA F 65 -21.67 6.54 30.93
C ALA F 65 -22.83 6.57 29.94
N LEU F 66 -22.66 7.27 28.84
CA LEU F 66 -23.71 7.32 27.80
C LEU F 66 -23.86 6.01 27.07
N GLY F 67 -22.81 5.19 27.07
CA GLY F 67 -22.85 3.88 26.41
C GLY F 67 -22.32 3.86 24.99
N THR F 68 -21.76 4.97 24.51
CA THR F 68 -21.25 5.04 23.13
C THR F 68 -19.76 5.22 22.98
N GLY F 69 -19.15 5.83 23.98
CA GLY F 69 -17.74 6.16 23.88
C GLY F 69 -17.73 7.37 22.97
N ILE F 70 -16.56 7.75 22.45
CA ILE F 70 -16.48 8.91 21.56
C ILE F 70 -16.61 8.26 20.20
N ALA F 71 -17.87 8.09 19.81
CA ALA F 71 -18.24 7.41 18.59
C ALA F 71 -19.73 7.61 18.38
N GLN F 72 -20.27 7.08 17.28
CA GLN F 72 -21.70 7.20 16.97
C GLN F 72 -22.22 8.65 17.00
N GLY F 73 -21.38 9.56 16.52
CA GLY F 73 -21.74 10.98 16.47
C GLY F 73 -21.43 11.75 17.74
N VAL F 74 -21.06 11.04 18.81
CA VAL F 74 -20.70 11.69 20.07
C VAL F 74 -19.25 12.18 19.98
N THR F 75 -19.01 13.47 20.23
CA THR F 75 -17.65 14.02 20.16
C THR F 75 -17.27 14.66 21.49
N PHE F 76 -16.00 15.00 21.63
CA PHE F 76 -15.53 15.66 22.84
C PHE F 76 -16.24 16.99 23.09
N HIS F 77 -16.64 17.69 22.02
CA HIS F 77 -17.32 18.96 22.15
C HIS F 77 -18.77 18.86 22.67
N ASP F 78 -19.28 17.63 22.79
CA ASP F 78 -20.61 17.40 23.32
C ASP F 78 -20.62 17.48 24.83
N PHE F 79 -19.44 17.59 25.43
CA PHE F 79 -19.33 17.63 26.86
C PHE F 79 -18.65 18.95 27.25
N THR F 80 -19.19 19.63 28.25
CA THR F 80 -18.62 20.88 28.74
C THR F 80 -18.50 20.74 30.25
N ILE F 81 -17.28 20.90 30.74
CA ILE F 81 -17.03 20.83 32.17
C ILE F 81 -16.90 22.26 32.74
N SER F 82 -17.67 22.54 33.79
CA SER F 82 -17.64 23.82 34.45
C SER F 82 -17.51 23.53 35.96
N HIS F 83 -17.56 24.55 36.78
CA HIS F 83 -17.44 24.35 38.22
C HIS F 83 -18.38 25.26 38.98
N ASP F 84 -18.84 24.80 40.15
CA ASP F 84 -19.71 25.67 40.97
C ASP F 84 -18.77 26.54 41.81
N LYS F 85 -19.32 27.48 42.57
N LYS F 85 -19.36 27.44 42.60
CA LYS F 85 -18.48 28.39 43.36
CA LYS F 85 -18.61 28.38 43.43
C LYS F 85 -17.56 27.73 44.37
C LYS F 85 -17.67 27.77 44.45
N LEU F 86 -17.88 26.51 44.80
CA LEU F 86 -17.03 25.82 45.78
C LEU F 86 -15.96 24.95 45.12
N GLY F 87 -16.00 24.84 43.80
CA GLY F 87 -15.00 24.05 43.05
C GLY F 87 -15.49 22.68 42.58
N LYS F 88 -16.76 22.36 42.82
CA LYS F 88 -17.30 21.09 42.39
C LYS F 88 -17.42 21.08 40.86
N PRO F 89 -16.92 20.02 40.19
CA PRO F 89 -17.06 19.99 38.73
C PRO F 89 -18.48 19.63 38.29
N LEU F 90 -18.92 20.28 37.20
CA LEU F 90 -20.24 20.09 36.65
C LEU F 90 -20.12 19.71 35.17
N LEU F 91 -20.97 18.79 34.73
CA LEU F 91 -20.94 18.36 33.33
C LEU F 91 -22.24 18.71 32.62
N ILE F 92 -22.14 19.40 31.50
CA ILE F 92 -23.31 19.79 30.69
C ILE F 92 -23.13 19.20 29.30
N LEU F 93 -24.19 18.55 28.81
CA LEU F 93 -24.16 17.90 27.51
C LEU F 93 -24.78 18.72 26.40
N SER F 94 -24.30 18.48 25.19
CA SER F 94 -24.81 19.13 23.99
C SER F 94 -24.66 18.15 22.84
N GLY F 95 -25.07 18.55 21.63
CA GLY F 95 -24.99 17.71 20.46
C GLY F 95 -25.62 16.33 20.64
N GLN F 96 -25.00 15.33 20.04
CA GLN F 96 -25.51 13.95 20.11
C GLN F 96 -25.53 13.38 21.55
N ALA F 97 -24.61 13.81 22.40
CA ALA F 97 -24.57 13.33 23.79
C ALA F 97 -25.87 13.74 24.46
N ALA F 98 -26.31 14.98 24.20
CA ALA F 98 -27.56 15.51 24.78
C ALA F 98 -28.76 14.77 24.25
N GLU F 99 -28.74 14.45 22.96
N GLU F 99 -28.74 14.45 22.97
CA GLU F 99 -29.84 13.71 22.36
CA GLU F 99 -29.85 13.73 22.37
C GLU F 99 -29.91 12.32 22.99
C GLU F 99 -29.92 12.29 22.91
N LEU F 100 -28.78 11.64 23.12
CA LEU F 100 -28.77 10.28 23.68
C LEU F 100 -29.17 10.31 25.16
N ALA F 101 -28.74 11.33 25.87
CA ALA F 101 -29.09 11.48 27.28
C ALA F 101 -30.62 11.64 27.43
N SER F 102 -31.22 12.41 26.53
N SER F 102 -31.21 12.40 26.51
CA SER F 102 -32.66 12.61 26.55
CA SER F 102 -32.67 12.60 26.51
C SER F 102 -33.39 11.28 26.32
C SER F 102 -33.38 11.26 26.33
N GLN F 103 -32.89 10.47 25.39
CA GLN F 103 -33.50 9.17 25.11
C GLN F 103 -33.36 8.24 26.31
N LEU F 104 -32.31 8.41 27.10
CA LEU F 104 -32.06 7.60 28.32
C LEU F 104 -32.79 8.20 29.53
N GLN F 105 -33.45 9.34 29.32
CA GLN F 105 -34.22 10.05 30.34
C GLN F 105 -33.35 10.53 31.51
N VAL F 106 -32.13 10.93 31.17
CA VAL F 106 -31.20 11.43 32.17
C VAL F 106 -31.67 12.77 32.73
N GLU F 107 -31.74 12.88 34.05
CA GLU F 107 -32.16 14.13 34.65
C GLU F 107 -31.14 14.71 35.63
N ASN F 108 -30.19 13.89 36.07
CA ASN F 108 -29.12 14.31 36.96
C ASN F 108 -27.81 13.67 36.50
N ILE F 109 -26.76 14.48 36.47
CA ILE F 109 -25.44 14.05 36.05
C ILE F 109 -24.44 14.34 37.17
N HIS F 110 -23.61 13.37 37.50
CA HIS F 110 -22.62 13.54 38.58
C HIS F 110 -21.25 13.19 37.99
N LEU F 111 -20.28 14.03 38.33
CA LEU F 111 -18.91 13.91 37.90
C LEU F 111 -17.94 14.17 39.04
N SER F 112 -16.89 13.35 39.14
CA SER F 112 -15.83 13.62 40.10
C SER F 112 -14.52 13.37 39.35
N ILE F 113 -13.51 14.17 39.70
CA ILE F 113 -12.19 14.18 39.10
C ILE F 113 -11.10 14.21 40.16
N SER F 114 -9.98 13.54 39.88
CA SER F 114 -8.84 13.55 40.79
C SER F 114 -7.56 13.39 39.98
N ASP F 115 -6.49 14.01 40.41
CA ASP F 115 -5.20 13.75 39.75
C ASP F 115 -4.11 13.70 40.78
N GLU F 116 -3.04 12.99 40.48
CA GLU F 116 -1.92 12.98 41.39
C GLU F 116 -0.74 13.30 40.48
N ARG F 117 0.48 13.05 40.88
CA ARG F 117 1.61 13.43 40.03
C ARG F 117 1.57 12.92 38.58
N HIS F 118 1.23 11.66 38.40
CA HIS F 118 1.27 11.07 37.08
C HIS F 118 -0.02 10.72 36.39
N TYR F 119 -1.09 10.60 37.15
CA TYR F 119 -2.37 10.19 36.59
C TYR F 119 -3.55 11.08 36.95
N ALA F 120 -4.47 11.19 36.02
CA ALA F 120 -5.70 11.92 36.20
C ALA F 120 -6.78 10.90 36.01
N MSE F 121 -7.83 10.99 36.80
CA MSE F 121 -8.95 10.10 36.62
C MSE F 121 -10.30 10.77 36.88
O MSE F 121 -10.39 11.82 37.51
CB MSE F 121 -8.78 8.83 37.43
CG MSE F 121 -8.88 8.95 38.86
SE MSE F 121 -8.62 7.17 39.76
CE MSE F 121 -9.50 7.89 41.30
N ALA F 122 -11.36 10.12 36.41
CA ALA F 122 -12.70 10.65 36.60
C ALA F 122 -13.73 9.55 36.54
N THR F 123 -14.86 9.81 37.19
CA THR F 123 -16.00 8.92 37.20
C THR F 123 -17.24 9.80 36.98
N VAL F 124 -18.17 9.28 36.16
CA VAL F 124 -19.42 9.92 35.84
C VAL F 124 -20.59 8.96 36.05
N ILE F 125 -21.65 9.44 36.68
CA ILE F 125 -22.88 8.67 36.84
C ILE F 125 -24.03 9.49 36.25
N LEU F 126 -24.87 8.84 35.45
CA LEU F 126 -26.07 9.48 34.87
C LEU F 126 -27.26 8.81 35.51
N GLU F 127 -28.21 9.63 36.00
N GLU F 127 -28.22 9.59 36.03
CA GLU F 127 -29.37 9.10 36.69
CA GLU F 127 -29.38 9.00 36.64
C GLU F 127 -30.67 9.65 36.09
C GLU F 127 -30.65 9.64 36.10
N ARG F 128 -31.72 8.85 36.06
CA ARG F 128 -33.01 9.31 35.56
C ARG F 128 -33.92 9.68 36.72
N ALA G 3 42.84 7.37 85.08
CA ALA G 3 41.57 7.27 84.32
C ALA G 3 41.74 6.40 83.07
N MSE G 4 41.33 5.14 83.17
CA MSE G 4 41.44 4.16 82.11
C MSE G 4 40.15 4.04 81.30
O MSE G 4 39.06 4.28 81.81
CB MSE G 4 41.72 2.80 82.79
CG MSE G 4 42.03 1.65 81.86
SE MSE G 4 42.11 -0.03 82.83
CE MSE G 4 43.35 0.51 84.24
N ILE G 5 40.27 3.68 80.04
CA ILE G 5 39.09 3.51 79.18
C ILE G 5 38.47 2.16 79.47
N VAL G 6 37.17 2.12 79.72
CA VAL G 6 36.52 0.86 80.03
C VAL G 6 35.84 0.27 78.81
N GLY G 7 35.55 1.09 77.82
CA GLY G 7 34.90 0.57 76.65
C GLY G 7 34.85 1.61 75.55
N LEU G 8 34.82 1.09 74.34
CA LEU G 8 34.76 1.88 73.13
C LEU G 8 33.67 1.27 72.24
N GLY G 9 32.90 2.12 71.61
CA GLY G 9 31.83 1.67 70.72
C GLY G 9 31.62 2.63 69.56
N THR G 10 31.29 2.06 68.40
CA THR G 10 31.06 2.85 67.23
C THR G 10 29.92 2.22 66.46
N ASP G 11 29.21 3.03 65.67
CA ASP G 11 28.10 2.51 64.91
C ASP G 11 27.77 3.42 63.73
N ILE G 12 27.34 2.80 62.63
CA ILE G 12 26.93 3.54 61.43
C ILE G 12 25.53 3.04 61.07
N ALA G 13 24.62 3.96 60.76
CA ALA G 13 23.25 3.58 60.41
C ALA G 13 22.83 4.20 59.09
N GLU G 14 22.18 3.41 58.23
CA GLU G 14 21.71 3.92 56.96
C GLU G 14 20.36 4.61 57.24
N ILE G 15 20.33 5.91 57.01
CA ILE G 15 19.13 6.71 57.32
C ILE G 15 17.85 6.24 56.60
N GLU G 16 17.98 5.86 55.34
CA GLU G 16 16.84 5.42 54.58
C GLU G 16 16.14 4.21 55.18
N ARG G 17 16.89 3.29 55.78
CA ARG G 17 16.27 2.12 56.43
C ARG G 17 15.41 2.47 57.65
N VAL G 18 15.83 3.51 58.36
CA VAL G 18 15.12 3.99 59.53
C VAL G 18 13.85 4.68 59.04
N GLU G 19 13.98 5.46 57.97
CA GLU G 19 12.82 6.14 57.40
C GLU G 19 11.79 5.11 56.95
N LYS G 20 12.23 4.10 56.21
CA LYS G 20 11.34 3.06 55.78
C LYS G 20 10.65 2.34 56.95
N ALA G 21 11.39 2.08 58.03
CA ALA G 21 10.82 1.40 59.19
C ALA G 21 9.72 2.28 59.81
N LEU G 22 9.94 3.59 59.90
CA LEU G 22 8.93 4.51 60.44
C LEU G 22 7.67 4.59 59.57
N ALA G 23 7.86 4.58 58.26
CA ALA G 23 6.73 4.62 57.34
C ALA G 23 5.87 3.35 57.50
N ARG G 24 6.49 2.25 57.91
CA ARG G 24 5.74 1.01 58.09
C ARG G 24 5.19 0.79 59.50
N SER G 25 6.03 0.99 60.51
CA SER G 25 5.67 0.72 61.91
C SER G 25 5.54 1.90 62.84
N GLY G 26 5.95 3.07 62.36
CA GLY G 26 5.85 4.31 63.08
C GLY G 26 6.19 4.30 64.55
N GLU G 27 5.24 4.71 65.37
CA GLU G 27 5.42 4.78 66.82
C GLU G 27 5.89 3.51 67.47
N ASN G 28 5.38 2.37 67.01
CA ASN G 28 5.80 1.09 67.57
C ASN G 28 7.31 0.90 67.41
N PHE G 29 7.87 1.37 66.29
CA PHE G 29 9.30 1.27 66.09
C PHE G 29 10.01 2.35 66.91
N ALA G 30 9.54 3.60 66.83
CA ALA G 30 10.19 4.70 67.58
C ALA G 30 10.24 4.46 69.10
N ARG G 31 9.14 3.95 69.68
CA ARG G 31 9.11 3.69 71.14
C ARG G 31 10.02 2.57 71.61
N ARG G 32 10.42 1.71 70.69
CA ARG G 32 11.30 0.62 71.04
C ARG G 32 12.71 1.15 71.21
N ILE G 33 13.01 2.22 70.50
CA ILE G 33 14.34 2.83 70.55
C ILE G 33 14.43 3.96 71.54
N LEU G 34 13.37 4.78 71.59
CA LEU G 34 13.36 5.96 72.43
C LEU G 34 12.63 5.85 73.77
N THR G 35 13.16 6.53 74.78
CA THR G 35 12.51 6.55 76.09
C THR G 35 11.39 7.55 75.96
N ASP G 36 10.44 7.50 76.88
CA ASP G 36 9.33 8.45 76.85
C ASP G 36 9.81 9.89 76.85
N SER G 37 10.92 10.15 77.54
CA SER G 37 11.49 11.49 77.59
C SER G 37 11.94 11.93 76.21
N GLU G 38 12.66 11.03 75.54
CA GLU G 38 13.17 11.27 74.20
C GLU G 38 12.07 11.41 73.15
N LEU G 39 10.96 10.70 73.35
CA LEU G 39 9.83 10.77 72.42
C LEU G 39 9.31 12.20 72.27
N GLU G 40 9.35 12.98 73.35
CA GLU G 40 8.88 14.36 73.30
C GLU G 40 9.62 15.15 72.22
N GLN G 41 10.95 15.00 72.17
CA GLN G 41 11.77 15.71 71.20
C GLN G 41 11.55 15.12 69.80
N PHE G 42 11.43 13.81 69.75
CA PHE G 42 11.21 13.09 68.51
C PHE G 42 9.92 13.57 67.87
N HIS G 43 8.83 13.60 68.64
CA HIS G 43 7.56 14.04 68.08
C HIS G 43 7.56 15.48 67.57
N ALA G 44 8.44 16.32 68.09
CA ALA G 44 8.49 17.71 67.66
C ALA G 44 9.35 17.89 66.42
N SER G 45 10.15 16.88 66.07
CA SER G 45 11.01 16.98 64.89
C SER G 45 10.24 16.92 63.57
N LYS G 46 10.79 17.59 62.55
CA LYS G 46 10.23 17.59 61.21
C LYS G 46 11.06 16.67 60.30
N GLN G 47 12.05 16.02 60.91
N GLN G 47 12.02 15.96 60.88
CA GLN G 47 12.97 15.08 60.26
CA GLN G 47 12.85 15.01 60.14
C GLN G 47 13.10 13.91 61.21
C GLN G 47 13.10 13.87 61.11
N GLN G 48 12.00 13.24 61.49
CA GLN G 48 12.00 12.14 62.44
C GLN G 48 12.90 10.97 62.12
N GLY G 49 12.99 10.58 60.85
CA GLY G 49 13.88 9.48 60.48
C GLY G 49 15.33 9.80 60.74
N ARG G 50 15.75 11.03 60.41
CA ARG G 50 17.13 11.47 60.62
C ARG G 50 17.38 11.55 62.13
N PHE G 51 16.41 12.07 62.86
CA PHE G 51 16.49 12.19 64.32
C PHE G 51 16.71 10.80 64.93
N LEU G 52 15.85 9.85 64.55
CA LEU G 52 15.94 8.52 65.10
C LEU G 52 17.20 7.75 64.70
N ALA G 53 17.66 7.95 63.47
CA ALA G 53 18.87 7.29 62.97
C ALA G 53 20.07 7.69 63.82
N LYS G 54 20.16 8.96 64.19
CA LYS G 54 21.26 9.42 65.06
C LYS G 54 21.18 8.79 66.45
N ARG G 55 19.96 8.69 67.00
CA ARG G 55 19.78 8.10 68.33
C ARG G 55 20.07 6.60 68.26
N PHE G 56 19.65 5.97 67.18
CA PHE G 56 19.86 4.55 66.99
C PHE G 56 21.37 4.27 66.95
N ALA G 57 22.11 5.09 66.21
CA ALA G 57 23.54 4.92 66.12
C ALA G 57 24.22 5.17 67.48
N ALA G 58 23.82 6.23 68.17
CA ALA G 58 24.40 6.55 69.47
C ALA G 58 24.19 5.42 70.49
N LYS G 59 22.97 4.88 70.54
CA LYS G 59 22.65 3.81 71.48
C LYS G 59 23.39 2.52 71.16
N GLU G 60 23.43 2.14 69.88
CA GLU G 60 24.18 0.94 69.54
C GLU G 60 25.66 1.13 69.88
N ALA G 61 26.22 2.32 69.62
CA ALA G 61 27.62 2.56 69.97
C ALA G 61 27.80 2.44 71.48
N ALA G 62 26.86 3.02 72.23
CA ALA G 62 26.90 2.97 73.69
C ALA G 62 26.81 1.52 74.19
N SER G 63 25.96 0.71 73.57
CA SER G 63 25.81 -0.68 74.00
C SER G 63 27.08 -1.48 73.74
N LYS G 64 27.84 -1.11 72.70
CA LYS G 64 29.11 -1.78 72.39
C LYS G 64 30.23 -1.34 73.34
N ALA G 65 30.20 -0.06 73.74
CA ALA G 65 31.19 0.46 74.69
C ALA G 65 31.06 -0.27 76.02
N LEU G 66 29.83 -0.65 76.35
CA LEU G 66 29.51 -1.36 77.58
C LEU G 66 30.01 -2.80 77.52
N GLY G 67 30.15 -3.35 76.32
CA GLY G 67 30.65 -4.72 76.13
C GLY G 67 29.59 -5.77 75.96
N THR G 68 28.32 -5.35 75.94
CA THR G 68 27.20 -6.27 75.82
C THR G 68 26.36 -6.19 74.56
N GLY G 69 26.33 -5.00 73.94
CA GLY G 69 25.47 -4.81 72.80
C GLY G 69 24.08 -4.71 73.42
N ILE G 70 23.06 -4.82 72.59
CA ILE G 70 21.69 -4.78 73.06
C ILE G 70 21.35 -6.23 73.30
N ALA G 71 21.70 -6.68 74.50
CA ALA G 71 21.50 -8.05 74.90
C ALA G 71 21.90 -8.13 76.37
N GLN G 72 21.78 -9.31 76.96
CA GLN G 72 22.13 -9.51 78.38
C GLN G 72 21.32 -8.59 79.31
N GLY G 73 20.11 -8.23 78.89
CA GLY G 73 19.24 -7.36 79.68
C GLY G 73 19.36 -5.89 79.35
N VAL G 74 20.37 -5.53 78.56
CA VAL G 74 20.60 -4.15 78.17
C VAL G 74 19.70 -3.86 76.97
N THR G 75 18.89 -2.81 77.08
CA THR G 75 17.93 -2.45 76.06
C THR G 75 18.15 -1.02 75.59
N PHE G 76 17.50 -0.66 74.49
CA PHE G 76 17.59 0.70 73.99
C PHE G 76 17.12 1.73 75.02
N HIS G 77 16.22 1.34 75.93
CA HIS G 77 15.72 2.27 76.94
C HIS G 77 16.72 2.55 78.06
N ASP G 78 17.81 1.81 78.12
CA ASP G 78 18.85 2.04 79.13
C ASP G 78 19.75 3.22 78.77
N PHE G 79 19.52 3.84 77.61
CA PHE G 79 20.34 4.96 77.16
C PHE G 79 19.48 6.15 76.83
N THR G 80 19.83 7.30 77.36
CA THR G 80 19.07 8.51 77.08
C THR G 80 20.03 9.53 76.52
N ILE G 81 19.72 10.08 75.35
CA ILE G 81 20.58 11.10 74.79
C ILE G 81 19.96 12.46 75.05
N SER G 82 20.76 13.37 75.58
CA SER G 82 20.32 14.75 75.82
C SER G 82 21.41 15.66 75.26
N HIS G 83 21.25 16.99 75.42
CA HIS G 83 22.22 17.96 74.92
C HIS G 83 22.49 19.07 75.91
N ASP G 84 23.71 19.61 75.87
CA ASP G 84 24.03 20.72 76.75
C ASP G 84 23.64 22.00 75.99
N LYS G 85 23.81 23.14 76.65
CA LYS G 85 23.42 24.43 76.08
C LYS G 85 24.09 24.77 74.75
N LEU G 86 25.24 24.20 74.46
CA LEU G 86 25.93 24.49 73.21
C LEU G 86 25.59 23.45 72.13
N GLY G 87 24.84 22.42 72.50
CA GLY G 87 24.47 21.39 71.52
C GLY G 87 25.26 20.10 71.59
N LYS G 88 26.21 20.01 72.52
CA LYS G 88 27.01 18.82 72.67
C LYS G 88 26.10 17.68 73.13
N PRO G 89 26.18 16.50 72.49
CA PRO G 89 25.32 15.40 72.92
C PRO G 89 25.83 14.77 74.21
N LEU G 90 24.90 14.36 75.07
CA LEU G 90 25.21 13.76 76.37
C LEU G 90 24.48 12.43 76.52
N LEU G 91 25.14 11.46 77.14
CA LEU G 91 24.58 10.14 77.35
C LEU G 91 24.46 9.78 78.83
N ILE G 92 23.26 9.40 79.25
CA ILE G 92 22.99 8.99 80.64
C ILE G 92 22.40 7.58 80.60
N LEU G 93 22.94 6.71 81.44
CA LEU G 93 22.51 5.32 81.49
C LEU G 93 21.46 5.06 82.56
N SER G 94 20.67 4.02 82.32
CA SER G 94 19.63 3.62 83.25
C SER G 94 19.45 2.13 83.10
N GLY G 95 18.64 1.54 83.96
CA GLY G 95 18.38 0.10 83.89
C GLY G 95 19.62 -0.74 84.04
N GLN G 96 19.70 -1.82 83.26
CA GLN G 96 20.83 -2.74 83.32
C GLN G 96 22.14 -2.12 82.85
N ALA G 97 22.06 -1.15 81.94
CA ALA G 97 23.27 -0.48 81.45
C ALA G 97 23.93 0.24 82.62
N ALA G 98 23.12 0.99 83.38
CA ALA G 98 23.60 1.76 84.53
C ALA G 98 24.19 0.85 85.59
N GLU G 99 23.59 -0.32 85.76
CA GLU G 99 24.09 -1.26 86.74
C GLU G 99 25.41 -1.89 86.31
N LEU G 100 25.53 -2.27 85.04
CA LEU G 100 26.80 -2.82 84.54
C LEU G 100 27.90 -1.77 84.55
N ALA G 101 27.55 -0.55 84.16
CA ALA G 101 28.49 0.57 84.13
C ALA G 101 28.98 0.87 85.55
N SER G 102 28.08 0.74 86.52
CA SER G 102 28.40 0.99 87.91
C SER G 102 29.42 -0.06 88.34
N GLN G 103 29.19 -1.30 87.93
CA GLN G 103 30.09 -2.40 88.24
C GLN G 103 31.43 -2.24 87.53
N LEU G 104 31.45 -1.57 86.38
CA LEU G 104 32.71 -1.35 85.66
C LEU G 104 33.44 -0.10 86.14
N GLN G 105 32.89 0.58 87.15
CA GLN G 105 33.50 1.77 87.72
C GLN G 105 33.51 2.97 86.74
N VAL G 106 32.54 3.02 85.83
CA VAL G 106 32.49 4.12 84.87
C VAL G 106 32.11 5.47 85.52
N GLU G 107 32.94 6.49 85.35
CA GLU G 107 32.62 7.82 85.90
C GLU G 107 32.43 8.92 84.87
N ASN G 108 32.97 8.72 83.67
N ASN G 108 32.96 8.73 83.66
CA ASN G 108 32.82 9.70 82.61
CA ASN G 108 32.81 9.75 82.63
C ASN G 108 32.39 9.05 81.31
C ASN G 108 32.41 9.08 81.31
N ILE G 109 31.38 9.63 80.66
CA ILE G 109 30.87 9.11 79.40
C ILE G 109 31.01 10.16 78.31
N HIS G 110 31.54 9.75 77.15
CA HIS G 110 31.72 10.66 76.04
C HIS G 110 31.03 10.08 74.82
N LEU G 111 30.32 10.95 74.11
CA LEU G 111 29.58 10.60 72.90
C LEU G 111 29.72 11.68 71.85
N SER G 112 29.86 11.27 70.59
CA SER G 112 29.87 12.21 69.48
C SER G 112 29.06 11.55 68.38
N ILE G 113 28.29 12.38 67.69
CA ILE G 113 27.40 11.97 66.62
C ILE G 113 27.63 12.85 65.38
N SER G 114 27.38 12.28 64.21
CA SER G 114 27.51 13.02 62.96
C SER G 114 26.62 12.36 61.92
N ASP G 115 26.05 13.16 61.01
CA ASP G 115 25.29 12.55 59.94
C ASP G 115 25.52 13.31 58.64
N GLU G 116 25.37 12.62 57.54
CA GLU G 116 25.48 13.27 56.25
C GLU G 116 24.17 12.88 55.56
N ARG G 117 24.01 13.09 54.26
CA ARG G 117 22.74 12.79 53.63
C ARG G 117 22.20 11.39 53.83
N HIS G 118 23.07 10.39 53.77
CA HIS G 118 22.61 9.02 53.84
C HIS G 118 22.96 8.20 55.06
N TYR G 119 23.93 8.66 55.85
CA TYR G 119 24.37 7.91 57.01
C TYR G 119 24.50 8.72 58.27
N ALA G 120 24.24 8.07 59.39
CA ALA G 120 24.43 8.68 60.69
C ALA G 120 25.41 7.78 61.38
N MSE G 121 26.28 8.36 62.19
CA MSE G 121 27.23 7.56 62.94
C MSE G 121 27.50 8.20 64.30
O MSE G 121 27.22 9.37 64.54
CB MSE G 121 28.54 7.30 62.20
CG MSE G 121 29.40 8.47 61.99
SE MSE G 121 30.97 8.01 60.91
CE MSE G 121 31.90 9.61 61.46
N ALA G 122 28.01 7.36 65.18
CA ALA G 122 28.32 7.79 66.54
C ALA G 122 29.44 6.95 67.11
N THR G 123 30.14 7.52 68.08
CA THR G 123 31.21 6.88 68.81
C THR G 123 31.01 7.24 70.27
N VAL G 124 31.26 6.27 71.15
CA VAL G 124 31.14 6.42 72.58
C VAL G 124 32.35 5.85 73.27
N ILE G 125 32.82 6.53 74.31
CA ILE G 125 33.93 6.06 75.13
C ILE G 125 33.48 6.16 76.58
N LEU G 126 33.68 5.08 77.35
CA LEU G 126 33.33 5.05 78.78
C LEU G 126 34.69 5.01 79.47
N GLU G 127 34.89 5.82 80.50
N GLU G 127 34.87 5.79 80.53
CA GLU G 127 36.16 5.84 81.21
CA GLU G 127 36.16 5.85 81.19
C GLU G 127 36.00 5.76 82.73
C GLU G 127 36.02 5.80 82.72
N ARG G 128 37.00 5.19 83.38
CA ARG G 128 37.02 5.07 84.84
C ARG G 128 37.69 6.30 85.41
N ALA H 3 48.09 7.10 83.19
CA ALA H 3 47.48 6.45 82.01
C ALA H 3 47.08 7.51 81.01
N MSE H 4 47.35 7.26 79.73
CA MSE H 4 46.99 8.20 78.70
C MSE H 4 46.92 7.47 77.36
O MSE H 4 47.44 6.36 77.21
CB MSE H 4 48.01 9.31 78.59
CG MSE H 4 49.34 8.89 78.06
SE MSE H 4 50.56 10.41 78.01
CE MSE H 4 52.12 9.53 77.20
N ILE H 5 46.31 8.14 76.40
CA ILE H 5 46.14 7.61 75.08
C ILE H 5 47.44 7.73 74.29
N VAL H 6 47.90 6.61 73.75
CA VAL H 6 49.10 6.55 72.94
C VAL H 6 48.78 6.62 71.44
N GLY H 7 47.57 6.26 71.05
CA GLY H 7 47.24 6.34 69.64
C GLY H 7 45.79 6.11 69.40
N LEU H 8 45.32 6.67 68.28
CA LEU H 8 43.96 6.57 67.84
C LEU H 8 43.99 6.31 66.34
N GLY H 9 43.12 5.41 65.89
CA GLY H 9 43.01 5.05 64.50
C GLY H 9 41.57 4.78 64.09
N THR H 10 41.24 5.13 62.85
CA THR H 10 39.90 4.91 62.37
C THR H 10 40.00 4.53 60.90
N ASP H 11 39.01 3.82 60.39
CA ASP H 11 39.02 3.45 58.98
C ASP H 11 37.65 3.06 58.50
N ILE H 12 37.39 3.33 57.22
CA ILE H 12 36.14 2.96 56.60
C ILE H 12 36.51 2.20 55.33
N ALA H 13 35.78 1.13 55.06
CA ALA H 13 36.01 0.26 53.90
C ALA H 13 34.72 -0.03 53.14
N GLU H 14 34.78 0.07 51.81
CA GLU H 14 33.62 -0.19 50.98
C GLU H 14 33.55 -1.73 50.82
N ILE H 15 32.48 -2.33 51.29
CA ILE H 15 32.36 -3.80 51.26
C ILE H 15 32.40 -4.42 49.85
N GLU H 16 31.74 -3.78 48.88
N GLU H 16 31.72 -3.80 48.88
CA GLU H 16 31.70 -4.30 47.52
CA GLU H 16 31.70 -4.37 47.53
C GLU H 16 33.09 -4.49 46.93
C GLU H 16 33.09 -4.47 46.89
N ARG H 17 34.00 -3.55 47.22
CA ARG H 17 35.36 -3.61 46.71
C ARG H 17 36.08 -4.84 47.23
N VAL H 18 35.84 -5.17 48.50
CA VAL H 18 36.44 -6.36 49.10
C VAL H 18 35.84 -7.62 48.47
N GLU H 19 34.52 -7.63 48.27
CA GLU H 19 33.84 -8.78 47.62
C GLU H 19 34.39 -8.98 46.21
N LYS H 20 34.59 -7.91 45.46
CA LYS H 20 35.15 -8.03 44.12
C LYS H 20 36.57 -8.61 44.11
N ALA H 21 37.37 -8.19 45.09
CA ALA H 21 38.75 -8.65 45.23
C ALA H 21 38.73 -10.15 45.55
N LEU H 22 37.82 -10.60 46.41
CA LEU H 22 37.72 -12.04 46.74
C LEU H 22 37.31 -12.84 45.50
N ALA H 23 36.39 -12.30 44.70
CA ALA H 23 35.93 -13.01 43.49
C ALA H 23 37.04 -13.19 42.46
N ARG H 24 38.01 -12.29 42.47
CA ARG H 24 39.10 -12.33 41.54
C ARG H 24 40.33 -13.06 42.07
N SER H 25 40.77 -12.71 43.28
CA SER H 25 41.98 -13.30 43.87
C SER H 25 41.82 -14.25 45.03
N GLY H 26 40.61 -14.31 45.57
CA GLY H 26 40.32 -15.23 46.65
C GLY H 26 41.27 -15.33 47.82
N GLU H 27 41.71 -16.56 48.07
CA GLU H 27 42.59 -16.89 49.18
C GLU H 27 43.88 -16.07 49.17
N ASN H 28 44.43 -15.81 47.99
CA ASN H 28 45.65 -15.00 47.91
C ASN H 28 45.43 -13.60 48.49
N PHE H 29 44.24 -13.05 48.28
CA PHE H 29 43.92 -11.75 48.84
C PHE H 29 43.60 -11.90 50.32
N ALA H 30 42.77 -12.87 50.67
CA ALA H 30 42.38 -13.07 52.06
C ALA H 30 43.60 -13.36 52.96
N ARG H 31 44.52 -14.18 52.46
CA ARG H 31 45.74 -14.51 53.21
C ARG H 31 46.66 -13.34 53.45
N ARG H 32 46.58 -12.31 52.61
CA ARG H 32 47.41 -11.14 52.82
C ARG H 32 46.92 -10.39 54.07
N ILE H 33 45.61 -10.41 54.29
CA ILE H 33 45.01 -9.70 55.40
C ILE H 33 44.87 -10.48 56.72
N LEU H 34 44.56 -11.77 56.63
CA LEU H 34 44.32 -12.59 57.82
C LEU H 34 45.45 -13.54 58.17
N THR H 35 45.63 -13.75 59.47
CA THR H 35 46.64 -14.65 59.99
C THR H 35 46.05 -16.03 59.80
N ASP H 36 46.86 -17.08 59.91
CA ASP H 36 46.35 -18.42 59.75
C ASP H 36 45.26 -18.77 60.76
N SER H 37 45.33 -18.24 61.95
CA SER H 37 44.31 -18.54 62.95
C SER H 37 42.97 -17.93 62.54
N GLU H 38 43.02 -16.71 62.03
CA GLU H 38 41.81 -16.01 61.60
C GLU H 38 41.18 -16.65 60.37
N LEU H 39 41.99 -17.32 59.55
CA LEU H 39 41.46 -17.97 58.34
C LEU H 39 40.43 -19.06 58.62
N GLU H 40 40.56 -19.72 59.76
N GLU H 40 40.56 -19.72 59.76
CA GLU H 40 39.63 -20.78 60.15
CA GLU H 40 39.61 -20.76 60.16
C GLU H 40 38.21 -20.21 60.29
C GLU H 40 38.21 -20.19 60.27
N GLN H 41 38.11 -19.06 60.95
CA GLN H 41 36.84 -18.38 61.15
C GLN H 41 36.33 -17.85 59.80
N PHE H 42 37.24 -17.29 59.01
CA PHE H 42 36.93 -16.75 57.69
C PHE H 42 36.35 -17.84 56.80
N HIS H 43 36.99 -19.01 56.81
CA HIS H 43 36.52 -20.11 55.96
C HIS H 43 35.16 -20.65 56.30
N ALA H 44 34.78 -20.56 57.57
CA ALA H 44 33.49 -21.03 58.02
C ALA H 44 32.39 -20.02 57.75
N SER H 45 32.76 -18.78 57.43
CA SER H 45 31.76 -17.76 57.16
C SER H 45 31.04 -17.99 55.84
N LYS H 46 29.77 -17.59 55.81
CA LYS H 46 28.95 -17.66 54.60
C LYS H 46 28.77 -16.23 54.03
N GLN H 47 29.47 -15.27 54.61
CA GLN H 47 29.44 -13.87 54.16
C GLN H 47 30.89 -13.42 54.25
N GLN H 48 31.75 -14.12 53.52
CA GLN H 48 33.20 -13.87 53.58
C GLN H 48 33.67 -12.45 53.24
N GLY H 49 33.05 -11.81 52.25
CA GLY H 49 33.43 -10.45 51.91
C GLY H 49 33.16 -9.48 53.05
N ARG H 50 32.01 -9.63 53.69
CA ARG H 50 31.65 -8.76 54.81
C ARG H 50 32.58 -9.01 55.98
N PHE H 51 32.87 -10.29 56.24
CA PHE H 51 33.78 -10.72 57.30
C PHE H 51 35.14 -10.05 57.12
N LEU H 52 35.67 -10.17 55.91
CA LEU H 52 36.97 -9.61 55.56
C LEU H 52 36.99 -8.08 55.55
N ALA H 53 35.93 -7.45 55.08
CA ALA H 53 35.87 -5.98 55.08
C ALA H 53 36.00 -5.45 56.53
N LYS H 54 35.35 -6.14 57.47
CA LYS H 54 35.46 -5.75 58.90
C LYS H 54 36.87 -5.91 59.45
N ARG H 55 37.53 -7.02 59.14
N ARG H 55 37.53 -7.01 59.11
CA ARG H 55 38.89 -7.25 59.62
CA ARG H 55 38.89 -7.26 59.57
C ARG H 55 39.84 -6.26 58.97
C ARG H 55 39.81 -6.22 58.97
N PHE H 56 39.61 -5.96 57.68
CA PHE H 56 40.44 -5.00 56.97
C PHE H 56 40.38 -3.62 57.64
N ALA H 57 39.17 -3.16 57.94
CA ALA H 57 39.00 -1.87 58.56
C ALA H 57 39.61 -1.84 59.95
N ALA H 58 39.39 -2.91 60.74
CA ALA H 58 39.95 -3.00 62.09
C ALA H 58 41.47 -2.94 62.08
N LYS H 59 42.08 -3.70 61.18
CA LYS H 59 43.54 -3.75 61.09
C LYS H 59 44.12 -2.43 60.59
N GLU H 60 43.47 -1.81 59.60
CA GLU H 60 43.96 -0.49 59.16
C GLU H 60 43.85 0.55 60.28
N ALA H 61 42.76 0.54 61.02
CA ALA H 61 42.54 1.46 62.13
C ALA H 61 43.63 1.23 63.19
N ALA H 62 43.92 -0.04 63.47
CA ALA H 62 44.95 -0.39 64.48
C ALA H 62 46.34 0.10 64.05
N SER H 63 46.68 -0.03 62.76
CA SER H 63 47.99 0.40 62.27
C SER H 63 48.11 1.91 62.38
N LYS H 64 47.00 2.63 62.23
CA LYS H 64 47.01 4.07 62.36
C LYS H 64 47.16 4.47 63.82
N ALA H 65 46.54 3.71 64.72
CA ALA H 65 46.67 3.98 66.16
C ALA H 65 48.14 3.79 66.61
N LEU H 66 48.86 2.89 65.96
N LEU H 66 48.85 2.89 65.93
CA LEU H 66 50.28 2.68 66.31
CA LEU H 66 50.25 2.61 66.23
C LEU H 66 51.13 3.85 65.80
C LEU H 66 51.17 3.72 65.67
N GLY H 67 50.63 4.52 64.78
CA GLY H 67 51.36 5.66 64.17
C GLY H 67 52.20 5.36 62.94
N THR H 68 52.14 4.12 62.48
CA THR H 68 52.93 3.68 61.32
C THR H 68 52.15 3.35 60.06
N GLY H 69 50.88 2.99 60.23
CA GLY H 69 50.10 2.52 59.11
C GLY H 69 50.70 1.16 58.78
N ILE H 70 50.33 0.56 57.64
CA ILE H 70 50.87 -0.74 57.24
C ILE H 70 52.15 -0.40 56.50
N ALA H 71 53.21 -0.26 57.27
CA ALA H 71 54.49 0.15 56.77
C ALA H 71 55.47 0.07 57.94
N GLN H 72 56.73 0.37 57.67
CA GLN H 72 57.76 0.37 58.70
C GLN H 72 57.84 -0.99 59.39
N GLY H 73 57.65 -2.05 58.60
CA GLY H 73 57.69 -3.43 59.09
C GLY H 73 56.39 -3.92 59.70
N VAL H 74 55.40 -3.04 59.88
CA VAL H 74 54.12 -3.41 60.46
C VAL H 74 53.26 -3.95 59.31
N THR H 75 52.83 -5.21 59.44
CA THR H 75 52.01 -5.87 58.41
C THR H 75 50.64 -6.25 58.96
N PHE H 76 49.72 -6.62 58.07
CA PHE H 76 48.41 -7.03 58.53
C PHE H 76 48.52 -8.26 59.44
N HIS H 77 49.55 -9.07 59.29
CA HIS H 77 49.65 -10.24 60.15
C HIS H 77 50.03 -9.92 61.61
N ASP H 78 50.41 -8.66 61.87
CA ASP H 78 50.76 -8.21 63.24
C ASP H 78 49.54 -7.96 64.09
N PHE H 79 48.36 -8.11 63.48
CA PHE H 79 47.13 -7.88 64.17
C PHE H 79 46.25 -9.12 64.06
N THR H 80 45.64 -9.48 65.17
CA THR H 80 44.75 -10.62 65.25
C THR H 80 43.49 -10.15 65.95
N ILE H 81 42.35 -10.36 65.33
CA ILE H 81 41.11 -9.99 65.95
C ILE H 81 40.41 -11.25 66.46
N SER H 82 39.93 -11.20 67.70
CA SER H 82 39.20 -12.30 68.31
C SER H 82 37.98 -11.66 68.97
N HIS H 83 37.21 -12.45 69.72
CA HIS H 83 36.00 -11.96 70.40
C HIS H 83 35.80 -12.61 71.75
N ASP H 84 35.15 -11.89 72.66
CA ASP H 84 34.88 -12.45 73.95
C ASP H 84 33.55 -13.18 73.86
N LYS H 85 33.15 -13.84 74.94
N LYS H 85 33.15 -13.84 74.95
CA LYS H 85 31.91 -14.60 74.98
CA LYS H 85 31.92 -14.61 75.00
C LYS H 85 30.66 -13.79 74.61
C LYS H 85 30.67 -13.80 74.61
N LEU H 86 30.69 -12.48 74.84
CA LEU H 86 29.55 -11.63 74.52
C LEU H 86 29.58 -11.06 73.08
N GLY H 87 30.63 -11.35 72.33
CA GLY H 87 30.74 -10.86 70.96
C GLY H 87 31.57 -9.59 70.81
N LYS H 88 32.11 -9.07 71.91
CA LYS H 88 32.95 -7.86 71.82
C LYS H 88 34.24 -8.20 71.10
N PRO H 89 34.68 -7.37 70.13
CA PRO H 89 35.92 -7.67 69.41
C PRO H 89 37.14 -7.33 70.25
N LEU H 90 38.19 -8.13 70.13
CA LEU H 90 39.43 -7.98 70.87
C LEU H 90 40.58 -7.94 69.89
N LEU H 91 41.57 -7.12 70.18
CA LEU H 91 42.70 -6.99 69.32
C LEU H 91 44.00 -7.38 70.02
N ILE H 92 44.75 -8.29 69.41
CA ILE H 92 46.02 -8.75 69.93
C ILE H 92 47.12 -8.44 68.93
N LEU H 93 48.23 -7.93 69.45
CA LEU H 93 49.36 -7.60 68.61
C LEU H 93 50.46 -8.65 68.62
N SER H 94 51.20 -8.68 67.52
CA SER H 94 52.31 -9.59 67.35
C SER H 94 53.32 -8.91 66.45
N GLY H 95 54.48 -9.55 66.26
CA GLY H 95 55.52 -8.99 65.39
C GLY H 95 55.94 -7.57 65.71
N GLN H 96 56.22 -6.79 64.67
CA GLN H 96 56.67 -5.41 64.83
C GLN H 96 55.62 -4.52 65.53
N ALA H 97 54.34 -4.77 65.31
CA ALA H 97 53.28 -3.98 65.95
C ALA H 97 53.40 -4.18 67.46
N ALA H 98 53.66 -5.42 67.89
CA ALA H 98 53.81 -5.71 69.32
C ALA H 98 55.09 -5.10 69.91
N GLU H 99 56.17 -5.09 69.12
CA GLU H 99 57.43 -4.50 69.58
C GLU H 99 57.26 -3.01 69.82
N LEU H 100 56.58 -2.35 68.89
CA LEU H 100 56.32 -0.92 68.98
C LEU H 100 55.34 -0.61 70.10
N ALA H 101 54.29 -1.41 70.22
CA ALA H 101 53.31 -1.22 71.28
C ALA H 101 54.00 -1.26 72.65
N SER H 102 54.94 -2.19 72.85
CA SER H 102 55.64 -2.30 74.13
C SER H 102 56.55 -1.10 74.39
N GLN H 103 57.23 -0.63 73.35
CA GLN H 103 58.11 0.54 73.48
C GLN H 103 57.31 1.77 73.86
N LEU H 104 56.06 1.82 73.43
CA LEU H 104 55.14 2.91 73.73
C LEU H 104 54.39 2.64 75.03
N GLN H 105 54.68 1.49 75.62
CA GLN H 105 54.08 1.05 76.88
C GLN H 105 52.58 0.88 76.85
N VAL H 106 52.09 0.31 75.76
CA VAL H 106 50.67 0.07 75.60
C VAL H 106 50.27 -1.09 76.47
N GLU H 107 49.28 -0.91 77.33
CA GLU H 107 48.82 -2.01 78.18
C GLU H 107 47.35 -2.33 77.97
N ASN H 108 46.63 -1.42 77.31
N ASN H 108 46.64 -1.43 77.30
CA ASN H 108 45.21 -1.60 77.06
CA ASN H 108 45.22 -1.61 77.06
C ASN H 108 44.87 -1.19 75.62
C ASN H 108 44.89 -1.20 75.63
N ILE H 109 44.16 -2.08 74.93
CA ILE H 109 43.77 -1.85 73.56
C ILE H 109 42.26 -1.98 73.42
N HIS H 110 41.65 -1.02 72.76
CA HIS H 110 40.21 -1.00 72.55
C HIS H 110 39.89 -0.92 71.06
N LEU H 111 38.94 -1.75 70.64
CA LEU H 111 38.49 -1.82 69.25
C LEU H 111 37.00 -1.93 69.17
N SER H 112 36.41 -1.24 68.20
CA SER H 112 34.98 -1.34 67.95
C SER H 112 34.84 -1.36 66.45
N ILE H 113 33.90 -2.18 66.01
CA ILE H 113 33.59 -2.40 64.61
C ILE H 113 32.09 -2.24 64.36
N SER H 114 31.75 -1.80 63.15
CA SER H 114 30.37 -1.68 62.75
C SER H 114 30.29 -1.81 61.25
N ASP H 115 29.18 -2.32 60.76
CA ASP H 115 28.98 -2.34 59.30
C ASP H 115 27.53 -2.16 58.98
N GLU H 116 27.26 -1.61 57.80
CA GLU H 116 25.88 -1.49 57.36
C GLU H 116 25.93 -2.17 55.99
N ARG H 117 24.91 -2.01 55.18
N ARG H 117 24.91 -2.03 55.17
CA ARG H 117 24.88 -2.67 53.88
CA ARG H 117 24.92 -2.74 53.88
C ARG H 117 26.15 -2.52 53.04
C ARG H 117 26.12 -2.52 52.96
N HIS H 118 26.59 -1.29 52.85
CA HIS H 118 27.72 -1.01 52.01
C HIS H 118 29.08 -0.70 52.57
N TYR H 119 29.16 -0.34 53.86
CA TYR H 119 30.41 0.04 54.49
C TYR H 119 30.67 -0.59 55.82
N ALA H 120 31.95 -0.83 56.08
CA ALA H 120 32.42 -1.36 57.33
C ALA H 120 33.36 -0.33 57.88
N MSE H 121 33.34 -0.14 59.19
CA MSE H 121 34.25 0.80 59.77
C MSE H 121 34.70 0.35 61.16
O MSE H 121 34.07 -0.51 61.79
CB MSE H 121 33.67 2.22 59.78
CG MSE H 121 32.55 2.43 60.72
SE MSE H 121 31.84 4.26 60.71
CE MSE H 121 30.91 3.94 62.37
N ALA H 122 35.84 0.88 61.59
CA ALA H 122 36.39 0.53 62.88
C ALA H 122 37.19 1.67 63.49
N THR H 123 37.28 1.66 64.82
CA THR H 123 38.06 2.64 65.58
C THR H 123 38.85 1.83 66.61
N VAL H 124 40.10 2.22 66.78
CA VAL H 124 41.02 1.60 67.71
C VAL H 124 41.70 2.66 68.58
N ILE H 125 41.76 2.40 69.88
CA ILE H 125 42.44 3.30 70.80
C ILE H 125 43.45 2.48 71.58
N LEU H 126 44.68 2.99 71.67
CA LEU H 126 45.77 2.34 72.42
C LEU H 126 46.05 3.19 73.63
N GLU H 127 46.11 2.58 74.81
N GLU H 127 46.07 2.59 74.82
CA GLU H 127 46.34 3.34 76.02
CA GLU H 127 46.33 3.36 76.02
C GLU H 127 47.44 2.73 76.88
C GLU H 127 47.40 2.73 76.90
N ARG H 128 48.09 3.57 77.67
CA ARG H 128 49.16 3.13 78.56
C ARG H 128 48.77 3.49 79.98
N ALA I 3 45.29 11.46 83.91
CA ALA I 3 44.93 11.75 82.51
C ALA I 3 43.47 11.33 82.27
N MSE I 4 42.68 12.27 81.78
CA MSE I 4 41.26 12.10 81.53
C MSE I 4 40.86 12.66 80.17
O MSE I 4 41.44 13.63 79.69
CB MSE I 4 40.51 12.84 82.64
CG MSE I 4 39.05 13.12 82.42
SE MSE I 4 38.25 14.10 83.93
CE MSE I 4 36.50 14.50 83.15
N ILE I 5 39.88 12.04 79.53
CA ILE I 5 39.39 12.50 78.24
C ILE I 5 38.51 13.71 78.50
N VAL I 6 38.77 14.80 77.79
CA VAL I 6 38.01 16.01 77.98
C VAL I 6 37.05 16.29 76.84
N GLY I 7 37.24 15.61 75.71
CA GLY I 7 36.34 15.82 74.59
C GLY I 7 36.53 14.74 73.56
N LEU I 8 35.44 14.45 72.86
CA LEU I 8 35.37 13.46 71.77
C LEU I 8 34.56 14.06 70.65
N GLY I 9 35.06 13.94 69.42
CA GLY I 9 34.38 14.45 68.25
C GLY I 9 34.56 13.49 67.08
N THR I 10 33.52 13.41 66.25
CA THR I 10 33.54 12.57 65.06
C THR I 10 32.76 13.29 63.95
N ASP I 11 33.10 13.00 62.71
CA ASP I 11 32.44 13.64 61.58
C ASP I 11 32.62 12.83 60.32
N ILE I 12 31.58 12.87 59.47
CA ILE I 12 31.58 12.23 58.17
C ILE I 12 31.18 13.27 57.12
N ALA I 13 31.88 13.27 56.00
CA ALA I 13 31.65 14.22 54.91
C ALA I 13 31.57 13.50 53.59
N GLU I 14 30.58 13.88 52.80
CA GLU I 14 30.37 13.33 51.48
C GLU I 14 31.30 14.11 50.55
N ILE I 15 32.24 13.41 49.96
CA ILE I 15 33.25 14.04 49.12
C ILE I 15 32.67 14.78 47.92
N GLU I 16 31.69 14.18 47.24
CA GLU I 16 31.12 14.84 46.06
C GLU I 16 30.53 16.22 46.38
N ARG I 17 30.00 16.38 47.59
CA ARG I 17 29.45 17.67 48.00
C ARG I 17 30.53 18.75 48.09
N VAL I 18 31.70 18.35 48.60
CA VAL I 18 32.85 19.23 48.70
C VAL I 18 33.32 19.57 47.26
N GLU I 19 33.38 18.56 46.42
CA GLU I 19 33.78 18.76 45.02
C GLU I 19 32.86 19.75 44.31
N LYS I 20 31.55 19.58 44.46
CA LYS I 20 30.60 20.48 43.82
C LYS I 20 30.79 21.90 44.33
N ALA I 21 31.05 22.05 45.63
CA ALA I 21 31.22 23.39 46.25
C ALA I 21 32.46 24.08 45.64
N LEU I 22 33.53 23.29 45.42
CA LEU I 22 34.74 23.83 44.81
C LEU I 22 34.52 24.27 43.36
N ALA I 23 33.69 23.52 42.64
CA ALA I 23 33.40 23.81 41.24
C ALA I 23 32.58 25.10 41.10
N ARG I 24 31.85 25.45 42.16
CA ARG I 24 31.04 26.66 42.15
C ARG I 24 31.73 27.88 42.75
N SER I 25 32.33 27.71 43.94
CA SER I 25 32.94 28.81 44.70
C SER I 25 34.45 28.79 44.88
N GLY I 26 35.05 27.67 44.51
CA GLY I 26 36.50 27.52 44.57
C GLY I 26 37.22 28.05 45.80
N GLU I 27 38.16 28.96 45.56
N GLU I 27 38.14 28.97 45.55
CA GLU I 27 38.98 29.53 46.63
CA GLU I 27 38.98 29.57 46.61
C GLU I 27 38.15 30.17 47.76
C GLU I 27 38.14 30.17 47.75
N ASN I 28 37.01 30.77 47.41
CA ASN I 28 36.15 31.39 48.43
C ASN I 28 35.71 30.35 49.45
N PHE I 29 35.49 29.12 48.98
CA PHE I 29 35.12 28.04 49.86
C PHE I 29 36.34 27.46 50.57
N ALA I 30 37.38 27.12 49.82
CA ALA I 30 38.58 26.57 50.42
C ALA I 30 39.20 27.45 51.51
N ARG I 31 39.22 28.76 51.26
N ARG I 31 39.25 28.77 51.28
CA ARG I 31 39.81 29.72 52.20
CA ARG I 31 39.84 29.69 52.27
C ARG I 31 39.02 29.88 53.50
C ARG I 31 39.04 29.76 53.56
N ARG I 32 37.74 29.49 53.49
CA ARG I 32 36.92 29.53 54.70
C ARG I 32 37.33 28.37 55.62
N ILE I 33 37.71 27.25 55.03
CA ILE I 33 38.08 26.06 55.80
C ILE I 33 39.55 25.92 56.17
N LEU I 34 40.40 26.36 55.25
CA LEU I 34 41.84 26.24 55.39
C LEU I 34 42.59 27.54 55.73
N THR I 35 43.63 27.39 56.55
CA THR I 35 44.47 28.51 56.94
C THR I 35 45.38 28.78 55.74
N ASP I 36 46.00 29.95 55.70
CA ASP I 36 46.90 30.26 54.59
C ASP I 36 48.01 29.20 54.46
N SER I 37 48.53 28.74 55.59
CA SER I 37 49.59 27.71 55.56
C SER I 37 49.07 26.42 54.90
N GLU I 38 47.87 26.00 55.29
CA GLU I 38 47.26 24.82 54.72
C GLU I 38 46.93 25.00 53.25
N LEU I 39 46.65 26.22 52.81
CA LEU I 39 46.32 26.42 51.40
C LEU I 39 47.46 26.05 50.45
N GLU I 40 48.69 26.18 50.91
CA GLU I 40 49.84 25.85 50.06
C GLU I 40 49.81 24.37 49.69
N GLN I 41 49.52 23.52 50.68
CA GLN I 41 49.45 22.08 50.45
C GLN I 41 48.22 21.77 49.57
N PHE I 42 47.12 22.45 49.87
CA PHE I 42 45.90 22.27 49.11
C PHE I 42 46.14 22.63 47.64
N HIS I 43 46.75 23.79 47.40
CA HIS I 43 46.98 24.21 46.00
C HIS I 43 47.86 23.27 45.19
N ALA I 44 48.75 22.57 45.88
CA ALA I 44 49.66 21.62 45.24
C ALA I 44 49.00 20.26 44.95
N SER I 45 47.85 20.00 45.56
CA SER I 45 47.13 18.74 45.35
C SER I 45 46.50 18.62 43.96
N LYS I 46 46.42 17.38 43.45
CA LYS I 46 45.75 17.09 42.16
C LYS I 46 44.38 16.46 42.43
N GLN I 47 43.99 16.39 43.70
CA GLN I 47 42.68 15.85 44.13
C GLN I 47 42.21 16.78 45.23
N GLN I 48 42.08 18.05 44.90
CA GLN I 48 41.72 19.07 45.86
C GLN I 48 40.44 18.84 46.65
N GLY I 49 39.40 18.31 46.01
CA GLY I 49 38.15 18.03 46.70
C GLY I 49 38.30 16.97 47.79
N ARG I 50 39.06 15.93 47.49
CA ARG I 50 39.29 14.86 48.45
C ARG I 50 40.18 15.38 49.59
N PHE I 51 41.17 16.20 49.23
CA PHE I 51 42.05 16.79 50.23
C PHE I 51 41.20 17.63 51.20
N LEU I 52 40.32 18.48 50.65
CA LEU I 52 39.51 19.36 51.48
C LEU I 52 38.47 18.64 52.32
N ALA I 53 37.87 17.59 51.76
CA ALA I 53 36.87 16.81 52.49
C ALA I 53 37.48 16.23 53.78
N LYS I 54 38.71 15.74 53.70
CA LYS I 54 39.40 15.19 54.89
C LYS I 54 39.67 16.28 55.94
N ARG I 55 40.10 17.45 55.48
CA ARG I 55 40.38 18.54 56.40
C ARG I 55 39.07 19.01 57.02
N PHE I 56 38.02 19.10 56.21
CA PHE I 56 36.72 19.53 56.70
C PHE I 56 36.22 18.61 57.84
N ALA I 57 36.29 17.30 57.61
CA ALA I 57 35.88 16.34 58.59
C ALA I 57 36.73 16.41 59.87
N ALA I 58 38.04 16.56 59.71
CA ALA I 58 38.95 16.63 60.82
C ALA I 58 38.64 17.85 61.70
N LYS I 59 38.39 18.98 61.05
CA LYS I 59 38.12 20.24 61.75
C LYS I 59 36.76 20.22 62.45
N GLU I 60 35.74 19.67 61.77
CA GLU I 60 34.44 19.57 62.40
C GLU I 60 34.51 18.61 63.61
N ALA I 61 35.22 17.51 63.46
CA ALA I 61 35.36 16.56 64.56
C ALA I 61 36.06 17.23 65.75
N ALA I 62 37.10 18.01 65.48
CA ALA I 62 37.83 18.69 66.52
C ALA I 62 36.96 19.74 67.21
N SER I 63 36.10 20.42 66.45
CA SER I 63 35.25 21.44 67.02
C SER I 63 34.23 20.81 67.95
N LYS I 64 33.81 19.58 67.63
CA LYS I 64 32.88 18.85 68.47
C LYS I 64 33.63 18.35 69.73
N ALA I 65 34.90 17.97 69.58
CA ALA I 65 35.70 17.51 70.73
C ALA I 65 35.87 18.65 71.75
N LEU I 66 35.91 19.88 71.25
CA LEU I 66 36.03 21.06 72.10
C LEU I 66 34.73 21.35 72.81
N GLY I 67 33.62 20.90 72.24
CA GLY I 67 32.31 21.07 72.81
C GLY I 67 31.54 22.28 72.35
N THR I 68 32.11 23.02 71.39
CA THR I 68 31.46 24.22 70.86
C THR I 68 30.97 24.12 69.41
N GLY I 69 31.57 23.21 68.65
CA GLY I 69 31.25 23.10 67.23
C GLY I 69 31.90 24.34 66.60
N ILE I 70 31.56 24.66 65.35
CA ILE I 70 32.12 25.84 64.73
C ILE I 70 31.17 26.95 65.15
N ALA I 71 31.42 27.48 66.34
CA ALA I 71 30.60 28.51 66.92
C ALA I 71 31.27 29.02 68.17
N GLN I 72 30.62 29.97 68.83
CA GLN I 72 31.11 30.57 70.05
C GLN I 72 32.54 31.07 69.85
N GLY I 73 32.81 31.68 68.71
CA GLY I 73 34.13 32.20 68.43
C GLY I 73 35.15 31.21 67.87
N VAL I 74 34.83 29.91 67.86
CA VAL I 74 35.75 28.91 67.32
C VAL I 74 35.50 28.83 65.82
N THR I 75 36.55 29.03 65.03
CA THR I 75 36.41 29.00 63.57
C THR I 75 37.28 27.91 62.94
N PHE I 76 37.09 27.67 61.65
CA PHE I 76 37.89 26.66 60.97
C PHE I 76 39.38 27.01 61.01
N HIS I 77 39.68 28.31 60.99
CA HIS I 77 41.09 28.73 61.04
C HIS I 77 41.78 28.46 62.38
N ASP I 78 41.01 28.10 63.40
CA ASP I 78 41.59 27.79 64.71
C ASP I 78 42.23 26.41 64.72
N PHE I 79 42.13 25.68 63.62
CA PHE I 79 42.65 24.33 63.54
C PHE I 79 43.59 24.17 62.36
N THR I 80 44.75 23.58 62.61
CA THR I 80 45.71 23.33 61.56
C THR I 80 46.04 21.85 61.57
N ILE I 81 45.90 21.20 60.43
CA ILE I 81 46.24 19.81 60.32
C ILE I 81 47.63 19.71 59.65
N SER I 82 48.52 18.96 60.27
CA SER I 82 49.84 18.74 59.70
C SER I 82 50.05 17.23 59.80
N HIS I 83 51.25 16.75 59.47
CA HIS I 83 51.55 15.32 59.55
C HIS I 83 52.96 15.11 60.06
N ASP I 84 53.22 13.96 60.68
CA ASP I 84 54.57 13.65 61.13
C ASP I 84 55.29 12.90 59.99
N LYS I 85 56.55 12.54 60.21
CA LYS I 85 57.33 11.89 59.17
C LYS I 85 56.80 10.56 58.64
N LEU I 86 55.94 9.90 59.41
CA LEU I 86 55.38 8.62 58.97
C LEU I 86 53.99 8.79 58.34
N GLY I 87 53.50 10.02 58.31
CA GLY I 87 52.21 10.32 57.71
C GLY I 87 51.05 10.40 58.69
N LYS I 88 51.32 10.25 59.99
CA LYS I 88 50.25 10.34 60.98
C LYS I 88 49.76 11.80 61.01
N PRO I 89 48.44 12.01 61.04
CA PRO I 89 47.93 13.40 61.06
C PRO I 89 48.06 14.02 62.45
N LEU I 90 48.36 15.31 62.49
CA LEU I 90 48.54 16.06 63.73
C LEU I 90 47.65 17.29 63.70
N LEU I 91 47.07 17.59 64.86
CA LEU I 91 46.20 18.75 65.02
C LEU I 91 46.78 19.78 65.98
N ILE I 92 46.95 21.00 65.47
CA ILE I 92 47.43 22.10 66.27
C ILE I 92 46.34 23.16 66.36
N LEU I 93 46.07 23.64 67.57
CA LEU I 93 45.04 24.63 67.79
C LEU I 93 45.61 26.03 67.94
N SER I 94 44.81 27.00 67.54
CA SER I 94 45.19 28.40 67.66
C SER I 94 43.91 29.18 67.97
N GLY I 95 44.05 30.47 68.16
CA GLY I 95 42.92 31.31 68.45
C GLY I 95 42.07 30.85 69.62
N GLN I 96 40.76 30.98 69.45
CA GLN I 96 39.84 30.61 70.50
C GLN I 96 39.88 29.13 70.82
N ALA I 97 40.11 28.29 69.83
CA ALA I 97 40.18 26.86 70.10
C ALA I 97 41.31 26.59 71.08
N ALA I 98 42.42 27.30 70.88
CA ALA I 98 43.57 27.12 71.76
C ALA I 98 43.26 27.63 73.17
N GLU I 99 42.55 28.75 73.28
CA GLU I 99 42.20 29.30 74.60
C GLU I 99 41.29 28.34 75.34
N LEU I 100 40.27 27.80 74.66
CA LEU I 100 39.38 26.86 75.32
C LEU I 100 40.12 25.59 75.76
N ALA I 101 40.94 25.05 74.88
CA ALA I 101 41.71 23.84 75.21
C ALA I 101 42.60 24.05 76.44
N SER I 102 43.25 25.21 76.53
CA SER I 102 44.12 25.45 77.67
C SER I 102 43.25 25.56 78.93
N GLN I 103 42.02 26.09 78.77
CA GLN I 103 41.12 26.19 79.91
C GLN I 103 40.74 24.80 80.40
N LEU I 104 40.57 23.88 79.45
CA LEU I 104 40.23 22.49 79.73
C LEU I 104 41.45 21.69 80.15
N GLN I 105 42.60 22.35 80.14
CA GLN I 105 43.88 21.73 80.49
C GLN I 105 44.24 20.58 79.53
N VAL I 106 43.91 20.75 78.27
CA VAL I 106 44.22 19.76 77.25
C VAL I 106 45.74 19.72 77.02
N GLU I 107 46.33 18.54 77.18
N GLU I 107 46.36 18.55 77.15
CA GLU I 107 47.78 18.37 76.97
CA GLU I 107 47.79 18.46 76.87
C GLU I 107 48.09 17.43 75.81
C GLU I 107 48.09 17.45 75.76
N ASN I 108 47.10 16.66 75.36
CA ASN I 108 47.31 15.71 74.27
C ASN I 108 46.11 15.71 73.34
N ILE I 109 46.39 15.81 72.05
CA ILE I 109 45.38 15.83 71.03
C ILE I 109 45.61 14.68 70.07
N HIS I 110 44.57 13.87 69.86
CA HIS I 110 44.63 12.74 68.97
C HIS I 110 43.59 12.89 67.86
N LEU I 111 44.06 12.65 66.65
CA LEU I 111 43.28 12.73 65.43
C LEU I 111 43.56 11.57 64.49
N SER I 112 42.51 11.01 63.90
CA SER I 112 42.66 9.97 62.91
C SER I 112 41.68 10.30 61.79
N ILE I 113 42.11 10.06 60.57
CA ILE I 113 41.33 10.34 59.37
C ILE I 113 41.31 9.14 58.44
N SER I 114 40.22 8.98 57.72
CA SER I 114 40.11 7.90 56.73
C SER I 114 39.20 8.31 55.63
N ASP I 115 39.46 7.89 54.39
CA ASP I 115 38.49 8.15 53.32
C ASP I 115 38.35 6.94 52.40
N GLU I 116 37.20 6.82 51.76
CA GLU I 116 37.04 5.78 50.78
C GLU I 116 36.56 6.58 49.55
N ARG I 117 36.05 5.90 48.53
N ARG I 117 36.05 5.92 48.52
CA ARG I 117 35.62 6.59 47.30
CA ARG I 117 35.68 6.66 47.31
C ARG I 117 34.67 7.78 47.49
C ARG I 117 34.67 7.81 47.50
N HIS I 118 33.64 7.62 48.30
CA HIS I 118 32.65 8.67 48.48
C HIS I 118 32.63 9.43 49.80
N TYR I 119 33.24 8.88 50.85
CA TYR I 119 33.19 9.54 52.13
C TYR I 119 34.53 9.69 52.83
N ALA I 120 34.65 10.78 53.57
CA ALA I 120 35.81 11.05 54.38
C ALA I 120 35.27 11.14 55.78
N MSE I 121 36.05 10.69 56.76
CA MSE I 121 35.64 10.76 58.14
C MSE I 121 36.85 10.94 59.06
O MSE I 121 38.00 10.67 58.70
CB MSE I 121 34.79 9.55 58.55
CG MSE I 121 35.52 8.29 58.73
SE MSE I 121 34.29 6.84 59.28
CE MSE I 121 35.75 5.71 59.83
N ALA I 122 36.55 11.44 60.27
CA ALA I 122 37.58 11.71 61.24
C ALA I 122 37.04 11.62 62.65
N THR I 123 37.94 11.29 63.58
CA THR I 123 37.68 11.26 65.00
C THR I 123 38.83 11.99 65.69
N VAL I 124 38.48 12.72 66.76
CA VAL I 124 39.40 13.48 67.58
C VAL I 124 39.06 13.26 69.04
N ILE I 125 40.12 13.10 69.85
CA ILE I 125 40.02 12.93 71.28
C ILE I 125 40.99 13.92 71.92
N LEU I 126 40.52 14.64 72.92
CA LEU I 126 41.34 15.60 73.66
C LEU I 126 41.49 15.04 75.05
N GLU I 127 42.70 15.05 75.58
N GLU I 127 42.71 15.01 75.57
CA GLU I 127 42.94 14.50 76.91
CA GLU I 127 42.93 14.49 76.92
C GLU I 127 43.75 15.48 77.75
C GLU I 127 43.76 15.45 77.76
N ARG I 128 43.47 15.48 79.05
CA ARG I 128 44.18 16.34 79.97
C ARG I 128 45.19 15.54 80.77
N ALA J 3 38.37 44.51 3.58
CA ALA J 3 37.10 44.30 4.33
C ALA J 3 36.66 42.86 4.18
N MSE J 4 37.56 41.93 4.53
CA MSE J 4 37.30 40.51 4.40
C MSE J 4 37.62 39.76 5.69
O MSE J 4 38.30 40.24 6.58
CB MSE J 4 38.11 39.86 3.25
CG MSE J 4 39.59 39.60 3.50
SE MSE J 4 40.56 38.65 2.04
CE MSE J 4 40.51 40.03 0.66
N ILE J 5 37.11 38.55 5.75
CA ILE J 5 37.28 37.68 6.91
C ILE J 5 38.62 36.99 6.85
N VAL J 6 39.40 37.12 7.90
CA VAL J 6 40.70 36.49 7.89
C VAL J 6 40.73 35.24 8.74
N GLY J 7 39.70 35.03 9.56
CA GLY J 7 39.61 33.80 10.37
C GLY J 7 38.25 33.58 10.98
N LEU J 8 37.92 32.30 11.17
CA LEU J 8 36.67 31.86 11.75
C LEU J 8 36.99 30.72 12.70
N GLY J 9 36.43 30.79 13.89
CA GLY J 9 36.64 29.74 14.90
C GLY J 9 35.38 29.45 15.68
N THR J 10 35.21 28.21 16.07
CA THR J 10 34.06 27.81 16.85
C THR J 10 34.52 26.72 17.85
N ASP J 11 33.84 26.61 18.99
CA ASP J 11 34.19 25.61 20.00
C ASP J 11 33.01 25.30 20.89
N ILE J 12 32.92 24.04 21.30
CA ILE J 12 31.89 23.57 22.24
C ILE J 12 32.60 22.91 23.42
N ALA J 13 32.21 23.26 24.66
CA ALA J 13 32.78 22.68 25.88
C ALA J 13 31.71 22.08 26.76
N GLU J 14 31.98 20.87 27.26
CA GLU J 14 31.06 20.20 28.18
C GLU J 14 31.35 20.80 29.58
N ILE J 15 30.37 21.46 30.16
CA ILE J 15 30.51 22.16 31.46
C ILE J 15 30.93 21.25 32.63
N GLU J 16 30.31 20.08 32.72
CA GLU J 16 30.64 19.14 33.78
C GLU J 16 32.12 18.76 33.80
N ARG J 17 32.77 18.63 32.63
CA ARG J 17 34.19 18.29 32.59
C ARG J 17 35.05 19.43 33.18
N VAL J 18 34.65 20.67 32.92
CA VAL J 18 35.35 21.83 33.48
C VAL J 18 35.17 21.88 35.02
N GLU J 19 33.96 21.59 35.48
CA GLU J 19 33.65 21.57 36.90
C GLU J 19 34.48 20.48 37.61
N LYS J 20 34.56 19.30 37.00
CA LYS J 20 35.34 18.21 37.57
C LYS J 20 36.82 18.60 37.65
N ALA J 21 37.32 19.27 36.62
CA ALA J 21 38.72 19.69 36.62
C ALA J 21 38.97 20.68 37.74
N LEU J 22 38.06 21.63 37.95
CA LEU J 22 38.21 22.60 39.06
C LEU J 22 38.19 21.91 40.42
N ALA J 23 37.35 20.90 40.56
CA ALA J 23 37.28 20.17 41.83
C ALA J 23 38.59 19.42 42.13
N ARG J 24 39.35 19.08 41.09
CA ARG J 24 40.60 18.36 41.26
C ARG J 24 41.83 19.26 41.37
N SER J 25 41.92 20.21 40.44
CA SER J 25 43.08 21.09 40.31
C SER J 25 42.90 22.57 40.60
N GLY J 26 41.65 23.00 40.73
CA GLY J 26 41.32 24.37 41.11
C GLY J 26 42.05 25.51 40.43
N GLU J 27 42.71 26.34 41.25
CA GLU J 27 43.42 27.52 40.80
C GLU J 27 44.51 27.18 39.73
N ASN J 28 45.15 26.03 39.83
CA ASN J 28 46.17 25.63 38.85
C ASN J 28 45.57 25.56 37.46
N PHE J 29 44.34 25.07 37.36
CA PHE J 29 43.62 25.00 36.09
C PHE J 29 43.10 26.37 35.70
N ALA J 30 42.42 27.05 36.62
CA ALA J 30 41.87 28.36 36.28
C ALA J 30 42.92 29.39 35.83
N ARG J 31 44.05 29.41 36.53
N ARG J 31 44.06 29.44 36.52
CA ARG J 31 45.14 30.36 36.24
CA ARG J 31 45.05 30.44 36.17
C ARG J 31 45.83 30.11 34.91
C ARG J 31 45.73 30.14 34.83
N ARG J 32 45.68 28.89 34.39
CA ARG J 32 46.28 28.56 33.11
C ARG J 32 45.42 29.16 32.01
N ILE J 33 44.11 29.12 32.22
CA ILE J 33 43.19 29.60 31.21
C ILE J 33 42.94 31.12 31.26
N LEU J 34 42.89 31.64 32.47
CA LEU J 34 42.58 33.05 32.66
C LEU J 34 43.74 33.98 32.99
N THR J 35 43.67 35.20 32.47
CA THR J 35 44.67 36.20 32.77
C THR J 35 44.39 36.69 34.20
N ASP J 36 45.33 37.42 34.78
CA ASP J 36 45.14 37.91 36.14
C ASP J 36 43.92 38.82 36.26
N SER J 37 43.66 39.59 35.23
CA SER J 37 42.49 40.44 35.23
C SER J 37 41.20 39.63 35.24
N GLU J 38 41.14 38.60 34.41
CA GLU J 38 39.98 37.75 34.33
C GLU J 38 39.73 36.96 35.61
N LEU J 39 40.81 36.62 36.30
CA LEU J 39 40.72 35.87 37.55
C LEU J 39 39.95 36.62 38.61
N GLU J 40 40.01 37.95 38.59
CA GLU J 40 39.28 38.75 39.57
C GLU J 40 37.77 38.49 39.44
N GLN J 41 37.28 38.45 38.21
CA GLN J 41 35.86 38.21 37.93
C GLN J 41 35.52 36.76 38.26
N PHE J 42 36.42 35.86 37.90
CA PHE J 42 36.25 34.43 38.17
C PHE J 42 36.11 34.22 39.68
N HIS J 43 37.01 34.79 40.45
CA HIS J 43 36.96 34.61 41.90
C HIS J 43 35.69 35.13 42.55
N ALA J 44 35.09 36.15 41.95
CA ALA J 44 33.85 36.72 42.48
C ALA J 44 32.62 35.93 42.07
N SER J 45 32.76 35.04 41.08
CA SER J 45 31.62 34.24 40.62
C SER J 45 31.23 33.17 41.63
N LYS J 46 29.95 32.85 41.63
CA LYS J 46 29.40 31.81 42.49
C LYS J 46 29.10 30.59 41.59
N GLN J 47 29.47 30.69 40.33
CA GLN J 47 29.31 29.56 39.40
C GLN J 47 30.58 29.50 38.59
N GLN J 48 31.69 29.25 39.27
CA GLN J 48 32.99 29.26 38.64
C GLN J 48 33.21 28.30 37.48
N GLY J 49 32.66 27.09 37.56
CA GLY J 49 32.77 26.11 36.50
C GLY J 49 32.10 26.62 35.22
N ARG J 50 30.93 27.20 35.36
CA ARG J 50 30.19 27.71 34.19
C ARG J 50 30.89 28.93 33.57
N PHE J 51 31.43 29.78 34.44
CA PHE J 51 32.16 30.98 34.03
C PHE J 51 33.38 30.54 33.24
N LEU J 52 34.12 29.58 33.78
CA LEU J 52 35.33 29.10 33.12
C LEU J 52 35.06 28.35 31.82
N ALA J 53 33.97 27.58 31.77
CA ALA J 53 33.63 26.85 30.58
C ALA J 53 33.41 27.81 29.42
N LYS J 54 32.71 28.90 29.68
CA LYS J 54 32.47 29.93 28.68
C LYS J 54 33.77 30.58 28.18
N ARG J 55 34.67 30.93 29.10
CA ARG J 55 35.94 31.55 28.73
C ARG J 55 36.79 30.56 27.94
N PHE J 56 36.78 29.30 28.36
CA PHE J 56 37.56 28.27 27.70
C PHE J 56 37.10 28.10 26.24
N ALA J 57 35.78 28.06 26.03
CA ALA J 57 35.23 27.92 24.69
C ALA J 57 35.55 29.14 23.85
N ALA J 58 35.44 30.32 24.45
CA ALA J 58 35.74 31.56 23.71
C ALA J 58 37.20 31.63 23.27
N LYS J 59 38.11 31.25 24.16
CA LYS J 59 39.53 31.31 23.84
C LYS J 59 39.92 30.22 22.79
N GLU J 60 39.35 29.02 22.90
CA GLU J 60 39.64 27.99 21.90
C GLU J 60 39.11 28.43 20.53
N ALA J 61 37.90 28.98 20.48
CA ALA J 61 37.34 29.48 19.23
C ALA J 61 38.23 30.58 18.66
N ALA J 62 38.70 31.49 19.53
CA ALA J 62 39.58 32.58 19.04
C ALA J 62 40.91 32.03 18.49
N SER J 63 41.46 31.00 19.13
CA SER J 63 42.73 30.41 18.70
C SER J 63 42.53 29.75 17.31
N LYS J 64 41.35 29.20 17.04
CA LYS J 64 41.06 28.59 15.75
C LYS J 64 40.87 29.67 14.66
N ALA J 65 40.30 30.80 15.06
CA ALA J 65 40.09 31.94 14.16
C ALA J 65 41.46 32.49 13.71
N LEU J 66 42.46 32.39 14.58
N LEU J 66 42.45 32.36 14.58
CA LEU J 66 43.81 32.84 14.22
CA LEU J 66 43.80 32.82 14.29
C LEU J 66 44.44 31.85 13.25
C LEU J 66 44.52 31.82 13.39
N GLY J 67 44.00 30.60 13.31
CA GLY J 67 44.52 29.52 12.46
C GLY J 67 45.63 28.68 13.11
N THR J 68 45.88 28.90 14.38
CA THR J 68 46.96 28.20 15.08
C THR J 68 46.55 27.25 16.18
N GLY J 69 45.42 27.50 16.83
CA GLY J 69 45.06 26.70 17.98
C GLY J 69 46.03 27.19 19.08
N ILE J 70 46.15 26.47 20.19
CA ILE J 70 47.07 26.88 21.28
C ILE J 70 48.39 26.21 20.89
N ALA J 71 49.13 26.91 20.05
CA ALA J 71 50.34 26.41 19.45
C ALA J 71 51.18 27.56 18.93
N GLN J 72 52.40 27.26 18.53
CA GLN J 72 53.29 28.25 17.92
C GLN J 72 53.53 29.51 18.73
N GLY J 73 53.53 29.39 20.05
CA GLY J 73 53.75 30.56 20.89
C GLY J 73 52.48 31.16 21.43
N VAL J 74 51.33 30.81 20.85
CA VAL J 74 50.04 31.29 21.32
C VAL J 74 49.67 30.55 22.63
N THR J 75 49.15 31.30 23.62
CA THR J 75 48.75 30.70 24.89
C THR J 75 47.35 31.27 25.26
N PHE J 76 46.65 30.61 26.19
CA PHE J 76 45.35 31.09 26.63
C PHE J 76 45.43 32.51 27.17
N HIS J 77 46.59 32.90 27.69
CA HIS J 77 46.74 34.26 28.21
C HIS J 77 46.78 35.35 27.16
N ASP J 78 46.90 34.94 25.90
CA ASP J 78 46.92 35.89 24.76
C ASP J 78 45.51 36.42 24.47
N PHE J 79 44.50 35.83 25.10
CA PHE J 79 43.12 36.23 24.86
C PHE J 79 42.48 36.75 26.14
N THR J 80 41.87 37.92 26.05
CA THR J 80 41.24 38.48 27.21
C THR J 80 39.80 38.79 26.84
N ILE J 81 38.87 38.24 27.63
CA ILE J 81 37.47 38.47 27.38
C ILE J 81 36.96 39.52 28.38
N SER J 82 36.25 40.52 27.86
CA SER J 82 35.70 41.57 28.68
C SER J 82 34.26 41.76 28.15
N HIS J 83 33.57 42.75 28.67
CA HIS J 83 32.18 43.02 28.25
C HIS J 83 31.86 44.50 28.16
N ASP J 84 30.98 44.87 27.25
CA ASP J 84 30.58 46.25 27.19
C ASP J 84 29.41 46.44 28.16
N LYS J 85 28.94 47.68 28.27
CA LYS J 85 27.86 48.05 29.18
C LYS J 85 26.55 47.29 29.01
N LEU J 86 26.29 46.75 27.82
CA LEU J 86 25.06 46.00 27.60
C LEU J 86 25.22 44.47 27.79
N GLY J 87 26.44 44.04 28.13
CA GLY J 87 26.77 42.64 28.36
C GLY J 87 27.40 41.94 27.15
N LYS J 88 27.59 42.65 26.03
CA LYS J 88 28.20 42.03 24.85
C LYS J 88 29.67 41.63 25.14
N PRO J 89 30.06 40.40 24.83
CA PRO J 89 31.46 40.01 25.09
C PRO J 89 32.42 40.61 24.07
N LEU J 90 33.60 40.98 24.54
CA LEU J 90 34.63 41.61 23.75
C LEU J 90 35.92 40.82 23.90
N LEU J 91 36.63 40.66 22.79
CA LEU J 91 37.89 39.91 22.78
C LEU J 91 39.04 40.83 22.45
N ILE J 92 40.06 40.83 23.31
CA ILE J 92 41.27 41.64 23.13
C ILE J 92 42.48 40.71 23.11
N LEU J 93 43.34 40.88 22.13
CA LEU J 93 44.50 40.03 21.98
C LEU J 93 45.79 40.65 22.51
N SER J 94 46.68 39.76 22.93
CA SER J 94 48.00 40.15 23.42
C SER J 94 48.94 39.02 23.04
N GLY J 95 50.20 39.16 23.39
CA GLY J 95 51.17 38.12 23.10
C GLY J 95 51.29 37.73 21.64
N GLN J 96 51.57 36.44 21.41
CA GLN J 96 51.72 35.94 20.05
C GLN J 96 50.42 36.08 19.23
N ALA J 97 49.26 35.97 19.88
CA ALA J 97 47.98 36.13 19.17
C ALA J 97 47.89 37.50 18.52
N ALA J 98 48.28 38.52 19.29
CA ALA J 98 48.26 39.91 18.80
C ALA J 98 49.25 40.11 17.66
N GLU J 99 50.43 39.50 17.76
CA GLU J 99 51.43 39.57 16.73
C GLU J 99 50.93 38.99 15.41
N LEU J 100 50.35 37.80 15.48
CA LEU J 100 49.81 37.13 14.32
C LEU J 100 48.65 37.92 13.75
N ALA J 101 47.76 38.42 14.60
CA ALA J 101 46.63 39.22 14.11
C ALA J 101 47.13 40.48 13.39
N SER J 102 48.18 41.11 13.91
CA SER J 102 48.69 42.31 13.23
C SER J 102 49.31 41.93 11.88
N GLN J 103 49.94 40.76 11.78
CA GLN J 103 50.50 40.32 10.50
C GLN J 103 49.35 40.12 9.50
N LEU J 104 48.23 39.59 9.98
CA LEU J 104 47.05 39.37 9.15
C LEU J 104 46.23 40.65 8.92
N GLN J 105 46.67 41.75 9.51
CA GLN J 105 46.00 43.06 9.42
C GLN J 105 44.57 43.07 9.99
N VAL J 106 44.36 42.33 11.06
CA VAL J 106 43.07 42.28 11.75
C VAL J 106 42.78 43.64 12.35
N GLU J 107 41.59 44.13 12.10
CA GLU J 107 41.11 45.42 12.57
C GLU J 107 39.89 45.32 13.41
N ASN J 108 39.12 44.24 13.27
CA ASN J 108 37.89 44.04 14.00
C ASN J 108 37.76 42.56 14.38
N ILE J 109 37.36 42.37 15.62
CA ILE J 109 37.21 41.08 16.21
C ILE J 109 35.79 40.94 16.75
N HIS J 110 35.13 39.83 16.42
CA HIS J 110 33.77 39.57 16.88
C HIS J 110 33.72 38.22 17.60
N LEU J 111 33.05 38.22 18.74
CA LEU J 111 32.90 37.06 19.58
C LEU J 111 31.46 36.97 20.08
N SER J 112 30.92 35.75 20.11
CA SER J 112 29.61 35.49 20.70
C SER J 112 29.75 34.20 21.52
N ILE J 113 29.05 34.17 22.64
CA ILE J 113 29.05 33.07 23.57
C ILE J 113 27.64 32.71 23.96
N SER J 114 27.42 31.43 24.23
CA SER J 114 26.16 30.91 24.66
C SER J 114 26.35 29.65 25.54
N ASP J 115 25.55 29.49 26.59
CA ASP J 115 25.58 28.22 27.33
C ASP J 115 24.17 27.79 27.67
N GLU J 116 24.03 26.49 27.85
CA GLU J 116 22.80 25.94 28.32
C GLU J 116 23.23 25.08 29.54
N ARG J 117 22.35 24.25 30.06
N ARG J 117 22.35 24.25 30.07
CA ARG J 117 22.67 23.46 31.25
CA ARG J 117 22.69 23.45 31.24
C ARG J 117 23.97 22.66 31.17
C ARG J 117 23.99 22.67 31.17
N HIS J 118 24.21 21.98 30.05
CA HIS J 118 25.38 21.14 29.92
C HIS J 118 26.51 21.58 29.04
N TYR J 119 26.24 22.51 28.14
CA TYR J 119 27.26 22.97 27.20
C TYR J 119 27.41 24.45 27.04
N ALA J 120 28.66 24.85 26.81
CA ALA J 120 29.04 26.21 26.51
C ALA J 120 29.64 26.22 25.10
N MSE J 121 29.37 27.27 24.34
CA MSE J 121 29.95 27.35 23.03
C MSE J 121 30.24 28.79 22.68
O MSE J 121 29.71 29.73 23.28
CB MSE J 121 29.11 26.66 21.97
CG MSE J 121 27.83 27.28 21.63
SE MSE J 121 26.84 26.24 20.30
CE MSE J 121 25.68 27.73 19.99
N ALA J 122 31.11 28.96 21.71
CA ALA J 122 31.48 30.28 21.24
C ALA J 122 31.91 30.24 19.80
N THR J 123 31.77 31.41 19.15
CA THR J 123 32.21 31.61 17.79
C THR J 123 32.93 32.94 17.74
N VAL J 124 34.02 32.97 16.98
CA VAL J 124 34.86 34.15 16.76
C VAL J 124 35.13 34.39 15.30
N ILE J 125 35.05 35.65 14.89
CA ILE J 125 35.37 36.03 13.54
C ILE J 125 36.38 37.18 13.61
N LEU J 126 37.44 37.07 12.82
CA LEU J 126 38.46 38.11 12.72
C LEU J 126 38.33 38.73 11.32
N GLU J 127 38.30 40.06 11.25
CA GLU J 127 38.17 40.69 9.95
C GLU J 127 39.20 41.78 9.72
N ARG J 128 39.57 41.96 8.47
CA ARG J 128 40.50 43.02 8.11
C ARG J 128 39.67 44.05 7.35
N ALA K 3 33.16 43.29 -0.94
CA ALA K 3 33.56 42.34 0.14
C ALA K 3 32.38 42.10 1.06
N MSE K 4 31.61 41.03 0.79
CA MSE K 4 30.44 40.72 1.58
C MSE K 4 30.24 39.20 1.70
O MSE K 4 30.81 38.39 0.95
CB MSE K 4 29.16 41.36 1.02
CG MSE K 4 28.54 40.72 -0.19
SE MSE K 4 26.81 41.55 -0.66
CE MSE K 4 27.45 43.31 -1.18
N ILE K 5 29.42 38.86 2.65
CA ILE K 5 29.07 37.48 2.94
C ILE K 5 27.94 37.02 2.03
N VAL K 6 28.20 35.93 1.32
CA VAL K 6 27.33 35.26 0.37
C VAL K 6 26.43 34.23 1.07
N GLY K 7 26.95 33.62 2.12
CA GLY K 7 26.24 32.59 2.83
C GLY K 7 26.85 32.23 4.17
N LEU K 8 26.01 31.68 5.03
CA LEU K 8 26.38 31.24 6.38
C LEU K 8 25.69 29.92 6.64
N GLY K 9 26.42 28.99 7.21
CA GLY K 9 25.87 27.68 7.53
C GLY K 9 26.42 27.16 8.83
N THR K 10 25.60 26.42 9.56
CA THR K 10 26.03 25.83 10.82
C THR K 10 25.36 24.47 10.94
N ASP K 11 25.96 23.54 11.68
CA ASP K 11 25.35 22.24 11.82
C ASP K 11 25.91 21.54 13.06
N ILE K 12 25.05 20.80 13.73
CA ILE K 12 25.41 20.00 14.91
C ILE K 12 25.03 18.55 14.58
N ALA K 13 25.92 17.63 14.94
CA ALA K 13 25.69 16.21 14.69
C ALA K 13 25.98 15.38 15.96
N GLU K 14 25.11 14.42 16.24
CA GLU K 14 25.26 13.56 17.39
C GLU K 14 26.19 12.43 16.95
N ILE K 15 27.35 12.35 17.57
CA ILE K 15 28.36 11.35 17.22
C ILE K 15 27.91 9.90 17.35
N GLU K 16 27.20 9.57 18.40
CA GLU K 16 26.75 8.18 18.57
C GLU K 16 25.84 7.73 17.42
N ARG K 17 25.09 8.64 16.82
CA ARG K 17 24.23 8.24 15.70
C ARG K 17 25.09 7.89 14.49
N VAL K 18 26.19 8.61 14.31
CA VAL K 18 27.12 8.34 13.21
C VAL K 18 27.82 7.00 13.47
N GLU K 19 28.24 6.78 14.72
CA GLU K 19 28.88 5.52 15.09
C GLU K 19 27.95 4.34 14.84
N LYS K 20 26.69 4.48 15.23
CA LYS K 20 25.72 3.40 15.01
C LYS K 20 25.51 3.10 13.52
N ALA K 21 25.45 4.15 12.70
CA ALA K 21 25.27 3.98 11.25
C ALA K 21 26.45 3.24 10.63
N LEU K 22 27.67 3.54 11.09
CA LEU K 22 28.86 2.84 10.58
C LEU K 22 28.85 1.37 10.99
N ALA K 23 28.40 1.09 12.20
CA ALA K 23 28.34 -0.29 12.68
C ALA K 23 27.34 -1.12 11.85
N ARG K 24 26.34 -0.47 11.27
CA ARG K 24 25.35 -1.18 10.48
C ARG K 24 25.65 -1.22 8.99
N SER K 25 25.97 -0.06 8.43
CA SER K 25 26.18 0.07 6.98
C SER K 25 27.59 0.36 6.53
N GLY K 26 28.49 0.62 7.47
CA GLY K 26 29.89 0.85 7.15
C GLY K 26 30.25 1.69 5.95
N GLU K 27 31.05 1.10 5.06
CA GLU K 27 31.59 1.78 3.87
C GLU K 27 30.50 2.40 2.99
N ASN K 28 29.31 1.76 2.89
CA ASN K 28 28.24 2.32 2.09
C ASN K 28 27.85 3.70 2.58
N PHE K 29 27.85 3.85 3.89
CA PHE K 29 27.52 5.12 4.49
C PHE K 29 28.69 6.09 4.33
N ALA K 30 29.90 5.67 4.71
CA ALA K 30 31.06 6.57 4.62
C ALA K 30 31.32 7.06 3.19
N ARG K 31 31.13 6.20 2.20
CA ARG K 31 31.36 6.55 0.80
C ARG K 31 30.39 7.57 0.28
N ARG K 32 29.20 7.59 0.85
CA ARG K 32 28.25 8.60 0.40
C ARG K 32 28.66 9.99 0.88
N ILE K 33 29.16 10.06 2.10
CA ILE K 33 29.54 11.36 2.67
C ILE K 33 30.91 11.85 2.19
N LEU K 34 31.84 10.92 2.03
CA LEU K 34 33.24 11.27 1.69
C LEU K 34 33.70 10.98 0.28
N THR K 35 34.57 11.85 -0.24
CA THR K 35 35.15 11.66 -1.56
C THR K 35 36.20 10.56 -1.44
N ASP K 36 36.61 9.99 -2.57
CA ASP K 36 37.64 8.96 -2.56
C ASP K 36 38.91 9.45 -1.86
N SER K 37 39.30 10.70 -2.10
N SER K 37 39.27 10.71 -2.10
CA SER K 37 40.49 11.22 -1.44
CA SER K 37 40.47 11.30 -1.48
C SER K 37 40.30 11.29 0.07
C SER K 37 40.32 11.37 0.03
N GLU K 38 39.12 11.75 0.50
CA GLU K 38 38.85 11.83 1.95
C GLU K 38 38.79 10.44 2.58
N LEU K 39 38.33 9.46 1.81
CA LEU K 39 38.27 8.06 2.30
C LEU K 39 39.63 7.53 2.76
N GLU K 40 40.72 7.95 2.10
CA GLU K 40 42.06 7.50 2.49
C GLU K 40 42.35 7.85 3.94
N GLN K 41 42.07 9.11 4.29
CA GLN K 41 42.29 9.61 5.63
C GLN K 41 41.33 8.90 6.60
N PHE K 42 40.07 8.79 6.21
CA PHE K 42 39.07 8.12 7.03
C PHE K 42 39.52 6.69 7.34
N HIS K 43 39.97 5.97 6.32
CA HIS K 43 40.41 4.60 6.53
C HIS K 43 41.60 4.46 7.47
N ALA K 44 42.46 5.46 7.53
CA ALA K 44 43.60 5.42 8.42
C ALA K 44 43.22 5.81 9.86
N SER K 45 42.06 6.42 10.06
CA SER K 45 41.65 6.81 11.42
C SER K 45 41.34 5.61 12.33
N LYS K 46 41.55 5.83 13.63
CA LYS K 46 41.27 4.85 14.67
C LYS K 46 40.04 5.28 15.47
N GLN K 47 39.42 6.37 15.02
CA GLN K 47 38.22 6.95 15.63
C GLN K 47 37.36 7.39 14.43
N GLN K 48 37.00 6.41 13.60
CA GLN K 48 36.24 6.67 12.36
C GLN K 48 34.89 7.34 12.51
N GLY K 49 34.12 6.97 13.53
CA GLY K 49 32.82 7.63 13.76
C GLY K 49 32.99 9.11 14.07
N ARG K 50 33.95 9.42 14.93
CA ARG K 50 34.23 10.82 15.27
C ARG K 50 34.70 11.58 14.03
N PHE K 51 35.59 10.96 13.27
CA PHE K 51 36.11 11.54 12.04
C PHE K 51 34.95 11.87 11.11
N LEU K 52 34.08 10.89 10.88
CA LEU K 52 32.95 11.09 9.98
C LEU K 52 31.93 12.09 10.49
N ALA K 53 31.66 12.11 11.80
CA ALA K 53 30.67 13.07 12.34
C ALA K 53 31.12 14.51 12.08
N LYS K 54 32.42 14.78 12.22
CA LYS K 54 32.95 16.11 11.95
C LYS K 54 32.82 16.49 10.48
N ARG K 55 33.13 15.55 9.59
N ARG K 55 33.12 15.54 9.61
CA ARG K 55 33.04 15.81 8.16
CA ARG K 55 33.04 15.76 8.18
C ARG K 55 31.59 16.00 7.74
C ARG K 55 31.60 15.99 7.74
N PHE K 56 30.69 15.22 8.32
CA PHE K 56 29.26 15.32 8.01
C PHE K 56 28.74 16.70 8.44
N ALA K 57 29.15 17.16 9.63
CA ALA K 57 28.73 18.47 10.13
C ALA K 57 29.28 19.57 9.22
N ALA K 58 30.55 19.46 8.87
CA ALA K 58 31.21 20.46 8.02
C ALA K 58 30.51 20.55 6.66
N LYS K 59 30.19 19.41 6.06
CA LYS K 59 29.56 19.43 4.76
C LYS K 59 28.13 19.94 4.82
N GLU K 60 27.36 19.54 5.83
CA GLU K 60 26.01 20.06 5.92
C GLU K 60 26.04 21.60 6.13
N ALA K 61 26.95 22.08 7.00
CA ALA K 61 27.11 23.53 7.22
C ALA K 61 27.44 24.21 5.88
N ALA K 62 28.35 23.61 5.11
CA ALA K 62 28.75 24.18 3.83
C ALA K 62 27.57 24.24 2.87
N SER K 63 26.76 23.18 2.83
CA SER K 63 25.60 23.12 1.96
C SER K 63 24.56 24.19 2.32
N LYS K 64 24.45 24.51 3.60
CA LYS K 64 23.55 25.57 4.04
C LYS K 64 24.13 26.96 3.68
N ALA K 65 25.45 27.14 3.76
CA ALA K 65 26.08 28.41 3.40
C ALA K 65 25.81 28.70 1.90
N LEU K 66 25.79 27.65 1.07
N LEU K 66 25.75 27.62 1.12
CA LEU K 66 25.50 27.85 -0.35
CA LEU K 66 25.51 27.71 -0.30
C LEU K 66 24.04 28.22 -0.57
C LEU K 66 24.05 28.08 -0.62
N GLY K 67 23.17 27.81 0.35
CA GLY K 67 21.76 28.12 0.26
C GLY K 67 20.86 27.04 -0.32
N THR K 68 21.43 25.86 -0.58
CA THR K 68 20.69 24.74 -1.16
C THR K 68 20.48 23.52 -0.27
N GLY K 69 21.37 23.33 0.70
CA GLY K 69 21.36 22.14 1.49
C GLY K 69 21.89 21.07 0.53
N ILE K 70 21.76 19.79 0.91
CA ILE K 70 22.17 18.67 0.08
C ILE K 70 20.89 18.36 -0.66
N ALA K 71 20.75 19.03 -1.81
CA ALA K 71 19.59 18.98 -2.66
C ALA K 71 19.90 19.85 -3.88
N GLN K 72 18.98 19.91 -4.85
CA GLN K 72 19.16 20.71 -6.04
C GLN K 72 20.47 20.39 -6.79
N GLY K 73 20.86 19.11 -6.82
CA GLY K 73 22.08 18.72 -7.52
C GLY K 73 23.35 18.81 -6.71
N VAL K 74 23.26 19.40 -5.51
CA VAL K 74 24.43 19.52 -4.64
C VAL K 74 24.52 18.23 -3.84
N THR K 75 25.68 17.60 -3.81
CA THR K 75 25.84 16.35 -3.08
C THR K 75 26.99 16.46 -2.09
N PHE K 76 27.11 15.50 -1.16
CA PHE K 76 28.23 15.53 -0.24
C PHE K 76 29.58 15.49 -0.94
N HIS K 77 29.66 14.83 -2.09
CA HIS K 77 30.92 14.76 -2.78
C HIS K 77 31.35 16.09 -3.41
N ASP K 78 30.49 17.10 -3.38
CA ASP K 78 30.84 18.41 -3.93
C ASP K 78 31.70 19.24 -2.94
N PHE K 79 31.92 18.70 -1.74
CA PHE K 79 32.68 19.35 -0.71
C PHE K 79 33.87 18.47 -0.31
N THR K 80 35.05 19.05 -0.23
CA THR K 80 36.21 18.29 0.20
C THR K 80 36.83 19.06 1.33
N ILE K 81 37.07 18.36 2.44
CA ILE K 81 37.70 18.99 3.59
C ILE K 81 39.15 18.52 3.60
N SER K 82 40.08 19.48 3.70
CA SER K 82 41.50 19.20 3.82
C SER K 82 41.98 20.05 4.99
N HIS K 83 43.29 20.07 5.21
CA HIS K 83 43.84 20.85 6.30
C HIS K 83 45.17 21.50 5.93
N ASP K 84 45.48 22.60 6.58
CA ASP K 84 46.80 23.22 6.35
C ASP K 84 47.76 22.55 7.35
N LYS K 85 49.02 23.01 7.35
N LYS K 85 49.01 23.00 7.34
CA LYS K 85 50.07 22.45 8.19
CA LYS K 85 50.04 22.44 8.20
C LYS K 85 49.86 22.56 9.69
C LYS K 85 49.71 22.46 9.68
N LEU K 86 49.07 23.54 10.11
CA LEU K 86 48.76 23.73 11.52
C LEU K 86 47.50 23.03 11.98
N GLY K 87 46.77 22.44 11.04
CA GLY K 87 45.55 21.70 11.34
C GLY K 87 44.28 22.44 11.05
N LYS K 88 44.39 23.66 10.54
CA LYS K 88 43.18 24.43 10.20
C LYS K 88 42.44 23.72 9.08
N PRO K 89 41.13 23.56 9.21
CA PRO K 89 40.38 22.89 8.16
C PRO K 89 40.13 23.82 6.98
N LEU K 90 40.17 23.25 5.77
CA LEU K 90 39.98 23.99 4.52
C LEU K 90 38.87 23.31 3.73
N LEU K 91 38.02 24.10 3.08
CA LEU K 91 36.89 23.57 2.30
C LEU K 91 37.07 23.89 0.83
N ILE K 92 37.02 22.88 -0.03
CA ILE K 92 37.16 23.08 -1.47
C ILE K 92 35.92 22.54 -2.15
N LEU K 93 35.37 23.32 -3.08
CA LEU K 93 34.15 22.92 -3.75
C LEU K 93 34.37 22.31 -5.13
N SER K 94 33.45 21.45 -5.53
CA SER K 94 33.47 20.83 -6.84
C SER K 94 32.04 20.57 -7.27
N GLY K 95 31.85 20.07 -8.50
CA GLY K 95 30.52 19.75 -8.98
C GLY K 95 29.57 20.92 -8.96
N GLN K 96 28.30 20.63 -8.68
CA GLN K 96 27.27 21.66 -8.65
C GLN K 96 27.54 22.76 -7.61
N ALA K 97 28.15 22.41 -6.46
CA ALA K 97 28.45 23.40 -5.43
C ALA K 97 29.44 24.43 -5.99
N ALA K 98 30.45 23.96 -6.73
CA ALA K 98 31.43 24.90 -7.33
C ALA K 98 30.77 25.78 -8.40
N GLU K 99 29.86 25.21 -9.17
CA GLU K 99 29.16 25.98 -10.19
C GLU K 99 28.36 27.10 -9.53
N LEU K 100 27.58 26.76 -8.51
CA LEU K 100 26.77 27.76 -7.84
C LEU K 100 27.64 28.83 -7.21
N ALA K 101 28.70 28.41 -6.52
CA ALA K 101 29.63 29.31 -5.88
C ALA K 101 30.23 30.32 -6.88
N SER K 102 30.54 29.88 -8.10
N SER K 102 30.53 29.85 -8.08
CA SER K 102 31.10 30.78 -9.11
CA SER K 102 31.09 30.72 -9.12
C SER K 102 30.04 31.78 -9.53
C SER K 102 30.05 31.75 -9.55
N GLN K 103 28.81 31.31 -9.70
CA GLN K 103 27.72 32.20 -10.09
C GLN K 103 27.56 33.25 -8.99
N LEU K 104 27.76 32.84 -7.74
CA LEU K 104 27.65 33.77 -6.60
C LEU K 104 28.91 34.61 -6.35
N GLN K 105 29.93 34.40 -7.17
CA GLN K 105 31.20 35.13 -7.07
C GLN K 105 31.95 34.90 -5.74
N VAL K 106 31.81 33.71 -5.19
CA VAL K 106 32.51 33.35 -3.94
C VAL K 106 34.01 33.33 -4.22
N GLU K 107 34.77 34.01 -3.37
CA GLU K 107 36.24 34.05 -3.54
C GLU K 107 37.00 33.54 -2.33
N ASN K 108 36.32 33.48 -1.20
CA ASN K 108 36.91 33.01 0.05
C ASN K 108 35.92 32.17 0.82
N ILE K 109 36.42 31.07 1.35
CA ILE K 109 35.62 30.15 2.09
C ILE K 109 36.26 29.92 3.46
N HIS K 110 35.45 30.00 4.51
CA HIS K 110 35.94 29.78 5.85
C HIS K 110 35.13 28.68 6.53
N LEU K 111 35.86 27.81 7.21
CA LEU K 111 35.27 26.68 7.91
C LEU K 111 35.93 26.49 9.28
N SER K 112 35.10 26.21 10.28
CA SER K 112 35.62 25.85 11.61
C SER K 112 34.82 24.63 12.11
N ILE K 113 35.50 23.73 12.83
CA ILE K 113 34.93 22.50 13.37
C ILE K 113 35.30 22.35 14.82
N SER K 114 34.44 21.69 15.59
CA SER K 114 34.72 21.39 17.00
C SER K 114 33.93 20.15 17.38
N ASP K 115 34.48 19.32 18.27
CA ASP K 115 33.69 18.21 18.77
C ASP K 115 33.96 18.03 20.25
N GLU K 116 33.00 17.48 20.95
CA GLU K 116 33.19 17.18 22.37
C GLU K 116 32.80 15.70 22.43
N ARG K 117 32.62 15.14 23.63
N ARG K 117 32.65 15.14 23.62
CA ARG K 117 32.35 13.71 23.73
CA ARG K 117 32.35 13.71 23.71
C ARG K 117 31.12 13.18 22.99
C ARG K 117 31.18 13.26 22.86
N HIS K 118 30.06 13.98 22.93
CA HIS K 118 28.86 13.55 22.23
C HIS K 118 28.44 14.29 20.97
N TYR K 119 28.96 15.48 20.78
CA TYR K 119 28.57 16.28 19.64
C TYR K 119 29.69 16.88 18.80
N ALA K 120 29.49 16.91 17.50
CA ALA K 120 30.39 17.55 16.58
C ALA K 120 29.63 18.70 15.94
N MSE K 121 30.32 19.80 15.67
CA MSE K 121 29.64 20.91 15.03
C MSE K 121 30.57 21.67 14.08
O MSE K 121 31.79 21.55 14.16
CB MSE K 121 29.03 21.87 16.05
CG MSE K 121 29.90 22.65 16.88
SE MSE K 121 28.88 23.78 18.22
CE MSE K 121 30.51 24.77 18.52
N ALA K 122 29.98 22.45 13.20
CA ALA K 122 30.75 23.24 12.26
C ALA K 122 29.99 24.44 11.82
N THR K 123 30.76 25.42 11.39
CA THR K 123 30.24 26.65 10.83
C THR K 123 31.05 26.98 9.59
N VAL K 124 30.36 27.46 8.56
CA VAL K 124 30.98 27.84 7.31
C VAL K 124 30.50 29.22 6.88
N ILE K 125 31.42 30.05 6.38
CA ILE K 125 31.09 31.37 5.83
C ILE K 125 31.67 31.45 4.40
N LEU K 126 30.84 31.89 3.46
CA LEU K 126 31.25 32.10 2.07
C LEU K 126 31.26 33.62 1.83
N GLU K 127 32.33 34.14 1.22
CA GLU K 127 32.40 35.56 0.95
C GLU K 127 32.84 35.84 -0.48
N ARG K 128 32.39 36.99 -0.98
CA ARG K 128 32.72 37.43 -2.35
C ARG K 128 33.59 38.66 -2.26
N ALA L 3 32.49 45.95 3.17
CA ALA L 3 31.33 45.73 4.08
C ALA L 3 31.82 45.02 5.33
N MSE L 4 31.75 45.70 6.48
CA MSE L 4 32.23 45.07 7.67
C MSE L 4 31.09 44.45 8.47
O MSE L 4 29.90 44.70 8.25
CB MSE L 4 33.03 46.01 8.57
CG MSE L 4 32.26 47.02 9.40
SE MSE L 4 33.56 47.95 10.54
CE MSE L 4 34.52 48.95 9.16
N ILE L 5 31.49 43.61 9.39
CA ILE L 5 30.57 42.92 10.24
C ILE L 5 30.20 43.83 11.39
N VAL L 6 28.91 44.04 11.56
CA VAL L 6 28.35 44.84 12.62
C VAL L 6 28.18 44.05 13.89
N GLY L 7 27.86 42.77 13.75
CA GLY L 7 27.67 41.94 14.91
C GLY L 7 27.56 40.47 14.57
N LEU L 8 27.84 39.66 15.60
CA LEU L 8 27.81 38.22 15.54
C LEU L 8 27.08 37.70 16.78
N GLY L 9 26.20 36.74 16.58
CA GLY L 9 25.46 36.14 17.67
C GLY L 9 25.31 34.66 17.49
N THR L 10 25.34 33.94 18.60
CA THR L 10 25.15 32.49 18.57
C THR L 10 24.34 32.07 19.79
N ASP L 11 23.62 30.95 19.70
CA ASP L 11 22.83 30.48 20.81
C ASP L 11 22.54 29.01 20.68
N ILE L 12 22.50 28.33 21.82
CA ILE L 12 22.13 26.90 21.85
C ILE L 12 20.94 26.79 22.82
N ALA L 13 19.93 26.01 22.43
CA ALA L 13 18.73 25.81 23.22
C ALA L 13 18.47 24.32 23.43
N GLU L 14 18.10 23.97 24.66
CA GLU L 14 17.76 22.59 25.02
C GLU L 14 16.29 22.38 24.65
N ILE L 15 16.04 21.50 23.71
CA ILE L 15 14.68 21.28 23.18
C ILE L 15 13.66 20.81 24.22
N GLU L 16 14.05 19.90 25.10
CA GLU L 16 13.13 19.39 26.10
C GLU L 16 12.63 20.49 27.05
N ARG L 17 13.46 21.51 27.31
CA ARG L 17 13.03 22.61 28.18
C ARG L 17 11.89 23.42 27.52
N VAL L 18 12.00 23.59 26.21
CA VAL L 18 10.99 24.29 25.42
C VAL L 18 9.69 23.44 25.40
N GLU L 19 9.85 22.15 25.18
CA GLU L 19 8.70 21.23 25.18
C GLU L 19 7.96 21.25 26.53
N LYS L 20 8.70 21.23 27.63
CA LYS L 20 8.11 21.28 28.96
C LYS L 20 7.36 22.59 29.17
N ALA L 21 7.95 23.71 28.73
CA ALA L 21 7.31 25.02 28.84
C ALA L 21 5.99 25.01 28.08
N LEU L 22 5.98 24.44 26.86
CA LEU L 22 4.74 24.37 26.07
C LEU L 22 3.67 23.50 26.74
N ALA L 23 4.10 22.41 27.37
CA ALA L 23 3.16 21.52 28.05
C ALA L 23 2.49 22.21 29.25
N ARG L 24 3.18 23.15 29.87
CA ARG L 24 2.62 23.86 31.00
C ARG L 24 1.88 25.15 30.63
N SER L 25 2.51 25.98 29.79
CA SER L 25 1.96 27.32 29.45
C SER L 25 1.48 27.55 28.03
N GLY L 26 1.74 26.58 27.18
CA GLY L 26 1.29 26.59 25.80
C GLY L 26 1.39 27.89 25.04
N GLU L 27 0.23 28.32 24.54
CA GLU L 27 0.12 29.52 23.72
C GLU L 27 0.69 30.76 24.41
N ASN L 28 0.57 30.86 25.73
CA ASN L 28 1.10 32.02 26.44
C ASN L 28 2.62 32.07 26.31
N PHE L 29 3.25 30.91 26.33
CA PHE L 29 4.69 30.86 26.14
C PHE L 29 5.05 31.08 24.67
N ALA L 30 4.38 30.38 23.76
CA ALA L 30 4.70 30.52 22.32
C ALA L 30 4.54 31.97 21.85
N ARG L 31 3.48 32.62 22.30
CA ARG L 31 3.21 34.01 21.91
C ARG L 31 4.22 35.00 22.43
N ARG L 32 4.94 34.66 23.48
CA ARG L 32 5.98 35.58 23.97
C ARG L 32 7.17 35.58 23.01
N ILE L 33 7.38 34.45 22.33
CA ILE L 33 8.51 34.28 21.44
C ILE L 33 8.21 34.61 19.95
N LEU L 34 7.06 34.16 19.51
CA LEU L 34 6.68 34.31 18.14
C LEU L 34 5.71 35.46 17.88
N THR L 35 5.84 36.05 16.68
CA THR L 35 4.90 37.12 16.28
C THR L 35 3.59 36.43 15.87
N ASP L 36 2.48 37.17 15.87
CA ASP L 36 1.18 36.58 15.48
C ASP L 36 1.30 35.94 14.12
N SER L 37 2.08 36.54 13.27
CA SER L 37 2.29 36.03 11.95
C SER L 37 3.04 34.69 11.97
N GLU L 38 4.09 34.56 12.78
CA GLU L 38 4.83 33.31 12.88
C GLU L 38 4.02 32.19 13.53
N LEU L 39 3.07 32.57 14.38
CA LEU L 39 2.20 31.62 15.07
C LEU L 39 1.39 30.76 14.06
N GLU L 40 1.12 31.30 12.88
N GLU L 40 1.12 31.29 12.89
CA GLU L 40 0.39 30.55 11.87
CA GLU L 40 0.39 30.55 11.87
C GLU L 40 1.16 29.30 11.44
C GLU L 40 1.15 29.27 11.52
N GLN L 41 2.47 29.44 11.23
N GLN L 41 2.43 29.43 11.20
CA GLN L 41 3.25 28.29 10.83
CA GLN L 41 3.31 28.32 10.85
C GLN L 41 3.50 27.38 12.04
C GLN L 41 3.51 27.39 12.03
N PHE L 42 3.66 27.97 13.22
CA PHE L 42 3.85 27.20 14.45
C PHE L 42 2.63 26.29 14.65
N HIS L 43 1.43 26.84 14.55
CA HIS L 43 0.21 26.03 14.74
C HIS L 43 0.04 24.89 13.76
N ALA L 44 0.57 25.04 12.54
CA ALA L 44 0.49 23.98 11.53
C ALA L 44 1.52 22.87 11.78
N SER L 45 2.54 23.15 12.60
CA SER L 45 3.57 22.16 12.87
C SER L 45 3.08 20.97 13.72
N LYS L 46 3.66 19.80 13.44
CA LYS L 46 3.38 18.58 14.17
C LYS L 46 4.51 18.29 15.18
N GLN L 47 5.47 19.20 15.26
N GLN L 47 5.49 19.19 15.23
CA GLN L 47 6.59 19.10 16.20
CA GLN L 47 6.64 19.14 16.15
C GLN L 47 6.84 20.52 16.70
C GLN L 47 6.85 20.55 16.69
N GLN L 48 5.82 21.05 17.38
CA GLN L 48 5.84 22.41 17.90
C GLN L 48 6.99 22.79 18.82
N GLY L 49 7.38 21.91 19.73
CA GLY L 49 8.50 22.20 20.61
C GLY L 49 9.82 22.34 19.86
N ARG L 50 10.04 21.48 18.86
CA ARG L 50 11.24 21.55 18.03
C ARG L 50 11.23 22.81 17.19
N PHE L 51 10.07 23.15 16.63
CA PHE L 51 9.89 24.35 15.82
C PHE L 51 10.25 25.58 16.66
N LEU L 52 9.65 25.65 17.84
CA LEU L 52 9.86 26.78 18.73
C LEU L 52 11.30 26.89 19.25
N ALA L 53 11.92 25.76 19.59
CA ALA L 53 13.32 25.75 20.07
C ALA L 53 14.23 26.40 19.04
N LYS L 54 14.02 26.05 17.76
CA LYS L 54 14.81 26.65 16.66
C LYS L 54 14.59 28.17 16.54
N ARG L 55 13.34 28.63 16.67
N ARG L 55 13.35 28.63 16.70
CA ARG L 55 13.08 30.07 16.58
CA ARG L 55 13.06 30.05 16.59
C ARG L 55 13.67 30.78 17.79
C ARG L 55 13.64 30.78 17.79
N PHE L 56 13.58 30.12 18.93
CA PHE L 56 14.11 30.70 20.15
C PHE L 56 15.62 30.94 20.01
N ALA L 57 16.31 29.92 19.54
CA ALA L 57 17.76 30.02 19.34
C ALA L 57 18.09 31.08 18.28
N ALA L 58 17.34 31.13 17.18
CA ALA L 58 17.59 32.08 16.11
C ALA L 58 17.43 33.54 16.60
N LYS L 59 16.38 33.77 17.39
CA LYS L 59 16.08 35.10 17.91
C LYS L 59 17.09 35.53 18.97
N GLU L 60 17.48 34.63 19.89
CA GLU L 60 18.48 35.02 20.85
C GLU L 60 19.81 35.34 20.15
N ALA L 61 20.20 34.53 19.17
CA ALA L 61 21.44 34.78 18.43
C ALA L 61 21.35 36.12 17.74
N ALA L 62 20.21 36.42 17.12
CA ALA L 62 20.02 37.69 16.44
C ALA L 62 20.14 38.88 17.42
N SER L 63 19.59 38.72 18.61
CA SER L 63 19.62 39.79 19.61
C SER L 63 21.05 40.02 20.09
N LYS L 64 21.88 38.97 20.08
CA LYS L 64 23.27 39.15 20.47
C LYS L 64 24.10 39.83 19.35
N ALA L 65 23.78 39.49 18.09
CA ALA L 65 24.44 40.10 16.94
C ALA L 65 24.12 41.59 16.93
N LEU L 66 22.93 41.97 17.39
CA LEU L 66 22.56 43.38 17.43
C LEU L 66 23.36 44.11 18.53
N GLY L 67 23.76 43.37 19.56
CA GLY L 67 24.52 43.91 20.67
C GLY L 67 23.70 44.27 21.90
N THR L 68 22.40 44.00 21.87
CA THR L 68 21.53 44.33 22.99
C THR L 68 21.00 43.16 23.82
N GLY L 69 20.94 41.98 23.21
CA GLY L 69 20.29 40.88 23.86
C GLY L 69 18.80 41.26 23.80
N ILE L 70 17.99 40.49 24.52
CA ILE L 70 16.56 40.74 24.64
C ILE L 70 16.50 41.66 25.84
N ALA L 71 16.69 42.96 25.55
CA ALA L 71 16.72 44.00 26.55
C ALA L 71 16.77 45.34 25.80
N GLN L 72 16.81 46.44 26.54
CA GLN L 72 16.89 47.77 25.92
C GLN L 72 15.78 48.01 24.88
N GLY L 73 14.59 47.48 25.14
CA GLY L 73 13.46 47.66 24.24
C GLY L 73 13.37 46.68 23.09
N VAL L 74 14.41 45.87 22.90
CA VAL L 74 14.43 44.85 21.87
C VAL L 74 13.76 43.59 22.44
N THR L 75 12.76 43.10 21.72
CA THR L 75 11.99 41.94 22.16
C THR L 75 12.05 40.79 21.16
N PHE L 76 11.61 39.61 21.58
CA PHE L 76 11.55 38.47 20.69
C PHE L 76 10.69 38.81 19.47
N HIS L 77 9.68 39.65 19.65
CA HIS L 77 8.82 40.02 18.53
C HIS L 77 9.48 40.92 17.50
N ASP L 78 10.69 41.38 17.76
CA ASP L 78 11.40 42.26 16.84
C ASP L 78 12.19 41.47 15.79
N PHE L 79 12.09 40.15 15.87
CA PHE L 79 12.78 39.29 14.94
C PHE L 79 11.73 38.37 14.34
N THR L 80 11.75 38.21 13.01
CA THR L 80 10.85 37.30 12.35
C THR L 80 11.67 36.35 11.50
N ILE L 81 11.41 35.05 11.63
CA ILE L 81 12.11 34.07 10.83
C ILE L 81 11.20 33.59 9.69
N SER L 82 11.70 33.66 8.47
N SER L 82 11.70 33.69 8.47
CA SER L 82 10.95 33.18 7.32
CA SER L 82 10.98 33.23 7.28
C SER L 82 11.90 32.24 6.54
C SER L 82 11.92 32.28 6.52
N HIS L 83 11.49 31.82 5.35
CA HIS L 83 12.31 30.93 4.53
C HIS L 83 12.19 31.21 3.05
N ASP L 84 13.25 30.95 2.29
CA ASP L 84 13.15 31.11 0.85
C ASP L 84 12.63 29.80 0.27
N LYS L 85 12.47 29.74 -1.05
CA LYS L 85 11.93 28.54 -1.70
C LYS L 85 12.76 27.27 -1.57
N LEU L 86 14.03 27.39 -1.22
CA LEU L 86 14.90 26.22 -1.08
C LEU L 86 15.01 25.79 0.39
N GLY L 87 14.41 26.56 1.29
CA GLY L 87 14.43 26.22 2.71
C GLY L 87 15.42 27.03 3.55
N LYS L 88 16.13 27.95 2.91
CA LYS L 88 17.09 28.76 3.63
C LYS L 88 16.34 29.69 4.58
N PRO L 89 16.75 29.73 5.85
CA PRO L 89 16.09 30.64 6.79
C PRO L 89 16.52 32.10 6.55
N LEU L 90 15.57 33.01 6.71
CA LEU L 90 15.77 34.45 6.52
C LEU L 90 15.31 35.13 7.78
N LEU L 91 16.05 36.18 8.17
CA LEU L 91 15.76 36.94 9.38
C LEU L 91 15.41 38.38 9.03
N ILE L 92 14.25 38.83 9.44
CA ILE L 92 13.80 40.20 9.18
C ILE L 92 13.54 40.90 10.51
N LEU L 93 14.06 42.11 10.64
CA LEU L 93 13.94 42.85 11.88
C LEU L 93 12.78 43.82 11.84
N SER L 94 12.27 44.12 13.01
CA SER L 94 11.21 45.11 13.17
C SER L 94 11.37 45.77 14.54
N GLY L 95 10.45 46.67 14.88
CA GLY L 95 10.50 47.36 16.14
C GLY L 95 11.83 48.07 16.39
N GLN L 96 12.23 48.04 17.66
CA GLN L 96 13.47 48.66 18.07
C GLN L 96 14.69 48.00 17.42
N ALA L 97 14.65 46.70 17.17
CA ALA L 97 15.79 46.03 16.53
C ALA L 97 16.04 46.63 15.14
N ALA L 98 14.96 46.87 14.40
CA ALA L 98 15.07 47.44 13.05
C ALA L 98 15.61 48.88 13.13
N GLU L 99 15.15 49.61 14.14
CA GLU L 99 15.61 51.00 14.33
C GLU L 99 17.10 51.04 14.61
N LEU L 100 17.56 50.17 15.49
CA LEU L 100 18.99 50.09 15.83
C LEU L 100 19.81 49.61 14.63
N ALA L 101 19.29 48.61 13.92
CA ALA L 101 20.00 48.09 12.75
C ALA L 101 20.17 49.20 11.71
N SER L 102 19.13 50.02 11.51
CA SER L 102 19.22 51.13 10.55
C SER L 102 20.30 52.13 10.99
N GLN L 103 20.34 52.45 12.28
CA GLN L 103 21.35 53.37 12.80
C GLN L 103 22.76 52.79 12.57
N LEU L 104 22.88 51.46 12.67
CA LEU L 104 24.15 50.77 12.47
C LEU L 104 24.49 50.55 11.00
N GLN L 105 23.56 50.94 10.12
CA GLN L 105 23.72 50.80 8.69
C GLN L 105 23.80 49.34 8.21
N VAL L 106 23.07 48.45 8.91
CA VAL L 106 23.02 47.03 8.52
C VAL L 106 22.29 46.93 7.18
N GLU L 107 22.91 46.26 6.21
CA GLU L 107 22.29 46.09 4.91
C GLU L 107 22.14 44.63 4.52
N ASN L 108 22.81 43.73 5.25
CA ASN L 108 22.73 42.29 4.97
C ASN L 108 22.70 41.52 6.28
N ILE L 109 21.79 40.56 6.36
CA ILE L 109 21.59 39.76 7.56
C ILE L 109 21.65 38.29 7.17
N HIS L 110 22.44 37.53 7.91
CA HIS L 110 22.62 36.12 7.66
C HIS L 110 22.28 35.31 8.89
N LEU L 111 21.54 34.23 8.65
CA LEU L 111 21.11 33.32 9.72
C LEU L 111 21.23 31.88 9.28
N SER L 112 21.70 31.04 10.22
CA SER L 112 21.74 29.62 9.98
C SER L 112 21.26 28.94 11.26
N ILE L 113 20.48 27.87 11.04
CA ILE L 113 19.89 27.07 12.10
C ILE L 113 20.19 25.59 11.92
N SER L 114 20.36 24.90 13.04
CA SER L 114 20.53 23.47 13.04
C SER L 114 19.97 22.83 14.33
N ASP L 115 19.42 21.61 14.22
CA ASP L 115 19.02 20.92 15.45
C ASP L 115 19.34 19.46 15.36
N GLU L 116 19.49 18.82 16.51
N GLU L 116 19.54 18.85 16.54
CA GLU L 116 19.70 17.38 16.54
CA GLU L 116 19.76 17.42 16.72
C GLU L 116 18.66 16.94 17.57
C GLU L 116 18.66 16.96 17.63
N ARG L 117 18.72 15.71 18.06
CA ARG L 117 17.67 15.24 18.96
C ARG L 117 17.38 16.10 20.17
N HIS L 118 18.42 16.58 20.84
CA HIS L 118 18.23 17.35 22.06
C HIS L 118 18.49 18.84 22.04
N TYR L 119 19.24 19.33 21.06
CA TYR L 119 19.60 20.73 21.00
C TYR L 119 19.35 21.38 19.68
N ALA L 120 18.99 22.66 19.75
CA ALA L 120 18.78 23.51 18.57
C ALA L 120 19.82 24.62 18.73
N MSE L 121 20.39 25.06 17.61
CA MSE L 121 21.36 26.15 17.70
C MSE L 121 21.26 27.04 16.47
O MSE L 121 20.71 26.65 15.42
CB MSE L 121 22.78 25.67 17.93
CG MSE L 121 23.40 25.00 16.85
SE MSE L 121 25.22 24.44 17.34
CE MSE L 121 25.60 24.10 15.51
N ALA L 122 21.77 28.24 16.60
CA ALA L 122 21.72 29.19 15.51
C ALA L 122 22.87 30.19 15.65
N THR L 123 23.24 30.74 14.49
CA THR L 123 24.27 31.76 14.37
C THR L 123 23.72 32.82 13.42
N VAL L 124 23.95 34.08 13.79
CA VAL L 124 23.53 35.28 13.03
C VAL L 124 24.70 36.23 12.86
N ILE L 125 24.81 36.79 11.64
CA ILE L 125 25.79 37.79 11.35
C ILE L 125 25.07 38.99 10.68
N LEU L 126 25.36 40.18 11.19
CA LEU L 126 24.84 41.43 10.62
C LEU L 126 26.02 42.10 9.94
N GLU L 127 25.80 42.59 8.72
CA GLU L 127 26.81 43.22 7.90
C GLU L 127 26.37 44.57 7.34
N ARG L 128 27.30 45.50 7.24
CA ARG L 128 26.99 46.80 6.64
C ARG L 128 27.83 47.00 5.38
N ALA M 3 -48.58 -48.64 -41.70
CA ALA M 3 -47.90 -47.31 -41.85
C ALA M 3 -48.64 -46.29 -40.98
N MSE M 4 -48.41 -46.32 -39.67
CA MSE M 4 -49.10 -45.40 -38.76
C MSE M 4 -48.80 -43.94 -38.99
O MSE M 4 -49.75 -43.19 -39.11
CB MSE M 4 -49.06 -45.83 -37.30
CG MSE M 4 -50.34 -46.55 -36.84
SE MSE M 4 -51.28 -47.81 -38.05
CE MSE M 4 -52.67 -48.46 -36.85
N ILE M 5 -47.52 -43.55 -39.05
CA ILE M 5 -47.19 -42.16 -39.33
C ILE M 5 -47.34 -41.94 -40.82
N VAL M 6 -48.16 -40.95 -41.17
CA VAL M 6 -48.47 -40.58 -42.53
C VAL M 6 -47.51 -39.51 -43.03
N GLY M 7 -47.05 -38.65 -42.13
CA GLY M 7 -46.15 -37.59 -42.52
C GLY M 7 -45.47 -36.93 -41.33
N LEU M 8 -44.32 -36.32 -41.62
CA LEU M 8 -43.51 -35.65 -40.64
C LEU M 8 -43.03 -34.35 -41.30
N GLY M 9 -43.10 -33.27 -40.55
CA GLY M 9 -42.66 -31.95 -41.04
C GLY M 9 -41.99 -31.15 -39.95
N THR M 10 -41.00 -30.36 -40.34
CA THR M 10 -40.30 -29.52 -39.39
C THR M 10 -39.97 -28.20 -40.08
N ASP M 11 -39.81 -27.12 -39.31
CA ASP M 11 -39.48 -25.84 -39.90
C ASP M 11 -38.86 -24.91 -38.87
N ILE M 12 -37.91 -24.10 -39.34
CA ILE M 12 -37.26 -23.10 -38.46
C ILE M 12 -37.44 -21.75 -39.18
N ALA M 13 -37.80 -20.70 -38.44
CA ALA M 13 -38.02 -19.38 -39.01
C ALA M 13 -37.29 -18.31 -38.20
N GLU M 14 -36.68 -17.38 -38.90
CA GLU M 14 -35.96 -16.27 -38.29
C GLU M 14 -36.98 -15.17 -37.93
N ILE M 15 -37.09 -14.90 -36.63
CA ILE M 15 -38.09 -13.94 -36.14
C ILE M 15 -37.93 -12.52 -36.68
N GLU M 16 -36.71 -12.01 -36.72
CA GLU M 16 -36.45 -10.66 -37.24
C GLU M 16 -36.98 -10.46 -38.66
N ARG M 17 -36.87 -11.46 -39.52
CA ARG M 17 -37.38 -11.33 -40.89
C ARG M 17 -38.89 -11.14 -40.91
N VAL M 18 -39.58 -11.83 -40.00
CA VAL M 18 -41.03 -11.70 -39.87
C VAL M 18 -41.36 -10.30 -39.31
N GLU M 19 -40.59 -9.82 -38.35
CA GLU M 19 -40.80 -8.47 -37.78
C GLU M 19 -40.62 -7.39 -38.85
N LYS M 20 -39.59 -7.52 -39.68
CA LYS M 20 -39.34 -6.56 -40.76
C LYS M 20 -40.48 -6.56 -41.77
N ALA M 21 -40.97 -7.76 -42.13
CA ALA M 21 -42.09 -7.88 -43.09
C ALA M 21 -43.32 -7.17 -42.53
N LEU M 22 -43.57 -7.34 -41.25
CA LEU M 22 -44.72 -6.68 -40.62
C LEU M 22 -44.57 -5.16 -40.60
N ALA M 23 -43.36 -4.67 -40.34
CA ALA M 23 -43.12 -3.23 -40.30
C ALA M 23 -43.35 -2.59 -41.67
N ARG M 24 -43.17 -3.37 -42.73
CA ARG M 24 -43.37 -2.86 -44.11
C ARG M 24 -44.80 -3.05 -44.65
N SER M 25 -45.30 -4.28 -44.53
CA SER M 25 -46.60 -4.66 -45.08
C SER M 25 -47.73 -4.97 -44.12
N GLY M 26 -47.42 -5.05 -42.84
CA GLY M 26 -48.40 -5.26 -41.80
C GLY M 26 -49.51 -6.28 -42.04
N GLU M 27 -50.75 -5.81 -41.98
CA GLU M 27 -51.92 -6.67 -42.13
C GLU M 27 -51.93 -7.45 -43.44
N ASN M 28 -51.46 -6.85 -44.53
CA ASN M 28 -51.43 -7.56 -45.82
C ASN M 28 -50.52 -8.78 -45.76
N PHE M 29 -49.45 -8.68 -44.99
CA PHE M 29 -48.54 -9.78 -44.82
C PHE M 29 -49.13 -10.77 -43.82
N ALA M 30 -49.65 -10.29 -42.68
CA ALA M 30 -50.23 -11.21 -41.69
C ALA M 30 -51.38 -12.02 -42.25
N ARG M 31 -52.24 -11.36 -43.05
CA ARG M 31 -53.38 -12.06 -43.64
C ARG M 31 -53.03 -13.13 -44.69
N ARG M 32 -51.83 -13.09 -45.25
CA ARG M 32 -51.42 -14.12 -46.21
C ARG M 32 -51.16 -15.42 -45.45
N ILE M 33 -50.73 -15.28 -44.20
CA ILE M 33 -50.39 -16.41 -43.37
C ILE M 33 -51.50 -16.90 -42.43
N LEU M 34 -52.25 -15.97 -41.84
CA LEU M 34 -53.25 -16.33 -40.88
C LEU M 34 -54.67 -16.28 -41.42
N THR M 35 -55.52 -17.15 -40.89
CA THR M 35 -56.91 -17.17 -41.27
C THR M 35 -57.61 -16.05 -40.50
N ASP M 36 -58.81 -15.69 -40.91
CA ASP M 36 -59.53 -14.63 -40.21
C ASP M 36 -59.67 -14.87 -38.69
N SER M 37 -59.84 -16.12 -38.26
CA SER M 37 -59.96 -16.45 -36.83
C SER M 37 -58.67 -16.29 -36.05
N GLU M 38 -57.56 -16.61 -36.69
CA GLU M 38 -56.29 -16.46 -36.03
C GLU M 38 -55.92 -14.99 -35.93
N LEU M 39 -56.40 -14.19 -36.88
CA LEU M 39 -56.13 -12.75 -36.85
C LEU M 39 -56.62 -12.10 -35.56
N GLU M 40 -57.70 -12.62 -34.97
CA GLU M 40 -58.24 -12.05 -33.73
C GLU M 40 -57.23 -12.11 -32.58
N GLN M 41 -56.60 -13.28 -32.44
N GLN M 41 -56.63 -13.28 -32.40
CA GLN M 41 -55.60 -13.57 -31.43
CA GLN M 41 -55.64 -13.50 -31.36
C GLN M 41 -54.33 -12.77 -31.73
C GLN M 41 -54.33 -12.77 -31.72
N PHE M 42 -54.01 -12.71 -33.01
CA PHE M 42 -52.84 -11.99 -33.47
C PHE M 42 -52.95 -10.50 -33.10
N HIS M 43 -54.11 -9.92 -33.36
CA HIS M 43 -54.35 -8.51 -33.06
C HIS M 43 -54.23 -8.17 -31.59
N ALA M 44 -54.60 -9.11 -30.72
CA ALA M 44 -54.52 -8.92 -29.28
C ALA M 44 -53.09 -9.02 -28.73
N SER M 45 -52.19 -9.64 -29.47
CA SER M 45 -50.81 -9.80 -29.03
C SER M 45 -50.04 -8.49 -29.00
N LYS M 46 -49.08 -8.42 -28.07
CA LYS M 46 -48.18 -7.28 -27.95
C LYS M 46 -46.77 -7.68 -28.46
N GLN M 47 -46.65 -8.85 -29.08
N GLN M 47 -46.66 -8.85 -29.09
CA GLN M 47 -45.40 -9.35 -29.67
CA GLN M 47 -45.40 -9.33 -29.67
C GLN M 47 -45.81 -10.05 -30.95
C GLN M 47 -45.81 -10.04 -30.94
N GLN M 48 -46.46 -9.29 -31.82
CA GLN M 48 -46.99 -9.80 -33.09
C GLN M 48 -46.03 -10.50 -34.01
N GLY M 49 -44.80 -10.01 -34.11
CA GLY M 49 -43.78 -10.64 -34.94
C GLY M 49 -43.42 -12.04 -34.44
N ARG M 50 -43.26 -12.17 -33.14
CA ARG M 50 -42.96 -13.46 -32.53
C ARG M 50 -44.16 -14.42 -32.69
N PHE M 51 -45.35 -13.91 -32.47
CA PHE M 51 -46.60 -14.65 -32.62
C PHE M 51 -46.68 -15.18 -34.06
N LEU M 52 -46.48 -14.29 -35.02
CA LEU M 52 -46.56 -14.70 -36.42
C LEU M 52 -45.43 -15.66 -36.86
N ALA M 53 -44.20 -15.46 -36.38
CA ALA M 53 -43.09 -16.36 -36.74
C ALA M 53 -43.42 -17.81 -36.29
N LYS M 54 -43.99 -17.93 -35.09
CA LYS M 54 -44.39 -19.27 -34.59
C LYS M 54 -45.45 -19.92 -35.50
N ARG M 55 -46.45 -19.14 -35.91
N ARG M 55 -46.44 -19.12 -35.90
CA ARG M 55 -47.51 -19.66 -36.76
CA ARG M 55 -47.50 -19.61 -36.76
C ARG M 55 -46.96 -19.99 -38.14
C ARG M 55 -46.92 -20.01 -38.11
N PHE M 56 -46.02 -19.19 -38.62
CA PHE M 56 -45.38 -19.45 -39.90
C PHE M 56 -44.65 -20.80 -39.88
N ALA M 57 -43.83 -21.03 -38.87
CA ALA M 57 -43.11 -22.30 -38.71
C ALA M 57 -44.07 -23.49 -38.61
N ALA M 58 -45.12 -23.35 -37.79
CA ALA M 58 -46.10 -24.41 -37.60
C ALA M 58 -46.79 -24.77 -38.91
N LYS M 59 -47.20 -23.77 -39.66
CA LYS M 59 -47.89 -24.02 -40.92
C LYS M 59 -46.97 -24.64 -41.95
N GLU M 60 -45.72 -24.19 -42.07
N GLU M 60 -45.72 -24.18 -42.03
CA GLU M 60 -44.82 -24.80 -43.04
CA GLU M 60 -44.74 -24.73 -42.95
C GLU M 60 -44.49 -26.25 -42.65
C GLU M 60 -44.47 -26.21 -42.64
N ALA M 61 -44.29 -26.49 -41.36
CA ALA M 61 -44.03 -27.85 -40.89
C ALA M 61 -45.23 -28.71 -41.24
N ALA M 62 -46.45 -28.19 -41.01
CA ALA M 62 -47.66 -28.96 -41.32
C ALA M 62 -47.73 -29.30 -42.81
N SER M 63 -47.39 -28.33 -43.65
CA SER M 63 -47.46 -28.51 -45.09
C SER M 63 -46.48 -29.57 -45.53
N LYS M 64 -45.32 -29.68 -44.85
CA LYS M 64 -44.33 -30.69 -45.18
C LYS M 64 -44.81 -32.07 -44.72
N ALA M 65 -45.47 -32.12 -43.57
CA ALA M 65 -45.99 -33.38 -43.06
C ALA M 65 -47.07 -33.92 -44.02
N LEU M 66 -47.79 -33.04 -44.70
CA LEU M 66 -48.84 -33.46 -45.64
C LEU M 66 -48.20 -34.01 -46.92
N GLY M 67 -46.97 -33.60 -47.19
CA GLY M 67 -46.22 -34.06 -48.36
C GLY M 67 -46.28 -33.18 -49.60
N THR M 68 -46.86 -32.00 -49.46
CA THR M 68 -47.01 -31.07 -50.57
C THR M 68 -46.28 -29.76 -50.42
N GLY M 69 -46.03 -29.35 -49.18
CA GLY M 69 -45.47 -28.06 -48.94
C GLY M 69 -46.62 -27.09 -49.23
N ILE M 70 -46.30 -25.80 -49.37
CA ILE M 70 -47.32 -24.77 -49.68
C ILE M 70 -47.29 -24.73 -51.21
N ALA M 71 -48.05 -25.64 -51.80
CA ALA M 71 -48.13 -25.85 -53.24
C ALA M 71 -49.22 -26.89 -53.47
N GLN M 72 -49.46 -27.23 -54.74
CA GLN M 72 -50.47 -28.21 -55.12
C GLN M 72 -51.86 -27.83 -54.57
N GLY M 73 -52.15 -26.54 -54.50
CA GLY M 73 -53.45 -26.07 -54.03
C GLY M 73 -53.55 -25.86 -52.53
N VAL M 74 -52.49 -26.27 -51.82
CA VAL M 74 -52.41 -26.14 -50.38
C VAL M 74 -51.86 -24.75 -50.02
N THR M 75 -52.54 -24.03 -49.14
CA THR M 75 -52.14 -22.67 -48.73
C THR M 75 -51.98 -22.54 -47.23
N PHE M 76 -51.37 -21.44 -46.78
CA PHE M 76 -51.25 -21.19 -45.36
C PHE M 76 -52.61 -21.18 -44.68
N HIS M 77 -53.63 -20.77 -45.43
CA HIS M 77 -54.98 -20.71 -44.89
C HIS M 77 -55.63 -22.07 -44.61
N ASP M 78 -55.01 -23.14 -45.07
CA ASP M 78 -55.50 -24.50 -44.85
C ASP M 78 -55.11 -25.07 -43.50
N PHE M 79 -54.35 -24.30 -42.74
CA PHE M 79 -53.90 -24.71 -41.42
C PHE M 79 -54.31 -23.66 -40.39
N THR M 80 -54.97 -24.11 -39.34
CA THR M 80 -55.38 -23.22 -38.30
C THR M 80 -54.81 -23.72 -37.00
N ILE M 81 -54.09 -22.85 -36.31
CA ILE M 81 -53.51 -23.19 -35.02
C ILE M 81 -54.38 -22.63 -33.88
N SER M 82 -54.71 -23.49 -32.92
CA SER M 82 -55.48 -23.14 -31.74
C SER M 82 -54.72 -23.73 -30.52
N HIS M 83 -55.31 -23.60 -29.34
CA HIS M 83 -54.72 -24.14 -28.12
C HIS M 83 -55.75 -24.71 -27.16
N ASP M 84 -55.35 -25.69 -26.35
CA ASP M 84 -56.25 -26.22 -25.35
C ASP M 84 -56.08 -25.35 -24.10
N LYS M 85 -56.88 -25.63 -23.07
N LYS M 85 -56.87 -25.66 -23.07
CA LYS M 85 -56.86 -24.85 -21.83
CA LYS M 85 -56.87 -24.89 -21.82
C LYS M 85 -55.51 -24.78 -21.11
C LYS M 85 -55.53 -24.79 -21.11
N LEU M 86 -54.64 -25.75 -21.36
CA LEU M 86 -53.31 -25.73 -20.71
C LEU M 86 -52.21 -25.09 -21.55
N GLY M 87 -52.55 -24.65 -22.75
CA GLY M 87 -51.58 -24.00 -23.63
C GLY M 87 -51.01 -24.86 -24.76
N LYS M 88 -51.39 -26.14 -24.83
CA LYS M 88 -50.88 -27.03 -25.88
C LYS M 88 -51.44 -26.60 -27.24
N PRO M 89 -50.57 -26.45 -28.26
CA PRO M 89 -51.03 -26.03 -29.58
C PRO M 89 -51.73 -27.18 -30.29
N LEU M 90 -52.78 -26.85 -31.03
CA LEU M 90 -53.56 -27.82 -31.77
C LEU M 90 -53.61 -27.37 -33.21
N LEU M 91 -53.57 -28.34 -34.15
CA LEU M 91 -53.60 -28.02 -35.57
C LEU M 91 -54.84 -28.60 -36.21
N ILE M 92 -55.61 -27.76 -36.90
CA ILE M 92 -56.83 -28.18 -37.61
C ILE M 92 -56.62 -27.83 -39.10
N LEU M 93 -56.93 -28.78 -39.99
CA LEU M 93 -56.76 -28.59 -41.41
C LEU M 93 -58.06 -28.23 -42.10
N SER M 94 -57.94 -27.53 -43.22
CA SER M 94 -59.11 -27.16 -44.03
C SER M 94 -58.64 -27.10 -45.48
N GLY M 95 -59.52 -26.71 -46.38
CA GLY M 95 -59.17 -26.61 -47.79
C GLY M 95 -58.60 -27.89 -48.36
N GLN M 96 -57.64 -27.74 -49.27
CA GLN M 96 -57.04 -28.89 -49.94
C GLN M 96 -56.26 -29.74 -48.94
N ALA M 97 -55.68 -29.11 -47.91
CA ALA M 97 -54.93 -29.87 -46.89
C ALA M 97 -55.84 -30.90 -46.24
N ALA M 98 -57.05 -30.47 -45.89
CA ALA M 98 -58.03 -31.35 -45.28
C ALA M 98 -58.46 -32.48 -46.24
N GLU M 99 -58.61 -32.15 -47.51
CA GLU M 99 -59.02 -33.17 -48.48
C GLU M 99 -57.92 -34.20 -48.64
N LEU M 100 -56.69 -33.75 -48.74
CA LEU M 100 -55.54 -34.67 -48.88
C LEU M 100 -55.39 -35.54 -47.66
N ALA M 101 -55.54 -34.92 -46.48
CA ALA M 101 -55.43 -35.66 -45.21
C ALA M 101 -56.51 -36.73 -45.13
N SER M 102 -57.69 -36.45 -45.65
N SER M 102 -57.68 -36.44 -45.67
CA SER M 102 -58.78 -37.43 -45.64
CA SER M 102 -58.79 -37.40 -45.68
C SER M 102 -58.43 -38.63 -46.52
C SER M 102 -58.42 -38.62 -46.52
N GLN M 103 -57.82 -38.35 -47.68
CA GLN M 103 -57.41 -39.41 -48.60
C GLN M 103 -56.33 -40.28 -47.97
N LEU M 104 -55.47 -39.65 -47.19
CA LEU M 104 -54.42 -40.32 -46.46
C LEU M 104 -54.88 -41.00 -45.19
N GLN M 105 -56.17 -40.84 -44.85
CA GLN M 105 -56.78 -41.42 -43.66
C GLN M 105 -56.18 -40.92 -42.35
N VAL M 106 -55.76 -39.65 -42.34
CA VAL M 106 -55.22 -39.02 -41.14
C VAL M 106 -56.28 -38.94 -40.04
N GLU M 107 -55.96 -39.46 -38.86
CA GLU M 107 -56.91 -39.44 -37.75
C GLU M 107 -56.40 -38.66 -36.54
N ASN M 108 -55.10 -38.46 -36.43
CA ASN M 108 -54.54 -37.70 -35.34
C ASN M 108 -53.43 -36.82 -35.87
N ILE M 109 -53.42 -35.60 -35.38
CA ILE M 109 -52.46 -34.59 -35.79
C ILE M 109 -51.74 -34.06 -34.56
N HIS M 110 -50.41 -34.04 -34.62
CA HIS M 110 -49.66 -33.54 -33.49
C HIS M 110 -48.74 -32.41 -33.93
N LEU M 111 -48.67 -31.40 -33.07
CA LEU M 111 -47.85 -30.20 -33.29
C LEU M 111 -47.17 -29.74 -32.02
N SER M 112 -45.91 -29.31 -32.12
CA SER M 112 -45.22 -28.69 -31.01
C SER M 112 -44.48 -27.49 -31.58
N ILE M 113 -44.40 -26.44 -30.78
CA ILE M 113 -43.77 -25.18 -31.18
C ILE M 113 -42.83 -24.71 -30.08
N SER M 114 -41.74 -24.05 -30.47
CA SER M 114 -40.81 -23.46 -29.53
C SER M 114 -40.15 -22.23 -30.14
N ASP M 115 -39.84 -21.23 -29.32
CA ASP M 115 -39.07 -20.09 -29.84
C ASP M 115 -38.03 -19.62 -28.82
N GLU M 116 -36.97 -19.01 -29.31
CA GLU M 116 -35.97 -18.45 -28.41
C GLU M 116 -35.85 -17.01 -28.89
N ARG M 117 -34.85 -16.28 -28.47
CA ARG M 117 -34.78 -14.88 -28.88
C ARG M 117 -34.85 -14.62 -30.40
N HIS M 118 -34.15 -15.42 -31.19
CA HIS M 118 -34.07 -15.19 -32.63
C HIS M 118 -34.79 -16.12 -33.57
N TYR M 119 -35.13 -17.30 -33.08
CA TYR M 119 -35.74 -18.31 -33.94
C TYR M 119 -36.97 -18.98 -33.36
N ALA M 120 -37.89 -19.30 -34.26
CA ALA M 120 -39.08 -20.05 -33.94
C ALA M 120 -39.00 -21.36 -34.70
N MSE M 121 -39.46 -22.44 -34.11
CA MSE M 121 -39.45 -23.71 -34.81
C MSE M 121 -40.66 -24.53 -34.42
O MSE M 121 -41.29 -24.30 -33.39
CB MSE M 121 -38.16 -24.48 -34.58
CG MSE M 121 -37.96 -24.98 -33.25
SE MSE M 121 -36.25 -25.99 -33.24
CE MSE M 121 -36.73 -26.88 -31.61
N ALA M 122 -41.00 -25.48 -35.29
CA ALA M 122 -42.14 -26.35 -35.06
C ALA M 122 -41.93 -27.70 -35.72
N THR M 123 -42.60 -28.71 -35.18
CA THR M 123 -42.58 -30.06 -35.75
C THR M 123 -44.03 -30.55 -35.71
N VAL M 124 -44.42 -31.24 -36.76
CA VAL M 124 -45.77 -31.80 -36.93
C VAL M 124 -45.68 -33.25 -37.40
N ILE M 125 -46.55 -34.08 -36.84
CA ILE M 125 -46.64 -35.48 -37.18
C ILE M 125 -48.11 -35.79 -37.46
N LEU M 126 -48.37 -36.43 -38.59
CA LEU M 126 -49.72 -36.87 -38.95
C LEU M 126 -49.75 -38.37 -38.82
N GLU M 127 -50.78 -38.90 -38.16
CA GLU M 127 -50.87 -40.34 -38.03
C GLU M 127 -52.25 -40.88 -38.42
N ARG M 128 -52.24 -42.12 -38.91
CA ARG M 128 -53.49 -42.79 -39.27
C ARG M 128 -53.77 -43.95 -38.33
N ALA N 3 -42.17 -51.35 -29.33
CA ALA N 3 -42.54 -49.96 -29.70
C ALA N 3 -42.79 -49.87 -31.21
N MSE N 4 -43.77 -49.05 -31.64
CA MSE N 4 -44.04 -48.87 -33.06
C MSE N 4 -42.92 -47.95 -33.62
O MSE N 4 -42.40 -48.18 -34.70
CB MSE N 4 -45.41 -48.28 -33.29
CG MSE N 4 -45.91 -48.34 -34.74
SE MSE N 4 -46.41 -50.12 -35.41
CE MSE N 4 -46.76 -49.59 -37.28
N ILE N 5 -42.60 -46.90 -32.89
CA ILE N 5 -41.51 -46.00 -33.24
C ILE N 5 -40.25 -46.67 -32.72
N VAL N 6 -39.32 -46.94 -33.63
CA VAL N 6 -38.06 -47.61 -33.37
C VAL N 6 -36.96 -46.64 -33.00
N GLY N 7 -37.08 -45.41 -33.47
CA GLY N 7 -36.08 -44.41 -33.19
C GLY N 7 -36.48 -43.02 -33.66
N LEU N 8 -35.86 -42.03 -33.03
CA LEU N 8 -36.11 -40.63 -33.30
C LEU N 8 -34.77 -39.93 -33.30
N GLY N 9 -34.54 -39.11 -34.32
CA GLY N 9 -33.27 -38.37 -34.40
C GLY N 9 -33.48 -36.96 -34.90
N THR N 10 -32.62 -36.06 -34.47
N THR N 10 -32.67 -36.04 -34.39
CA THR N 10 -32.76 -34.69 -34.92
CA THR N 10 -32.76 -34.63 -34.76
C THR N 10 -31.36 -34.11 -34.98
C THR N 10 -31.36 -34.05 -34.89
N ASP N 11 -31.18 -33.05 -35.76
CA ASP N 11 -29.88 -32.41 -35.88
C ASP N 11 -30.01 -31.00 -36.40
N ILE N 12 -29.13 -30.11 -35.92
CA ILE N 12 -29.05 -28.74 -36.39
C ILE N 12 -27.59 -28.48 -36.84
N ALA N 13 -27.41 -27.84 -38.00
CA ALA N 13 -26.06 -27.59 -38.52
C ALA N 13 -25.96 -26.15 -38.93
N GLU N 14 -24.82 -25.54 -38.62
CA GLU N 14 -24.55 -24.16 -38.97
C GLU N 14 -24.03 -24.12 -40.41
N ILE N 15 -24.77 -23.45 -41.28
CA ILE N 15 -24.47 -23.38 -42.69
C ILE N 15 -23.08 -22.80 -43.00
N GLU N 16 -22.73 -21.71 -42.33
CA GLU N 16 -21.44 -21.07 -42.56
C GLU N 16 -20.26 -22.01 -42.30
N ARG N 17 -20.35 -22.91 -41.32
CA ARG N 17 -19.25 -23.85 -41.09
C ARG N 17 -19.08 -24.82 -42.26
N VAL N 18 -20.20 -25.25 -42.83
CA VAL N 18 -20.14 -26.12 -43.98
C VAL N 18 -19.54 -25.36 -45.16
N GLU N 19 -19.95 -24.11 -45.35
CA GLU N 19 -19.40 -23.29 -46.46
C GLU N 19 -17.88 -23.12 -46.31
N LYS N 20 -17.44 -22.85 -45.09
CA LYS N 20 -16.01 -22.69 -44.81
C LYS N 20 -15.25 -23.97 -45.14
N ALA N 21 -15.80 -25.12 -44.73
CA ALA N 21 -15.17 -26.42 -45.01
C ALA N 21 -15.06 -26.69 -46.53
N LEU N 22 -16.11 -26.35 -47.30
CA LEU N 22 -16.08 -26.49 -48.77
C LEU N 22 -15.03 -25.57 -49.41
N ALA N 23 -14.92 -24.35 -48.92
CA ALA N 23 -13.92 -23.41 -49.43
C ALA N 23 -12.50 -23.93 -49.17
N ARG N 24 -12.29 -24.69 -48.10
CA ARG N 24 -10.96 -25.21 -47.79
C ARG N 24 -10.64 -26.57 -48.39
N SER N 25 -11.57 -27.52 -48.26
CA SER N 25 -11.34 -28.90 -48.71
C SER N 25 -12.25 -29.42 -49.82
N GLY N 26 -13.22 -28.61 -50.23
CA GLY N 26 -14.10 -28.93 -51.33
C GLY N 26 -14.62 -30.36 -51.46
N GLU N 27 -14.34 -30.99 -52.61
CA GLU N 27 -14.82 -32.33 -52.94
C GLU N 27 -14.41 -33.37 -51.87
N ASN N 28 -13.22 -33.23 -51.28
CA ASN N 28 -12.78 -34.17 -50.25
C ASN N 28 -13.75 -34.15 -49.10
N PHE N 29 -14.18 -32.95 -48.72
CA PHE N 29 -15.16 -32.83 -47.66
C PHE N 29 -16.53 -33.34 -48.09
N ALA N 30 -17.00 -32.89 -49.25
CA ALA N 30 -18.32 -33.30 -49.74
C ALA N 30 -18.45 -34.81 -49.88
N ARG N 31 -17.41 -35.43 -50.43
CA ARG N 31 -17.40 -36.87 -50.63
C ARG N 31 -17.42 -37.68 -49.35
N ARG N 32 -17.05 -37.07 -48.23
CA ARG N 32 -17.10 -37.77 -46.96
C ARG N 32 -18.55 -37.92 -46.47
N ILE N 33 -19.40 -37.03 -46.93
CA ILE N 33 -20.79 -37.02 -46.51
C ILE N 33 -21.74 -37.60 -47.56
N LEU N 34 -21.47 -37.30 -48.82
CA LEU N 34 -22.33 -37.75 -49.93
C LEU N 34 -21.88 -38.99 -50.66
N THR N 35 -22.86 -39.81 -51.05
CA THR N 35 -22.56 -40.99 -51.81
C THR N 35 -22.29 -40.53 -53.24
N ASP N 36 -21.74 -41.43 -54.04
CA ASP N 36 -21.45 -41.10 -55.43
C ASP N 36 -22.72 -40.70 -56.19
N SER N 37 -23.83 -41.36 -55.89
CA SER N 37 -25.09 -41.02 -56.58
C SER N 37 -25.58 -39.63 -56.18
N GLU N 38 -25.42 -39.25 -54.91
CA GLU N 38 -25.84 -37.95 -54.45
C GLU N 38 -24.98 -36.81 -54.99
N LEU N 39 -23.74 -37.14 -55.35
CA LEU N 39 -22.80 -36.13 -55.87
C LEU N 39 -23.26 -35.47 -57.14
N GLU N 40 -24.00 -36.17 -57.99
CA GLU N 40 -24.50 -35.59 -59.24
C GLU N 40 -25.40 -34.37 -58.99
N GLN N 41 -26.32 -34.48 -58.03
CA GLN N 41 -27.24 -33.38 -57.75
C GLN N 41 -26.49 -32.25 -57.03
N PHE N 42 -25.61 -32.63 -56.10
CA PHE N 42 -24.78 -31.67 -55.39
C PHE N 42 -23.96 -30.85 -56.39
N HIS N 43 -23.31 -31.52 -57.35
CA HIS N 43 -22.49 -30.82 -58.33
C HIS N 43 -23.29 -29.86 -59.19
N ALA N 44 -24.57 -30.16 -59.37
CA ALA N 44 -25.46 -29.32 -60.16
C ALA N 44 -25.99 -28.10 -59.40
N SER N 45 -25.86 -28.10 -58.08
CA SER N 45 -26.36 -27.00 -57.25
C SER N 45 -25.49 -25.76 -57.37
N LYS N 46 -26.13 -24.59 -57.26
CA LYS N 46 -25.43 -23.30 -57.25
C LYS N 46 -25.39 -22.74 -55.80
N GLN N 47 -25.83 -23.56 -54.83
CA GLN N 47 -25.82 -23.21 -53.40
C GLN N 47 -25.35 -24.49 -52.71
N GLN N 48 -24.14 -24.92 -53.06
CA GLN N 48 -23.61 -26.17 -52.57
C GLN N 48 -23.45 -26.27 -51.08
N GLY N 49 -23.06 -25.19 -50.41
CA GLY N 49 -22.92 -25.18 -48.95
C GLY N 49 -24.27 -25.48 -48.27
N ARG N 50 -25.31 -24.79 -48.74
N ARG N 50 -25.29 -24.80 -48.76
CA ARG N 50 -26.67 -24.98 -48.20
CA ARG N 50 -26.64 -24.96 -48.24
C ARG N 50 -27.17 -26.39 -48.50
C ARG N 50 -27.16 -26.38 -48.51
N PHE N 51 -26.91 -26.88 -49.72
CA PHE N 51 -27.33 -28.23 -50.11
C PHE N 51 -26.69 -29.27 -49.17
N LEU N 52 -25.36 -29.13 -48.99
CA LEU N 52 -24.59 -30.05 -48.15
C LEU N 52 -24.98 -29.97 -46.68
N ALA N 53 -25.25 -28.75 -46.18
CA ALA N 53 -25.65 -28.55 -44.77
C ALA N 53 -26.94 -29.36 -44.46
N LYS N 54 -27.88 -29.28 -45.38
CA LYS N 54 -29.16 -30.02 -45.26
C LYS N 54 -28.95 -31.52 -45.27
N ARG N 55 -28.12 -32.01 -46.18
N ARG N 55 -28.12 -32.01 -46.18
CA ARG N 55 -27.82 -33.44 -46.27
CA ARG N 55 -27.83 -33.43 -46.23
C ARG N 55 -27.08 -33.92 -45.00
C ARG N 55 -27.10 -33.90 -44.98
N PHE N 56 -26.15 -33.11 -44.50
CA PHE N 56 -25.41 -33.42 -43.29
C PHE N 56 -26.38 -33.56 -42.10
N ALA N 57 -27.28 -32.60 -41.95
CA ALA N 57 -28.24 -32.62 -40.85
C ALA N 57 -29.17 -33.85 -40.98
N ALA N 58 -29.64 -34.14 -42.19
CA ALA N 58 -30.53 -35.27 -42.42
C ALA N 58 -29.85 -36.62 -42.05
N LYS N 59 -28.60 -36.78 -42.47
CA LYS N 59 -27.87 -38.00 -42.16
C LYS N 59 -27.57 -38.11 -40.66
N GLU N 60 -27.16 -37.02 -40.03
CA GLU N 60 -26.91 -37.05 -38.58
C GLU N 60 -28.19 -37.44 -37.85
N ALA N 61 -29.30 -36.83 -38.25
CA ALA N 61 -30.62 -37.11 -37.63
C ALA N 61 -30.96 -38.59 -37.83
N ALA N 62 -30.76 -39.09 -39.04
CA ALA N 62 -31.05 -40.50 -39.34
C ALA N 62 -30.19 -41.44 -38.48
N SER N 63 -28.92 -41.10 -38.32
CA SER N 63 -28.01 -41.96 -37.56
C SER N 63 -28.41 -42.02 -36.07
N LYS N 64 -28.93 -40.91 -35.54
CA LYS N 64 -29.39 -40.85 -34.14
C LYS N 64 -30.71 -41.64 -34.00
N ALA N 65 -31.56 -41.60 -35.01
CA ALA N 65 -32.79 -42.39 -34.99
C ALA N 65 -32.44 -43.89 -34.94
N LEU N 66 -31.33 -44.26 -35.58
N LEU N 66 -31.37 -44.29 -35.60
CA LEU N 66 -30.87 -45.65 -35.61
CA LEU N 66 -30.95 -45.69 -35.54
C LEU N 66 -30.24 -46.03 -34.26
C LEU N 66 -30.45 -46.02 -34.16
N GLY N 67 -29.92 -45.02 -33.46
CA GLY N 67 -29.36 -45.20 -32.12
C GLY N 67 -27.84 -45.35 -31.98
N THR N 68 -27.13 -45.12 -33.08
CA THR N 68 -25.68 -45.24 -33.13
C THR N 68 -24.94 -43.94 -33.39
N GLY N 69 -25.59 -42.99 -34.06
CA GLY N 69 -24.88 -41.78 -34.48
C GLY N 69 -24.03 -42.26 -35.67
N ILE N 70 -23.12 -41.42 -36.14
CA ILE N 70 -22.22 -41.79 -37.23
C ILE N 70 -21.06 -42.41 -36.48
N ALA N 71 -21.28 -43.66 -36.08
CA ALA N 71 -20.32 -44.41 -35.29
C ALA N 71 -20.72 -45.88 -35.39
N GLN N 72 -19.90 -46.75 -34.80
CA GLN N 72 -20.13 -48.18 -34.79
C GLN N 72 -20.30 -48.69 -36.24
N GLY N 73 -19.56 -48.10 -37.19
CA GLY N 73 -19.60 -48.50 -38.58
C GLY N 73 -20.78 -48.01 -39.41
N VAL N 74 -21.67 -47.23 -38.79
CA VAL N 74 -22.82 -46.63 -39.48
C VAL N 74 -22.26 -45.31 -40.03
N THR N 75 -21.98 -45.30 -41.33
CA THR N 75 -21.32 -44.18 -41.98
C THR N 75 -22.25 -43.28 -42.77
N PHE N 76 -21.72 -42.13 -43.20
CA PHE N 76 -22.52 -41.20 -43.98
C PHE N 76 -23.00 -41.82 -45.28
N HIS N 77 -22.19 -42.71 -45.86
CA HIS N 77 -22.57 -43.34 -47.11
C HIS N 77 -23.69 -44.37 -46.99
N ASP N 78 -24.04 -44.76 -45.78
CA ASP N 78 -25.14 -45.70 -45.56
C ASP N 78 -26.52 -45.01 -45.64
N PHE N 79 -26.54 -43.70 -45.87
CA PHE N 79 -27.77 -42.97 -45.96
C PHE N 79 -27.80 -42.25 -47.31
N THR N 80 -28.92 -42.37 -48.02
CA THR N 80 -29.09 -41.69 -49.29
C THR N 80 -30.36 -40.86 -49.19
N ILE N 81 -30.27 -39.57 -49.52
CA ILE N 81 -31.45 -38.70 -49.50
C ILE N 81 -31.91 -38.50 -50.94
N SER N 82 -33.19 -38.75 -51.20
CA SER N 82 -33.76 -38.52 -52.52
C SER N 82 -35.04 -37.72 -52.29
N HIS N 83 -35.82 -37.52 -53.34
CA HIS N 83 -37.09 -36.76 -53.26
C HIS N 83 -38.15 -37.31 -54.14
N ASP N 84 -39.40 -37.14 -53.74
CA ASP N 84 -40.47 -37.59 -54.60
C ASP N 84 -40.78 -36.46 -55.57
N LYS N 85 -41.75 -36.68 -56.45
N LYS N 85 -41.76 -36.68 -56.44
CA LYS N 85 -42.13 -35.69 -57.46
CA LYS N 85 -42.15 -35.71 -57.45
C LYS N 85 -42.70 -34.37 -56.92
C LYS N 85 -42.67 -34.37 -56.91
N LEU N 86 -43.06 -34.34 -55.65
CA LEU N 86 -43.57 -33.10 -55.05
C LEU N 86 -42.50 -32.37 -54.23
N GLY N 87 -41.34 -32.99 -54.10
CA GLY N 87 -40.23 -32.40 -53.34
C GLY N 87 -40.03 -32.91 -51.93
N LYS N 88 -40.84 -33.86 -51.49
CA LYS N 88 -40.69 -34.42 -50.15
C LYS N 88 -39.41 -35.25 -50.09
N PRO N 89 -38.58 -35.04 -49.05
CA PRO N 89 -37.35 -35.81 -48.97
C PRO N 89 -37.61 -37.25 -48.52
N LEU N 90 -36.85 -38.18 -49.06
CA LEU N 90 -36.96 -39.59 -48.79
C LEU N 90 -35.60 -40.09 -48.36
N LEU N 91 -35.58 -41.01 -47.40
CA LEU N 91 -34.35 -41.59 -46.89
C LEU N 91 -34.27 -43.08 -47.19
N ILE N 92 -33.15 -43.49 -47.77
CA ILE N 92 -32.92 -44.87 -48.10
C ILE N 92 -31.65 -45.32 -47.45
N LEU N 93 -31.73 -46.45 -46.74
CA LEU N 93 -30.60 -47.00 -46.04
C LEU N 93 -29.85 -48.09 -46.81
N SER N 94 -28.58 -48.19 -46.51
CA SER N 94 -27.74 -49.22 -47.11
C SER N 94 -26.67 -49.58 -46.11
N GLY N 95 -25.83 -50.56 -46.47
CA GLY N 95 -24.73 -50.95 -45.61
C GLY N 95 -25.13 -51.31 -44.19
N GLN N 96 -24.32 -50.88 -43.22
CA GLN N 96 -24.55 -51.20 -41.80
C GLN N 96 -25.85 -50.57 -41.29
N ALA N 97 -26.19 -49.38 -41.76
CA ALA N 97 -27.43 -48.73 -41.34
C ALA N 97 -28.63 -49.63 -41.71
N ALA N 98 -28.59 -50.16 -42.93
CA ALA N 98 -29.63 -51.03 -43.46
C ALA N 98 -29.67 -52.35 -42.68
N GLU N 99 -28.51 -52.89 -42.33
N GLU N 99 -28.51 -52.88 -42.33
CA GLU N 99 -28.45 -54.12 -41.56
CA GLU N 99 -28.43 -54.12 -41.55
C GLU N 99 -29.10 -53.89 -40.19
C GLU N 99 -29.09 -53.89 -40.19
N LEU N 100 -28.71 -52.80 -39.52
CA LEU N 100 -29.27 -52.51 -38.21
C LEU N 100 -30.79 -52.25 -38.30
N ALA N 101 -31.23 -51.50 -39.31
CA ALA N 101 -32.66 -51.23 -39.45
C ALA N 101 -33.47 -52.53 -39.63
N SER N 102 -32.91 -53.49 -40.38
CA SER N 102 -33.57 -54.79 -40.60
C SER N 102 -33.73 -55.52 -39.29
N GLN N 103 -32.68 -55.54 -38.48
CA GLN N 103 -32.73 -56.20 -37.17
C GLN N 103 -33.79 -55.54 -36.29
N LEU N 104 -34.00 -54.25 -36.49
CA LEU N 104 -34.98 -53.51 -35.71
C LEU N 104 -36.37 -53.59 -36.33
N GLN N 105 -36.47 -54.24 -37.49
CA GLN N 105 -37.71 -54.43 -38.23
C GLN N 105 -38.34 -53.11 -38.68
N VAL N 106 -37.48 -52.15 -39.03
CA VAL N 106 -37.94 -50.87 -39.52
C VAL N 106 -38.67 -51.10 -40.85
N GLU N 107 -39.89 -50.58 -40.99
CA GLU N 107 -40.65 -50.73 -42.22
C GLU N 107 -40.94 -49.39 -42.87
N ASN N 108 -40.95 -48.33 -42.07
CA ASN N 108 -41.22 -46.99 -42.61
C ASN N 108 -40.25 -45.97 -42.05
N ILE N 109 -39.73 -45.15 -42.95
CA ILE N 109 -38.80 -44.10 -42.62
C ILE N 109 -39.37 -42.72 -42.99
N HIS N 110 -39.33 -41.81 -42.04
CA HIS N 110 -39.82 -40.46 -42.26
C HIS N 110 -38.73 -39.46 -41.99
N LEU N 111 -38.60 -38.51 -42.91
CA LEU N 111 -37.61 -37.45 -42.82
C LEU N 111 -38.18 -36.10 -43.22
N SER N 112 -37.81 -35.08 -42.47
CA SER N 112 -38.16 -33.70 -42.81
C SER N 112 -36.90 -32.85 -42.59
N ILE N 113 -36.75 -31.87 -43.47
CA ILE N 113 -35.63 -30.96 -43.50
C ILE N 113 -36.11 -29.53 -43.61
N SER N 114 -35.39 -28.61 -42.99
CA SER N 114 -35.70 -27.20 -43.08
C SER N 114 -34.41 -26.38 -42.95
N ASP N 115 -34.34 -25.24 -43.61
CA ASP N 115 -33.17 -24.36 -43.41
C ASP N 115 -33.59 -22.90 -43.45
N GLU N 116 -32.84 -22.05 -42.79
CA GLU N 116 -33.14 -20.63 -42.88
C GLU N 116 -31.77 -20.05 -43.23
N ARG N 117 -31.59 -18.75 -43.13
CA ARG N 117 -30.31 -18.18 -43.56
C ARG N 117 -29.05 -18.82 -42.98
N HIS N 118 -29.04 -19.07 -41.68
CA HIS N 118 -27.84 -19.61 -41.05
C HIS N 118 -27.83 -21.04 -40.59
N TYR N 119 -28.99 -21.67 -40.47
CA TYR N 119 -29.06 -23.01 -39.95
C TYR N 119 -29.89 -23.95 -40.79
N ALA N 120 -29.48 -25.22 -40.79
CA ALA N 120 -30.21 -26.28 -41.47
C ALA N 120 -30.59 -27.26 -40.39
N MSE N 121 -31.78 -27.84 -40.46
CA MSE N 121 -32.10 -28.87 -39.47
C MSE N 121 -32.93 -29.99 -40.08
O MSE N 121 -33.48 -29.87 -41.18
CB MSE N 121 -32.77 -28.26 -38.22
CG MSE N 121 -34.05 -27.67 -38.42
SE MSE N 121 -34.79 -27.01 -36.69
CE MSE N 121 -36.53 -27.17 -37.40
N ALA N 122 -32.97 -31.10 -39.37
CA ALA N 122 -33.71 -32.26 -39.82
C ALA N 122 -34.15 -33.11 -38.67
N THR N 123 -35.21 -33.88 -38.92
CA THR N 123 -35.72 -34.82 -37.95
C THR N 123 -36.08 -36.07 -38.70
N VAL N 124 -35.80 -37.20 -38.08
CA VAL N 124 -36.09 -38.51 -38.63
C VAL N 124 -36.80 -39.40 -37.64
N ILE N 125 -37.80 -40.13 -38.12
CA ILE N 125 -38.49 -41.11 -37.31
C ILE N 125 -38.48 -42.45 -38.04
N LEU N 126 -38.16 -43.51 -37.30
CA LEU N 126 -38.14 -44.85 -37.86
C LEU N 126 -39.26 -45.61 -37.20
N GLU N 127 -40.10 -46.29 -37.97
CA GLU N 127 -41.16 -47.08 -37.38
C GLU N 127 -41.18 -48.52 -37.92
N ARG N 128 -41.61 -49.44 -37.06
CA ARG N 128 -41.74 -50.85 -37.41
C ARG N 128 -43.20 -51.19 -37.68
N ALA O 3 -54.15 -41.74 -31.40
CA ALA O 3 -54.14 -42.98 -30.59
C ALA O 3 -52.71 -43.48 -30.25
N MSE O 4 -51.89 -43.84 -31.23
CA MSE O 4 -50.53 -44.36 -30.91
C MSE O 4 -49.63 -43.28 -30.33
O MSE O 4 -49.08 -43.48 -29.25
CB MSE O 4 -49.83 -45.07 -32.06
CG MSE O 4 -50.37 -46.48 -32.47
SE MSE O 4 -50.45 -47.87 -31.08
CE MSE O 4 -52.15 -47.41 -30.22
N ILE O 5 -49.42 -42.16 -31.03
CA ILE O 5 -48.60 -41.08 -30.46
C ILE O 5 -49.52 -40.32 -29.53
N VAL O 6 -49.11 -40.11 -28.29
CA VAL O 6 -49.99 -39.40 -27.37
C VAL O 6 -49.43 -38.04 -26.97
N GLY O 7 -48.22 -37.75 -27.43
CA GLY O 7 -47.59 -36.49 -27.17
C GLY O 7 -46.36 -36.21 -28.00
N LEU O 8 -46.19 -34.94 -28.35
CA LEU O 8 -45.07 -34.47 -29.11
C LEU O 8 -44.62 -33.14 -28.47
N GLY O 9 -43.33 -33.00 -28.23
CA GLY O 9 -42.73 -31.79 -27.67
C GLY O 9 -41.41 -31.46 -28.35
N THR O 10 -41.12 -30.17 -28.49
CA THR O 10 -39.85 -29.73 -29.10
C THR O 10 -39.42 -28.46 -28.37
N ASP O 11 -38.12 -28.19 -28.32
CA ASP O 11 -37.62 -27.01 -27.65
C ASP O 11 -36.26 -26.62 -28.18
N ILE O 12 -36.01 -25.31 -28.22
CA ILE O 12 -34.71 -24.79 -28.63
C ILE O 12 -34.23 -23.88 -27.51
N ALA O 13 -32.95 -23.98 -27.15
CA ALA O 13 -32.36 -23.16 -26.10
C ALA O 13 -31.08 -22.49 -26.60
N GLU O 14 -30.93 -21.22 -26.26
CA GLU O 14 -29.75 -20.44 -26.61
C GLU O 14 -28.69 -20.74 -25.56
N ILE O 15 -27.60 -21.35 -25.99
CA ILE O 15 -26.54 -21.74 -25.05
C ILE O 15 -25.94 -20.60 -24.26
N GLU O 16 -25.65 -19.47 -24.89
CA GLU O 16 -25.02 -18.35 -24.17
C GLU O 16 -25.87 -17.86 -23.00
N ARG O 17 -27.19 -17.97 -23.12
CA ARG O 17 -28.06 -17.53 -22.03
C ARG O 17 -27.92 -18.45 -20.84
N VAL O 18 -27.75 -19.73 -21.10
CA VAL O 18 -27.56 -20.70 -20.04
C VAL O 18 -26.21 -20.44 -19.37
N GLU O 19 -25.20 -20.15 -20.17
CA GLU O 19 -23.86 -19.85 -19.63
C GLU O 19 -23.90 -18.60 -18.77
N LYS O 20 -24.61 -17.55 -19.22
CA LYS O 20 -24.72 -16.32 -18.42
C LYS O 20 -25.39 -16.57 -17.07
N ALA O 21 -26.44 -17.40 -17.06
CA ALA O 21 -27.16 -17.75 -15.84
C ALA O 21 -26.27 -18.53 -14.88
N LEU O 22 -25.44 -19.41 -15.43
CA LEU O 22 -24.52 -20.18 -14.59
C LEU O 22 -23.45 -19.27 -13.99
N ALA O 23 -22.97 -18.30 -14.76
CA ALA O 23 -21.96 -17.37 -14.26
C ALA O 23 -22.50 -16.51 -13.11
N ARG O 24 -23.80 -16.23 -13.12
CA ARG O 24 -24.43 -15.42 -12.10
C ARG O 24 -24.97 -16.19 -10.90
N SER O 25 -25.68 -17.27 -11.15
CA SER O 25 -26.32 -18.07 -10.10
C SER O 25 -25.82 -19.49 -9.85
N GLY O 26 -24.94 -19.98 -10.71
CA GLY O 26 -24.32 -21.32 -10.58
C GLY O 26 -25.22 -22.45 -10.14
N GLU O 27 -24.81 -23.11 -9.06
CA GLU O 27 -25.54 -24.24 -8.48
C GLU O 27 -27.01 -24.00 -8.24
N ASN O 28 -27.35 -22.79 -7.81
CA ASN O 28 -28.73 -22.40 -7.57
C ASN O 28 -29.58 -22.57 -8.82
N PHE O 29 -29.00 -22.25 -9.98
CA PHE O 29 -29.73 -22.43 -11.22
C PHE O 29 -29.67 -23.88 -11.70
N ALA O 30 -28.48 -24.47 -11.72
CA ALA O 30 -28.34 -25.87 -12.16
C ALA O 30 -29.23 -26.82 -11.35
N ARG O 31 -29.28 -26.65 -10.02
CA ARG O 31 -30.10 -27.49 -9.17
C ARG O 31 -31.60 -27.38 -9.36
N ARG O 32 -32.07 -26.27 -9.93
CA ARG O 32 -33.49 -26.14 -10.20
C ARG O 32 -33.85 -27.02 -11.39
N ILE O 33 -32.91 -27.18 -12.31
CA ILE O 33 -33.15 -27.96 -13.54
C ILE O 33 -32.79 -29.43 -13.48
N LEU O 34 -31.70 -29.75 -12.77
CA LEU O 34 -31.19 -31.10 -12.67
C LEU O 34 -31.51 -31.79 -11.37
N THR O 35 -31.73 -33.10 -11.44
CA THR O 35 -32.01 -33.88 -10.24
C THR O 35 -30.67 -34.16 -9.56
N ASP O 36 -30.71 -34.56 -8.29
CA ASP O 36 -29.47 -34.88 -7.57
C ASP O 36 -28.60 -35.85 -8.35
N SER O 37 -29.20 -36.86 -8.95
CA SER O 37 -28.43 -37.84 -9.71
C SER O 37 -27.75 -37.25 -10.93
N GLU O 38 -28.44 -36.37 -11.66
CA GLU O 38 -27.88 -35.76 -12.84
C GLU O 38 -26.70 -34.85 -12.54
N LEU O 39 -26.61 -34.38 -11.30
CA LEU O 39 -25.52 -33.47 -10.90
C LEU O 39 -24.11 -34.07 -10.98
N GLU O 40 -23.98 -35.37 -10.74
CA GLU O 40 -22.67 -36.01 -10.80
C GLU O 40 -22.03 -35.78 -12.17
N GLN O 41 -22.79 -36.08 -13.22
CA GLN O 41 -22.32 -35.92 -14.58
C GLN O 41 -22.13 -34.43 -14.95
N PHE O 42 -23.04 -33.59 -14.49
CA PHE O 42 -22.97 -32.16 -14.75
C PHE O 42 -21.70 -31.62 -14.12
N HIS O 43 -21.49 -31.96 -12.86
CA HIS O 43 -20.30 -31.50 -12.15
C HIS O 43 -19.00 -31.96 -12.80
N ALA O 44 -19.01 -33.14 -13.41
CA ALA O 44 -17.81 -33.69 -14.09
C ALA O 44 -17.52 -33.02 -15.46
N SER O 45 -18.54 -32.41 -16.06
CA SER O 45 -18.39 -31.73 -17.35
C SER O 45 -17.46 -30.49 -17.30
N LYS O 46 -16.78 -30.26 -18.43
CA LYS O 46 -15.89 -29.10 -18.60
C LYS O 46 -16.58 -28.10 -19.55
N GLN O 47 -17.84 -28.38 -19.88
N GLN O 47 -17.84 -28.36 -19.88
CA GLN O 47 -18.66 -27.54 -20.76
CA GLN O 47 -18.67 -27.50 -20.74
C GLN O 47 -20.05 -27.54 -20.13
C GLN O 47 -20.06 -27.51 -20.13
N GLN O 48 -20.12 -27.11 -18.87
CA GLN O 48 -21.38 -27.12 -18.10
C GLN O 48 -22.54 -26.37 -18.68
N GLY O 49 -22.27 -25.24 -19.32
CA GLY O 49 -23.34 -24.46 -19.93
C GLY O 49 -23.98 -25.21 -21.07
N ARG O 50 -23.15 -25.85 -21.88
N ARG O 50 -23.15 -25.85 -21.88
CA ARG O 50 -23.64 -26.61 -23.02
CA ARG O 50 -23.63 -26.62 -23.02
C ARG O 50 -24.38 -27.84 -22.53
C ARG O 50 -24.39 -27.84 -22.51
N PHE O 51 -23.82 -28.48 -21.50
CA PHE O 51 -24.44 -29.67 -20.90
C PHE O 51 -25.84 -29.30 -20.40
N LEU O 52 -25.93 -28.22 -19.63
CA LEU O 52 -27.19 -27.80 -19.07
C LEU O 52 -28.19 -27.31 -20.12
N ALA O 53 -27.71 -26.65 -21.17
CA ALA O 53 -28.61 -26.18 -22.23
C ALA O 53 -29.33 -27.37 -22.86
N LYS O 54 -28.59 -28.46 -23.11
CA LYS O 54 -29.16 -29.68 -23.67
C LYS O 54 -30.20 -30.31 -22.74
N ARG O 55 -29.93 -30.38 -21.44
CA ARG O 55 -30.89 -30.95 -20.49
C ARG O 55 -32.13 -30.07 -20.39
N PHE O 56 -31.91 -28.76 -20.40
CA PHE O 56 -32.99 -27.83 -20.32
C PHE O 56 -33.95 -28.01 -21.50
N ALA O 57 -33.39 -28.07 -22.71
CA ALA O 57 -34.22 -28.27 -23.90
C ALA O 57 -34.95 -29.62 -23.84
N ALA O 58 -34.25 -30.66 -23.40
CA ALA O 58 -34.87 -31.99 -23.34
C ALA O 58 -36.07 -32.04 -22.40
N LYS O 59 -35.90 -31.47 -21.22
CA LYS O 59 -36.95 -31.44 -20.21
C LYS O 59 -38.12 -30.55 -20.64
N GLU O 60 -37.83 -29.40 -21.28
CA GLU O 60 -38.92 -28.57 -21.74
C GLU O 60 -39.70 -29.29 -22.85
N ALA O 61 -38.97 -29.94 -23.75
CA ALA O 61 -39.61 -30.69 -24.82
C ALA O 61 -40.47 -31.81 -24.23
N ALA O 62 -39.95 -32.49 -23.23
CA ALA O 62 -40.69 -33.58 -22.59
C ALA O 62 -41.97 -33.05 -21.91
N SER O 63 -41.87 -31.89 -21.26
CA SER O 63 -43.03 -31.30 -20.56
C SER O 63 -44.11 -30.91 -21.57
N LYS O 64 -43.71 -30.54 -22.78
CA LYS O 64 -44.71 -30.20 -23.80
C LYS O 64 -45.34 -31.47 -24.34
N ALA O 65 -44.57 -32.56 -24.46
CA ALA O 65 -45.12 -33.82 -24.95
C ALA O 65 -46.19 -34.31 -23.97
N LEU O 66 -46.06 -33.97 -22.70
CA LEU O 66 -47.06 -34.34 -21.69
C LEU O 66 -48.32 -33.47 -21.78
N GLY O 67 -48.23 -32.34 -22.47
CA GLY O 67 -49.38 -31.47 -22.64
C GLY O 67 -49.58 -30.43 -21.57
N THR O 68 -48.63 -30.33 -20.65
CA THR O 68 -48.71 -29.38 -19.55
C THR O 68 -47.65 -28.30 -19.50
N GLY O 69 -46.47 -28.61 -20.03
CA GLY O 69 -45.34 -27.69 -19.93
C GLY O 69 -44.86 -27.82 -18.49
N ILE O 70 -44.03 -26.89 -18.03
CA ILE O 70 -43.52 -26.89 -16.68
C ILE O 70 -44.56 -26.07 -15.91
N ALA O 71 -45.61 -26.80 -15.51
CA ALA O 71 -46.75 -26.25 -14.83
C ALA O 71 -47.66 -27.40 -14.42
N GLN O 72 -48.76 -27.08 -13.76
CA GLN O 72 -49.76 -28.05 -13.32
C GLN O 72 -49.11 -29.15 -12.45
N GLY O 73 -48.12 -28.79 -11.65
CA GLY O 73 -47.42 -29.74 -10.79
C GLY O 73 -46.21 -30.44 -11.42
N VAL O 74 -46.03 -30.28 -12.74
CA VAL O 74 -44.90 -30.92 -13.44
C VAL O 74 -43.68 -30.01 -13.25
N THR O 75 -42.57 -30.57 -12.77
CA THR O 75 -41.37 -29.77 -12.52
C THR O 75 -40.16 -30.35 -13.24
N PHE O 76 -39.07 -29.57 -13.29
CA PHE O 76 -37.87 -30.06 -13.95
C PHE O 76 -37.36 -31.34 -13.33
N HIS O 77 -37.60 -31.49 -12.04
N HIS O 77 -37.56 -31.47 -12.02
CA HIS O 77 -37.13 -32.67 -11.33
CA HIS O 77 -37.14 -32.69 -11.29
C HIS O 77 -37.98 -33.93 -11.59
C HIS O 77 -37.89 -33.95 -11.73
N ASP O 78 -39.03 -33.80 -12.39
CA ASP O 78 -39.84 -34.96 -12.78
C ASP O 78 -39.23 -35.70 -13.97
N PHE O 79 -38.18 -35.13 -14.58
CA PHE O 79 -37.51 -35.70 -15.72
C PHE O 79 -36.04 -35.99 -15.41
N THR O 80 -35.60 -37.18 -15.79
CA THR O 80 -34.21 -37.59 -15.60
C THR O 80 -33.69 -38.03 -16.97
N ILE O 81 -32.60 -37.41 -17.42
CA ILE O 81 -32.01 -37.78 -18.69
C ILE O 81 -30.82 -38.69 -18.40
N SER O 82 -30.77 -39.80 -19.12
N SER O 82 -30.76 -39.82 -19.09
CA SER O 82 -29.70 -40.78 -18.97
CA SER O 82 -29.65 -40.76 -18.94
C SER O 82 -29.28 -41.18 -20.37
C SER O 82 -29.25 -41.16 -20.36
N HIS O 83 -28.34 -42.11 -20.49
CA HIS O 83 -27.91 -42.56 -21.82
C HIS O 83 -27.68 -44.05 -21.91
N ASP O 84 -27.85 -44.64 -23.10
CA ASP O 84 -27.55 -46.07 -23.25
C ASP O 84 -26.05 -46.14 -23.55
N LYS O 85 -25.50 -47.34 -23.69
CA LYS O 85 -24.05 -47.46 -23.88
C LYS O 85 -23.49 -46.87 -25.18
N LEU O 86 -24.35 -46.60 -26.15
CA LEU O 86 -23.88 -46.02 -27.40
C LEU O 86 -24.02 -44.51 -27.40
N GLY O 87 -24.58 -43.95 -26.33
CA GLY O 87 -24.76 -42.52 -26.22
C GLY O 87 -26.16 -42.00 -26.49
N LYS O 88 -27.10 -42.89 -26.87
CA LYS O 88 -28.47 -42.43 -27.15
C LYS O 88 -29.10 -41.92 -25.86
N PRO O 89 -29.74 -40.73 -25.88
CA PRO O 89 -30.32 -40.23 -24.63
C PRO O 89 -31.63 -40.94 -24.30
N LEU O 90 -31.86 -41.14 -23.01
CA LEU O 90 -33.04 -41.82 -22.49
C LEU O 90 -33.73 -40.89 -21.49
N LEU O 91 -35.05 -40.95 -21.45
CA LEU O 91 -35.81 -40.10 -20.54
C LEU O 91 -36.62 -40.93 -19.59
N ILE O 92 -36.45 -40.69 -18.28
CA ILE O 92 -37.19 -41.40 -17.22
C ILE O 92 -38.03 -40.39 -16.43
N LEU O 93 -39.31 -40.71 -16.26
CA LEU O 93 -40.23 -39.80 -15.59
C LEU O 93 -40.51 -40.13 -14.17
N SER O 94 -40.81 -39.10 -13.38
CA SER O 94 -41.14 -39.28 -11.97
C SER O 94 -42.15 -38.22 -11.54
N GLY O 95 -42.66 -38.34 -10.33
CA GLY O 95 -43.62 -37.38 -9.79
C GLY O 95 -44.84 -37.19 -10.68
N GLN O 96 -45.26 -35.93 -10.86
CA GLN O 96 -46.44 -35.65 -11.65
C GLN O 96 -46.30 -36.07 -13.12
N ALA O 97 -45.11 -35.89 -13.69
CA ALA O 97 -44.90 -36.28 -15.07
C ALA O 97 -45.22 -37.79 -15.24
N ALA O 98 -44.73 -38.61 -14.32
CA ALA O 98 -44.96 -40.06 -14.36
C ALA O 98 -46.46 -40.41 -14.26
N GLU O 99 -47.18 -39.68 -13.41
CA GLU O 99 -48.62 -39.91 -13.25
C GLU O 99 -49.38 -39.58 -14.51
N LEU O 100 -49.07 -38.43 -15.13
CA LEU O 100 -49.74 -38.04 -16.35
C LEU O 100 -49.41 -39.05 -17.45
N ALA O 101 -48.14 -39.46 -17.53
CA ALA O 101 -47.74 -40.44 -18.52
C ALA O 101 -48.58 -41.71 -18.33
N SER O 102 -48.84 -42.08 -17.08
CA SER O 102 -49.64 -43.26 -16.75
C SER O 102 -51.09 -43.02 -17.18
N GLN O 103 -51.64 -41.86 -16.87
CA GLN O 103 -53.00 -41.53 -17.28
C GLN O 103 -53.10 -41.68 -18.81
N LEU O 104 -52.07 -41.22 -19.50
CA LEU O 104 -52.02 -41.27 -20.96
C LEU O 104 -51.66 -42.65 -21.52
N GLN O 105 -51.37 -43.59 -20.64
CA GLN O 105 -50.99 -44.97 -20.99
C GLN O 105 -49.71 -45.03 -21.83
N VAL O 106 -48.77 -44.16 -21.53
CA VAL O 106 -47.49 -44.10 -22.22
C VAL O 106 -46.69 -45.36 -21.91
N GLU O 107 -46.15 -46.01 -22.94
CA GLU O 107 -45.36 -47.22 -22.79
C GLU O 107 -43.96 -47.05 -23.34
N ASN O 108 -43.79 -46.13 -24.30
CA ASN O 108 -42.48 -45.87 -24.88
C ASN O 108 -42.25 -44.37 -25.02
N ILE O 109 -41.05 -43.96 -24.64
CA ILE O 109 -40.63 -42.57 -24.66
C ILE O 109 -39.41 -42.45 -25.56
N HIS O 110 -39.46 -41.51 -26.51
CA HIS O 110 -38.37 -41.28 -27.42
C HIS O 110 -37.90 -39.84 -27.28
N LEU O 111 -36.59 -39.70 -27.12
CA LEU O 111 -35.92 -38.43 -26.99
C LEU O 111 -34.72 -38.30 -27.92
N SER O 112 -34.58 -37.13 -28.55
CA SER O 112 -33.41 -36.84 -29.36
C SER O 112 -32.99 -35.41 -28.99
N ILE O 113 -31.68 -35.21 -28.96
CA ILE O 113 -31.05 -33.98 -28.64
C ILE O 113 -29.93 -33.69 -29.63
N SER O 114 -29.75 -32.41 -29.94
N SER O 114 -29.75 -32.41 -29.93
CA SER O 114 -28.67 -31.96 -30.81
CA SER O 114 -28.71 -31.96 -30.83
C SER O 114 -28.23 -30.59 -30.34
C SER O 114 -28.30 -30.54 -30.48
N ASP O 115 -27.05 -30.21 -30.75
CA ASP O 115 -26.59 -28.87 -30.49
C ASP O 115 -25.57 -28.46 -31.53
N GLU O 116 -25.42 -27.16 -31.71
CA GLU O 116 -24.38 -26.65 -32.58
C GLU O 116 -23.73 -25.56 -31.71
N ARG O 117 -22.89 -24.71 -32.27
CA ARG O 117 -22.18 -23.71 -31.46
C ARG O 117 -23.05 -22.88 -30.51
N HIS O 118 -24.18 -22.39 -30.99
CA HIS O 118 -24.99 -21.48 -30.19
C HIS O 118 -26.31 -21.97 -29.66
N TYR O 119 -26.81 -23.05 -30.24
CA TYR O 119 -28.12 -23.55 -29.85
C TYR O 119 -28.19 -25.01 -29.55
N ALA O 120 -29.06 -25.37 -28.62
CA ALA O 120 -29.31 -26.75 -28.30
C ALA O 120 -30.78 -26.97 -28.56
N MSE O 121 -31.16 -28.17 -28.98
CA MSE O 121 -32.57 -28.43 -29.19
C MSE O 121 -32.86 -29.89 -28.89
O MSE O 121 -31.95 -30.73 -28.80
CB MSE O 121 -33.00 -28.04 -30.60
CG MSE O 121 -32.49 -28.85 -31.64
SE MSE O 121 -33.07 -28.18 -33.39
CE MSE O 121 -32.74 -29.86 -34.18
N ALA O 122 -34.15 -30.19 -28.72
CA ALA O 122 -34.58 -31.54 -28.41
C ALA O 122 -36.02 -31.74 -28.86
N THR O 123 -36.37 -33.01 -29.11
CA THR O 123 -37.70 -33.38 -29.49
C THR O 123 -38.00 -34.66 -28.71
N VAL O 124 -39.23 -34.77 -28.25
CA VAL O 124 -39.71 -35.93 -27.50
C VAL O 124 -41.03 -36.40 -28.05
N ILE O 125 -41.15 -37.72 -28.19
CA ILE O 125 -42.39 -38.30 -28.62
C ILE O 125 -42.80 -39.34 -27.57
N LEU O 126 -44.06 -39.31 -27.14
CA LEU O 126 -44.60 -40.30 -26.22
C LEU O 126 -45.59 -41.17 -26.97
N GLU O 127 -45.52 -42.49 -26.79
CA GLU O 127 -46.44 -43.37 -27.47
C GLU O 127 -47.00 -44.42 -26.52
N ARG O 128 -48.20 -44.85 -26.83
CA ARG O 128 -48.84 -45.88 -26.01
C ARG O 128 -48.97 -47.12 -26.87
N ARG O 129 -49.35 -48.26 -26.28
CA ARG O 129 -49.56 -49.46 -27.10
C ARG O 129 -50.95 -49.42 -27.73
N ALA P 3 5.97 -2.29 13.03
CA ALA P 3 7.16 -1.53 12.62
C ALA P 3 7.26 -1.45 11.07
N MSE P 4 7.70 -2.51 10.41
CA MSE P 4 7.86 -2.41 8.95
C MSE P 4 7.06 -3.34 8.03
O MSE P 4 6.52 -4.36 8.42
CB MSE P 4 9.35 -2.54 8.58
CG MSE P 4 9.97 -3.87 8.89
SE MSE P 4 11.85 -3.91 8.31
CE MSE P 4 12.46 -2.32 9.28
N ILE P 5 7.03 -2.93 6.78
CA ILE P 5 6.35 -3.66 5.75
C ILE P 5 7.19 -4.87 5.36
N VAL P 6 6.53 -6.01 5.38
CA VAL P 6 7.11 -7.29 5.03
C VAL P 6 6.78 -7.74 3.61
N GLY P 7 5.67 -7.26 3.07
CA GLY P 7 5.29 -7.64 1.72
C GLY P 7 4.19 -6.76 1.17
N LEU P 8 4.15 -6.67 -0.15
CA LEU P 8 3.17 -5.90 -0.85
C LEU P 8 2.77 -6.68 -2.07
N GLY P 9 1.47 -6.75 -2.32
CA GLY P 9 0.97 -7.46 -3.49
C GLY P 9 -0.21 -6.73 -4.12
N THR P 10 -0.32 -6.83 -5.44
CA THR P 10 -1.40 -6.18 -6.12
C THR P 10 -1.85 -7.10 -7.25
N ASP P 11 -3.13 -7.01 -7.64
CA ASP P 11 -3.58 -7.88 -8.73
C ASP P 11 -4.79 -7.29 -9.41
N ILE P 12 -4.87 -7.48 -10.73
CA ILE P 12 -6.02 -7.05 -11.51
C ILE P 12 -6.55 -8.30 -12.27
N ALA P 13 -7.87 -8.47 -12.26
CA ALA P 13 -8.54 -9.59 -12.89
C ALA P 13 -9.67 -9.15 -13.82
N GLU P 14 -9.75 -9.76 -15.02
CA GLU P 14 -10.80 -9.45 -15.97
C GLU P 14 -12.00 -10.33 -15.58
N ILE P 15 -13.06 -9.66 -15.16
CA ILE P 15 -14.27 -10.33 -14.69
C ILE P 15 -14.89 -11.30 -15.70
N GLU P 16 -14.92 -10.92 -16.98
CA GLU P 16 -15.49 -11.83 -18.01
C GLU P 16 -14.78 -13.18 -18.10
N ARG P 17 -13.48 -13.21 -17.84
CA ARG P 17 -12.73 -14.47 -17.88
C ARG P 17 -13.15 -15.40 -16.76
N VAL P 18 -13.43 -14.83 -15.60
CA VAL P 18 -13.88 -15.59 -14.46
C VAL P 18 -15.30 -16.11 -14.74
N GLU P 19 -16.14 -15.25 -15.31
CA GLU P 19 -17.51 -15.65 -15.65
C GLU P 19 -17.54 -16.81 -16.63
N LYS P 20 -16.67 -16.78 -17.63
CA LYS P 20 -16.63 -17.83 -18.64
C LYS P 20 -16.10 -19.11 -18.04
N ALA P 21 -15.17 -19.00 -17.09
CA ALA P 21 -14.63 -20.20 -16.43
C ALA P 21 -15.74 -20.83 -15.60
N LEU P 22 -16.59 -20.03 -14.96
CA LEU P 22 -17.69 -20.63 -14.18
C LEU P 22 -18.72 -21.28 -15.07
N ALA P 23 -18.99 -20.70 -16.22
CA ALA P 23 -19.96 -21.28 -17.16
C ALA P 23 -19.49 -22.66 -17.68
N ARG P 24 -18.19 -22.83 -17.79
CA ARG P 24 -17.63 -24.07 -18.25
C ARG P 24 -17.37 -25.11 -17.16
N SER P 25 -16.72 -24.73 -16.07
CA SER P 25 -16.33 -25.66 -15.01
C SER P 25 -17.00 -25.50 -13.65
N GLY P 26 -17.75 -24.43 -13.51
CA GLY P 26 -18.53 -24.15 -12.31
C GLY P 26 -17.91 -24.38 -10.94
N GLU P 27 -18.57 -25.26 -10.18
N GLU P 27 -18.56 -25.24 -10.17
CA GLU P 27 -18.15 -25.61 -8.81
CA GLU P 27 -18.09 -25.54 -8.81
C GLU P 27 -16.69 -26.08 -8.75
C GLU P 27 -16.66 -26.07 -8.76
N ASN P 28 -16.24 -26.82 -9.77
CA ASN P 28 -14.85 -27.32 -9.77
C ASN P 28 -13.87 -26.15 -9.73
N PHE P 29 -14.17 -25.10 -10.51
CA PHE P 29 -13.35 -23.91 -10.53
C PHE P 29 -13.54 -23.12 -9.22
N ALA P 30 -14.79 -22.87 -8.82
CA ALA P 30 -15.04 -22.11 -7.58
C ALA P 30 -14.37 -22.76 -6.38
N ARG P 31 -14.49 -24.08 -6.29
CA ARG P 31 -13.91 -24.81 -5.16
C ARG P 31 -12.39 -24.76 -5.04
N ARG P 32 -11.70 -24.56 -6.16
N ARG P 32 -11.71 -24.54 -6.16
CA ARG P 32 -10.26 -24.47 -6.11
CA ARG P 32 -10.26 -24.45 -6.20
C ARG P 32 -9.86 -23.13 -5.47
C ARG P 32 -9.77 -23.11 -5.64
N ILE P 33 -10.59 -22.07 -5.81
CA ILE P 33 -10.26 -20.73 -5.33
C ILE P 33 -10.77 -20.42 -3.91
N LEU P 34 -11.95 -20.92 -3.59
CA LEU P 34 -12.59 -20.61 -2.32
C LEU P 34 -12.55 -21.70 -1.25
N THR P 35 -12.46 -21.28 0.00
CA THR P 35 -12.48 -22.23 1.11
C THR P 35 -13.93 -22.54 1.42
N ASP P 36 -14.18 -23.50 2.32
CA ASP P 36 -15.57 -23.86 2.63
C ASP P 36 -16.44 -22.72 3.16
N SER P 37 -15.90 -21.86 4.04
CA SER P 37 -16.71 -20.76 4.60
C SER P 37 -17.07 -19.75 3.49
N GLU P 38 -16.12 -19.53 2.59
CA GLU P 38 -16.32 -18.63 1.50
C GLU P 38 -17.32 -19.17 0.48
N LEU P 39 -17.30 -20.49 0.27
N LEU P 39 -17.29 -20.48 0.27
CA LEU P 39 -18.23 -21.13 -0.67
CA LEU P 39 -18.19 -21.11 -0.70
C LEU P 39 -19.68 -20.86 -0.33
C LEU P 39 -19.67 -20.91 -0.34
N GLU P 40 -19.99 -20.84 0.96
CA GLU P 40 -21.35 -20.61 1.39
C GLU P 40 -21.83 -19.20 1.00
N GLN P 41 -20.97 -18.22 1.11
CA GLN P 41 -21.33 -16.84 0.76
C GLN P 41 -21.43 -16.72 -0.75
N PHE P 42 -20.51 -17.39 -1.45
CA PHE P 42 -20.49 -17.41 -2.91
C PHE P 42 -21.81 -17.96 -3.42
N HIS P 43 -22.23 -19.09 -2.86
CA HIS P 43 -23.46 -19.71 -3.28
C HIS P 43 -24.69 -18.85 -3.10
N ALA P 44 -24.67 -17.95 -2.12
CA ALA P 44 -25.80 -17.08 -1.84
C ALA P 44 -25.83 -15.88 -2.79
N SER P 45 -24.71 -15.61 -3.46
CA SER P 45 -24.60 -14.50 -4.40
C SER P 45 -25.39 -14.70 -5.71
N LYS P 46 -25.86 -13.58 -6.25
N LYS P 46 -25.87 -13.63 -6.30
CA LYS P 46 -26.62 -13.53 -7.48
CA LYS P 46 -26.58 -13.71 -7.57
C LYS P 46 -25.69 -13.01 -8.59
C LYS P 46 -25.69 -13.08 -8.65
N GLN P 47 -24.45 -12.72 -8.23
N GLN P 47 -24.44 -12.83 -8.27
CA GLN P 47 -23.43 -12.25 -9.18
CA GLN P 47 -23.42 -12.28 -9.17
C GLN P 47 -22.14 -13.00 -8.84
C GLN P 47 -22.13 -13.00 -8.83
N GLN P 48 -22.22 -14.32 -8.96
CA GLN P 48 -21.11 -15.20 -8.62
C GLN P 48 -19.80 -14.93 -9.34
N GLY P 49 -19.85 -14.65 -10.63
CA GLY P 49 -18.62 -14.34 -11.34
C GLY P 49 -17.92 -13.12 -10.76
N ARG P 50 -18.68 -12.09 -10.46
CA ARG P 50 -18.10 -10.88 -9.89
C ARG P 50 -17.54 -11.14 -8.49
N PHE P 51 -18.28 -11.88 -7.66
CA PHE P 51 -17.86 -12.26 -6.32
C PHE P 51 -16.54 -12.99 -6.38
N LEU P 52 -16.45 -13.97 -7.28
CA LEU P 52 -15.26 -14.77 -7.43
C LEU P 52 -14.07 -13.97 -8.00
N ALA P 53 -14.33 -13.05 -8.94
CA ALA P 53 -13.24 -12.25 -9.48
C ALA P 53 -12.53 -11.44 -8.39
N LYS P 54 -13.32 -10.85 -7.50
CA LYS P 54 -12.77 -10.09 -6.38
C LYS P 54 -11.94 -10.98 -5.45
N ARG P 55 -12.46 -12.17 -5.13
CA ARG P 55 -11.72 -13.08 -4.26
C ARG P 55 -10.44 -13.55 -4.94
N PHE P 56 -10.52 -13.79 -6.25
CA PHE P 56 -9.37 -14.24 -7.02
C PHE P 56 -8.27 -13.17 -6.98
N ALA P 57 -8.65 -11.91 -7.21
CA ALA P 57 -7.66 -10.80 -7.18
C ALA P 57 -7.04 -10.63 -5.77
N ALA P 58 -7.89 -10.70 -4.75
CA ALA P 58 -7.44 -10.55 -3.37
C ALA P 58 -6.42 -11.63 -2.99
N LYS P 59 -6.72 -12.86 -3.38
CA LYS P 59 -5.82 -13.98 -3.05
C LYS P 59 -4.53 -13.92 -3.84
N GLU P 60 -4.60 -13.56 -5.12
CA GLU P 60 -3.38 -13.44 -5.89
C GLU P 60 -2.51 -12.32 -5.28
N ALA P 61 -3.13 -11.18 -4.95
CA ALA P 61 -2.43 -10.07 -4.34
C ALA P 61 -1.80 -10.52 -3.03
N ALA P 62 -2.55 -11.28 -2.23
CA ALA P 62 -2.02 -11.75 -0.94
C ALA P 62 -0.80 -12.68 -1.15
N SER P 63 -0.89 -13.55 -2.15
CA SER P 63 0.20 -14.49 -2.40
C SER P 63 1.47 -13.77 -2.85
N LYS P 64 1.31 -12.62 -3.51
CA LYS P 64 2.46 -11.84 -3.94
C LYS P 64 3.06 -11.10 -2.75
N ALA P 65 2.21 -10.65 -1.82
CA ALA P 65 2.69 -9.98 -0.62
C ALA P 65 3.54 -10.94 0.22
N LEU P 66 3.27 -12.25 0.10
CA LEU P 66 4.05 -13.29 0.80
C LEU P 66 5.39 -13.58 0.13
N GLY P 67 5.51 -13.23 -1.14
CA GLY P 67 6.75 -13.42 -1.89
C GLY P 67 6.81 -14.73 -2.64
N THR P 68 5.72 -15.49 -2.59
CA THR P 68 5.68 -16.80 -3.25
C THR P 68 4.74 -16.93 -4.42
N GLY P 69 3.67 -16.15 -4.43
CA GLY P 69 2.66 -16.31 -5.45
C GLY P 69 1.97 -17.61 -5.05
N ILE P 70 1.17 -18.17 -5.96
CA ILE P 70 0.48 -19.43 -5.69
C ILE P 70 1.44 -20.50 -6.17
N ALA P 71 2.36 -20.84 -5.27
CA ALA P 71 3.42 -21.81 -5.52
C ALA P 71 4.11 -22.06 -4.18
N GLN P 72 5.11 -22.94 -4.17
CA GLN P 72 5.85 -23.26 -2.94
C GLN P 72 4.94 -23.73 -1.82
N GLY P 73 3.90 -24.49 -2.19
CA GLY P 73 2.96 -25.02 -1.21
C GLY P 73 1.85 -24.06 -0.81
N VAL P 74 1.91 -22.82 -1.28
CA VAL P 74 0.88 -21.84 -0.98
C VAL P 74 -0.28 -22.03 -1.95
N THR P 75 -1.48 -22.26 -1.42
CA THR P 75 -2.65 -22.49 -2.27
C THR P 75 -3.70 -21.42 -2.04
N PHE P 76 -4.72 -21.40 -2.91
CA PHE P 76 -5.79 -20.45 -2.74
C PHE P 76 -6.54 -20.67 -1.44
N HIS P 77 -6.58 -21.91 -0.95
N HIS P 77 -6.55 -21.92 -0.98
CA HIS P 77 -7.28 -22.19 0.30
CA HIS P 77 -7.21 -22.31 0.27
C HIS P 77 -6.55 -21.66 1.54
C HIS P 77 -6.50 -21.77 1.54
N ASP P 78 -5.31 -21.23 1.37
CA ASP P 78 -4.55 -20.67 2.49
C ASP P 78 -5.01 -19.24 2.85
N PHE P 79 -5.91 -18.69 2.04
CA PHE P 79 -6.39 -17.34 2.26
C PHE P 79 -7.89 -17.35 2.42
N THR P 80 -8.39 -16.70 3.45
CA THR P 80 -9.81 -16.61 3.66
C THR P 80 -10.17 -15.15 3.79
N ILE P 81 -11.08 -14.68 2.95
CA ILE P 81 -11.53 -13.30 3.01
C ILE P 81 -12.87 -13.26 3.75
N SER P 82 -12.96 -12.35 4.70
CA SER P 82 -14.18 -12.11 5.49
C SER P 82 -14.38 -10.59 5.51
N HIS P 83 -15.37 -10.13 6.26
CA HIS P 83 -15.66 -8.69 6.37
C HIS P 83 -16.10 -8.31 7.76
N ASP P 84 -15.81 -7.08 8.14
CA ASP P 84 -16.23 -6.58 9.44
C ASP P 84 -17.64 -6.03 9.27
N LYS P 85 -18.24 -5.56 10.36
CA LYS P 85 -19.63 -5.06 10.37
C LYS P 85 -19.90 -3.90 9.42
N LEU P 86 -18.85 -3.16 9.09
CA LEU P 86 -18.99 -2.02 8.20
C LEU P 86 -18.71 -2.32 6.74
N GLY P 87 -18.33 -3.55 6.41
CA GLY P 87 -18.04 -3.96 5.04
C GLY P 87 -16.56 -4.03 4.69
N LYS P 88 -15.67 -3.66 5.62
CA LYS P 88 -14.25 -3.72 5.32
C LYS P 88 -13.76 -5.16 5.17
N PRO P 89 -13.01 -5.46 4.09
CA PRO P 89 -12.53 -6.82 3.90
C PRO P 89 -11.37 -7.15 4.82
N LEU P 90 -11.37 -8.38 5.30
CA LEU P 90 -10.38 -8.90 6.23
C LEU P 90 -9.78 -10.15 5.62
N LEU P 91 -8.49 -10.32 5.82
CA LEU P 91 -7.75 -11.47 5.30
C LEU P 91 -7.14 -12.28 6.42
N ILE P 92 -7.49 -13.56 6.47
CA ILE P 92 -6.96 -14.48 7.46
C ILE P 92 -6.18 -15.56 6.76
N LEU P 93 -4.99 -15.86 7.26
CA LEU P 93 -4.15 -16.87 6.64
C LEU P 93 -4.22 -18.21 7.34
N SER P 94 -4.00 -19.28 6.60
CA SER P 94 -3.99 -20.63 7.14
C SER P 94 -3.00 -21.43 6.30
N GLY P 95 -2.75 -22.68 6.67
CA GLY P 95 -1.82 -23.53 5.93
C GLY P 95 -0.42 -22.98 5.75
N GLN P 96 0.16 -23.23 4.59
CA GLN P 96 1.51 -22.75 4.32
C GLN P 96 1.63 -21.22 4.39
N ALA P 97 0.61 -20.50 3.95
CA ALA P 97 0.65 -19.02 3.99
C ALA P 97 0.84 -18.52 5.42
N ALA P 98 0.09 -19.10 6.35
CA ALA P 98 0.13 -18.73 7.77
C ALA P 98 1.48 -19.06 8.38
N GLU P 99 2.07 -20.16 7.93
CA GLU P 99 3.36 -20.59 8.41
C GLU P 99 4.42 -19.59 7.93
N LEU P 100 4.40 -19.23 6.66
CA LEU P 100 5.38 -18.25 6.16
C LEU P 100 5.18 -16.91 6.84
N ALA P 101 3.93 -16.51 7.03
CA ALA P 101 3.61 -15.24 7.69
C ALA P 101 4.16 -15.25 9.11
N SER P 102 4.01 -16.36 9.83
CA SER P 102 4.54 -16.45 11.21
C SER P 102 6.05 -16.35 11.19
N GLN P 103 6.66 -16.92 10.16
CA GLN P 103 8.12 -16.88 9.99
C GLN P 103 8.61 -15.45 9.78
N LEU P 104 7.84 -14.67 9.04
CA LEU P 104 8.15 -13.27 8.75
C LEU P 104 7.67 -12.33 9.85
N GLN P 105 7.07 -12.89 10.88
CA GLN P 105 6.57 -12.13 12.03
C GLN P 105 5.46 -11.13 11.64
N VAL P 106 4.63 -11.52 10.67
CA VAL P 106 3.53 -10.68 10.26
C VAL P 106 2.52 -10.55 11.41
N GLU P 107 2.21 -9.34 11.83
CA GLU P 107 1.23 -9.14 12.89
C GLU P 107 -0.01 -8.39 12.36
N ASN P 108 0.15 -7.68 11.24
CA ASN P 108 -0.96 -6.94 10.68
C ASN P 108 -1.06 -7.18 9.18
N ILE P 109 -2.29 -7.43 8.74
CA ILE P 109 -2.60 -7.71 7.36
C ILE P 109 -3.64 -6.73 6.87
N HIS P 110 -3.33 -6.02 5.79
CA HIS P 110 -4.27 -5.06 5.23
C HIS P 110 -4.64 -5.45 3.83
N LEU P 111 -5.93 -5.35 3.53
CA LEU P 111 -6.45 -5.71 2.22
C LEU P 111 -7.47 -4.70 1.76
N SER P 112 -7.43 -4.31 0.48
CA SER P 112 -8.47 -3.43 -0.06
C SER P 112 -8.83 -3.99 -1.44
N ILE P 113 -10.12 -3.93 -1.75
CA ILE P 113 -10.66 -4.46 -3.01
C ILE P 113 -11.51 -3.42 -3.68
N SER P 114 -11.50 -3.45 -5.02
CA SER P 114 -12.35 -2.57 -5.83
C SER P 114 -12.72 -3.27 -7.14
N ASP P 115 -13.93 -3.04 -7.63
CA ASP P 115 -14.25 -3.55 -8.97
C ASP P 115 -15.09 -2.53 -9.73
N GLU P 116 -14.97 -2.55 -11.05
CA GLU P 116 -15.81 -1.70 -11.86
C GLU P 116 -16.49 -2.68 -12.84
N ARG P 117 -17.07 -2.21 -13.92
CA ARG P 117 -17.83 -3.13 -14.79
C ARG P 117 -17.04 -4.33 -15.30
N HIS P 118 -15.82 -4.07 -15.75
CA HIS P 118 -15.04 -5.16 -16.32
C HIS P 118 -13.87 -5.71 -15.54
N TYR P 119 -13.39 -4.96 -14.56
CA TYR P 119 -12.22 -5.38 -13.79
C TYR P 119 -12.38 -5.35 -12.29
N ALA P 120 -11.70 -6.30 -11.62
CA ALA P 120 -11.63 -6.38 -10.17
C ALA P 120 -10.16 -6.24 -9.83
N MSE P 121 -9.86 -5.57 -8.74
CA MSE P 121 -8.48 -5.46 -8.36
C MSE P 121 -8.34 -5.43 -6.84
O MSE P 121 -9.32 -5.17 -6.10
CB MSE P 121 -7.82 -4.25 -8.99
CG MSE P 121 -8.26 -2.94 -8.53
SE MSE P 121 -7.21 -1.50 -9.41
CE MSE P 121 -7.68 -0.19 -8.05
N ALA P 122 -7.15 -5.71 -6.37
CA ALA P 122 -6.89 -5.73 -4.93
C ALA P 122 -5.45 -5.46 -4.63
N THR P 123 -5.21 -4.97 -3.42
CA THR P 123 -3.88 -4.70 -2.92
C THR P 123 -3.84 -5.23 -1.49
N VAL P 124 -2.72 -5.83 -1.14
CA VAL P 124 -2.46 -6.38 0.18
C VAL P 124 -1.11 -5.91 0.71
N ILE P 125 -1.07 -5.54 1.98
CA ILE P 125 0.16 -5.13 2.62
C ILE P 125 0.28 -5.98 3.91
N LEU P 126 1.47 -6.53 4.13
CA LEU P 126 1.79 -7.34 5.33
C LEU P 126 2.76 -6.54 6.16
N GLU P 127 2.49 -6.44 7.45
CA GLU P 127 3.31 -5.66 8.32
C GLU P 127 3.65 -6.40 9.60
N ARG P 128 4.82 -6.09 10.11
CA ARG P 128 5.25 -6.69 11.36
C ARG P 128 5.57 -5.59 12.35
N ALA Q 3 9.86 2.82 11.78
CA ALA Q 3 9.81 2.62 10.30
C ALA Q 3 8.53 3.22 9.72
N MSE Q 4 8.69 4.34 9.03
CA MSE Q 4 7.58 5.08 8.45
C MSE Q 4 7.63 5.09 6.94
O MSE Q 4 8.71 5.05 6.34
CB MSE Q 4 7.70 6.51 8.92
CG MSE Q 4 6.63 7.45 8.49
SE MSE Q 4 7.09 9.24 9.07
CE MSE Q 4 7.33 8.84 10.97
N ILE Q 5 6.45 5.18 6.33
CA ILE Q 5 6.32 5.25 4.89
C ILE Q 5 6.75 6.64 4.42
N VAL Q 6 7.65 6.66 3.46
CA VAL Q 6 8.16 7.87 2.86
C VAL Q 6 7.40 8.24 1.60
N GLY Q 7 6.90 7.26 0.86
CA GLY Q 7 6.19 7.54 -0.36
C GLY Q 7 5.40 6.35 -0.86
N LEU Q 8 4.38 6.66 -1.65
CA LEU Q 8 3.49 5.70 -2.25
C LEU Q 8 3.27 6.13 -3.69
N GLY Q 9 3.36 5.18 -4.61
CA GLY Q 9 3.16 5.43 -6.04
C GLY Q 9 2.42 4.29 -6.68
N THR Q 10 1.54 4.63 -7.64
CA THR Q 10 0.78 3.62 -8.35
C THR Q 10 0.68 4.05 -9.81
N ASP Q 11 0.53 3.10 -10.73
CA ASP Q 11 0.43 3.45 -12.12
C ASP Q 11 -0.25 2.33 -12.90
N ILE Q 12 -1.04 2.74 -13.91
CA ILE Q 12 -1.72 1.82 -14.80
C ILE Q 12 -1.29 2.19 -16.24
N ALA Q 13 -1.01 1.18 -17.05
CA ALA Q 13 -0.56 1.37 -18.42
C ALA Q 13 -1.35 0.47 -19.35
N GLU Q 14 -1.78 1.04 -20.48
CA GLU Q 14 -2.54 0.31 -21.51
C GLU Q 14 -1.50 -0.36 -22.42
N ILE Q 15 -1.48 -1.68 -22.43
CA ILE Q 15 -0.49 -2.46 -23.17
C ILE Q 15 -0.47 -2.17 -24.69
N GLU Q 16 -1.64 -2.12 -25.31
CA GLU Q 16 -1.71 -1.84 -26.77
C GLU Q 16 -1.01 -0.55 -27.15
N ARG Q 17 -1.04 0.46 -26.27
CA ARG Q 17 -0.36 1.74 -26.56
C ARG Q 17 1.13 1.54 -26.58
N VAL Q 18 1.63 0.71 -25.66
CA VAL Q 18 3.05 0.43 -25.61
C VAL Q 18 3.45 -0.35 -26.88
N GLU Q 19 2.64 -1.33 -27.24
CA GLU Q 19 2.88 -2.12 -28.45
C GLU Q 19 2.91 -1.22 -29.69
N LYS Q 20 1.99 -0.27 -29.79
CA LYS Q 20 1.97 0.64 -30.94
C LYS Q 20 3.20 1.51 -31.00
N ALA Q 21 3.65 1.98 -29.84
CA ALA Q 21 4.85 2.82 -29.73
C ALA Q 21 6.08 2.03 -30.21
N LEU Q 22 6.16 0.76 -29.85
CA LEU Q 22 7.27 -0.11 -30.27
C LEU Q 22 7.27 -0.38 -31.79
N ALA Q 23 6.08 -0.57 -32.35
CA ALA Q 23 5.95 -0.83 -33.77
C ALA Q 23 6.36 0.42 -34.55
N ARG Q 24 6.23 1.60 -33.95
CA ARG Q 24 6.62 2.84 -34.63
C ARG Q 24 8.07 3.27 -34.43
N SER Q 25 8.49 3.25 -33.16
CA SER Q 25 9.83 3.72 -32.76
C SER Q 25 10.80 2.71 -32.16
N GLY Q 26 10.30 1.52 -31.87
CA GLY Q 26 11.12 0.42 -31.38
C GLY Q 26 12.13 0.74 -30.32
N GLU Q 27 13.39 0.45 -30.63
CA GLU Q 27 14.49 0.70 -29.69
C GLU Q 27 14.60 2.10 -29.14
N ASN Q 28 14.31 3.10 -29.97
CA ASN Q 28 14.37 4.50 -29.53
C ASN Q 28 13.44 4.71 -28.33
N PHE Q 29 12.29 4.04 -28.35
CA PHE Q 29 11.35 4.11 -27.25
C PHE Q 29 11.78 3.21 -26.08
N ALA Q 30 12.13 1.97 -26.38
CA ALA Q 30 12.52 1.03 -25.34
C ALA Q 30 13.70 1.54 -24.53
N ARG Q 31 14.69 2.12 -25.20
N ARG Q 31 14.68 2.13 -25.23
CA ARG Q 31 15.88 2.62 -24.51
CA ARG Q 31 15.89 2.63 -24.59
C ARG Q 31 15.63 3.83 -23.63
C ARG Q 31 15.66 3.85 -23.68
N ARG Q 32 14.55 4.57 -23.85
CA ARG Q 32 14.27 5.73 -22.99
C ARG Q 32 13.81 5.20 -21.63
N ILE Q 33 13.09 4.07 -21.67
CA ILE Q 33 12.52 3.45 -20.47
C ILE Q 33 13.43 2.47 -19.75
N LEU Q 34 14.17 1.68 -20.51
CA LEU Q 34 15.01 0.64 -19.94
C LEU Q 34 16.50 0.93 -19.91
N THR Q 35 17.15 0.52 -18.83
CA THR Q 35 18.59 0.71 -18.74
C THR Q 35 19.24 -0.32 -19.65
N ASP Q 36 20.51 -0.12 -19.99
CA ASP Q 36 21.20 -1.08 -20.85
C ASP Q 36 21.15 -2.51 -20.28
N SER Q 37 21.23 -2.63 -18.97
CA SER Q 37 21.19 -3.94 -18.33
C SER Q 37 19.82 -4.58 -18.56
N GLU Q 38 18.77 -3.79 -18.40
CA GLU Q 38 17.40 -4.31 -18.59
C GLU Q 38 17.08 -4.67 -20.03
N LEU Q 39 17.69 -3.96 -20.97
CA LEU Q 39 17.48 -4.24 -22.39
C LEU Q 39 17.82 -5.69 -22.79
N GLU Q 40 18.76 -6.32 -22.07
CA GLU Q 40 19.13 -7.69 -22.37
C GLU Q 40 17.93 -8.61 -22.17
N GLN Q 41 17.24 -8.50 -21.04
CA GLN Q 41 16.06 -9.32 -20.79
C GLN Q 41 14.92 -8.93 -21.73
N PHE Q 42 14.76 -7.63 -21.97
CA PHE Q 42 13.74 -7.15 -22.89
C PHE Q 42 13.94 -7.78 -24.27
N HIS Q 43 15.16 -7.71 -24.80
CA HIS Q 43 15.46 -8.27 -26.11
C HIS Q 43 15.20 -9.75 -26.21
N ALA Q 44 15.36 -10.47 -25.10
CA ALA Q 44 15.14 -11.92 -25.04
C ALA Q 44 13.64 -12.26 -25.07
N SER Q 45 12.80 -11.31 -24.63
CA SER Q 45 11.36 -11.55 -24.59
C SER Q 45 10.71 -11.74 -25.96
N LYS Q 46 9.66 -12.57 -25.99
CA LYS Q 46 8.86 -12.81 -27.20
C LYS Q 46 7.50 -12.06 -27.06
N GLN Q 47 7.38 -11.27 -25.98
CA GLN Q 47 6.19 -10.46 -25.73
C GLN Q 47 6.70 -9.11 -25.24
N GLN Q 48 7.50 -8.47 -26.07
CA GLN Q 48 8.15 -7.22 -25.72
C GLN Q 48 7.25 -6.07 -25.25
N GLY Q 49 6.11 -5.86 -25.90
CA GLY Q 49 5.20 -4.80 -25.50
C GLY Q 49 4.66 -5.06 -24.09
N ARG Q 50 4.37 -6.32 -23.79
CA ARG Q 50 3.86 -6.67 -22.45
C ARG Q 50 4.94 -6.49 -21.38
N PHE Q 51 6.16 -6.93 -21.72
CA PHE Q 51 7.31 -6.79 -20.83
C PHE Q 51 7.53 -5.30 -20.50
N LEU Q 52 7.58 -4.48 -21.55
CA LEU Q 52 7.81 -3.06 -21.41
C LEU Q 52 6.69 -2.34 -20.68
N ALA Q 53 5.43 -2.73 -20.91
CA ALA Q 53 4.30 -2.08 -20.22
C ALA Q 53 4.43 -2.26 -18.69
N LYS Q 54 4.83 -3.45 -18.25
CA LYS Q 54 5.03 -3.71 -16.83
C LYS Q 54 6.16 -2.85 -16.26
N ARG Q 55 7.27 -2.76 -16.97
N ARG Q 55 7.27 -2.74 -16.98
CA ARG Q 55 8.42 -1.97 -16.50
CA ARG Q 55 8.41 -1.94 -16.53
C ARG Q 55 8.07 -0.47 -16.51
C ARG Q 55 8.03 -0.47 -16.48
N PHE Q 56 7.29 -0.02 -17.50
CA PHE Q 56 6.85 1.37 -17.57
C PHE Q 56 5.98 1.72 -16.34
N ALA Q 57 4.99 0.88 -16.04
CA ALA Q 57 4.14 1.08 -14.87
C ALA Q 57 4.94 1.05 -13.57
N ALA Q 58 5.85 0.08 -13.45
CA ALA Q 58 6.66 -0.02 -12.24
C ALA Q 58 7.51 1.24 -12.03
N LYS Q 59 8.13 1.73 -13.09
CA LYS Q 59 8.98 2.91 -12.97
C LYS Q 59 8.20 4.20 -12.73
N GLU Q 60 7.05 4.37 -13.38
CA GLU Q 60 6.23 5.54 -13.11
C GLU Q 60 5.72 5.51 -11.67
N ALA Q 61 5.32 4.33 -11.18
CA ALA Q 61 4.87 4.17 -9.77
C ALA Q 61 6.03 4.52 -8.84
N ALA Q 62 7.21 4.02 -9.15
CA ALA Q 62 8.37 4.32 -8.31
C ALA Q 62 8.68 5.82 -8.25
N SER Q 63 8.57 6.49 -9.39
CA SER Q 63 8.88 7.93 -9.48
C SER Q 63 7.86 8.73 -8.67
N LYS Q 64 6.62 8.24 -8.63
CA LYS Q 64 5.60 8.93 -7.84
C LYS Q 64 5.87 8.71 -6.33
N ALA Q 65 6.33 7.52 -5.96
CA ALA Q 65 6.64 7.21 -4.56
C ALA Q 65 7.79 8.12 -4.08
N LEU Q 66 8.69 8.48 -4.98
CA LEU Q 66 9.78 9.42 -4.60
C LEU Q 66 9.30 10.86 -4.47
N GLY Q 67 8.15 11.17 -5.03
CA GLY Q 67 7.56 12.51 -4.95
C GLY Q 67 7.94 13.45 -6.09
N THR Q 68 8.65 12.95 -7.07
CA THR Q 68 9.10 13.79 -8.18
C THR Q 68 8.49 13.49 -9.54
N GLY Q 69 8.06 12.24 -9.73
CA GLY Q 69 7.59 11.82 -11.04
C GLY Q 69 8.86 11.73 -11.87
N ILE Q 70 8.74 11.64 -13.18
CA ILE Q 70 9.90 11.60 -14.05
C ILE Q 70 10.14 13.08 -14.32
N ALA Q 71 10.94 13.67 -13.44
CA ALA Q 71 11.22 15.08 -13.50
C ALA Q 71 12.25 15.38 -12.42
N GLN Q 72 12.69 16.62 -12.35
CA GLN Q 72 13.66 17.05 -11.33
C GLN Q 72 14.94 16.23 -11.34
N GLY Q 73 15.35 15.80 -12.53
CA GLY Q 73 16.56 15.00 -12.66
C GLY Q 73 16.36 13.50 -12.53
N VAL Q 74 15.15 13.07 -12.15
CA VAL Q 74 14.84 11.64 -12.00
C VAL Q 74 14.41 11.12 -13.36
N THR Q 75 15.14 10.11 -13.86
CA THR Q 75 14.89 9.54 -15.16
C THR Q 75 14.49 8.08 -15.06
N PHE Q 76 13.88 7.55 -16.11
CA PHE Q 76 13.53 6.12 -16.12
C PHE Q 76 14.75 5.25 -15.84
N HIS Q 77 15.90 5.69 -16.32
CA HIS Q 77 17.16 4.98 -16.17
C HIS Q 77 17.65 4.91 -14.70
N ASP Q 78 17.02 5.66 -13.80
CA ASP Q 78 17.37 5.65 -12.38
C ASP Q 78 16.69 4.49 -11.64
N PHE Q 79 15.87 3.74 -12.35
CA PHE Q 79 15.15 2.62 -11.77
C PHE Q 79 15.47 1.33 -12.49
N THR Q 80 15.81 0.31 -11.74
CA THR Q 80 16.06 -0.99 -12.30
C THR Q 80 15.14 -2.00 -11.63
N ILE Q 81 14.42 -2.76 -12.45
CA ILE Q 81 13.58 -3.81 -11.93
C ILE Q 81 14.31 -5.16 -12.11
N SER Q 82 14.40 -5.94 -11.04
CA SER Q 82 15.01 -7.27 -11.10
C SER Q 82 14.01 -8.18 -10.41
N HIS Q 83 14.39 -9.43 -10.19
CA HIS Q 83 13.52 -10.41 -9.54
C HIS Q 83 14.30 -11.33 -8.64
N ASP Q 84 13.64 -11.87 -7.63
CA ASP Q 84 14.31 -12.83 -6.75
C ASP Q 84 14.05 -14.23 -7.32
N LYS Q 85 14.61 -15.27 -6.72
CA LYS Q 85 14.45 -16.59 -7.31
C LYS Q 85 13.05 -17.15 -7.25
N LEU Q 86 12.14 -16.51 -6.52
CA LEU Q 86 10.74 -16.98 -6.47
C LEU Q 86 9.87 -16.18 -7.47
N GLY Q 87 10.48 -15.19 -8.12
CA GLY Q 87 9.76 -14.39 -9.10
C GLY Q 87 9.27 -13.05 -8.57
N LYS Q 88 9.52 -12.75 -7.29
CA LYS Q 88 9.11 -11.45 -6.74
C LYS Q 88 9.92 -10.32 -7.37
N PRO Q 89 9.24 -9.25 -7.81
CA PRO Q 89 9.97 -8.14 -8.40
C PRO Q 89 10.65 -7.30 -7.34
N LEU Q 90 11.81 -6.75 -7.70
CA LEU Q 90 12.65 -5.92 -6.85
C LEU Q 90 12.98 -4.61 -7.57
N LEU Q 91 13.00 -3.51 -6.85
CA LEU Q 91 13.30 -2.23 -7.43
C LEU Q 91 14.62 -1.72 -6.90
N ILE Q 92 15.57 -1.46 -7.77
CA ILE Q 92 16.87 -0.95 -7.35
C ILE Q 92 17.02 0.44 -7.92
N LEU Q 93 17.40 1.40 -7.07
CA LEU Q 93 17.58 2.79 -7.51
C LEU Q 93 19.02 3.15 -7.81
N SER Q 94 19.20 4.13 -8.69
CA SER Q 94 20.50 4.64 -9.05
C SER Q 94 20.35 6.11 -9.44
N GLY Q 95 21.45 6.77 -9.73
CA GLY Q 95 21.38 8.17 -10.13
C GLY Q 95 20.68 9.08 -9.15
N GLN Q 96 19.97 10.07 -9.68
CA GLN Q 96 19.26 11.03 -8.84
C GLN Q 96 18.19 10.37 -7.96
N ALA Q 97 17.54 9.31 -8.43
CA ALA Q 97 16.53 8.63 -7.61
C ALA Q 97 17.20 8.03 -6.36
N ALA Q 98 18.39 7.45 -6.53
CA ALA Q 98 19.11 6.87 -5.39
C ALA Q 98 19.56 7.97 -4.42
N GLU Q 99 20.00 9.10 -4.98
CA GLU Q 99 20.44 10.20 -4.15
C GLU Q 99 19.28 10.75 -3.34
N LEU Q 100 18.14 10.95 -3.97
CA LEU Q 100 17.00 11.51 -3.27
C LEU Q 100 16.50 10.49 -2.22
N ALA Q 101 16.50 9.21 -2.57
CA ALA Q 101 16.07 8.18 -1.63
C ALA Q 101 17.01 8.13 -0.38
N SER Q 102 18.32 8.29 -0.58
CA SER Q 102 19.23 8.30 0.60
C SER Q 102 18.93 9.52 1.48
N GLN Q 103 18.60 10.63 0.81
CA GLN Q 103 18.26 11.88 1.49
C GLN Q 103 17.01 11.69 2.37
N LEU Q 104 16.05 10.93 1.87
CA LEU Q 104 14.82 10.62 2.57
C LEU Q 104 14.97 9.45 3.52
N GLN Q 105 16.17 8.89 3.59
CA GLN Q 105 16.49 7.76 4.46
C GLN Q 105 15.71 6.49 4.15
N VAL Q 106 15.42 6.28 2.88
CA VAL Q 106 14.71 5.10 2.48
C VAL Q 106 15.62 3.87 2.70
N GLU Q 107 15.10 2.87 3.39
CA GLU Q 107 15.88 1.66 3.60
C GLU Q 107 15.17 0.41 3.04
N ASN Q 108 13.88 0.50 2.81
CA ASN Q 108 13.14 -0.66 2.30
C ASN Q 108 12.23 -0.20 1.20
N ILE Q 109 12.27 -0.93 0.10
CA ILE Q 109 11.49 -0.63 -1.07
C ILE Q 109 10.65 -1.84 -1.46
N HIS Q 110 9.36 -1.62 -1.66
CA HIS Q 110 8.46 -2.69 -2.03
C HIS Q 110 7.80 -2.36 -3.34
N LEU Q 111 7.73 -3.36 -4.20
CA LEU Q 111 7.13 -3.24 -5.51
C LEU Q 111 6.28 -4.47 -5.86
N SER Q 112 5.10 -4.23 -6.42
CA SER Q 112 4.25 -5.34 -6.89
C SER Q 112 3.74 -4.93 -8.26
N ILE Q 113 3.66 -5.93 -9.14
CA ILE Q 113 3.25 -5.76 -10.51
C ILE Q 113 2.18 -6.79 -10.86
N SER Q 114 1.25 -6.37 -11.71
CA SER Q 114 0.22 -7.25 -12.19
C SER Q 114 -0.20 -6.87 -13.60
N ASP Q 115 -0.53 -7.86 -14.44
CA ASP Q 115 -1.09 -7.51 -15.74
C ASP Q 115 -2.21 -8.45 -16.14
N GLU Q 116 -3.12 -7.95 -16.96
CA GLU Q 116 -4.17 -8.78 -17.50
C GLU Q 116 -4.03 -8.58 -19.02
N ARG Q 117 -5.01 -9.03 -19.80
N ARG Q 117 -5.00 -9.03 -19.80
CA ARG Q 117 -4.92 -8.91 -21.26
CA ARG Q 117 -4.88 -8.92 -21.25
C ARG Q 117 -4.61 -7.54 -21.84
C ARG Q 117 -4.54 -7.52 -21.78
N HIS Q 118 -5.21 -6.50 -21.27
CA HIS Q 118 -5.01 -5.15 -21.78
C HIS Q 118 -4.31 -4.12 -20.93
N TYR Q 119 -4.14 -4.40 -19.64
CA TYR Q 119 -3.53 -3.45 -18.76
C TYR Q 119 -2.47 -4.03 -17.86
N ALA Q 120 -1.45 -3.22 -17.59
CA ALA Q 120 -0.40 -3.57 -16.66
C ALA Q 120 -0.45 -2.52 -15.55
N MSE Q 121 -0.23 -2.92 -14.31
CA MSE Q 121 -0.22 -1.94 -13.24
C MSE Q 121 0.83 -2.29 -12.19
O MSE Q 121 1.31 -3.41 -12.12
CB MSE Q 121 -1.58 -1.77 -12.58
CG MSE Q 121 -2.02 -2.82 -11.64
SE MSE Q 121 -3.92 -2.53 -11.12
CE MSE Q 121 -3.86 -3.92 -9.78
N ALA Q 122 1.20 -1.29 -11.40
CA ALA Q 122 2.18 -1.48 -10.36
C ALA Q 122 1.95 -0.52 -9.23
N THR Q 123 2.41 -0.93 -8.05
CA THR Q 123 2.39 -0.10 -6.82
C THR Q 123 3.75 -0.22 -6.18
N VAL Q 124 4.23 0.91 -5.66
CA VAL Q 124 5.50 0.98 -4.97
C VAL Q 124 5.34 1.71 -3.66
N ILE Q 125 6.01 1.20 -2.63
CA ILE Q 125 6.03 1.82 -1.30
C ILE Q 125 7.49 1.93 -0.87
N LEU Q 126 7.87 3.11 -0.38
CA LEU Q 126 9.20 3.35 0.11
C LEU Q 126 9.05 3.60 1.59
N GLU Q 127 9.95 3.02 2.39
N GLU Q 127 9.92 3.01 2.40
CA GLU Q 127 9.85 3.14 3.82
CA GLU Q 127 9.83 3.19 3.83
C GLU Q 127 11.22 3.41 4.47
C GLU Q 127 11.20 3.42 4.46
N ARG Q 128 11.20 4.11 5.59
CA ARG Q 128 12.41 4.38 6.34
C ARG Q 128 12.54 3.26 7.35
N ALA R 3 4.94 2.92 14.45
CA ALA R 3 4.55 3.51 13.14
C ALA R 3 3.89 2.45 12.26
N MSE R 4 2.65 2.12 12.57
CA MSE R 4 1.95 1.11 11.80
C MSE R 4 0.84 1.64 10.92
O MSE R 4 0.29 2.71 11.15
CB MSE R 4 1.37 0.03 12.71
CG MSE R 4 0.29 0.49 13.67
SE MSE R 4 -0.17 -0.96 14.94
CE MSE R 4 -1.00 -2.20 13.71
N ILE R 5 0.54 0.84 9.91
CA ILE R 5 -0.51 1.14 8.98
C ILE R 5 -1.86 0.94 9.67
N VAL R 6 -2.70 1.95 9.59
CA VAL R 6 -4.04 1.93 10.18
C VAL R 6 -5.13 1.62 9.16
N GLY R 7 -4.80 1.79 7.89
CA GLY R 7 -5.78 1.54 6.87
C GLY R 7 -5.21 1.60 5.47
N LEU R 8 -5.86 0.86 4.61
CA LEU R 8 -5.49 0.77 3.21
C LEU R 8 -6.75 0.81 2.37
N GLY R 9 -6.73 1.61 1.31
CA GLY R 9 -7.86 1.70 0.42
C GLY R 9 -7.42 1.79 -1.03
N THR R 10 -8.22 1.23 -1.93
CA THR R 10 -7.90 1.27 -3.34
C THR R 10 -9.23 1.39 -4.10
N ASP R 11 -9.18 2.02 -5.27
CA ASP R 11 -10.38 2.19 -6.07
C ASP R 11 -10.06 2.35 -7.54
N ILE R 12 -10.94 1.82 -8.37
CA ILE R 12 -10.79 1.96 -9.84
C ILE R 12 -12.11 2.54 -10.37
N ALA R 13 -12.01 3.55 -11.24
CA ALA R 13 -13.19 4.20 -11.77
C ALA R 13 -13.15 4.28 -13.28
N GLU R 14 -14.26 3.93 -13.92
CA GLU R 14 -14.36 3.97 -15.35
C GLU R 14 -14.67 5.45 -15.74
N ILE R 15 -13.75 6.07 -16.46
CA ILE R 15 -13.87 7.47 -16.82
C ILE R 15 -15.13 7.83 -17.63
N GLU R 16 -15.50 7.01 -18.61
CA GLU R 16 -16.68 7.29 -19.42
C GLU R 16 -17.97 7.37 -18.59
N ARG R 17 -18.05 6.60 -17.51
CA ARG R 17 -19.25 6.64 -16.66
C ARG R 17 -19.37 7.99 -15.96
N VAL R 18 -18.22 8.53 -15.58
CA VAL R 18 -18.16 9.83 -14.92
C VAL R 18 -18.50 10.90 -15.96
N GLU R 19 -17.96 10.79 -17.17
CA GLU R 19 -18.27 11.78 -18.23
C GLU R 19 -19.77 11.77 -18.54
N LYS R 20 -20.36 10.58 -18.61
CA LYS R 20 -21.79 10.47 -18.89
C LYS R 20 -22.62 11.12 -17.79
N ALA R 21 -22.21 10.92 -16.53
CA ALA R 21 -22.92 11.51 -15.38
C ALA R 21 -22.88 13.03 -15.45
N LEU R 22 -21.73 13.58 -15.83
CA LEU R 22 -21.57 15.03 -15.97
C LEU R 22 -22.45 15.60 -17.08
N ALA R 23 -22.53 14.87 -18.19
CA ALA R 23 -23.34 15.28 -19.32
C ALA R 23 -24.83 15.32 -18.96
N ARG R 24 -25.25 14.50 -18.02
CA ARG R 24 -26.64 14.46 -17.59
C ARG R 24 -26.96 15.36 -16.38
N SER R 25 -26.15 15.26 -15.33
CA SER R 25 -26.38 16.00 -14.08
C SER R 25 -25.43 17.15 -13.74
N GLY R 26 -24.35 17.27 -14.51
CA GLY R 26 -23.41 18.37 -14.35
C GLY R 26 -22.98 18.77 -12.96
N GLU R 27 -23.15 20.07 -12.64
N GLU R 27 -23.16 20.05 -12.63
CA GLU R 27 -22.80 20.62 -11.33
CA GLU R 27 -22.74 20.57 -11.33
C GLU R 27 -23.35 19.84 -10.15
C GLU R 27 -23.36 19.87 -10.13
N ASN R 28 -24.58 19.36 -10.28
CA ASN R 28 -25.21 18.63 -9.19
C ASN R 28 -24.36 17.43 -8.84
N PHE R 29 -23.83 16.75 -9.85
CA PHE R 29 -22.99 15.58 -9.61
C PHE R 29 -21.62 16.00 -9.09
N ALA R 30 -20.99 16.96 -9.77
CA ALA R 30 -19.66 17.45 -9.37
C ALA R 30 -19.63 17.98 -7.93
N ARG R 31 -20.64 18.76 -7.55
CA ARG R 31 -20.73 19.32 -6.19
C ARG R 31 -20.90 18.26 -5.12
N ARG R 32 -21.46 17.09 -5.46
N ARG R 32 -21.43 17.09 -5.47
CA ARG R 32 -21.61 16.03 -4.47
CA ARG R 32 -21.60 16.03 -4.47
C ARG R 32 -20.25 15.40 -4.13
C ARG R 32 -20.26 15.39 -4.14
N ILE R 33 -19.38 15.31 -5.13
CA ILE R 33 -18.09 14.72 -4.94
C ILE R 33 -16.99 15.70 -4.47
N LEU R 34 -17.06 16.91 -4.97
CA LEU R 34 -16.03 17.90 -4.69
C LEU R 34 -16.35 18.94 -3.63
N THR R 35 -15.35 19.30 -2.82
CA THR R 35 -15.52 20.36 -1.83
C THR R 35 -15.47 21.67 -2.61
N ASP R 36 -15.77 22.77 -1.94
CA ASP R 36 -15.74 24.07 -2.63
C ASP R 36 -14.39 24.47 -3.24
N SER R 37 -13.29 24.25 -2.52
CA SER R 37 -11.97 24.60 -3.07
C SER R 37 -11.63 23.80 -4.33
N GLU R 38 -11.97 22.51 -4.33
CA GLU R 38 -11.68 21.67 -5.48
C GLU R 38 -12.54 22.02 -6.70
N LEU R 39 -13.75 22.52 -6.43
CA LEU R 39 -14.69 22.86 -7.48
C LEU R 39 -14.09 23.97 -8.35
N GLU R 40 -13.30 24.85 -7.75
CA GLU R 40 -12.65 25.94 -8.50
C GLU R 40 -11.64 25.37 -9.50
N GLN R 41 -10.84 24.43 -9.03
N GLN R 41 -10.81 24.43 -9.04
CA GLN R 41 -9.83 23.78 -9.85
CA GLN R 41 -9.82 23.82 -9.92
C GLN R 41 -10.55 22.97 -10.93
C GLN R 41 -10.58 23.00 -10.98
N PHE R 42 -11.67 22.36 -10.56
CA PHE R 42 -12.48 21.58 -11.49
C PHE R 42 -13.05 22.45 -12.62
N HIS R 43 -13.62 23.58 -12.24
CA HIS R 43 -14.18 24.49 -13.24
C HIS R 43 -13.14 25.01 -14.23
N ALA R 44 -11.87 25.07 -13.83
CA ALA R 44 -10.83 25.55 -14.73
C ALA R 44 -10.31 24.48 -15.71
N SER R 45 -10.55 23.21 -15.42
CA SER R 45 -10.09 22.14 -16.30
C SER R 45 -10.84 22.06 -17.63
N LYS R 46 -10.16 21.59 -18.67
CA LYS R 46 -10.81 21.40 -19.97
C LYS R 46 -11.07 19.90 -20.20
N GLN R 47 -10.84 19.12 -19.15
N GLN R 47 -10.88 19.10 -19.16
CA GLN R 47 -11.04 17.66 -19.13
CA GLN R 47 -11.12 17.66 -19.21
C GLN R 47 -11.71 17.33 -17.83
C GLN R 47 -11.73 17.30 -17.88
N GLN R 48 -12.85 17.96 -17.59
CA GLN R 48 -13.57 17.79 -16.33
C GLN R 48 -13.91 16.38 -15.93
N GLY R 49 -14.34 15.56 -16.88
CA GLY R 49 -14.66 14.18 -16.54
C GLY R 49 -13.46 13.41 -16.05
N ARG R 50 -12.33 13.65 -16.69
CA ARG R 50 -11.09 12.96 -16.29
C ARG R 50 -10.66 13.45 -14.91
N PHE R 51 -10.72 14.77 -14.71
CA PHE R 51 -10.40 15.43 -13.44
C PHE R 51 -11.27 14.84 -12.32
N LEU R 52 -12.57 14.77 -12.55
CA LEU R 52 -13.50 14.26 -11.55
C LEU R 52 -13.34 12.74 -11.32
N ALA R 53 -13.02 11.97 -12.35
CA ALA R 53 -12.84 10.52 -12.17
C ALA R 53 -11.68 10.22 -11.19
N LYS R 54 -10.60 10.99 -11.30
CA LYS R 54 -9.45 10.84 -10.41
C LYS R 54 -9.81 11.21 -8.96
N ARG R 55 -10.55 12.30 -8.77
CA ARG R 55 -10.94 12.70 -7.42
C ARG R 55 -11.89 11.67 -6.83
N PHE R 56 -12.81 11.16 -7.63
CA PHE R 56 -13.76 10.15 -7.18
C PHE R 56 -13.02 8.90 -6.67
N ALA R 57 -12.07 8.42 -7.45
CA ALA R 57 -11.30 7.25 -7.10
C ALA R 57 -10.49 7.54 -5.83
N ALA R 58 -9.84 8.69 -5.77
CA ALA R 58 -9.02 9.02 -4.59
C ALA R 58 -9.86 9.04 -3.30
N LYS R 59 -11.04 9.65 -3.39
CA LYS R 59 -11.93 9.76 -2.24
C LYS R 59 -12.50 8.43 -1.85
N GLU R 60 -12.89 7.60 -2.83
CA GLU R 60 -13.39 6.26 -2.48
C GLU R 60 -12.27 5.44 -1.82
N ALA R 61 -11.06 5.50 -2.38
CA ALA R 61 -9.93 4.77 -1.79
C ALA R 61 -9.69 5.26 -0.35
N ALA R 62 -9.74 6.58 -0.14
CA ALA R 62 -9.51 7.14 1.19
C ALA R 62 -10.58 6.67 2.19
N SER R 63 -11.83 6.61 1.75
CA SER R 63 -12.94 6.18 2.63
C SER R 63 -12.79 4.72 3.01
N LYS R 64 -12.22 3.91 2.11
CA LYS R 64 -11.98 2.49 2.42
C LYS R 64 -10.82 2.37 3.41
N ALA R 65 -9.84 3.25 3.25
CA ALA R 65 -8.69 3.22 4.19
C ALA R 65 -9.18 3.58 5.59
N LEU R 66 -10.22 4.41 5.70
CA LEU R 66 -10.77 4.74 7.01
C LEU R 66 -11.57 3.60 7.61
N GLY R 67 -11.96 2.64 6.78
CA GLY R 67 -12.75 1.51 7.25
C GLY R 67 -14.25 1.69 7.20
N THR R 68 -14.72 2.84 6.71
CA THR R 68 -16.15 3.12 6.65
C THR R 68 -16.80 3.18 5.27
N GLY R 69 -16.01 3.51 4.26
CA GLY R 69 -16.54 3.69 2.93
C GLY R 69 -17.24 5.04 3.04
N ILE R 70 -18.09 5.38 2.10
CA ILE R 70 -18.82 6.65 2.15
C ILE R 70 -20.10 6.21 2.84
N ALA R 71 -20.05 6.27 4.17
CA ALA R 71 -21.14 5.83 5.02
C ALA R 71 -20.75 6.20 6.43
N GLN R 72 -21.65 5.98 7.39
CA GLN R 72 -21.38 6.28 8.79
C GLN R 72 -20.99 7.75 9.01
N GLY R 73 -21.59 8.66 8.25
CA GLY R 73 -21.31 10.08 8.40
C GLY R 73 -20.13 10.60 7.60
N VAL R 74 -19.40 9.68 6.96
CA VAL R 74 -18.27 10.06 6.15
C VAL R 74 -18.80 10.37 4.78
N THR R 75 -18.51 11.57 4.31
CA THR R 75 -18.99 12.02 3.00
C THR R 75 -17.83 12.39 2.08
N PHE R 76 -18.13 12.58 0.79
CA PHE R 76 -17.08 12.97 -0.14
C PHE R 76 -16.45 14.30 0.23
N HIS R 77 -17.23 15.17 0.85
CA HIS R 77 -16.74 16.49 1.26
C HIS R 77 -15.78 16.45 2.43
N ASP R 78 -15.58 15.27 3.01
CA ASP R 78 -14.65 15.12 4.13
C ASP R 78 -13.23 14.91 3.64
N PHE R 79 -13.08 14.80 2.32
CA PHE R 79 -11.78 14.62 1.73
C PHE R 79 -11.46 15.75 0.76
N THR R 80 -10.25 16.31 0.88
CA THR R 80 -9.83 17.37 -0.01
C THR R 80 -8.48 16.95 -0.62
N ILE R 81 -8.41 16.96 -1.96
CA ILE R 81 -7.20 16.61 -2.65
C ILE R 81 -6.51 17.88 -3.11
N SER R 82 -5.24 18.02 -2.72
N SER R 82 -5.25 18.03 -2.72
CA SER R 82 -4.46 19.17 -3.08
CA SER R 82 -4.46 19.19 -3.11
C SER R 82 -3.16 18.63 -3.70
C SER R 82 -3.16 18.63 -3.71
N HIS R 83 -2.22 19.51 -4.05
CA HIS R 83 -0.94 19.07 -4.64
C HIS R 83 0.22 19.89 -4.12
N ASP R 84 1.40 19.29 -4.00
CA ASP R 84 2.58 20.03 -3.56
C ASP R 84 3.19 20.61 -4.85
N LYS R 85 4.27 21.38 -4.69
CA LYS R 85 4.92 22.07 -5.82
C LYS R 85 5.43 21.19 -6.98
N LEU R 86 5.68 19.92 -6.70
CA LEU R 86 6.18 19.00 -7.71
C LEU R 86 5.07 18.19 -8.37
N GLY R 87 3.83 18.39 -7.92
CA GLY R 87 2.69 17.67 -8.46
C GLY R 87 2.19 16.48 -7.66
N LYS R 88 2.83 16.18 -6.54
CA LYS R 88 2.41 15.05 -5.73
C LYS R 88 1.05 15.33 -5.09
N PRO R 89 0.11 14.35 -5.17
CA PRO R 89 -1.20 14.60 -4.57
C PRO R 89 -1.18 14.48 -3.06
N LEU R 90 -1.93 15.35 -2.40
CA LEU R 90 -2.02 15.43 -0.95
C LEU R 90 -3.49 15.31 -0.53
N LEU R 91 -3.71 14.56 0.55
CA LEU R 91 -5.05 14.33 1.04
C LEU R 91 -5.19 14.91 2.44
N ILE R 92 -6.15 15.81 2.59
CA ILE R 92 -6.46 16.48 3.85
C ILE R 92 -7.89 16.12 4.25
N LEU R 93 -8.06 15.68 5.51
CA LEU R 93 -9.37 15.28 6.00
C LEU R 93 -10.10 16.36 6.80
N SER R 94 -11.41 16.29 6.79
CA SER R 94 -12.23 17.22 7.53
C SER R 94 -13.47 16.47 7.93
N GLY R 95 -14.34 17.11 8.71
CA GLY R 95 -15.58 16.49 9.12
C GLY R 95 -15.43 15.16 9.86
N GLN R 96 -16.33 14.23 9.56
CA GLN R 96 -16.30 12.93 10.22
C GLN R 96 -15.05 12.13 9.89
N ALA R 97 -14.53 12.27 8.66
CA ALA R 97 -13.29 11.57 8.31
C ALA R 97 -12.13 12.03 9.21
N ALA R 98 -12.02 13.34 9.43
CA ALA R 98 -10.95 13.86 10.29
C ALA R 98 -11.12 13.38 11.73
N GLU R 99 -12.36 13.28 12.18
CA GLU R 99 -12.63 12.85 13.55
C GLU R 99 -12.23 11.37 13.70
N LEU R 100 -12.62 10.53 12.75
CA LEU R 100 -12.22 9.13 12.79
C LEU R 100 -10.70 8.95 12.73
N ALA R 101 -10.05 9.71 11.85
CA ALA R 101 -8.60 9.63 11.72
C ALA R 101 -7.92 10.01 13.04
N SER R 102 -8.44 11.03 13.72
CA SER R 102 -7.89 11.46 14.99
C SER R 102 -8.02 10.32 16.02
N GLN R 103 -9.18 9.68 16.00
CA GLN R 103 -9.47 8.57 16.92
C GLN R 103 -8.49 7.43 16.67
N LEU R 104 -8.13 7.23 15.41
CA LEU R 104 -7.20 6.18 15.01
C LEU R 104 -5.75 6.62 15.14
N GLN R 105 -5.53 7.87 15.52
CA GLN R 105 -4.21 8.45 15.69
C GLN R 105 -3.40 8.47 14.41
N VAL R 106 -4.09 8.80 13.31
CA VAL R 106 -3.45 8.90 12.02
C VAL R 106 -2.55 10.13 12.01
N GLU R 107 -1.29 9.92 11.66
CA GLU R 107 -0.31 10.99 11.58
C GLU R 107 0.22 11.27 10.19
N ASN R 108 0.18 10.28 9.31
CA ASN R 108 0.68 10.44 7.95
C ASN R 108 -0.32 9.78 7.00
N ILE R 109 -0.65 10.49 5.93
CA ILE R 109 -1.61 10.03 4.92
C ILE R 109 -0.91 10.07 3.57
N HIS R 110 -0.96 8.95 2.87
CA HIS R 110 -0.34 8.82 1.56
C HIS R 110 -1.36 8.47 0.51
N LEU R 111 -1.27 9.16 -0.62
CA LEU R 111 -2.15 8.96 -1.77
C LEU R 111 -1.38 8.97 -3.06
N SER R 112 -1.73 8.04 -3.95
CA SER R 112 -1.19 8.03 -5.30
C SER R 112 -2.39 7.79 -6.21
N ILE R 113 -2.33 8.47 -7.36
CA ILE R 113 -3.37 8.46 -8.38
C ILE R 113 -2.74 8.21 -9.74
N SER R 114 -3.46 7.52 -10.62
CA SER R 114 -3.02 7.26 -11.98
C SER R 114 -4.24 7.10 -12.88
N ASP R 115 -4.13 7.57 -14.13
CA ASP R 115 -5.21 7.35 -15.07
C ASP R 115 -4.65 7.03 -16.43
N GLU R 116 -5.41 6.26 -17.20
CA GLU R 116 -5.04 5.96 -18.56
C GLU R 116 -6.26 6.43 -19.37
N ARG R 117 -6.36 6.06 -20.64
N ARG R 117 -6.36 6.09 -20.64
CA ARG R 117 -7.48 6.53 -21.44
CA ARG R 117 -7.48 6.60 -21.43
C ARG R 117 -8.85 6.26 -20.85
C ARG R 117 -8.89 6.21 -20.95
N HIS R 118 -9.05 5.05 -20.34
CA HIS R 118 -10.34 4.63 -19.86
C HIS R 118 -10.59 4.48 -18.37
N TYR R 119 -9.54 4.38 -17.58
CA TYR R 119 -9.69 4.17 -16.15
C TYR R 119 -8.81 5.06 -15.34
N ALA R 120 -9.32 5.43 -14.17
CA ALA R 120 -8.60 6.20 -13.19
C ALA R 120 -8.54 5.31 -11.96
N MSE R 121 -7.45 5.37 -11.21
CA MSE R 121 -7.37 4.58 -10.00
C MSE R 121 -6.52 5.29 -8.96
O MSE R 121 -5.73 6.20 -9.29
CB MSE R 121 -6.84 3.16 -10.27
CG MSE R 121 -5.44 3.08 -10.62
SE MSE R 121 -4.87 1.20 -10.97
CE MSE R 121 -3.05 1.72 -10.81
N ALA R 122 -6.69 4.86 -7.72
CA ALA R 122 -5.98 5.45 -6.60
C ALA R 122 -5.83 4.45 -5.47
N THR R 123 -4.80 4.71 -4.67
CA THR R 123 -4.49 3.94 -3.49
C THR R 123 -4.14 4.95 -2.39
N VAL R 124 -4.64 4.65 -1.19
CA VAL R 124 -4.44 5.43 0.00
C VAL R 124 -4.01 4.56 1.16
N ILE R 125 -3.01 5.04 1.89
CA ILE R 125 -2.55 4.37 3.11
C ILE R 125 -2.52 5.40 4.25
N LEU R 126 -3.09 5.02 5.37
CA LEU R 126 -3.10 5.85 6.57
C LEU R 126 -2.17 5.19 7.58
N GLU R 127 -1.29 5.97 8.19
CA GLU R 127 -0.33 5.43 9.13
C GLU R 127 -0.31 6.25 10.43
N ARG R 128 -0.09 5.56 11.55
CA ARG R 128 0.01 6.20 12.86
C ARG R 128 1.48 6.26 13.27
N MSE S 4 17.40 -3.06 -73.42
CA MSE S 4 17.33 -3.44 -71.99
C MSE S 4 16.22 -2.66 -71.31
O MSE S 4 15.61 -1.76 -71.89
CB MSE S 4 18.65 -3.17 -71.27
CG MSE S 4 19.05 -1.70 -71.13
SE MSE S 4 20.78 -1.47 -70.26
CE MSE S 4 21.93 -2.31 -71.58
N ILE S 5 15.96 -3.03 -70.08
CA ILE S 5 14.93 -2.38 -69.27
C ILE S 5 15.53 -1.13 -68.68
N VAL S 6 14.95 0.02 -68.96
CA VAL S 6 15.50 1.23 -68.41
C VAL S 6 14.76 1.67 -67.15
N GLY S 7 13.58 1.15 -66.94
CA GLY S 7 12.83 1.50 -65.73
C GLY S 7 11.70 0.55 -65.41
N LEU S 8 11.42 0.41 -64.11
CA LEU S 8 10.35 -0.42 -63.60
C LEU S 8 9.59 0.39 -62.55
N GLY S 9 8.27 0.37 -62.61
CA GLY S 9 7.43 1.08 -61.66
C GLY S 9 6.18 0.30 -61.31
N THR S 10 5.81 0.37 -60.04
CA THR S 10 4.60 -0.28 -59.56
C THR S 10 3.92 0.66 -58.54
N ASP S 11 2.59 0.56 -58.44
CA ASP S 11 1.82 1.35 -57.51
C ASP S 11 0.50 0.66 -57.14
N ILE S 12 0.11 0.88 -55.89
CA ILE S 12 -1.18 0.38 -55.34
C ILE S 12 -1.92 1.58 -54.78
N ALA S 13 -3.22 1.67 -55.08
CA ALA S 13 -4.06 2.76 -54.64
C ALA S 13 -5.34 2.23 -54.00
N GLU S 14 -5.69 2.81 -52.86
CA GLU S 14 -6.90 2.46 -52.13
C GLU S 14 -8.03 3.25 -52.78
N ILE S 15 -8.96 2.55 -53.39
CA ILE S 15 -10.04 3.17 -54.13
C ILE S 15 -10.91 4.13 -53.28
N GLU S 16 -11.25 3.73 -52.05
CA GLU S 16 -12.09 4.54 -51.15
C GLU S 16 -11.49 5.95 -50.91
N ARG S 17 -10.17 6.03 -50.84
CA ARG S 17 -9.46 7.30 -50.62
C ARG S 17 -9.64 8.24 -51.80
N VAL S 18 -9.62 7.66 -53.00
CA VAL S 18 -9.83 8.42 -54.25
C VAL S 18 -11.28 8.87 -54.27
N GLU S 19 -12.19 7.98 -53.90
CA GLU S 19 -13.62 8.32 -53.85
C GLU S 19 -13.88 9.48 -52.86
N LYS S 20 -13.28 9.40 -51.69
CA LYS S 20 -13.42 10.46 -50.69
C LYS S 20 -12.89 11.80 -51.20
N ALA S 21 -11.77 11.76 -51.93
CA ALA S 21 -11.17 12.97 -52.51
C ALA S 21 -12.09 13.60 -53.54
N LEU S 22 -12.71 12.78 -54.37
CA LEU S 22 -13.65 13.24 -55.38
C LEU S 22 -14.91 13.88 -54.75
N ALA S 23 -15.39 13.31 -53.65
CA ALA S 23 -16.55 13.85 -52.96
C ALA S 23 -16.27 15.22 -52.35
N ARG S 24 -15.02 15.47 -52.00
CA ARG S 24 -14.63 16.74 -51.42
C ARG S 24 -14.20 17.79 -52.43
N SER S 25 -13.33 17.41 -53.38
CA SER S 25 -12.75 18.35 -54.37
C SER S 25 -13.08 18.16 -55.85
N GLY S 26 -13.74 17.06 -56.13
CA GLY S 26 -14.24 16.75 -57.46
C GLY S 26 -13.34 17.03 -58.63
N GLU S 27 -13.82 17.89 -59.53
N GLU S 27 -13.82 17.88 -59.54
CA GLU S 27 -13.12 18.26 -60.74
CA GLU S 27 -13.11 18.25 -60.76
C GLU S 27 -11.72 18.82 -60.50
C GLU S 27 -11.70 18.79 -60.48
N ASN S 28 -11.52 19.53 -59.39
CA ASN S 28 -10.19 20.08 -59.08
C ASN S 28 -9.21 18.93 -58.92
N PHE S 29 -9.68 17.85 -58.33
CA PHE S 29 -8.87 16.65 -58.17
C PHE S 29 -8.74 15.87 -59.50
N ALA S 30 -9.86 15.58 -60.16
CA ALA S 30 -9.84 14.85 -61.40
C ALA S 30 -8.99 15.53 -62.50
N ARG S 31 -9.12 16.85 -62.63
CA ARG S 31 -8.42 17.61 -63.63
C ARG S 31 -6.90 17.67 -63.40
N ARG S 32 -6.50 17.52 -62.15
CA ARG S 32 -5.09 17.52 -61.80
C ARG S 32 -4.42 16.24 -62.34
N ILE S 33 -5.10 15.13 -62.20
CA ILE S 33 -4.53 13.82 -62.63
C ILE S 33 -4.71 13.51 -64.12
N LEU S 34 -5.88 13.84 -64.65
CA LEU S 34 -6.25 13.54 -66.02
C LEU S 34 -6.08 14.66 -67.06
N THR S 35 -5.61 14.29 -68.25
CA THR S 35 -5.46 15.23 -69.32
C THR S 35 -6.88 15.56 -69.81
N ASP S 36 -7.02 16.60 -70.62
CA ASP S 36 -8.35 16.94 -71.08
C ASP S 36 -8.96 15.81 -71.90
N SER S 37 -8.13 15.10 -72.64
CA SER S 37 -8.60 13.99 -73.46
C SER S 37 -9.15 12.87 -72.57
N GLU S 38 -8.45 12.57 -71.48
CA GLU S 38 -8.88 11.55 -70.55
C GLU S 38 -10.13 11.98 -69.78
N LEU S 39 -10.32 13.27 -69.53
CA LEU S 39 -11.49 13.75 -68.80
C LEU S 39 -12.77 13.39 -69.52
N GLU S 40 -12.74 13.38 -70.85
CA GLU S 40 -13.94 13.06 -71.59
C GLU S 40 -14.41 11.64 -71.23
N GLN S 41 -13.47 10.70 -71.13
CA GLN S 41 -13.80 9.32 -70.78
C GLN S 41 -14.20 9.25 -69.27
N PHE S 42 -13.49 9.97 -68.43
CA PHE S 42 -13.81 10.03 -67.00
C PHE S 42 -15.25 10.57 -66.78
N HIS S 43 -15.62 11.66 -67.44
CA HIS S 43 -16.94 12.23 -67.24
C HIS S 43 -18.09 11.30 -67.69
N ALA S 44 -17.83 10.44 -68.66
CA ALA S 44 -18.82 9.49 -69.18
C ALA S 44 -18.92 8.25 -68.28
N SER S 45 -17.96 8.08 -67.38
CA SER S 45 -17.98 6.93 -66.47
C SER S 45 -19.06 7.07 -65.40
N LYS S 46 -19.61 5.94 -64.98
CA LYS S 46 -20.59 5.86 -63.91
C LYS S 46 -19.92 5.36 -62.60
N GLN S 47 -18.61 5.17 -62.62
N GLN S 47 -18.61 5.15 -62.63
CA GLN S 47 -17.84 4.73 -61.46
CA GLN S 47 -17.80 4.72 -61.47
C GLN S 47 -16.53 5.50 -61.50
C GLN S 47 -16.51 5.51 -61.51
N GLN S 48 -16.67 6.83 -61.39
CA GLN S 48 -15.54 7.74 -61.49
C GLN S 48 -14.36 7.55 -60.55
N GLY S 49 -14.61 7.20 -59.29
CA GLY S 49 -13.52 6.97 -58.36
C GLY S 49 -12.69 5.76 -58.76
N ARG S 50 -13.34 4.70 -59.21
N ARG S 50 -13.36 4.71 -59.22
CA ARG S 50 -12.61 3.50 -59.62
CA ARG S 50 -12.70 3.49 -59.65
C ARG S 50 -11.80 3.85 -60.88
C ARG S 50 -11.86 3.79 -60.90
N PHE S 51 -12.44 4.54 -61.82
CA PHE S 51 -11.78 4.95 -63.06
C PHE S 51 -10.54 5.74 -62.72
N LEU S 52 -10.68 6.73 -61.82
CA LEU S 52 -9.56 7.59 -61.44
C LEU S 52 -8.47 6.86 -60.65
N ALA S 53 -8.87 5.93 -59.79
CA ALA S 53 -7.91 5.17 -58.99
C ALA S 53 -6.97 4.39 -59.91
N LYS S 54 -7.51 3.78 -60.96
CA LYS S 54 -6.68 3.04 -61.93
C LYS S 54 -5.73 3.98 -62.68
N ARG S 55 -6.22 5.15 -63.09
N ARG S 55 -6.22 5.13 -63.12
CA ARG S 55 -5.36 6.09 -63.81
CA ARG S 55 -5.35 6.05 -63.86
C ARG S 55 -4.27 6.57 -62.89
C ARG S 55 -4.29 6.66 -62.92
N PHE S 56 -4.65 6.90 -61.68
CA PHE S 56 -3.71 7.41 -60.69
C PHE S 56 -2.60 6.37 -60.43
N ALA S 57 -2.97 5.11 -60.24
CA ALA S 57 -1.98 4.05 -60.03
C ALA S 57 -1.07 3.89 -61.28
N ALA S 58 -1.66 3.94 -62.48
CA ALA S 58 -0.87 3.81 -63.70
C ALA S 58 0.17 4.92 -63.84
N LYS S 59 -0.28 6.16 -63.57
CA LYS S 59 0.59 7.30 -63.70
C LYS S 59 1.67 7.31 -62.63
N GLU S 60 1.35 6.93 -61.40
CA GLU S 60 2.40 6.88 -60.40
C GLU S 60 3.43 5.82 -60.73
N ALA S 61 2.94 4.67 -61.19
CA ALA S 61 3.82 3.58 -61.56
C ALA S 61 4.75 4.07 -62.67
N ALA S 62 4.18 4.76 -63.66
CA ALA S 62 4.97 5.28 -64.81
C ALA S 62 6.01 6.26 -64.35
N SER S 63 5.61 7.16 -63.45
CA SER S 63 6.54 8.16 -62.95
C SER S 63 7.68 7.47 -62.22
N LYS S 64 7.42 6.34 -61.56
CA LYS S 64 8.48 5.59 -60.87
C LYS S 64 9.38 4.84 -61.88
N ALA S 65 8.79 4.39 -62.99
CA ALA S 65 9.59 3.72 -64.01
C ALA S 65 10.57 4.75 -64.60
N LEU S 66 10.12 6.00 -64.79
N LEU S 66 10.11 6.00 -64.74
CA LEU S 66 11.03 7.05 -65.32
CA LEU S 66 10.92 7.10 -65.28
C LEU S 66 12.18 7.29 -64.34
C LEU S 66 12.06 7.49 -64.31
N GLY S 67 11.89 7.06 -63.07
CA GLY S 67 12.85 7.25 -62.00
C GLY S 67 12.72 8.59 -61.28
N THR S 68 11.68 9.36 -61.59
CA THR S 68 11.50 10.69 -61.01
C THR S 68 10.34 10.92 -60.02
N GLY S 69 9.24 10.21 -60.20
CA GLY S 69 8.08 10.46 -59.40
C GLY S 69 7.50 11.69 -60.09
N ILE S 70 6.51 12.33 -59.47
CA ILE S 70 5.91 13.55 -60.01
C ILE S 70 6.76 14.67 -59.46
N ALA S 71 7.88 14.86 -60.12
CA ALA S 71 8.90 15.80 -59.74
C ALA S 71 9.72 16.26 -60.92
N GLN S 72 10.59 17.23 -60.63
CA GLN S 72 11.52 17.79 -61.58
C GLN S 72 10.89 18.20 -62.91
N GLY S 73 9.70 18.77 -62.86
CA GLY S 73 9.02 19.23 -64.08
C GLY S 73 8.05 18.23 -64.68
N VAL S 74 8.07 17.00 -64.18
CA VAL S 74 7.15 15.94 -64.63
C VAL S 74 5.82 16.18 -63.94
N THR S 75 4.71 16.13 -64.69
CA THR S 75 3.39 16.32 -64.12
C THR S 75 2.54 15.12 -64.54
N PHE S 76 1.41 14.97 -63.90
CA PHE S 76 0.48 13.90 -64.20
C PHE S 76 -0.01 14.03 -65.63
N HIS S 77 -0.02 15.24 -66.17
CA HIS S 77 -0.47 15.43 -67.56
C HIS S 77 0.58 14.94 -68.60
N ASP S 78 1.77 14.58 -68.13
CA ASP S 78 2.81 14.03 -69.00
C ASP S 78 2.50 12.56 -69.41
N PHE S 79 1.49 11.97 -68.77
CA PHE S 79 1.12 10.58 -69.02
C PHE S 79 -0.31 10.48 -69.50
N THR S 80 -0.53 9.80 -70.61
CA THR S 80 -1.88 9.64 -71.11
C THR S 80 -2.10 8.16 -71.28
N ILE S 81 -3.20 7.67 -70.72
CA ILE S 81 -3.54 6.27 -70.85
C ILE S 81 -4.66 6.14 -71.86
N SER S 82 -4.45 5.24 -72.82
N SER S 82 -4.44 5.27 -72.84
CA SER S 82 -5.42 4.98 -73.84
CA SER S 82 -5.42 5.00 -73.87
C SER S 82 -5.55 3.48 -73.91
C SER S 82 -5.54 3.48 -73.93
N HIS S 83 -6.35 2.96 -74.83
CA HIS S 83 -6.53 1.52 -74.95
C HIS S 83 -6.55 1.09 -76.42
N ASP S 84 -6.19 -0.16 -76.69
CA ASP S 84 -6.25 -0.66 -78.04
C ASP S 84 -7.62 -1.28 -78.16
N LYS S 85 -7.94 -1.76 -79.35
CA LYS S 85 -9.24 -2.36 -79.65
C LYS S 85 -9.64 -3.53 -78.79
N LEU S 86 -8.67 -4.24 -78.23
CA LEU S 86 -8.98 -5.39 -77.40
C LEU S 86 -9.07 -5.03 -75.92
N GLY S 87 -8.80 -3.76 -75.59
CA GLY S 87 -8.85 -3.27 -74.21
C GLY S 87 -7.52 -3.16 -73.47
N LYS S 88 -6.42 -3.54 -74.11
CA LYS S 88 -5.12 -3.44 -73.48
C LYS S 88 -4.77 -1.97 -73.24
N PRO S 89 -4.29 -1.63 -72.03
CA PRO S 89 -3.96 -0.24 -71.77
C PRO S 89 -2.63 0.13 -72.41
N LEU S 90 -2.57 1.37 -72.89
CA LEU S 90 -1.39 1.92 -73.55
C LEU S 90 -0.98 3.21 -72.85
N LEU S 91 0.32 3.42 -72.72
CA LEU S 91 0.85 4.62 -72.08
C LEU S 91 1.61 5.48 -73.11
N ILE S 92 1.21 6.75 -73.24
CA ILE S 92 1.86 7.69 -74.15
C ILE S 92 2.38 8.86 -73.33
N LEU S 93 3.66 9.17 -73.52
CA LEU S 93 4.33 10.24 -72.81
C LEU S 93 4.37 11.59 -73.53
N SER S 94 4.32 12.66 -72.74
CA SER S 94 4.40 14.01 -73.29
C SER S 94 5.14 14.84 -72.26
N GLY S 95 5.34 16.12 -72.58
CA GLY S 95 6.03 17.01 -71.66
C GLY S 95 7.39 16.53 -71.20
N GLN S 96 7.70 16.80 -69.95
CA GLN S 96 9.01 16.43 -69.41
C GLN S 96 9.23 14.91 -69.39
N ALA S 97 8.16 14.14 -69.18
CA ALA S 97 8.32 12.69 -69.15
C ALA S 97 8.84 12.24 -70.50
N ALA S 98 8.25 12.76 -71.57
CA ALA S 98 8.68 12.42 -72.93
C ALA S 98 10.14 12.83 -73.12
N GLU S 99 10.47 14.03 -72.68
N GLU S 99 10.48 14.03 -72.69
CA GLU S 99 11.85 14.53 -72.79
CA GLU S 99 11.86 14.51 -72.82
C GLU S 99 12.84 13.57 -72.12
C GLU S 99 12.85 13.56 -72.13
N LEU S 100 12.55 13.20 -70.89
CA LEU S 100 13.41 12.29 -70.14
C LEU S 100 13.43 10.88 -70.78
N ALA S 101 12.27 10.40 -71.24
CA ALA S 101 12.24 9.08 -71.91
C ALA S 101 13.14 9.09 -73.15
N SER S 102 13.14 10.21 -73.87
N SER S 102 13.15 10.22 -73.88
CA SER S 102 13.95 10.35 -75.06
CA SER S 102 13.97 10.33 -75.08
C SER S 102 15.44 10.31 -74.72
C SER S 102 15.45 10.30 -74.72
N GLN S 103 15.81 10.96 -73.62
CA GLN S 103 17.20 10.98 -73.17
C GLN S 103 17.65 9.57 -72.85
N LEU S 104 16.76 8.79 -72.26
CA LEU S 104 17.03 7.40 -71.89
C LEU S 104 16.93 6.41 -73.09
N GLN S 105 16.53 6.90 -74.26
N GLN S 105 16.52 6.94 -74.24
CA GLN S 105 16.40 6.06 -75.44
CA GLN S 105 16.31 6.16 -75.48
C GLN S 105 15.25 5.02 -75.33
C GLN S 105 15.25 5.07 -75.36
N VAL S 106 14.16 5.40 -74.69
CA VAL S 106 13.03 4.49 -74.52
C VAL S 106 12.33 4.31 -75.86
N GLU S 107 12.13 3.08 -76.27
CA GLU S 107 11.44 2.82 -77.53
C GLU S 107 10.17 2.01 -77.36
N ASN S 108 10.01 1.37 -76.21
CA ASN S 108 8.83 0.58 -75.93
C ASN S 108 8.38 0.78 -74.49
N ILE S 109 7.07 0.96 -74.32
CA ILE S 109 6.48 1.19 -73.02
C ILE S 109 5.41 0.14 -72.80
N HIS S 110 5.44 -0.51 -71.63
CA HIS S 110 4.47 -1.55 -71.27
C HIS S 110 3.81 -1.17 -69.96
N LEU S 111 2.48 -1.31 -69.94
CA LEU S 111 1.68 -1.01 -68.79
C LEU S 111 0.60 -2.05 -68.59
N SER S 112 0.36 -2.46 -67.35
CA SER S 112 -0.75 -3.35 -67.04
C SER S 112 -1.42 -2.78 -65.76
N ILE S 113 -2.74 -2.89 -65.73
CA ILE S 113 -3.57 -2.41 -64.65
C ILE S 113 -4.51 -3.51 -64.16
N SER S 114 -4.83 -3.47 -62.88
CA SER S 114 -5.75 -4.41 -62.28
C SER S 114 -6.45 -3.76 -61.09
N ASP S 115 -7.72 -4.09 -60.89
CA ASP S 115 -8.39 -3.60 -59.67
C ASP S 115 -9.32 -4.66 -59.11
N GLU S 116 -9.51 -4.60 -57.80
CA GLU S 116 -10.45 -5.49 -57.16
C GLU S 116 -11.38 -4.52 -56.41
N ARG S 117 -12.19 -5.01 -55.48
N ARG S 117 -12.19 -5.01 -55.49
CA ARG S 117 -13.15 -4.13 -54.79
CA ARG S 117 -13.13 -4.14 -54.79
C ARG S 117 -12.57 -2.91 -54.08
C ARG S 117 -12.50 -2.89 -54.18
N HIS S 118 -11.46 -3.10 -53.39
CA HIS S 118 -10.85 -2.00 -52.67
C HIS S 118 -9.55 -1.39 -53.17
N TYR S 119 -8.83 -2.09 -54.02
CA TYR S 119 -7.52 -1.62 -54.49
C TYR S 119 -7.35 -1.69 -55.98
N ALA S 120 -6.63 -0.72 -56.51
CA ALA S 120 -6.27 -0.66 -57.90
C ALA S 120 -4.76 -0.67 -57.92
N MSE S 121 -4.15 -1.33 -58.89
CA MSE S 121 -2.71 -1.35 -58.98
C MSE S 121 -2.24 -1.37 -60.42
O MSE S 121 -2.99 -1.70 -61.33
CB MSE S 121 -2.12 -2.51 -58.19
CG MSE S 121 -2.32 -3.81 -58.74
SE MSE S 121 -1.49 -5.24 -57.58
CE MSE S 121 -1.62 -6.50 -58.98
N ALA S 122 -0.99 -1.01 -60.63
CA ALA S 122 -0.43 -0.97 -61.97
C ALA S 122 1.06 -1.17 -61.89
N THR S 123 1.59 -1.68 -62.99
CA THR S 123 3.01 -1.90 -63.17
C THR S 123 3.36 -1.38 -64.57
N VAL S 124 4.50 -0.69 -64.64
CA VAL S 124 5.00 -0.13 -65.91
C VAL S 124 6.47 -0.54 -66.12
N ILE S 125 6.82 -0.88 -67.37
CA ILE S 125 8.19 -1.20 -67.71
C ILE S 125 8.56 -0.36 -68.94
N LEU S 126 9.72 0.29 -68.89
CA LEU S 126 10.23 1.08 -70.01
C LEU S 126 11.44 0.31 -70.56
N GLU S 127 11.49 0.14 -71.89
N GLU S 127 11.50 0.18 -71.89
CA GLU S 127 12.64 -0.55 -72.49
CA GLU S 127 12.59 -0.56 -72.51
C GLU S 127 13.22 0.25 -73.65
C GLU S 127 13.21 0.21 -73.68
N ARG S 128 14.53 0.09 -73.84
CA ARG S 128 15.28 0.75 -74.92
C ARG S 128 15.78 -0.32 -75.88
N ALA T 3 19.86 -9.19 -74.35
CA ALA T 3 19.63 -9.13 -72.87
C ALA T 3 18.23 -9.59 -72.51
N MSE T 4 18.14 -10.79 -71.94
CA MSE T 4 16.87 -11.34 -71.56
C MSE T 4 16.69 -11.24 -70.05
O MSE T 4 17.61 -10.93 -69.30
CB MSE T 4 16.78 -12.81 -71.98
CG MSE T 4 17.62 -13.78 -71.16
SE MSE T 4 17.41 -15.59 -71.81
CE MSE T 4 18.26 -15.37 -73.53
N ILE T 5 15.47 -11.52 -69.63
CA ILE T 5 15.12 -11.49 -68.24
C ILE T 5 15.51 -12.83 -67.59
N VAL T 6 16.29 -12.74 -66.53
CA VAL T 6 16.77 -13.89 -65.77
C VAL T 6 15.74 -14.32 -64.73
N GLY T 7 15.00 -13.36 -64.19
CA GLY T 7 14.02 -13.64 -63.17
C GLY T 7 13.07 -12.48 -62.90
N LEU T 8 11.91 -12.85 -62.38
CA LEU T 8 10.85 -11.93 -62.00
C LEU T 8 10.33 -12.35 -60.65
N GLY T 9 10.14 -11.36 -59.78
CA GLY T 9 9.63 -11.60 -58.45
C GLY T 9 8.70 -10.52 -58.00
N THR T 10 7.68 -10.92 -57.26
CA THR T 10 6.73 -9.97 -56.74
C THR T 10 6.32 -10.42 -55.34
N ASP T 11 5.88 -9.49 -54.50
CA ASP T 11 5.49 -9.82 -53.16
C ASP T 11 4.60 -8.75 -52.58
N ILE T 12 3.65 -9.18 -51.77
CA ILE T 12 2.75 -8.28 -51.05
C ILE T 12 2.87 -8.61 -49.55
N ALA T 13 2.93 -7.57 -48.71
CA ALA T 13 3.05 -7.71 -47.26
C ALA T 13 2.00 -6.89 -46.52
N GLU T 14 1.37 -7.50 -45.51
CA GLU T 14 0.36 -6.83 -44.72
C GLU T 14 1.12 -6.08 -43.62
N ILE T 15 1.07 -4.76 -43.68
CA ILE T 15 1.81 -3.91 -42.74
C ILE T 15 1.50 -4.22 -41.27
N GLU T 16 0.22 -4.36 -40.93
CA GLU T 16 -0.15 -4.64 -39.54
C GLU T 16 0.54 -5.88 -38.96
N ARG T 17 0.75 -6.91 -39.78
CA ARG T 17 1.43 -8.13 -39.28
C ARG T 17 2.89 -7.85 -38.95
N VAL T 18 3.50 -6.97 -39.72
CA VAL T 18 4.89 -6.58 -39.46
C VAL T 18 4.94 -5.76 -38.15
N GLU T 19 3.99 -4.84 -37.98
CA GLU T 19 3.91 -4.02 -36.75
C GLU T 19 3.71 -4.89 -35.51
N LYS T 20 2.83 -5.88 -35.64
CA LYS T 20 2.58 -6.82 -34.56
C LYS T 20 3.83 -7.64 -34.23
N ALA T 21 4.56 -8.09 -35.24
CA ALA T 21 5.80 -8.84 -35.05
C ALA T 21 6.82 -7.94 -34.34
N LEU T 22 6.90 -6.66 -34.72
CA LEU T 22 7.85 -5.74 -34.07
C LEU T 22 7.47 -5.52 -32.60
N ALA T 23 6.18 -5.40 -32.32
CA ALA T 23 5.69 -5.22 -30.94
C ALA T 23 6.02 -6.40 -30.05
N ARG T 24 6.09 -7.59 -30.64
CA ARG T 24 6.39 -8.79 -29.86
C ARG T 24 7.88 -9.18 -29.77
N SER T 25 8.57 -9.13 -30.91
CA SER T 25 9.98 -9.53 -31.04
C SER T 25 11.00 -8.46 -31.36
N GLY T 26 10.53 -7.26 -31.69
CA GLY T 26 11.37 -6.13 -31.97
C GLY T 26 12.62 -6.35 -32.81
N GLU T 27 13.77 -6.06 -32.19
CA GLU T 27 15.04 -6.16 -32.87
C GLU T 27 15.38 -7.55 -33.37
N ASN T 28 14.95 -8.59 -32.66
CA ASN T 28 15.22 -9.95 -33.11
C ASN T 28 14.60 -10.16 -34.48
N PHE T 29 13.43 -9.56 -34.71
CA PHE T 29 12.79 -9.69 -36.00
C PHE T 29 13.41 -8.72 -36.99
N ALA T 30 13.59 -7.47 -36.60
CA ALA T 30 14.17 -6.50 -37.52
C ALA T 30 15.57 -6.95 -38.03
N ARG T 31 16.39 -7.49 -37.12
CA ARG T 31 17.75 -7.91 -37.49
C ARG T 31 17.82 -9.11 -38.45
N ARG T 32 16.78 -9.94 -38.47
CA ARG T 32 16.75 -11.08 -39.37
C ARG T 32 16.54 -10.61 -40.79
N ILE T 33 15.72 -9.58 -40.97
CA ILE T 33 15.41 -9.07 -42.29
C ILE T 33 16.41 -8.05 -42.82
N LEU T 34 16.91 -7.17 -41.95
CA LEU T 34 17.80 -6.10 -42.37
C LEU T 34 19.29 -6.32 -42.06
N THR T 35 20.15 -5.73 -42.88
CA THR T 35 21.59 -5.81 -42.66
C THR T 35 21.93 -4.71 -41.68
N ASP T 36 23.16 -4.72 -41.19
CA ASP T 36 23.58 -3.69 -40.24
C ASP T 36 23.47 -2.28 -40.81
N SER T 37 23.83 -2.07 -42.07
CA SER T 37 23.76 -0.70 -42.61
C SER T 37 22.30 -0.27 -42.76
N GLU T 38 21.43 -1.22 -43.13
CA GLU T 38 20.02 -0.93 -43.27
C GLU T 38 19.40 -0.61 -41.91
N LEU T 39 19.88 -1.24 -40.84
CA LEU T 39 19.36 -0.98 -39.50
C LEU T 39 19.54 0.45 -39.04
N GLU T 40 20.60 1.10 -39.52
CA GLU T 40 20.85 2.47 -39.13
C GLU T 40 19.67 3.33 -39.61
N GLN T 41 19.23 3.11 -40.84
CA GLN T 41 18.12 3.86 -41.41
C GLN T 41 16.80 3.48 -40.73
N PHE T 42 16.67 2.21 -40.38
CA PHE T 42 15.47 1.68 -39.74
C PHE T 42 15.33 2.28 -38.34
N HIS T 43 16.44 2.32 -37.59
CA HIS T 43 16.40 2.88 -36.25
C HIS T 43 16.04 4.36 -36.27
N ALA T 44 16.41 5.07 -37.33
CA ALA T 44 16.13 6.49 -37.44
C ALA T 44 14.67 6.76 -37.84
N SER T 45 13.99 5.74 -38.33
CA SER T 45 12.59 5.88 -38.76
C SER T 45 11.63 6.07 -37.58
N LYS T 46 10.59 6.86 -37.81
CA LYS T 46 9.55 7.06 -36.83
C LYS T 46 8.32 6.22 -37.22
N GLN T 47 8.44 5.42 -38.28
CA GLN T 47 7.34 4.54 -38.72
C GLN T 47 8.02 3.22 -39.09
N GLN T 48 8.66 2.63 -38.10
CA GLN T 48 9.45 1.43 -38.31
C GLN T 48 8.75 0.23 -38.95
N GLY T 49 7.49 0.01 -38.59
CA GLY T 49 6.74 -1.09 -39.15
C GLY T 49 6.53 -0.91 -40.65
N ARG T 50 6.23 0.30 -41.07
CA ARG T 50 6.01 0.59 -42.51
C ARG T 50 7.33 0.43 -43.27
N PHE T 51 8.39 0.93 -42.66
CA PHE T 51 9.72 0.87 -43.23
C PHE T 51 10.13 -0.58 -43.47
N LEU T 52 9.94 -1.41 -42.45
CA LEU T 52 10.30 -2.82 -42.53
C LEU T 52 9.38 -3.63 -43.46
N ALA T 53 8.10 -3.30 -43.52
CA ALA T 53 7.15 -4.02 -44.43
C ALA T 53 7.62 -3.85 -45.87
N LYS T 54 8.01 -2.63 -46.23
CA LYS T 54 8.53 -2.34 -47.58
C LYS T 54 9.83 -3.12 -47.88
N ARG T 55 10.76 -3.17 -46.92
CA ARG T 55 12.02 -3.91 -47.13
C ARG T 55 11.75 -5.40 -47.23
N PHE T 56 10.83 -5.89 -46.40
CA PHE T 56 10.45 -7.29 -46.38
C PHE T 56 9.91 -7.71 -47.75
N ALA T 57 8.93 -6.95 -48.27
CA ALA T 57 8.35 -7.22 -49.56
C ALA T 57 9.42 -7.14 -50.67
N ALA T 58 10.30 -6.13 -50.63
CA ALA T 58 11.34 -5.97 -51.65
C ALA T 58 12.30 -7.16 -51.68
N LYS T 59 12.69 -7.63 -50.52
CA LYS T 59 13.60 -8.74 -50.40
C LYS T 59 12.96 -10.06 -50.77
N GLU T 60 11.69 -10.26 -50.40
CA GLU T 60 11.05 -11.51 -50.81
C GLU T 60 10.88 -11.51 -52.33
N ALA T 61 10.51 -10.37 -52.93
CA ALA T 61 10.39 -10.28 -54.38
C ALA T 61 11.72 -10.61 -55.06
N ALA T 62 12.81 -10.06 -54.51
CA ALA T 62 14.15 -10.29 -55.05
C ALA T 62 14.54 -11.77 -55.01
N SER T 63 14.22 -12.44 -53.90
CA SER T 63 14.55 -13.85 -53.71
C SER T 63 13.79 -14.72 -54.70
N LYS T 64 12.61 -14.26 -55.09
CA LYS T 64 11.81 -15.00 -56.09
C LYS T 64 12.35 -14.78 -57.49
N ALA T 65 12.84 -13.57 -57.75
CA ALA T 65 13.41 -13.27 -59.04
C ALA T 65 14.68 -14.08 -59.23
N LEU T 66 15.38 -14.35 -58.13
CA LEU T 66 16.60 -15.14 -58.18
C LEU T 66 16.22 -16.60 -58.45
N GLY T 67 14.99 -16.96 -58.10
CA GLY T 67 14.49 -18.31 -58.34
C GLY T 67 14.65 -19.30 -57.20
N THR T 68 15.13 -18.82 -56.06
CA THR T 68 15.35 -19.65 -54.89
C THR T 68 14.43 -19.37 -53.71
N GLY T 69 13.89 -18.16 -53.64
CA GLY T 69 13.13 -17.78 -52.47
C GLY T 69 14.19 -17.62 -51.40
N ILE T 70 13.78 -17.50 -50.13
CA ILE T 70 14.71 -17.37 -49.02
C ILE T 70 14.94 -18.82 -48.61
N ALA T 71 15.94 -19.41 -49.24
CA ALA T 71 16.32 -20.81 -49.05
C ALA T 71 17.55 -21.05 -49.92
N GLN T 72 18.09 -22.26 -49.87
CA GLN T 72 19.28 -22.61 -50.67
C GLN T 72 20.47 -21.70 -50.39
N GLY T 73 20.63 -21.28 -49.12
CA GLY T 73 21.76 -20.42 -48.73
C GLY T 73 21.50 -18.92 -48.90
N VAL T 74 20.44 -18.57 -49.63
CA VAL T 74 20.06 -17.18 -49.89
C VAL T 74 19.28 -16.68 -48.67
N THR T 75 19.78 -15.62 -48.02
CA THR T 75 19.14 -15.06 -46.84
C THR T 75 18.74 -13.62 -47.06
N PHE T 76 17.91 -13.09 -46.15
CA PHE T 76 17.52 -11.70 -46.25
C PHE T 76 18.73 -10.78 -46.26
N HIS T 77 19.82 -11.19 -45.62
N HIS T 77 19.82 -11.18 -45.63
CA HIS T 77 21.05 -10.40 -45.57
CA HIS T 77 21.00 -10.32 -45.59
C HIS T 77 21.66 -10.18 -46.96
C HIS T 77 21.76 -10.26 -46.91
N ASP T 78 21.37 -11.08 -47.89
CA ASP T 78 21.97 -11.04 -49.22
C ASP T 78 21.41 -9.93 -50.10
N PHE T 79 20.43 -9.22 -49.60
CA PHE T 79 19.80 -8.16 -50.36
C PHE T 79 19.92 -6.84 -49.60
N THR T 80 20.35 -5.79 -50.28
CA THR T 80 20.43 -4.50 -49.62
C THR T 80 19.65 -3.50 -50.43
N ILE T 81 18.71 -2.83 -49.78
CA ILE T 81 17.94 -1.81 -50.47
C ILE T 81 18.55 -0.42 -50.21
N SER T 82 18.87 0.29 -51.28
N SER T 82 18.88 0.30 -51.28
CA SER T 82 19.45 1.63 -51.21
CA SER T 82 19.45 1.64 -51.19
C SER T 82 18.55 2.55 -52.03
C SER T 82 18.56 2.55 -52.01
N HIS T 83 18.93 3.82 -52.12
CA HIS T 83 18.13 4.79 -52.93
C HIS T 83 18.99 5.77 -53.69
N ASP T 84 18.54 6.19 -54.87
CA ASP T 84 19.31 7.18 -55.60
C ASP T 84 18.81 8.54 -55.06
N LYS T 85 19.43 9.62 -55.51
CA LYS T 85 19.07 10.94 -55.02
C LYS T 85 17.65 11.39 -55.29
N LEU T 86 16.95 10.74 -56.21
CA LEU T 86 15.57 11.14 -56.50
C LEU T 86 14.61 10.28 -55.72
N GLY T 87 15.12 9.32 -54.97
CA GLY T 87 14.27 8.41 -54.19
C GLY T 87 14.01 7.04 -54.82
N LYS T 88 14.54 6.81 -56.02
CA LYS T 88 14.36 5.51 -56.70
C LYS T 88 15.09 4.44 -55.88
N PRO T 89 14.42 3.30 -55.59
CA PRO T 89 15.07 2.23 -54.81
C PRO T 89 16.03 1.43 -55.66
N LEU T 90 17.12 1.00 -55.05
CA LEU T 90 18.18 0.25 -55.71
C LEU T 90 18.41 -1.02 -54.94
N LEU T 91 18.64 -2.12 -55.66
CA LEU T 91 18.90 -3.42 -55.05
C LEU T 91 20.32 -3.88 -55.35
N ILE T 92 21.06 -4.17 -54.28
CA ILE T 92 22.43 -4.65 -54.35
C ILE T 92 22.49 -6.01 -53.67
N LEU T 93 23.06 -6.97 -54.38
CA LEU T 93 23.17 -8.34 -53.90
C LEU T 93 24.51 -8.62 -53.26
N SER T 94 24.52 -9.61 -52.38
CA SER T 94 25.73 -10.02 -51.70
C SER T 94 25.54 -11.49 -51.31
N GLY T 95 26.54 -12.08 -50.68
CA GLY T 95 26.46 -13.48 -50.23
C GLY T 95 26.10 -14.44 -51.35
N GLN T 96 25.32 -15.47 -51.03
CA GLN T 96 24.91 -16.46 -52.02
C GLN T 96 24.05 -15.89 -53.15
N ALA T 97 23.27 -14.84 -52.87
CA ALA T 97 22.44 -14.23 -53.91
C ALA T 97 23.35 -13.66 -54.99
N ALA T 98 24.41 -12.99 -54.54
CA ALA T 98 25.38 -12.40 -55.44
C ALA T 98 26.08 -13.47 -56.28
N GLU T 99 26.36 -14.62 -55.67
N GLU T 99 26.34 -14.62 -55.66
CA GLU T 99 27.03 -15.68 -56.43
CA GLU T 99 26.98 -15.71 -56.38
C GLU T 99 26.08 -16.30 -57.47
C GLU T 99 26.08 -16.27 -57.46
N LEU T 100 24.84 -16.57 -57.09
CA LEU T 100 23.89 -17.13 -58.06
C LEU T 100 23.64 -16.12 -59.20
N ALA T 101 23.53 -14.84 -58.85
CA ALA T 101 23.30 -13.81 -59.87
C ALA T 101 24.48 -13.76 -60.85
N SER T 102 25.68 -13.94 -60.31
CA SER T 102 26.87 -13.92 -61.15
C SER T 102 26.84 -15.12 -62.08
N GLN T 103 26.55 -16.29 -61.53
CA GLN T 103 26.46 -17.51 -62.33
C GLN T 103 25.39 -17.38 -63.42
N LEU T 104 24.34 -16.61 -63.14
CA LEU T 104 23.27 -16.38 -64.11
C LEU T 104 23.59 -15.21 -65.04
N GLN T 105 24.74 -14.58 -64.84
CA GLN T 105 25.16 -13.43 -65.65
C GLN T 105 24.24 -12.20 -65.53
N VAL T 106 23.69 -12.00 -64.35
CA VAL T 106 22.84 -10.84 -64.10
C VAL T 106 23.69 -9.58 -64.23
N GLU T 107 23.25 -8.63 -65.03
CA GLU T 107 24.01 -7.38 -65.16
C GLU T 107 23.21 -6.13 -64.82
N ASN T 108 21.89 -6.29 -64.67
CA ASN T 108 21.04 -5.16 -64.30
C ASN T 108 19.87 -5.65 -63.46
N ILE T 109 19.65 -4.92 -62.38
CA ILE T 109 18.59 -5.23 -61.41
C ILE T 109 17.64 -4.06 -61.32
N HIS T 110 16.34 -4.37 -61.32
CA HIS T 110 15.30 -3.37 -61.26
C HIS T 110 14.34 -3.71 -60.15
N LEU T 111 14.00 -2.71 -59.35
CA LEU T 111 13.10 -2.80 -58.21
C LEU T 111 12.16 -1.60 -58.11
N SER T 112 10.90 -1.87 -57.80
CA SER T 112 9.90 -0.82 -57.54
C SER T 112 9.15 -1.28 -56.32
N ILE T 113 8.82 -0.30 -55.47
CA ILE T 113 8.12 -0.47 -54.22
C ILE T 113 6.96 0.53 -54.15
N SER T 114 5.89 0.09 -53.46
CA SER T 114 4.73 0.94 -53.23
C SER T 114 4.07 0.49 -51.95
N ASP T 115 3.50 1.44 -51.23
CA ASP T 115 2.72 1.08 -50.07
C ASP T 115 1.50 1.99 -49.93
N GLU T 116 0.45 1.40 -49.36
N GLU T 116 0.42 1.44 -49.39
CA GLU T 116 -0.81 2.07 -49.03
CA GLU T 116 -0.77 2.23 -49.13
C GLU T 116 -0.98 1.95 -47.52
C GLU T 116 -0.98 2.00 -47.64
N ARG T 117 -2.13 2.34 -47.01
N ARG T 117 -2.10 2.41 -47.07
CA ARG T 117 -2.37 2.28 -45.57
CA ARG T 117 -2.27 2.27 -45.62
C ARG T 117 -2.14 0.90 -44.94
C ARG T 117 -2.00 0.88 -45.01
N HIS T 118 -2.56 -0.15 -45.64
CA HIS T 118 -2.42 -1.50 -45.09
C HIS T 118 -1.46 -2.48 -45.75
N TYR T 119 -1.01 -2.17 -46.96
CA TYR T 119 -0.15 -3.08 -47.69
C TYR T 119 1.03 -2.44 -48.36
N ALA T 120 2.13 -3.18 -48.36
CA ALA T 120 3.37 -2.80 -49.02
C ALA T 120 3.56 -3.87 -50.11
N MSE T 121 4.05 -3.46 -51.27
CA MSE T 121 4.32 -4.42 -52.30
C MSE T 121 5.57 -4.06 -53.08
O MSE T 121 6.04 -2.90 -53.03
CB MSE T 121 3.11 -4.64 -53.19
CG MSE T 121 2.84 -3.59 -54.14
SE MSE T 121 1.22 -4.03 -55.20
CE MSE T 121 1.55 -2.59 -56.40
N ALA T 122 6.14 -5.05 -53.74
CA ALA T 122 7.35 -4.85 -54.53
C ALA T 122 7.44 -5.83 -55.67
N THR T 123 8.16 -5.39 -56.71
CA THR T 123 8.45 -6.18 -57.89
C THR T 123 9.91 -5.97 -58.25
N VAL T 124 10.54 -7.08 -58.62
CA VAL T 124 11.95 -7.11 -59.03
C VAL T 124 12.13 -7.87 -60.35
N ILE T 125 13.01 -7.35 -61.21
CA ILE T 125 13.34 -7.97 -62.47
C ILE T 125 14.85 -8.01 -62.58
N LEU T 126 15.38 -9.18 -62.91
CA LEU T 126 16.81 -9.34 -63.11
C LEU T 126 17.01 -9.59 -64.58
N GLU T 127 18.01 -8.96 -65.19
N GLU T 127 18.01 -8.94 -65.19
CA GLU T 127 18.27 -9.15 -66.60
CA GLU T 127 18.29 -9.14 -66.61
C GLU T 127 19.76 -9.34 -66.88
C GLU T 127 19.77 -9.38 -66.85
N ARG T 128 20.07 -10.14 -67.90
CA ARG T 128 21.45 -10.42 -68.29
C ARG T 128 21.77 -9.68 -69.59
N ALA U 3 15.74 -9.14 -78.63
CA ALA U 3 15.34 -9.44 -77.22
C ALA U 3 14.52 -8.30 -76.64
N MSE U 4 13.19 -8.46 -76.61
CA MSE U 4 12.32 -7.44 -76.06
C MSE U 4 11.05 -8.02 -75.45
O MSE U 4 10.65 -9.16 -75.69
CB MSE U 4 11.92 -6.35 -77.06
CG MSE U 4 10.98 -6.74 -78.18
SE MSE U 4 10.26 -5.17 -79.11
CE MSE U 4 8.96 -4.59 -77.78
N ILE U 5 10.43 -7.18 -74.66
CA ILE U 5 9.22 -7.56 -73.98
C ILE U 5 8.03 -7.47 -74.93
N VAL U 6 7.28 -8.54 -75.09
CA VAL U 6 6.12 -8.44 -75.97
C VAL U 6 4.81 -8.26 -75.20
N GLY U 7 4.85 -8.49 -73.89
CA GLY U 7 3.64 -8.33 -73.09
C GLY U 7 3.92 -8.31 -71.61
N LEU U 8 3.07 -7.60 -70.88
CA LEU U 8 3.15 -7.44 -69.43
C LEU U 8 1.75 -7.52 -68.89
N GLY U 9 1.59 -8.34 -67.86
CA GLY U 9 0.29 -8.50 -67.23
C GLY U 9 0.37 -8.55 -65.72
N THR U 10 -0.64 -8.00 -65.06
CA THR U 10 -0.67 -8.03 -63.62
C THR U 10 -2.11 -8.24 -63.16
N ASP U 11 -2.29 -8.79 -61.96
CA ASP U 11 -3.63 -9.02 -61.47
C ASP U 11 -3.67 -9.21 -59.97
N ILE U 12 -4.75 -8.72 -59.37
CA ILE U 12 -4.96 -8.87 -57.95
C ILE U 12 -6.32 -9.51 -57.74
N ALA U 13 -6.39 -10.49 -56.84
CA ALA U 13 -7.66 -11.17 -56.57
C ALA U 13 -7.93 -11.24 -55.07
N GLU U 14 -9.18 -10.98 -54.67
CA GLU U 14 -9.59 -11.04 -53.29
C GLU U 14 -9.90 -12.51 -52.96
N ILE U 15 -9.15 -13.07 -52.02
CA ILE U 15 -9.30 -14.47 -51.66
C ILE U 15 -10.71 -14.86 -51.16
N GLU U 16 -11.31 -14.01 -50.34
N GLU U 16 -11.31 -14.04 -50.31
CA GLU U 16 -12.64 -14.28 -49.80
CA GLU U 16 -12.64 -14.37 -49.79
C GLU U 16 -13.68 -14.50 -50.90
C GLU U 16 -13.71 -14.49 -50.91
N ARG U 17 -13.56 -13.74 -51.99
CA ARG U 17 -14.51 -13.86 -53.11
C ARG U 17 -14.41 -15.23 -53.80
N VAL U 18 -13.19 -15.75 -53.91
CA VAL U 18 -12.92 -17.05 -54.50
C VAL U 18 -13.48 -18.11 -53.56
N GLU U 19 -13.25 -17.95 -52.25
CA GLU U 19 -13.77 -18.89 -51.26
C GLU U 19 -15.30 -18.98 -51.29
N LYS U 20 -15.94 -17.81 -51.40
CA LYS U 20 -17.42 -17.79 -51.45
C LYS U 20 -17.94 -18.47 -52.73
N ALA U 21 -17.25 -18.25 -53.85
CA ALA U 21 -17.64 -18.86 -55.11
C ALA U 21 -17.53 -20.41 -55.00
N LEU U 22 -16.47 -20.88 -54.36
CA LEU U 22 -16.26 -22.34 -54.15
C LEU U 22 -17.35 -22.94 -53.24
N ALA U 23 -17.72 -22.22 -52.18
CA ALA U 23 -18.78 -22.67 -51.30
C ALA U 23 -20.12 -22.78 -52.05
N ARG U 24 -20.31 -21.98 -53.09
CA ARG U 24 -21.55 -22.02 -53.84
C ARG U 24 -21.55 -22.95 -55.05
N SER U 25 -20.49 -22.87 -55.84
CA SER U 25 -20.37 -23.64 -57.09
C SER U 25 -19.30 -24.71 -57.19
N GLY U 26 -18.44 -24.77 -56.19
CA GLY U 26 -17.41 -25.79 -56.07
C GLY U 26 -16.64 -26.15 -57.32
N GLU U 27 -16.66 -27.44 -57.66
N GLU U 27 -16.68 -27.44 -57.66
CA GLU U 27 -15.93 -27.97 -58.82
CA GLU U 27 -15.98 -28.00 -58.81
C GLU U 27 -16.31 -27.31 -60.15
C GLU U 27 -16.31 -27.30 -60.13
N ASN U 28 -17.56 -26.90 -60.32
CA ASN U 28 -17.97 -26.20 -61.54
C ASN U 28 -17.13 -24.94 -61.74
N PHE U 29 -16.88 -24.23 -60.66
CA PHE U 29 -16.06 -23.04 -60.74
C PHE U 29 -14.59 -23.43 -60.86
N ALA U 30 -14.10 -24.29 -59.96
CA ALA U 30 -12.70 -24.67 -60.04
C ALA U 30 -12.28 -25.27 -61.40
N ARG U 31 -13.13 -26.12 -61.98
N ARG U 31 -13.10 -26.13 -62.02
CA ARG U 31 -12.87 -26.79 -63.25
CA ARG U 31 -12.69 -26.71 -63.32
C ARG U 31 -12.80 -25.79 -64.41
C ARG U 31 -12.83 -25.74 -64.48
N ARG U 32 -13.54 -24.69 -64.31
N ARG U 32 -13.42 -24.58 -64.23
CA ARG U 32 -13.49 -23.67 -65.35
CA ARG U 32 -13.52 -23.59 -65.28
C ARG U 32 -12.11 -22.97 -65.41
C ARG U 32 -12.18 -22.86 -65.38
N ILE U 33 -11.50 -22.77 -64.25
CA ILE U 33 -10.22 -22.08 -64.16
C ILE U 33 -9.00 -22.98 -64.31
N LEU U 34 -9.09 -24.16 -63.71
CA LEU U 34 -7.98 -25.07 -63.71
C LEU U 34 -8.05 -26.21 -64.71
N THR U 35 -6.88 -26.64 -65.19
CA THR U 35 -6.81 -27.79 -66.10
C THR U 35 -6.84 -29.03 -65.21
N ASP U 36 -7.04 -30.19 -65.80
CA ASP U 36 -7.12 -31.39 -64.95
C ASP U 36 -5.85 -31.71 -64.16
N SER U 37 -4.66 -31.35 -64.67
CA SER U 37 -3.44 -31.59 -63.90
C SER U 37 -3.40 -30.66 -62.67
N GLU U 38 -3.80 -29.40 -62.86
CA GLU U 38 -3.85 -28.44 -61.74
C GLU U 38 -4.91 -28.85 -60.71
N LEU U 39 -6.01 -29.42 -61.20
CA LEU U 39 -7.07 -29.90 -60.32
C LEU U 39 -6.58 -30.98 -59.37
N GLU U 40 -5.61 -31.80 -59.80
CA GLU U 40 -5.07 -32.83 -58.92
C GLU U 40 -4.41 -32.18 -57.70
N GLN U 41 -3.62 -31.14 -57.96
CA GLN U 41 -2.93 -30.40 -56.92
C GLN U 41 -3.94 -29.63 -56.06
N PHE U 42 -4.95 -29.03 -56.70
CA PHE U 42 -6.02 -28.32 -56.01
C PHE U 42 -6.74 -29.28 -55.05
N HIS U 43 -7.09 -30.46 -55.53
CA HIS U 43 -7.77 -31.43 -54.70
C HIS U 43 -6.97 -31.88 -53.51
N ALA U 44 -5.65 -31.91 -53.61
CA ALA U 44 -4.77 -32.28 -52.53
C ALA U 44 -4.62 -31.17 -51.48
N SER U 45 -4.96 -29.94 -51.85
CA SER U 45 -4.84 -28.81 -50.95
C SER U 45 -5.91 -28.77 -49.87
N LYS U 46 -5.51 -28.27 -48.70
CA LYS U 46 -6.41 -28.06 -47.58
C LYS U 46 -6.77 -26.55 -47.47
N GLN U 47 -6.34 -25.75 -48.45
N GLN U 47 -6.30 -25.78 -48.45
CA GLN U 47 -6.66 -24.31 -48.50
CA GLN U 47 -6.53 -24.32 -48.57
C GLN U 47 -6.98 -24.01 -49.95
C GLN U 47 -6.92 -24.07 -50.01
N GLN U 48 -8.01 -24.70 -50.43
CA GLN U 48 -8.43 -24.62 -51.82
C GLN U 48 -8.74 -23.25 -52.37
N GLY U 49 -9.38 -22.42 -51.56
CA GLY U 49 -9.70 -21.06 -52.00
C GLY U 49 -8.44 -20.27 -52.24
N ARG U 50 -7.46 -20.44 -51.36
CA ARG U 50 -6.17 -19.72 -51.50
C ARG U 50 -5.41 -20.22 -52.75
N PHE U 51 -5.37 -21.52 -52.91
CA PHE U 51 -4.74 -22.17 -54.07
C PHE U 51 -5.35 -21.61 -55.39
N LEU U 52 -6.68 -21.61 -55.46
CA LEU U 52 -7.38 -21.16 -56.65
C LEU U 52 -7.24 -19.65 -56.90
N ALA U 53 -7.23 -18.84 -55.84
CA ALA U 53 -7.04 -17.40 -55.99
C ALA U 53 -5.70 -17.08 -56.67
N LYS U 54 -4.64 -17.77 -56.27
CA LYS U 54 -3.32 -17.57 -56.87
C LYS U 54 -3.31 -17.96 -58.37
N ARG U 55 -3.91 -19.10 -58.69
CA ARG U 55 -3.99 -19.56 -60.07
C ARG U 55 -4.83 -18.60 -60.92
N PHE U 56 -5.93 -18.14 -60.36
CA PHE U 56 -6.81 -17.20 -61.05
C PHE U 56 -6.02 -15.91 -61.40
N ALA U 57 -5.29 -15.37 -60.43
CA ALA U 57 -4.50 -14.16 -60.67
C ALA U 57 -3.42 -14.40 -61.71
N ALA U 58 -2.74 -15.53 -61.59
CA ALA U 58 -1.68 -15.88 -62.50
C ALA U 58 -2.19 -15.95 -63.94
N LYS U 59 -3.35 -16.58 -64.10
CA LYS U 59 -3.91 -16.74 -65.44
C LYS U 59 -4.46 -15.45 -66.01
N GLU U 60 -5.10 -14.63 -65.18
N GLU U 60 -5.09 -14.65 -65.15
CA GLU U 60 -5.60 -13.36 -65.71
CA GLU U 60 -5.61 -13.35 -65.57
C GLU U 60 -4.40 -12.49 -66.10
C GLU U 60 -4.44 -12.48 -66.05
N ALA U 61 -3.35 -12.49 -65.27
CA ALA U 61 -2.16 -11.71 -65.60
C ALA U 61 -1.56 -12.19 -66.92
N ALA U 62 -1.51 -13.51 -67.09
CA ALA U 62 -0.97 -14.08 -68.32
C ALA U 62 -1.78 -13.68 -69.54
N SER U 63 -3.10 -13.68 -69.40
CA SER U 63 -3.98 -13.31 -70.53
C SER U 63 -3.82 -11.83 -70.88
N LYS U 64 -3.49 -10.98 -69.89
CA LYS U 64 -3.24 -9.56 -70.14
C LYS U 64 -1.91 -9.37 -70.85
N ALA U 65 -0.90 -10.15 -70.46
CA ALA U 65 0.42 -10.09 -71.11
C ALA U 65 0.28 -10.44 -72.61
N LEU U 66 -0.65 -11.33 -72.93
CA LEU U 66 -0.91 -11.70 -74.32
C LEU U 66 -1.63 -10.61 -75.08
N GLY U 67 -2.27 -9.70 -74.37
CA GLY U 67 -2.99 -8.57 -74.93
C GLY U 67 -4.43 -8.83 -75.30
N THR U 68 -4.95 -9.97 -74.87
CA THR U 68 -6.32 -10.36 -75.18
C THR U 68 -7.28 -10.48 -74.03
N GLY U 69 -6.77 -10.82 -72.84
CA GLY U 69 -7.63 -11.08 -71.71
C GLY U 69 -8.17 -12.48 -71.98
N ILE U 70 -9.17 -12.89 -71.23
CA ILE U 70 -9.77 -14.20 -71.41
C ILE U 70 -10.88 -13.89 -72.39
N ALA U 71 -10.50 -13.89 -73.67
CA ALA U 71 -11.36 -13.55 -74.78
C ALA U 71 -10.59 -13.87 -76.08
N GLN U 72 -11.24 -13.67 -77.22
CA GLN U 72 -10.64 -13.93 -78.53
C GLN U 72 -10.19 -15.39 -78.66
N GLY U 73 -10.93 -16.31 -78.03
CA GLY U 73 -10.61 -17.73 -78.07
C GLY U 73 -9.63 -18.21 -77.00
N VAL U 74 -9.07 -17.27 -76.24
CA VAL U 74 -8.15 -17.62 -75.18
C VAL U 74 -8.99 -17.96 -73.94
N THR U 75 -8.76 -19.12 -73.34
CA THR U 75 -9.50 -19.58 -72.18
C THR U 75 -8.55 -19.87 -71.01
N PHE U 76 -9.10 -20.01 -69.81
CA PHE U 76 -8.27 -20.34 -68.65
C PHE U 76 -7.50 -21.64 -68.85
N HIS U 77 -8.08 -22.59 -69.60
CA HIS U 77 -7.41 -23.87 -69.87
C HIS U 77 -6.19 -23.76 -70.78
N ASP U 78 -5.97 -22.59 -71.37
CA ASP U 78 -4.80 -22.35 -72.22
C ASP U 78 -3.53 -22.09 -71.42
N PHE U 79 -3.67 -21.98 -70.11
CA PHE U 79 -2.54 -21.69 -69.22
C PHE U 79 -2.44 -22.79 -68.19
N THR U 80 -1.24 -23.30 -67.95
CA THR U 80 -1.02 -24.32 -66.93
C THR U 80 0.13 -23.83 -66.08
N ILE U 81 -0.09 -23.76 -64.77
CA ILE U 81 0.96 -23.34 -63.86
C ILE U 81 1.57 -24.58 -63.25
N SER U 82 2.89 -24.67 -63.32
CA SER U 82 3.60 -25.81 -62.74
C SER U 82 4.69 -25.18 -61.88
N HIS U 83 5.58 -25.98 -61.32
CA HIS U 83 6.65 -25.44 -60.49
C HIS U 83 7.94 -26.20 -60.71
N ASP U 84 9.07 -25.53 -60.55
CA ASP U 84 10.32 -26.23 -60.69
C ASP U 84 10.65 -26.79 -59.30
N LYS U 85 11.80 -27.45 -59.21
CA LYS U 85 12.26 -28.11 -58.00
C LYS U 85 12.43 -27.23 -56.75
N LEU U 86 12.66 -25.94 -56.96
CA LEU U 86 12.85 -25.00 -55.86
C LEU U 86 11.57 -24.25 -55.49
N GLY U 87 10.50 -24.48 -56.23
CA GLY U 87 9.23 -23.84 -55.93
C GLY U 87 8.87 -22.70 -56.86
N LYS U 88 9.75 -22.36 -57.80
CA LYS U 88 9.46 -21.26 -58.73
C LYS U 88 8.31 -21.65 -59.65
N PRO U 89 7.31 -20.76 -59.80
CA PRO U 89 6.19 -21.06 -60.66
C PRO U 89 6.57 -20.93 -62.14
N LEU U 90 6.02 -21.81 -62.95
CA LEU U 90 6.25 -21.88 -64.39
C LEU U 90 4.92 -21.82 -65.14
N LEU U 91 4.88 -21.07 -66.23
CA LEU U 91 3.68 -20.95 -67.05
C LEU U 91 3.87 -21.62 -68.42
N ILE U 92 3.03 -22.61 -68.69
CA ILE U 92 3.04 -23.32 -69.95
C ILE U 92 1.77 -22.96 -70.69
N LEU U 93 1.90 -22.57 -71.96
CA LEU U 93 0.77 -22.21 -72.77
C LEU U 93 0.30 -23.32 -73.69
N SER U 94 -1.00 -23.31 -73.98
CA SER U 94 -1.59 -24.28 -74.90
C SER U 94 -2.74 -23.58 -75.63
N GLY U 95 -3.37 -24.29 -76.55
CA GLY U 95 -4.51 -23.75 -77.30
C GLY U 95 -4.23 -22.44 -78.01
N GLN U 96 -5.22 -21.55 -77.99
CA GLN U 96 -5.09 -20.25 -78.64
C GLN U 96 -4.00 -19.38 -78.04
N ALA U 97 -3.76 -19.51 -76.74
CA ALA U 97 -2.72 -18.72 -76.10
C ALA U 97 -1.38 -19.09 -76.71
N ALA U 98 -1.14 -20.39 -76.88
CA ALA U 98 0.12 -20.87 -77.46
C ALA U 98 0.24 -20.38 -78.91
N GLU U 99 -0.88 -20.41 -79.63
CA GLU U 99 -0.90 -19.97 -81.01
C GLU U 99 -0.55 -18.49 -81.10
N LEU U 100 -1.18 -17.67 -80.26
CA LEU U 100 -0.87 -16.24 -80.27
C LEU U 100 0.58 -16.00 -79.86
N ALA U 101 1.05 -16.71 -78.84
CA ALA U 101 2.42 -16.53 -78.38
C ALA U 101 3.42 -16.85 -79.51
N SER U 102 3.14 -17.91 -80.25
CA SER U 102 4.00 -18.32 -81.37
C SER U 102 4.03 -17.23 -82.41
N GLN U 103 2.87 -16.64 -82.71
CA GLN U 103 2.79 -15.56 -83.70
C GLN U 103 3.59 -14.34 -83.24
N LEU U 104 3.56 -14.09 -81.94
CA LEU U 104 4.27 -12.98 -81.32
C LEU U 104 5.76 -13.31 -81.13
N GLN U 105 6.15 -14.53 -81.47
CA GLN U 105 7.53 -14.99 -81.34
C GLN U 105 8.01 -15.00 -79.89
N VAL U 106 7.14 -15.38 -78.98
CA VAL U 106 7.49 -15.46 -77.57
C VAL U 106 8.40 -16.67 -77.34
N GLU U 107 9.56 -16.43 -76.74
N GLU U 107 9.55 -16.45 -76.72
CA GLU U 107 10.53 -17.50 -76.46
CA GLU U 107 10.52 -17.51 -76.44
C GLU U 107 10.82 -17.72 -74.98
C GLU U 107 10.62 -17.81 -74.95
N ASN U 108 10.40 -16.79 -74.12
CA ASN U 108 10.55 -16.92 -72.68
C ASN U 108 9.38 -16.29 -71.96
N ILE U 109 8.88 -17.03 -70.98
CA ILE U 109 7.75 -16.63 -70.17
C ILE U 109 8.15 -16.58 -68.71
N HIS U 110 7.81 -15.46 -68.07
CA HIS U 110 8.13 -15.25 -66.68
C HIS U 110 6.88 -14.95 -65.88
N LEU U 111 6.74 -15.62 -64.74
CA LEU U 111 5.62 -15.49 -63.84
C LEU U 111 6.06 -15.45 -62.38
N SER U 112 5.44 -14.56 -61.57
CA SER U 112 5.69 -14.54 -60.11
C SER U 112 4.32 -14.36 -59.45
N ILE U 113 4.14 -15.02 -58.33
CA ILE U 113 2.90 -15.03 -57.58
C ILE U 113 3.20 -14.72 -56.11
N SER U 114 2.25 -14.08 -55.44
CA SER U 114 2.37 -13.80 -54.01
C SER U 114 0.99 -13.70 -53.39
N ASP U 115 0.86 -14.10 -52.14
CA ASP U 115 -0.43 -13.89 -51.48
C ASP U 115 -0.22 -13.52 -50.02
N GLU U 116 -1.19 -12.86 -49.44
N GLU U 116 -1.18 -12.79 -49.49
CA GLU U 116 -1.12 -12.57 -48.02
CA GLU U 116 -1.27 -12.39 -48.08
C GLU U 116 -2.48 -13.07 -47.51
C GLU U 116 -2.58 -12.95 -47.59
N ARG U 117 -2.93 -12.63 -46.35
CA ARG U 117 -4.17 -13.14 -45.78
C ARG U 117 -5.40 -12.97 -46.67
N HIS U 118 -5.55 -11.78 -47.26
CA HIS U 118 -6.73 -11.49 -48.05
C HIS U 118 -6.60 -11.38 -49.54
N TYR U 119 -5.40 -11.16 -50.05
CA TYR U 119 -5.20 -10.98 -51.48
C TYR U 119 -4.12 -11.85 -52.09
N ALA U 120 -4.32 -12.26 -53.34
CA ALA U 120 -3.33 -12.99 -54.13
C ALA U 120 -3.03 -12.07 -55.30
N MSE U 121 -1.77 -12.05 -55.75
CA MSE U 121 -1.37 -11.20 -56.84
C MSE U 121 -0.40 -11.97 -57.76
O MSE U 121 0.27 -12.90 -57.31
CB MSE U 121 -0.63 -10.05 -56.19
CG MSE U 121 -0.35 -8.88 -56.90
SE MSE U 121 0.49 -7.72 -55.53
CE MSE U 121 2.29 -8.42 -55.40
N ALA U 122 -0.34 -11.57 -59.02
CA ALA U 122 0.58 -12.16 -59.95
C ALA U 122 0.97 -11.15 -61.02
N THR U 123 2.16 -11.36 -61.57
CA THR U 123 2.70 -10.58 -62.68
C THR U 123 3.34 -11.54 -63.68
N VAL U 124 3.11 -11.28 -64.95
CA VAL U 124 3.67 -12.08 -66.04
C VAL U 124 4.33 -11.20 -67.09
N ILE U 125 5.48 -11.64 -67.57
CA ILE U 125 6.19 -10.94 -68.64
C ILE U 125 6.51 -11.96 -69.74
N LEU U 126 6.17 -11.61 -70.98
CA LEU U 126 6.46 -12.43 -72.15
C LEU U 126 7.56 -11.74 -72.93
N GLU U 127 8.58 -12.49 -73.32
CA GLU U 127 9.64 -11.86 -74.08
C GLU U 127 10.01 -12.69 -75.28
N ARG U 128 10.48 -12.00 -76.31
CA ARG U 128 10.88 -12.68 -77.52
C ARG U 128 12.37 -12.49 -77.75
N ALA V 3 35.41 -41.74 10.46
CA ALA V 3 34.74 -42.37 11.62
C ALA V 3 34.73 -41.47 12.87
N MSE V 4 35.91 -41.05 13.32
CA MSE V 4 35.98 -40.28 14.53
C MSE V 4 36.09 -38.76 14.41
O MSE V 4 36.47 -38.17 13.39
CB MSE V 4 37.07 -40.80 15.47
CG MSE V 4 38.49 -40.60 15.03
SE MSE V 4 39.73 -41.40 16.32
CE MSE V 4 41.43 -41.00 15.41
N ILE V 5 35.75 -38.15 15.53
CA ILE V 5 35.79 -36.73 15.70
C ILE V 5 37.22 -36.33 15.98
N VAL V 6 37.73 -35.48 15.10
CA VAL V 6 39.08 -34.96 15.15
C VAL V 6 39.17 -33.75 16.03
N GLY V 7 38.06 -33.04 16.16
CA GLY V 7 38.08 -31.85 16.97
C GLY V 7 36.71 -31.18 17.11
N LEU V 8 36.60 -30.43 18.18
CA LEU V 8 35.37 -29.72 18.54
C LEU V 8 35.72 -28.31 18.99
N GLY V 9 34.93 -27.34 18.56
CA GLY V 9 35.17 -25.95 18.92
C GLY V 9 33.87 -25.22 19.11
N THR V 10 33.85 -24.30 20.07
CA THR V 10 32.66 -23.52 20.30
C THR V 10 33.11 -22.09 20.63
N ASP V 11 32.25 -21.11 20.41
CA ASP V 11 32.60 -19.75 20.72
C ASP V 11 31.36 -18.88 20.83
N ILE V 12 31.42 -17.93 21.79
CA ILE V 12 30.34 -16.95 22.00
C ILE V 12 30.96 -15.55 21.87
N ALA V 13 30.30 -14.66 21.11
CA ALA V 13 30.77 -13.29 20.88
C ALA V 13 29.69 -12.26 21.21
N GLU V 14 30.09 -11.20 21.90
CA GLU V 14 29.18 -10.11 22.26
C GLU V 14 29.09 -9.19 21.04
N ILE V 15 27.90 -9.07 20.47
CA ILE V 15 27.69 -8.27 19.26
C ILE V 15 28.04 -6.78 19.42
N GLU V 16 27.69 -6.21 20.56
CA GLU V 16 27.94 -4.80 20.80
C GLU V 16 29.43 -4.46 20.71
N ARG V 17 30.31 -5.36 21.19
CA ARG V 17 31.76 -5.11 21.13
C ARG V 17 32.28 -5.05 19.70
N VAL V 18 31.72 -5.90 18.82
CA VAL V 18 32.07 -5.93 17.40
C VAL V 18 31.60 -4.61 16.77
N GLU V 19 30.37 -4.20 17.10
CA GLU V 19 29.81 -2.95 16.60
C GLU V 19 30.69 -1.75 16.99
N LYS V 20 31.12 -1.71 18.24
CA LYS V 20 31.95 -0.60 18.68
C LYS V 20 33.27 -0.58 17.93
N ALA V 21 33.83 -1.78 17.73
CA ALA V 21 35.08 -1.92 17.01
C ALA V 21 34.95 -1.41 15.56
N LEU V 22 33.83 -1.71 14.91
CA LEU V 22 33.59 -1.23 13.54
C LEU V 22 33.44 0.28 13.49
N ALA V 23 32.79 0.85 14.51
CA ALA V 23 32.60 2.29 14.58
C ALA V 23 33.95 2.99 14.73
N ARG V 24 34.93 2.33 15.34
CA ARG V 24 36.25 2.96 15.51
C ARG V 24 37.22 2.70 14.36
N SER V 25 37.33 1.43 13.96
CA SER V 25 38.30 1.01 12.93
C SER V 25 37.77 0.48 11.61
N GLY V 26 36.46 0.30 11.53
CA GLY V 26 35.80 -0.14 10.30
C GLY V 26 36.48 -1.24 9.50
N GLU V 27 36.76 -0.93 8.24
CA GLU V 27 37.36 -1.89 7.30
C GLU V 27 38.66 -2.52 7.82
N ASN V 28 39.48 -1.75 8.54
CA ASN V 28 40.73 -2.27 9.08
C ASN V 28 40.43 -3.43 10.03
N PHE V 29 39.37 -3.30 10.81
CA PHE V 29 38.98 -4.37 11.70
C PHE V 29 38.32 -5.50 10.91
N ALA V 30 37.38 -5.17 10.04
CA ALA V 30 36.67 -6.20 9.27
C ALA V 30 37.62 -7.08 8.43
N ARG V 31 38.62 -6.46 7.80
CA ARG V 31 39.60 -7.17 6.98
C ARG V 31 40.52 -8.09 7.74
N ARG V 32 40.67 -7.90 9.05
N ARG V 32 40.64 -7.91 9.05
CA ARG V 32 41.52 -8.81 9.83
CA ARG V 32 41.47 -8.80 9.83
C ARG V 32 40.80 -10.12 10.10
C ARG V 32 40.79 -10.14 9.96
N ILE V 33 39.47 -10.09 10.06
CA ILE V 33 38.67 -11.29 10.28
C ILE V 33 38.19 -11.95 8.99
N LEU V 34 37.80 -11.13 8.04
CA LEU V 34 37.24 -11.62 6.80
C LEU V 34 38.21 -11.69 5.62
N THR V 35 38.06 -12.72 4.81
CA THR V 35 38.88 -12.86 3.64
C THR V 35 38.35 -11.83 2.64
N ASP V 36 39.15 -11.45 1.65
CA ASP V 36 38.70 -10.48 0.67
C ASP V 36 37.37 -10.89 0.04
N SER V 37 37.20 -12.17 -0.20
CA SER V 37 35.97 -12.66 -0.81
C SER V 37 34.76 -12.44 0.09
N GLU V 38 34.89 -12.80 1.37
CA GLU V 38 33.82 -12.60 2.33
C GLU V 38 33.48 -11.12 2.50
N LEU V 39 34.44 -10.25 2.28
CA LEU V 39 34.23 -8.81 2.43
C LEU V 39 33.10 -8.23 1.61
N GLU V 40 32.86 -8.79 0.45
CA GLU V 40 31.82 -8.25 -0.42
C GLU V 40 30.41 -8.56 0.09
N GLN V 41 30.24 -9.74 0.69
CA GLN V 41 28.95 -10.06 1.24
C GLN V 41 28.77 -9.17 2.49
N PHE V 42 29.86 -8.94 3.21
CA PHE V 42 29.85 -8.07 4.41
C PHE V 42 29.44 -6.64 3.98
N HIS V 43 30.06 -6.14 2.91
CA HIS V 43 29.74 -4.80 2.43
C HIS V 43 28.27 -4.62 2.01
N ALA V 44 27.64 -5.68 1.56
CA ALA V 44 26.24 -5.60 1.11
C ALA V 44 25.27 -5.63 2.29
N SER V 45 25.73 -6.13 3.42
CA SER V 45 24.91 -6.22 4.61
C SER V 45 24.50 -4.87 5.20
N LYS V 46 23.29 -4.83 5.74
CA LYS V 46 22.76 -3.64 6.41
C LYS V 46 22.80 -3.79 7.94
N GLN V 47 23.42 -4.88 8.40
CA GLN V 47 23.60 -5.18 9.83
C GLN V 47 25.01 -5.76 9.91
N GLN V 48 25.98 -4.95 9.50
CA GLN V 48 27.37 -5.39 9.45
C GLN V 48 27.98 -5.90 10.74
N GLY V 49 27.69 -5.27 11.87
CA GLY V 49 28.21 -5.74 13.14
C GLY V 49 27.72 -7.14 13.47
N ARG V 50 26.43 -7.39 13.24
CA ARG V 50 25.85 -8.70 13.50
C ARG V 50 26.46 -9.73 12.54
N PHE V 51 26.62 -9.35 11.27
CA PHE V 51 27.22 -10.21 10.25
C PHE V 51 28.62 -10.64 10.69
N LEU V 52 29.43 -9.64 11.08
CA LEU V 52 30.80 -9.88 11.48
C LEU V 52 30.93 -10.67 12.77
N ALA V 53 30.06 -10.41 13.74
CA ALA V 53 30.07 -11.14 15.02
C ALA V 53 29.87 -12.63 14.79
N LYS V 54 28.95 -12.97 13.88
CA LYS V 54 28.69 -14.38 13.58
C LYS V 54 29.91 -15.03 12.91
N ARG V 55 30.55 -14.31 11.98
CA ARG V 55 31.73 -14.86 11.32
C ARG V 55 32.87 -15.02 12.32
N PHE V 56 33.02 -14.04 13.23
CA PHE V 56 34.06 -14.09 14.25
C PHE V 56 33.90 -15.35 15.14
N ALA V 57 32.69 -15.58 15.60
CA ALA V 57 32.39 -16.77 16.41
C ALA V 57 32.67 -18.05 15.64
N ALA V 58 32.22 -18.11 14.39
CA ALA V 58 32.44 -19.26 13.56
C ALA V 58 33.91 -19.59 13.39
N LYS V 59 34.71 -18.58 13.10
CA LYS V 59 36.14 -18.79 12.89
C LYS V 59 36.88 -19.15 14.17
N GLU V 60 36.50 -18.51 15.26
N GLU V 60 36.54 -18.52 15.30
CA GLU V 60 37.10 -18.82 16.56
CA GLU V 60 37.20 -18.88 16.55
C GLU V 60 36.80 -20.28 16.92
C GLU V 60 36.82 -20.31 16.94
N ALA V 61 35.55 -20.69 16.72
CA ALA V 61 35.14 -22.07 17.02
C ALA V 61 35.96 -23.02 16.14
N ALA V 62 36.06 -22.72 14.83
CA ALA V 62 36.85 -23.55 13.91
C ALA V 62 38.31 -23.72 14.34
N SER V 63 38.93 -22.62 14.77
CA SER V 63 40.33 -22.65 15.17
C SER V 63 40.51 -23.51 16.43
N LYS V 64 39.50 -23.54 17.31
CA LYS V 64 39.58 -24.40 18.49
C LYS V 64 39.40 -25.87 18.08
N ALA V 65 38.50 -26.12 17.12
CA ALA V 65 38.27 -27.48 16.63
C ALA V 65 39.59 -28.05 16.05
N LEU V 66 40.41 -27.19 15.47
CA LEU V 66 41.71 -27.63 14.94
C LEU V 66 42.72 -27.90 16.03
N GLY V 67 42.48 -27.34 17.22
CA GLY V 67 43.36 -27.55 18.36
C GLY V 67 44.46 -26.53 18.53
N THR V 68 44.42 -25.46 17.75
CA THR V 68 45.45 -24.43 17.81
C THR V 68 44.96 -23.06 18.24
N GLY V 69 43.70 -22.77 17.99
CA GLY V 69 43.18 -21.44 18.25
C GLY V 69 43.75 -20.61 17.11
N ILE V 70 43.70 -19.29 17.25
CA ILE V 70 44.22 -18.38 16.24
C ILE V 70 45.65 -18.18 16.67
N ALA V 71 46.51 -19.12 16.27
CA ALA V 71 47.92 -19.13 16.64
C ALA V 71 48.58 -20.23 15.83
N GLN V 72 49.88 -20.41 16.06
CA GLN V 72 50.66 -21.45 15.41
C GLN V 72 50.53 -21.34 13.90
N GLY V 73 50.44 -20.12 13.38
CA GLY V 73 50.35 -19.89 11.94
C GLY V 73 48.93 -19.90 11.39
N VAL V 74 47.96 -20.30 12.19
CA VAL V 74 46.56 -20.33 11.75
C VAL V 74 45.99 -18.93 11.93
N THR V 75 45.41 -18.37 10.87
CA THR V 75 44.87 -17.02 10.92
C THR V 75 43.38 -17.01 10.60
N PHE V 76 42.70 -15.89 10.84
CA PHE V 76 41.29 -15.79 10.49
C PHE V 76 41.09 -15.99 8.98
N HIS V 77 42.07 -15.59 8.18
CA HIS V 77 41.92 -15.78 6.73
C HIS V 77 42.00 -17.26 6.29
N ASP V 78 42.32 -18.18 7.21
CA ASP V 78 42.40 -19.62 6.89
C ASP V 78 41.01 -20.26 6.85
N PHE V 79 39.99 -19.48 7.22
CA PHE V 79 38.63 -19.97 7.26
C PHE V 79 37.76 -19.07 6.42
N THR V 80 36.92 -19.69 5.58
CA THR V 80 35.99 -18.99 4.73
C THR V 80 34.61 -19.58 5.01
N ILE V 81 33.64 -18.74 5.31
CA ILE V 81 32.29 -19.23 5.54
C ILE V 81 31.45 -18.93 4.29
N SER V 82 30.73 -19.95 3.81
CA SER V 82 29.82 -19.77 2.70
C SER V 82 28.51 -20.42 3.14
N HIS V 83 27.54 -20.50 2.22
CA HIS V 83 26.24 -21.10 2.52
C HIS V 83 25.69 -21.89 1.35
N ASP V 84 24.94 -22.95 1.63
CA ASP V 84 24.33 -23.70 0.54
C ASP V 84 23.00 -23.03 0.20
N LYS V 85 22.30 -23.57 -0.80
CA LYS V 85 21.03 -23.06 -1.27
C LYS V 85 19.92 -22.85 -0.25
N LEU V 86 19.92 -23.64 0.81
CA LEU V 86 18.90 -23.56 1.84
C LEU V 86 19.30 -22.67 3.04
N GLY V 87 20.52 -22.14 3.03
CA GLY V 87 21.00 -21.25 4.08
C GLY V 87 21.98 -21.85 5.09
N LYS V 88 22.24 -23.15 4.96
CA LYS V 88 23.15 -23.84 5.87
C LYS V 88 24.56 -23.30 5.68
N PRO V 89 25.25 -22.96 6.78
CA PRO V 89 26.60 -22.41 6.65
C PRO V 89 27.60 -23.53 6.38
N LEU V 90 28.61 -23.20 5.59
CA LEU V 90 29.64 -24.13 5.17
C LEU V 90 30.98 -23.49 5.46
N LEU V 91 31.91 -24.31 5.92
CA LEU V 91 33.24 -23.85 6.26
C LEU V 91 34.29 -24.49 5.36
N ILE V 92 35.11 -23.63 4.74
CA ILE V 92 36.17 -24.09 3.86
C ILE V 92 37.51 -23.59 4.40
N LEU V 93 38.48 -24.50 4.47
CA LEU V 93 39.78 -24.18 5.03
C LEU V 93 40.87 -23.91 4.01
N SER V 94 41.80 -23.05 4.38
CA SER V 94 42.92 -22.74 3.52
C SER V 94 44.13 -22.50 4.42
N GLY V 95 45.28 -22.23 3.80
CA GLY V 95 46.49 -21.96 4.56
C GLY V 95 46.88 -23.04 5.55
N GLN V 96 47.42 -22.63 6.69
CA GLN V 96 47.86 -23.56 7.72
C GLN V 96 46.70 -24.38 8.29
N ALA V 97 45.51 -23.82 8.32
CA ALA V 97 44.34 -24.58 8.82
C ALA V 97 44.12 -25.81 7.91
N ALA V 98 44.22 -25.62 6.59
CA ALA V 98 44.05 -26.70 5.64
C ALA V 98 45.18 -27.72 5.80
N GLU V 99 46.40 -27.23 5.95
N GLU V 99 46.40 -27.25 5.96
CA GLU V 99 47.55 -28.10 6.14
CA GLU V 99 47.55 -28.12 6.14
C GLU V 99 47.31 -29.02 7.34
C GLU V 99 47.31 -29.02 7.34
N LEU V 100 47.00 -28.41 8.48
CA LEU V 100 46.73 -29.16 9.72
C LEU V 100 45.57 -30.15 9.57
N ALA V 101 44.50 -29.71 8.91
CA ALA V 101 43.34 -30.55 8.70
C ALA V 101 43.70 -31.74 7.83
N SER V 102 44.60 -31.54 6.86
CA SER V 102 45.02 -32.66 6.01
C SER V 102 45.78 -33.67 6.86
N GLN V 103 46.70 -33.18 7.67
CA GLN V 103 47.51 -34.04 8.52
C GLN V 103 46.65 -34.87 9.45
N LEU V 104 45.54 -34.28 9.89
CA LEU V 104 44.61 -34.92 10.79
C LEU V 104 43.59 -35.77 10.03
N GLN V 105 43.71 -35.79 8.70
CA GLN V 105 42.82 -36.59 7.85
C GLN V 105 41.35 -36.18 7.94
N VAL V 106 41.10 -34.88 8.11
CA VAL V 106 39.74 -34.38 8.16
C VAL V 106 39.10 -34.52 6.80
N GLU V 107 37.89 -35.09 6.76
CA GLU V 107 37.17 -35.30 5.51
C GLU V 107 35.81 -34.61 5.49
N ASN V 108 35.29 -34.27 6.66
CA ASN V 108 34.02 -33.58 6.77
C ASN V 108 34.08 -32.53 7.87
N ILE V 109 33.55 -31.35 7.55
CA ILE V 109 33.55 -30.23 8.45
C ILE V 109 32.12 -29.81 8.70
N HIS V 110 31.75 -29.63 9.97
CA HIS V 110 30.39 -29.23 10.33
C HIS V 110 30.44 -27.96 11.13
N LEU V 111 29.56 -27.02 10.76
CA LEU V 111 29.43 -25.72 11.39
C LEU V 111 27.98 -25.32 11.60
N SER V 112 27.67 -24.78 12.77
CA SER V 112 26.33 -24.22 13.03
C SER V 112 26.54 -22.87 13.70
N ILE V 113 25.69 -21.91 13.38
CA ILE V 113 25.77 -20.54 13.90
C ILE V 113 24.39 -20.11 14.37
N SER V 114 24.35 -19.29 15.42
CA SER V 114 23.10 -18.77 15.95
C SER V 114 23.38 -17.39 16.56
N ASP V 115 22.40 -16.50 16.52
CA ASP V 115 22.56 -15.21 17.19
C ASP V 115 21.22 -14.77 17.74
N GLU V 116 21.27 -14.01 18.82
CA GLU V 116 20.07 -13.43 19.39
C GLU V 116 20.40 -11.92 19.43
N ARG V 117 19.62 -11.12 20.15
N ARG V 117 19.62 -11.12 20.15
CA ARG V 117 19.88 -9.67 20.16
CA ARG V 117 19.87 -9.68 20.17
C ARG V 117 21.31 -9.28 20.55
C ARG V 117 21.27 -9.24 20.59
N HIS V 118 21.85 -9.88 21.60
CA HIS V 118 23.16 -9.50 22.07
C HIS V 118 24.34 -10.40 21.82
N TYR V 119 24.11 -11.67 21.55
CA TYR V 119 25.20 -12.62 21.35
C TYR V 119 25.12 -13.44 20.09
N ALA V 120 26.29 -13.76 19.55
CA ALA V 120 26.40 -14.65 18.43
C ALA V 120 27.20 -15.85 18.93
N MSE V 121 26.89 -17.05 18.46
CA MSE V 121 27.69 -18.21 18.87
C MSE V 121 27.78 -19.20 17.72
O MSE V 121 27.01 -19.13 16.77
CB MSE V 121 27.17 -18.87 20.13
CG MSE V 121 25.90 -19.57 19.98
SE MSE V 121 25.27 -20.29 21.70
CE MSE V 121 23.97 -21.38 20.81
N ALA V 122 28.75 -20.11 17.82
CA ALA V 122 28.96 -21.11 16.79
C ALA V 122 29.63 -22.31 17.40
N THR V 123 29.41 -23.45 16.75
CA THR V 123 30.04 -24.72 17.11
C THR V 123 30.53 -25.34 15.80
N VAL V 124 31.72 -25.94 15.84
CA VAL V 124 32.34 -26.61 14.71
C VAL V 124 32.81 -28.00 15.14
N ILE V 125 32.58 -28.99 14.28
CA ILE V 125 33.03 -30.38 14.49
C ILE V 125 33.80 -30.80 13.24
N LEU V 126 34.99 -31.36 13.44
CA LEU V 126 35.83 -31.85 12.38
C LEU V 126 35.81 -33.38 12.51
N GLU V 127 35.59 -34.09 11.40
CA GLU V 127 35.59 -35.54 11.46
C GLU V 127 36.46 -36.15 10.37
N ARG V 128 37.09 -37.27 10.70
CA ARG V 128 37.96 -37.95 9.74
C ARG V 128 37.27 -39.18 9.24
N MSE W 4 30.64 -44.22 17.18
CA MSE W 4 29.43 -43.40 17.22
C MSE W 4 29.45 -42.52 18.47
O MSE W 4 30.23 -42.71 19.39
CB MSE W 4 28.15 -44.26 17.25
CG MSE W 4 27.88 -45.03 18.52
SE MSE W 4 26.17 -46.02 18.35
CE MSE W 4 26.70 -47.32 17.00
N ILE W 5 28.56 -41.55 18.47
CA ILE W 5 28.44 -40.62 19.56
C ILE W 5 27.63 -41.23 20.68
N VAL W 6 28.25 -41.32 21.86
CA VAL W 6 27.65 -41.87 23.07
C VAL W 6 26.85 -40.81 23.84
N GLY W 7 27.24 -39.55 23.70
CA GLY W 7 26.59 -38.48 24.42
C GLY W 7 27.02 -37.10 23.99
N LEU W 8 26.13 -36.15 24.23
CA LEU W 8 26.34 -34.75 23.91
C LEU W 8 25.82 -33.92 25.09
N GLY W 9 26.61 -32.94 25.50
CA GLY W 9 26.24 -32.06 26.61
C GLY W 9 26.67 -30.64 26.32
N THR W 10 25.91 -29.69 26.83
CA THR W 10 26.24 -28.30 26.66
C THR W 10 25.79 -27.57 27.92
N ASP W 11 26.41 -26.44 28.24
CA ASP W 11 26.02 -25.69 29.40
C ASP W 11 26.45 -24.25 29.27
N ILE W 12 25.66 -23.36 29.86
CA ILE W 12 25.96 -21.92 29.87
C ILE W 12 25.88 -21.45 31.33
N ALA W 13 26.85 -20.65 31.75
CA ALA W 13 26.91 -20.16 33.11
C ALA W 13 27.13 -18.65 33.16
N GLU W 14 26.41 -17.99 34.07
CA GLU W 14 26.52 -16.56 34.25
C GLU W 14 27.67 -16.32 35.21
N ILE W 15 28.72 -15.67 34.70
CA ILE W 15 29.91 -15.43 35.49
C ILE W 15 29.67 -14.64 36.77
N GLU W 16 28.83 -13.61 36.71
CA GLU W 16 28.55 -12.80 37.89
C GLU W 16 28.01 -13.65 39.06
N ARG W 17 27.20 -14.65 38.77
CA ARG W 17 26.66 -15.48 39.84
C ARG W 17 27.77 -16.27 40.53
N VAL W 18 28.72 -16.73 39.75
CA VAL W 18 29.86 -17.47 40.31
C VAL W 18 30.69 -16.51 41.19
N GLU W 19 30.93 -15.29 40.70
CA GLU W 19 31.70 -14.32 41.44
C GLU W 19 31.03 -13.98 42.79
N LYS W 20 29.70 -13.81 42.78
CA LYS W 20 28.98 -13.51 44.01
C LYS W 20 29.09 -14.68 44.98
N ALA W 21 29.00 -15.90 44.47
CA ALA W 21 29.14 -17.08 45.31
C ALA W 21 30.54 -17.16 45.97
N LEU W 22 31.59 -16.83 45.22
CA LEU W 22 32.93 -16.86 45.76
C LEU W 22 33.11 -15.77 46.84
N ALA W 23 32.51 -14.61 46.61
CA ALA W 23 32.60 -13.53 47.58
C ALA W 23 31.92 -13.91 48.91
N ARG W 24 30.90 -14.75 48.85
CA ARG W 24 30.19 -15.19 50.04
C ARG W 24 30.81 -16.41 50.71
N SER W 25 31.05 -17.45 49.91
CA SER W 25 31.53 -18.76 50.40
C SER W 25 32.94 -19.25 50.04
N GLY W 26 33.59 -18.53 49.16
CA GLY W 26 34.96 -18.81 48.76
C GLY W 26 35.32 -20.27 48.50
N GLU W 27 36.33 -20.70 49.23
CA GLU W 27 36.89 -22.04 49.11
C GLU W 27 35.85 -23.15 49.28
N ASN W 28 34.89 -22.97 50.18
CA ASN W 28 33.85 -23.97 50.36
C ASN W 28 33.11 -24.19 49.08
N PHE W 29 32.80 -23.10 48.37
CA PHE W 29 32.14 -23.21 47.12
C PHE W 29 33.11 -23.75 46.06
N ALA W 30 34.32 -23.23 45.98
CA ALA W 30 35.23 -23.71 44.94
C ALA W 30 35.54 -25.21 45.06
N ARG W 31 35.74 -25.69 46.28
CA ARG W 31 36.07 -27.11 46.50
C ARG W 31 34.98 -28.08 46.17
N ARG W 32 33.75 -27.59 46.09
CA ARG W 32 32.63 -28.43 45.78
C ARG W 32 32.71 -28.80 44.29
N ILE W 33 33.23 -27.87 43.50
CA ILE W 33 33.29 -28.04 42.05
C ILE W 33 34.61 -28.58 41.54
N LEU W 34 35.69 -28.13 42.16
CA LEU W 34 37.02 -28.49 41.74
C LEU W 34 37.76 -29.55 42.56
N THR W 35 38.55 -30.37 41.88
CA THR W 35 39.36 -31.39 42.56
C THR W 35 40.56 -30.67 43.19
N ASP W 36 41.25 -31.34 44.10
CA ASP W 36 42.42 -30.73 44.75
C ASP W 36 43.46 -30.35 43.72
N SER W 37 43.60 -31.18 42.70
CA SER W 37 44.58 -30.90 41.65
C SER W 37 44.22 -29.62 40.90
N GLU W 38 42.94 -29.45 40.58
CA GLU W 38 42.44 -28.26 39.87
C GLU W 38 42.53 -26.98 40.72
N LEU W 39 42.40 -27.13 42.03
CA LEU W 39 42.49 -26.00 42.95
C LEU W 39 43.82 -25.25 42.87
N GLU W 40 44.89 -25.98 42.56
N GLU W 40 44.91 -25.95 42.59
CA GLU W 40 46.21 -25.39 42.45
CA GLU W 40 46.21 -25.30 42.47
C GLU W 40 46.19 -24.29 41.38
C GLU W 40 46.17 -24.25 41.37
N GLN W 41 45.62 -24.62 40.22
CA GLN W 41 45.53 -23.70 39.09
C GLN W 41 44.56 -22.54 39.43
N PHE W 42 43.43 -22.89 40.02
CA PHE W 42 42.41 -21.92 40.44
C PHE W 42 43.02 -20.90 41.40
N HIS W 43 43.73 -21.38 42.42
CA HIS W 43 44.34 -20.46 43.38
C HIS W 43 45.34 -19.50 42.75
N ALA W 44 45.98 -19.91 41.66
CA ALA W 44 46.97 -19.08 40.96
C ALA W 44 46.33 -18.04 40.04
N SER W 45 45.05 -18.19 39.73
CA SER W 45 44.36 -17.26 38.87
C SER W 45 44.06 -15.92 39.54
N LYS W 46 44.06 -14.87 38.72
CA LYS W 46 43.73 -13.52 39.16
C LYS W 46 42.30 -13.17 38.69
N GLN W 47 41.62 -14.14 38.09
N GLN W 47 41.61 -14.14 38.11
CA GLN W 47 40.23 -14.02 37.62
CA GLN W 47 40.23 -13.95 37.67
C GLN W 47 39.54 -15.31 38.01
C GLN W 47 39.51 -15.25 38.01
N GLN W 48 39.53 -15.58 39.32
CA GLN W 48 38.95 -16.80 39.85
C GLN W 48 37.47 -17.06 39.52
N GLY W 49 36.63 -16.04 39.55
CA GLY W 49 35.24 -16.27 39.21
C GLY W 49 35.11 -16.75 37.74
N ARG W 50 35.86 -16.13 36.84
CA ARG W 50 35.84 -16.48 35.41
C ARG W 50 36.42 -17.91 35.23
N PHE W 51 37.50 -18.18 35.94
CA PHE W 51 38.13 -19.51 35.88
C PHE W 51 37.12 -20.59 36.30
N LEU W 52 36.44 -20.37 37.43
CA LEU W 52 35.50 -21.34 37.95
C LEU W 52 34.26 -21.46 37.10
N ALA W 53 33.78 -20.35 36.54
CA ALA W 53 32.59 -20.37 35.68
C ALA W 53 32.82 -21.32 34.49
N LYS W 54 34.00 -21.23 33.89
CA LYS W 54 34.34 -22.11 32.75
C LYS W 54 34.41 -23.58 33.19
N ARG W 55 35.00 -23.85 34.35
CA ARG W 55 35.10 -25.23 34.84
C ARG W 55 33.72 -25.76 35.16
N PHE W 56 32.90 -24.93 35.78
CA PHE W 56 31.55 -25.30 36.14
C PHE W 56 30.77 -25.68 34.87
N ALA W 57 30.87 -24.84 33.84
CA ALA W 57 30.18 -25.11 32.57
C ALA W 57 30.71 -26.39 31.93
N ALA W 58 32.03 -26.59 31.97
CA ALA W 58 32.60 -27.80 31.38
C ALA W 58 32.13 -29.07 32.07
N LYS W 59 32.09 -29.06 33.40
CA LYS W 59 31.67 -30.23 34.15
C LYS W 59 30.19 -30.51 33.98
N GLU W 60 29.35 -29.48 33.98
N GLU W 60 29.37 -29.46 33.99
CA GLU W 60 27.93 -29.74 33.78
CA GLU W 60 27.94 -29.62 33.78
C GLU W 60 27.70 -30.29 32.37
C GLU W 60 27.72 -30.25 32.40
N ALA W 61 28.38 -29.72 31.38
CA ALA W 61 28.26 -30.22 30.01
C ALA W 61 28.68 -31.69 29.95
N ALA W 62 29.78 -32.02 30.61
CA ALA W 62 30.29 -33.40 30.63
C ALA W 62 29.30 -34.37 31.28
N SER W 63 28.69 -33.96 32.39
CA SER W 63 27.74 -34.80 33.09
C SER W 63 26.48 -35.02 32.24
N LYS W 64 26.11 -34.05 31.40
CA LYS W 64 24.95 -34.20 30.52
C LYS W 64 25.30 -35.12 29.36
N ALA W 65 26.56 -35.08 28.92
CA ALA W 65 27.01 -35.96 27.84
C ALA W 65 26.97 -37.42 28.33
N LEU W 66 27.22 -37.62 29.61
CA LEU W 66 27.20 -38.97 30.22
C LEU W 66 25.74 -39.44 30.36
N GLY W 67 24.82 -38.48 30.45
CA GLY W 67 23.38 -38.75 30.55
C GLY W 67 22.79 -38.76 31.95
N THR W 68 23.56 -38.34 32.93
CA THR W 68 23.11 -38.33 34.30
C THR W 68 23.00 -36.95 34.92
N GLY W 69 23.80 -36.01 34.43
CA GLY W 69 23.85 -34.70 35.03
C GLY W 69 24.64 -34.94 36.32
N ILE W 70 24.66 -33.96 37.22
CA ILE W 70 25.36 -34.12 38.48
C ILE W 70 24.25 -34.69 39.34
N ALA W 71 24.08 -35.98 39.19
CA ALA W 71 23.03 -36.74 39.86
C ALA W 71 23.39 -38.19 39.71
N GLN W 72 22.61 -39.04 40.37
CA GLN W 72 22.80 -40.48 40.34
C GLN W 72 24.23 -40.82 40.78
N GLY W 73 24.79 -40.04 41.71
CA GLY W 73 26.13 -40.37 42.22
C GLY W 73 27.28 -39.85 41.36
N VAL W 74 26.95 -39.23 40.23
CA VAL W 74 27.99 -38.65 39.35
C VAL W 74 28.23 -37.25 39.89
N THR W 75 29.39 -37.06 40.53
CA THR W 75 29.77 -35.79 41.18
C THR W 75 30.74 -34.88 40.41
N PHE W 76 30.84 -33.63 40.87
CA PHE W 76 31.77 -32.69 40.22
C PHE W 76 33.21 -33.18 40.28
N HIS W 77 33.60 -33.86 41.35
CA HIS W 77 34.96 -34.33 41.42
C HIS W 77 35.28 -35.52 40.47
N ASP W 78 34.28 -36.05 39.76
CA ASP W 78 34.51 -37.14 38.80
C ASP W 78 35.00 -36.61 37.47
N PHE W 79 35.14 -35.30 37.37
CA PHE W 79 35.58 -34.68 36.13
C PHE W 79 36.76 -33.80 36.41
N THR W 80 37.80 -33.94 35.60
CA THR W 80 39.00 -33.11 35.74
C THR W 80 39.28 -32.43 34.40
N ILE W 81 39.48 -31.11 34.43
CA ILE W 81 39.80 -30.35 33.25
C ILE W 81 41.30 -30.03 33.27
N SER W 82 41.98 -30.37 32.18
CA SER W 82 43.41 -30.09 32.04
C SER W 82 43.54 -29.45 30.66
N HIS W 83 44.77 -29.20 30.21
CA HIS W 83 45.01 -28.59 28.91
C HIS W 83 46.22 -29.19 28.23
N ASP W 84 46.26 -29.13 26.90
CA ASP W 84 47.46 -29.63 26.23
C ASP W 84 48.39 -28.43 26.09
N LYS W 85 49.56 -28.63 25.49
CA LYS W 85 50.52 -27.54 25.35
C LYS W 85 50.10 -26.37 24.48
N LEU W 86 49.06 -26.54 23.66
CA LEU W 86 48.59 -25.43 22.81
C LEU W 86 47.42 -24.71 23.42
N GLY W 87 46.98 -25.18 24.59
CA GLY W 87 45.87 -24.60 25.33
C GLY W 87 44.53 -25.29 25.15
N LYS W 88 44.48 -26.35 24.35
CA LYS W 88 43.23 -27.05 24.14
C LYS W 88 42.80 -27.73 25.44
N PRO W 89 41.53 -27.56 25.84
CA PRO W 89 41.10 -28.20 27.07
C PRO W 89 40.84 -29.69 26.86
N LEU W 90 41.16 -30.44 27.91
CA LEU W 90 41.04 -31.88 27.95
C LEU W 90 40.21 -32.30 29.16
N LEU W 91 39.39 -33.32 28.99
CA LEU W 91 38.53 -33.81 30.05
C LEU W 91 38.92 -35.24 30.41
N ILE W 92 39.19 -35.48 31.69
CA ILE W 92 39.55 -36.82 32.17
C ILE W 92 38.52 -37.20 33.25
N LEU W 93 37.96 -38.41 33.15
CA LEU W 93 36.96 -38.87 34.09
C LEU W 93 37.53 -39.77 35.14
N SER W 94 36.87 -39.79 36.30
CA SER W 94 37.23 -40.64 37.42
C SER W 94 35.93 -41.02 38.15
N GLY W 95 36.07 -41.81 39.21
CA GLY W 95 34.92 -42.23 40.01
C GLY W 95 33.76 -42.82 39.22
N GLN W 96 32.54 -42.49 39.62
CA GLN W 96 31.35 -43.02 38.97
C GLN W 96 31.25 -42.55 37.50
N ALA W 97 31.77 -41.38 37.15
CA ALA W 97 31.71 -40.94 35.75
C ALA W 97 32.55 -41.88 34.88
N ALA W 98 33.74 -42.22 35.36
CA ALA W 98 34.63 -43.12 34.63
C ALA W 98 34.01 -44.50 34.47
N GLU W 99 33.36 -44.99 35.52
CA GLU W 99 32.72 -46.30 35.51
C GLU W 99 31.58 -46.33 34.48
N LEU W 100 30.73 -45.31 34.49
CA LEU W 100 29.63 -45.25 33.52
C LEU W 100 30.17 -45.12 32.11
N ALA W 101 31.19 -44.28 31.92
CA ALA W 101 31.76 -44.12 30.59
C ALA W 101 32.34 -45.44 30.10
N SER W 102 32.97 -46.21 31.00
CA SER W 102 33.56 -47.52 30.65
C SER W 102 32.44 -48.45 30.18
N GLN W 103 31.33 -48.44 30.89
CA GLN W 103 30.19 -49.27 30.52
C GLN W 103 29.63 -48.86 29.16
N LEU W 104 29.73 -47.58 28.85
CA LEU W 104 29.25 -47.04 27.57
C LEU W 104 30.27 -47.23 26.46
N GLN W 105 31.45 -47.74 26.82
CA GLN W 105 32.55 -47.99 25.89
C GLN W 105 33.10 -46.69 25.28
N VAL W 106 33.09 -45.62 26.05
CA VAL W 106 33.63 -44.33 25.61
C VAL W 106 35.11 -44.48 25.40
N GLU W 107 35.59 -44.04 24.24
CA GLU W 107 37.00 -44.15 23.92
C GLU W 107 37.62 -42.78 23.67
N ASN W 108 36.80 -41.83 23.23
CA ASN W 108 37.29 -40.50 22.99
C ASN W 108 36.34 -39.45 23.55
N ILE W 109 36.94 -38.43 24.17
CA ILE W 109 36.21 -37.34 24.81
C ILE W 109 36.65 -35.98 24.25
N HIS W 110 35.69 -35.18 23.82
CA HIS W 110 35.96 -33.87 23.24
C HIS W 110 35.25 -32.80 24.03
N LEU W 111 35.99 -31.74 24.35
CA LEU W 111 35.54 -30.60 25.14
C LEU W 111 35.97 -29.30 24.53
N SER W 112 35.03 -28.35 24.45
CA SER W 112 35.38 -27.01 24.00
C SER W 112 34.73 -26.03 24.99
N ILE W 113 35.47 -24.96 25.31
CA ILE W 113 35.05 -23.92 26.25
C ILE W 113 35.19 -22.54 25.61
N SER W 114 34.30 -21.61 25.97
CA SER W 114 34.34 -20.24 25.50
C SER W 114 33.72 -19.34 26.58
N ASP W 115 34.19 -18.10 26.64
CA ASP W 115 33.59 -17.13 27.56
C ASP W 115 33.68 -15.74 26.97
N GLU W 116 32.70 -14.91 27.32
CA GLU W 116 32.70 -13.52 26.90
C GLU W 116 32.59 -12.78 28.25
N ARG W 117 32.35 -11.48 28.25
CA ARG W 117 32.31 -10.75 29.51
C ARG W 117 31.40 -11.31 30.61
N HIS W 118 30.19 -11.71 30.27
CA HIS W 118 29.22 -12.18 31.26
C HIS W 118 28.89 -13.65 31.29
N TYR W 119 29.22 -14.37 30.21
CA TYR W 119 28.90 -15.80 30.12
C TYR W 119 30.02 -16.73 29.72
N ALA W 120 29.98 -17.91 30.30
CA ALA W 120 30.90 -18.96 29.98
C ALA W 120 30.06 -20.10 29.46
N MSE W 121 30.57 -20.88 28.50
CA MSE W 121 29.80 -22.02 28.03
C MSE W 121 30.73 -23.14 27.60
O MSE W 121 31.92 -22.90 27.36
CB MSE W 121 28.82 -21.64 26.92
CG MSE W 121 29.42 -21.32 25.67
SE MSE W 121 28.08 -20.75 24.30
CE MSE W 121 29.38 -21.01 22.91
N ALA W 122 30.20 -24.34 27.50
CA ALA W 122 31.00 -25.48 27.11
C ALA W 122 30.14 -26.51 26.40
N THR W 123 30.82 -27.31 25.58
CA THR W 123 30.17 -28.43 24.89
C THR W 123 31.10 -29.62 25.02
N VAL W 124 30.51 -30.77 25.24
CA VAL W 124 31.22 -32.03 25.38
C VAL W 124 30.59 -33.10 24.51
N ILE W 125 31.43 -33.88 23.83
CA ILE W 125 30.95 -34.99 22.99
C ILE W 125 31.73 -36.25 23.44
N LEU W 126 31.03 -37.35 23.66
CA LEU W 126 31.68 -38.59 24.07
C LEU W 126 31.47 -39.55 22.92
N GLU W 127 32.52 -40.25 22.51
N GLU W 127 32.51 -40.27 22.51
CA GLU W 127 32.37 -41.18 21.40
CA GLU W 127 32.32 -41.21 21.41
C GLU W 127 33.01 -42.53 21.69
C GLU W 127 32.95 -42.54 21.74
N ARG W 128 32.45 -43.56 21.06
CA ARG W 128 32.95 -44.93 21.22
C ARG W 128 33.49 -45.39 19.88
N MSE X 4 28.61 -41.50 10.49
CA MSE X 4 29.28 -40.18 10.40
C MSE X 4 28.21 -39.15 10.72
O MSE X 4 27.04 -39.48 10.82
CB MSE X 4 29.84 -39.89 8.99
CG MSE X 4 28.80 -39.55 7.92
SE MSE X 4 29.59 -38.96 6.20
CE MSE X 4 30.49 -40.61 5.65
N ILE X 5 28.63 -37.90 10.87
CA ILE X 5 27.73 -36.80 11.20
C ILE X 5 27.03 -36.26 9.96
N VAL X 6 25.72 -36.33 9.98
CA VAL X 6 24.85 -35.88 8.91
C VAL X 6 24.54 -34.40 9.06
N GLY X 7 24.49 -33.92 10.30
CA GLY X 7 24.15 -32.54 10.57
C GLY X 7 24.46 -32.08 11.97
N LEU X 8 24.64 -30.77 12.09
CA LEU X 8 24.92 -30.11 13.36
C LEU X 8 24.10 -28.82 13.42
N GLY X 9 23.45 -28.62 14.56
CA GLY X 9 22.66 -27.41 14.75
C GLY X 9 22.80 -26.85 16.15
N THR X 10 22.73 -25.54 16.25
CA THR X 10 22.83 -24.90 17.55
C THR X 10 21.88 -23.70 17.55
N ASP X 11 21.36 -23.35 18.72
CA ASP X 11 20.49 -22.19 18.83
C ASP X 11 20.52 -21.58 20.22
N ILE X 12 20.39 -20.25 20.28
CA ILE X 12 20.32 -19.51 21.53
C ILE X 12 19.04 -18.66 21.47
N ALA X 13 18.30 -18.65 22.57
CA ALA X 13 17.04 -17.90 22.66
C ALA X 13 16.94 -17.06 23.96
N GLU X 14 16.49 -15.82 23.83
CA GLU X 14 16.35 -14.92 24.96
C GLU X 14 15.02 -15.24 25.62
N ILE X 15 15.10 -15.70 26.87
CA ILE X 15 13.93 -16.11 27.64
C ILE X 15 12.85 -15.03 27.81
N GLU X 16 13.25 -13.81 28.13
CA GLU X 16 12.29 -12.71 28.31
C GLU X 16 11.40 -12.45 27.08
N ARG X 17 11.96 -12.62 25.87
CA ARG X 17 11.18 -12.44 24.63
C ARG X 17 10.09 -13.48 24.51
N VAL X 18 10.38 -14.70 24.93
CA VAL X 18 9.39 -15.76 24.91
C VAL X 18 8.32 -15.45 25.98
N GLU X 19 8.73 -15.00 27.16
CA GLU X 19 7.78 -14.64 28.21
C GLU X 19 6.83 -13.53 27.75
N LYS X 20 7.38 -12.52 27.09
CA LYS X 20 6.58 -11.43 26.58
C LYS X 20 5.58 -11.89 25.52
N ALA X 21 6.00 -12.80 24.65
CA ALA X 21 5.13 -13.33 23.62
C ALA X 21 3.98 -14.13 24.23
N LEU X 22 4.26 -14.92 25.27
CA LEU X 22 3.21 -15.68 25.98
C LEU X 22 2.20 -14.74 26.69
N ALA X 23 2.69 -13.67 27.31
CA ALA X 23 1.79 -12.71 27.98
C ALA X 23 0.85 -12.00 26.99
N ARG X 24 1.26 -11.93 25.73
CA ARG X 24 0.46 -11.32 24.68
C ARG X 24 -0.46 -12.29 23.94
N SER X 25 0.10 -13.40 23.48
CA SER X 25 -0.64 -14.36 22.65
C SER X 25 -0.88 -15.74 23.23
N GLY X 26 -0.21 -16.03 24.34
CA GLY X 26 -0.40 -17.28 25.03
C GLY X 26 -0.44 -18.55 24.20
N GLU X 27 -1.54 -19.29 24.36
CA GLU X 27 -1.73 -20.58 23.70
C GLU X 27 -1.52 -20.54 22.18
N ASN X 28 -1.92 -19.43 21.56
CA ASN X 28 -1.75 -19.28 20.10
C ASN X 28 -0.27 -19.33 19.73
N PHE X 29 0.57 -18.79 20.61
CA PHE X 29 2.00 -18.82 20.38
C PHE X 29 2.56 -20.19 20.77
N ALA X 30 2.21 -20.69 21.94
CA ALA X 30 2.72 -21.99 22.37
C ALA X 30 2.37 -23.15 21.41
N ARG X 31 1.15 -23.15 20.89
CA ARG X 31 0.64 -24.19 20.02
C ARG X 31 1.36 -24.24 18.69
N ARG X 32 1.96 -23.13 18.27
CA ARG X 32 2.67 -23.19 17.00
C ARG X 32 3.97 -23.95 17.18
N ILE X 33 4.59 -23.78 18.35
CA ILE X 33 5.88 -24.41 18.63
C ILE X 33 5.80 -25.85 19.17
N LEU X 34 4.79 -26.11 20.00
CA LEU X 34 4.61 -27.40 20.65
C LEU X 34 3.55 -28.31 20.01
N THR X 35 3.83 -29.61 20.03
CA THR X 35 2.87 -30.59 19.54
C THR X 35 1.84 -30.72 20.65
N ASP X 36 0.70 -31.33 20.36
CA ASP X 36 -0.34 -31.50 21.37
C ASP X 36 0.17 -32.28 22.60
N SER X 37 1.08 -33.21 22.37
CA SER X 37 1.62 -34.03 23.45
C SER X 37 2.52 -33.20 24.36
N GLU X 38 3.34 -32.35 23.74
CA GLU X 38 4.21 -31.49 24.52
C GLU X 38 3.39 -30.44 25.30
N LEU X 39 2.25 -30.05 24.75
CA LEU X 39 1.39 -29.06 25.42
C LEU X 39 0.96 -29.52 26.82
N GLU X 40 0.81 -30.83 26.99
CA GLU X 40 0.40 -31.38 28.27
C GLU X 40 1.44 -31.02 29.36
N GLN X 41 2.72 -31.19 29.02
CA GLN X 41 3.82 -30.89 29.93
C GLN X 41 3.95 -29.37 30.13
N PHE X 42 3.80 -28.63 29.04
CA PHE X 42 3.85 -27.17 29.10
C PHE X 42 2.77 -26.62 30.03
N HIS X 43 1.53 -27.08 29.88
CA HIS X 43 0.45 -26.58 30.73
C HIS X 43 0.63 -26.84 32.21
N ALA X 44 1.33 -27.93 32.55
CA ALA X 44 1.62 -28.31 33.93
C ALA X 44 2.76 -27.50 34.55
N SER X 45 3.57 -26.88 33.71
CA SER X 45 4.68 -26.09 34.19
C SER X 45 4.28 -24.80 34.91
N LYS X 46 5.09 -24.41 35.89
CA LYS X 46 4.93 -23.17 36.65
C LYS X 46 5.96 -22.13 36.16
N GLN X 47 6.69 -22.47 35.11
N GLN X 47 6.68 -22.47 35.11
CA GLN X 47 7.69 -21.59 34.48
CA GLN X 47 7.68 -21.59 34.50
C GLN X 47 7.57 -21.82 32.97
C GLN X 47 7.58 -21.82 32.98
N GLN X 48 6.38 -21.57 32.47
CA GLN X 48 6.08 -21.76 31.05
C GLN X 48 6.97 -21.06 30.05
N GLY X 49 7.33 -19.81 30.31
CA GLY X 49 8.22 -19.08 29.40
C GLY X 49 9.57 -19.80 29.29
N ARG X 50 10.12 -20.22 30.42
CA ARG X 50 11.41 -20.92 30.44
C ARG X 50 11.30 -22.26 29.72
N PHE X 51 10.21 -22.97 29.99
CA PHE X 51 9.94 -24.25 29.36
C PHE X 51 9.89 -24.09 27.84
N LEU X 52 9.14 -23.09 27.37
CA LEU X 52 9.01 -22.88 25.95
C LEU X 52 10.27 -22.39 25.27
N ALA X 53 11.03 -21.55 25.95
CA ALA X 53 12.29 -21.04 25.43
C ALA X 53 13.23 -22.22 25.13
N LYS X 54 13.27 -23.21 26.02
CA LYS X 54 14.11 -24.39 25.86
C LYS X 54 13.66 -25.24 24.68
N ARG X 55 12.35 -25.43 24.56
N ARG X 55 12.35 -25.41 24.56
CA ARG X 55 11.83 -26.22 23.46
CA ARG X 55 11.79 -26.19 23.47
C ARG X 55 12.08 -25.50 22.14
C ARG X 55 12.09 -25.50 22.15
N PHE X 56 11.90 -24.19 22.14
CA PHE X 56 12.14 -23.40 20.95
C PHE X 56 13.58 -23.52 20.47
N ALA X 57 14.54 -23.37 21.39
CA ALA X 57 15.96 -23.49 21.04
C ALA X 57 16.25 -24.90 20.51
N ALA X 58 15.74 -25.91 21.20
CA ALA X 58 15.96 -27.30 20.79
C ALA X 58 15.47 -27.56 19.38
N LYS X 59 14.28 -27.07 19.07
CA LYS X 59 13.70 -27.29 17.75
C LYS X 59 14.42 -26.49 16.67
N GLU X 60 14.81 -25.24 16.93
N GLU X 60 14.81 -25.25 16.97
CA GLU X 60 15.53 -24.52 15.90
CA GLU X 60 15.54 -24.45 16.01
C GLU X 60 16.88 -25.18 15.65
C GLU X 60 16.86 -25.15 15.67
N ALA X 61 17.55 -25.64 16.71
CA ALA X 61 18.80 -26.34 16.54
C ALA X 61 18.60 -27.60 15.71
N ALA X 62 17.53 -28.34 16.00
CA ALA X 62 17.24 -29.57 15.28
C ALA X 62 17.01 -29.28 13.78
N SER X 63 16.27 -28.21 13.49
CA SER X 63 15.99 -27.84 12.09
C SER X 63 17.26 -27.45 11.32
N LYS X 64 18.26 -26.91 12.02
CA LYS X 64 19.56 -26.56 11.41
C LYS X 64 20.38 -27.82 11.21
N ALA X 65 20.26 -28.78 12.13
CA ALA X 65 20.99 -30.04 11.98
C ALA X 65 20.49 -30.75 10.72
N LEU X 66 19.21 -30.64 10.46
CA LEU X 66 18.61 -31.22 9.26
C LEU X 66 19.07 -30.54 7.98
N GLY X 67 19.45 -29.27 8.07
CA GLY X 67 19.95 -28.51 6.91
C GLY X 67 18.91 -27.63 6.23
N THR X 68 17.69 -27.62 6.75
CA THR X 68 16.59 -26.86 6.19
C THR X 68 16.13 -25.62 6.99
N GLY X 69 16.23 -25.72 8.31
CA GLY X 69 15.73 -24.66 9.17
C GLY X 69 14.23 -24.95 9.20
N ILE X 70 13.43 -24.03 9.70
CA ILE X 70 11.98 -24.21 9.72
C ILE X 70 11.54 -23.64 8.40
N ALA X 71 11.61 -24.48 7.36
CA ALA X 71 11.27 -24.13 6.00
C ALA X 71 11.25 -25.41 5.19
N GLN X 72 11.02 -25.26 3.89
CA GLN X 72 11.01 -26.38 2.97
C GLN X 72 10.11 -27.51 3.44
N GLY X 73 8.98 -27.15 4.06
CA GLY X 73 8.04 -28.14 4.56
C GLY X 73 8.26 -28.59 5.99
N VAL X 74 9.41 -28.25 6.58
CA VAL X 74 9.72 -28.62 7.95
C VAL X 74 9.10 -27.59 8.91
N THR X 75 8.38 -28.07 9.92
CA THR X 75 7.70 -27.18 10.86
C THR X 75 8.09 -27.57 12.26
N PHE X 76 7.75 -26.71 13.24
CA PHE X 76 8.04 -27.01 14.62
C PHE X 76 7.36 -28.29 15.10
N HIS X 77 6.20 -28.64 14.55
CA HIS X 77 5.52 -29.87 14.99
C HIS X 77 6.20 -31.16 14.51
N ASP X 78 7.22 -31.04 13.65
CA ASP X 78 7.93 -32.23 13.15
C ASP X 78 8.94 -32.72 14.19
N PHE X 79 9.12 -31.93 15.25
CA PHE X 79 10.06 -32.25 16.30
C PHE X 79 9.33 -32.41 17.63
N THR X 80 9.60 -33.50 18.32
CA THR X 80 9.02 -33.74 19.61
C THR X 80 10.15 -33.97 20.61
N ILE X 81 10.16 -33.17 21.68
CA ILE X 81 11.15 -33.30 22.72
C ILE X 81 10.57 -34.13 23.86
N SER X 82 11.27 -35.20 24.20
N SER X 82 11.27 -35.21 24.20
CA SER X 82 10.87 -36.07 25.29
CA SER X 82 10.84 -36.05 25.30
C SER X 82 12.06 -36.16 26.25
C SER X 82 12.05 -36.17 26.25
N HIS X 83 11.95 -37.01 27.26
CA HIS X 83 13.04 -37.19 28.22
C HIS X 83 13.12 -38.62 28.70
N ASP X 84 14.32 -39.10 29.00
CA ASP X 84 14.44 -40.44 29.53
C ASP X 84 14.23 -40.30 31.04
N LYS X 85 14.23 -41.42 31.75
CA LYS X 85 13.97 -41.40 33.19
C LYS X 85 14.97 -40.60 34.02
N LEU X 86 16.15 -40.31 33.49
CA LEU X 86 17.15 -39.54 34.24
C LEU X 86 17.12 -38.05 33.88
N GLY X 87 16.22 -37.65 32.99
CA GLY X 87 16.13 -36.24 32.60
C GLY X 87 16.82 -35.87 31.30
N LYS X 88 17.50 -36.81 30.65
CA LYS X 88 18.17 -36.51 29.39
C LYS X 88 17.14 -36.23 28.28
N PRO X 89 17.31 -35.11 27.56
CA PRO X 89 16.36 -34.81 26.50
C PRO X 89 16.55 -35.69 25.27
N LEU X 90 15.42 -36.03 24.65
CA LEU X 90 15.36 -36.92 23.48
C LEU X 90 14.58 -36.21 22.40
N LEU X 91 15.01 -36.37 21.15
CA LEU X 91 14.37 -35.74 20.02
C LEU X 91 13.82 -36.81 19.08
N ILE X 92 12.52 -36.72 18.79
CA ILE X 92 11.83 -37.65 17.90
C ILE X 92 11.26 -36.84 16.74
N LEU X 93 11.54 -37.31 15.52
CA LEU X 93 11.12 -36.61 14.32
C LEU X 93 9.89 -37.21 13.69
N SER X 94 9.10 -36.34 13.05
CA SER X 94 7.91 -36.78 12.37
C SER X 94 7.75 -35.89 11.15
N GLY X 95 6.70 -36.12 10.38
CA GLY X 95 6.43 -35.31 9.20
C GLY X 95 7.59 -35.23 8.22
N GLN X 96 7.78 -34.03 7.66
CA GLN X 96 8.84 -33.82 6.68
C GLN X 96 10.25 -33.99 7.27
N ALA X 97 10.42 -33.67 8.56
CA ALA X 97 11.73 -33.83 9.21
C ALA X 97 12.13 -35.30 9.19
N ALA X 98 11.18 -36.17 9.51
CA ALA X 98 11.43 -37.63 9.51
C ALA X 98 11.70 -38.12 8.09
N GLU X 99 10.95 -37.63 7.11
CA GLU X 99 11.14 -38.04 5.72
C GLU X 99 12.57 -37.75 5.31
N LEU X 100 13.00 -36.52 5.53
CA LEU X 100 14.34 -36.08 5.18
C LEU X 100 15.41 -36.85 5.96
N ALA X 101 15.18 -37.08 7.25
CA ALA X 101 16.15 -37.82 8.07
C ALA X 101 16.30 -39.25 7.55
N SER X 102 15.19 -39.82 7.07
CA SER X 102 15.19 -41.16 6.49
C SER X 102 16.06 -41.16 5.24
N GLN X 103 15.86 -40.16 4.38
CA GLN X 103 16.63 -40.02 3.15
C GLN X 103 18.10 -39.82 3.48
N LEU X 104 18.39 -39.13 4.58
CA LEU X 104 19.78 -38.92 4.99
C LEU X 104 20.36 -40.11 5.78
N GLN X 105 19.58 -41.18 5.89
CA GLN X 105 20.00 -42.39 6.61
C GLN X 105 20.36 -42.12 8.09
N VAL X 106 19.66 -41.19 8.71
CA VAL X 106 19.93 -40.87 10.11
C VAL X 106 19.49 -42.02 11.02
N GLU X 107 20.38 -42.50 11.88
CA GLU X 107 19.99 -43.58 12.80
C GLU X 107 20.13 -43.17 14.28
N ASN X 108 20.91 -42.12 14.56
CA ASN X 108 21.08 -41.64 15.93
C ASN X 108 20.96 -40.14 15.99
N ILE X 109 20.21 -39.66 16.98
CA ILE X 109 19.96 -38.23 17.19
C ILE X 109 20.35 -37.88 18.63
N HIS X 110 21.15 -36.82 18.77
CA HIS X 110 21.63 -36.35 20.04
C HIS X 110 21.23 -34.91 20.23
N LEU X 111 20.71 -34.61 21.41
CA LEU X 111 20.24 -33.29 21.79
C LEU X 111 20.69 -32.92 23.19
N SER X 112 21.18 -31.69 23.37
CA SER X 112 21.52 -31.20 24.72
C SER X 112 20.93 -29.79 24.83
N ILE X 113 20.42 -29.47 26.01
CA ILE X 113 19.79 -28.20 26.33
C ILE X 113 20.36 -27.65 27.63
N SER X 114 20.48 -26.33 27.71
CA SER X 114 20.94 -25.65 28.93
C SER X 114 20.27 -24.30 28.99
N ASP X 115 20.05 -23.79 30.19
CA ASP X 115 19.51 -22.44 30.32
C ASP X 115 20.10 -21.77 31.53
N GLU X 116 20.23 -20.45 31.48
CA GLU X 116 20.68 -19.71 32.64
C GLU X 116 19.52 -18.75 32.89
N ARG X 117 19.69 -17.76 33.75
N ARG X 117 19.68 -17.75 33.76
CA ARG X 117 18.56 -16.88 34.05
CA ARG X 117 18.53 -16.88 34.04
C ARG X 117 17.93 -16.19 32.81
C ARG X 117 17.93 -16.20 32.80
N HIS X 118 18.77 -15.72 31.89
CA HIS X 118 18.27 -15.01 30.72
C HIS X 118 18.25 -15.72 29.37
N TYR X 119 19.08 -16.75 29.18
CA TYR X 119 19.17 -17.44 27.91
C TYR X 119 18.99 -18.96 27.96
N ALA X 120 18.39 -19.50 26.91
CA ALA X 120 18.26 -20.96 26.76
C ALA X 120 19.06 -21.26 25.49
N MSE X 121 19.68 -22.44 25.45
CA MSE X 121 20.49 -22.84 24.35
C MSE X 121 20.33 -24.34 24.09
O MSE X 121 19.99 -25.11 25.00
CB MSE X 121 21.93 -22.61 24.84
CG MSE X 121 22.98 -22.58 23.93
SE MSE X 121 24.57 -22.02 25.00
CE MSE X 121 25.02 -23.60 25.94
N ALA X 122 20.62 -24.78 22.87
CA ALA X 122 20.55 -26.18 22.55
C ALA X 122 21.48 -26.49 21.37
N THR X 123 21.93 -27.73 21.33
CA THR X 123 22.79 -28.26 20.26
C THR X 123 22.26 -29.63 19.91
N VAL X 124 22.20 -29.90 18.61
CA VAL X 124 21.74 -31.17 18.07
C VAL X 124 22.72 -31.71 17.05
N ILE X 125 22.97 -33.02 17.11
CA ILE X 125 23.82 -33.71 16.17
C ILE X 125 23.04 -34.91 15.63
N LEU X 126 23.00 -35.03 14.31
CA LEU X 126 22.37 -36.15 13.61
C LEU X 126 23.51 -37.03 13.09
N GLU X 127 23.38 -38.33 13.30
CA GLU X 127 24.41 -39.29 12.93
C GLU X 127 23.85 -40.45 12.08
N ARG X 128 24.64 -40.92 11.13
CA ARG X 128 24.23 -42.06 10.33
C ARG X 128 25.20 -43.17 10.65
N ARG X 129 24.85 -44.39 10.27
CA ARG X 129 25.75 -45.50 10.50
C ARG X 129 26.63 -45.60 9.27
N1A COA Y . -45.86 19.75 -52.92
C2A COA Y . -45.48 19.79 -51.63
N3A COA Y . -45.06 18.68 -51.00
C4A COA Y . -45.01 17.51 -51.63
C5A COA Y . -45.40 17.42 -52.96
C6A COA Y . -45.84 18.57 -53.60
N6A COA Y . -46.26 18.54 -54.91
N7A COA Y . -45.24 16.12 -53.32
C8A COA Y . -44.79 15.42 -52.24
N9A COA Y . -44.66 16.29 -51.20
C1B COA Y . -44.24 15.99 -49.84
C2B COA Y . -45.20 14.92 -49.26
O2B COA Y . -45.55 15.27 -47.93
C3B COA Y . -44.36 13.65 -49.28
O3B COA Y . -44.61 12.70 -48.24
P3B COA Y . -46.05 11.94 -48.17
O7A COA Y . -46.41 11.69 -49.60
O8A COA Y . -45.72 10.72 -47.30
O9A COA Y . -46.93 12.98 -47.49
C4B COA Y . -43.00 14.25 -49.01
O4B COA Y . -42.94 15.44 -49.78
C5B COA Y . -41.85 13.36 -49.38
O5B COA Y . -40.70 14.21 -49.35
P1A COA Y . -39.24 13.58 -49.21
O1A COA Y . -39.29 12.30 -48.50
O2A COA Y . -38.35 14.68 -48.72
O3A COA Y . -38.67 13.50 -50.68
P2A COA Y . -38.94 12.55 -51.89
O4A COA Y . -39.99 11.52 -51.56
O5A COA Y . -37.59 12.22 -52.36
O6A COA Y . -39.69 13.59 -52.90
CBP COA Y . -39.88 15.68 -54.19
CCP COA Y . -39.05 14.81 -53.23
CDP COA Y . -41.09 16.16 -53.42
CEP COA Y . -39.03 16.92 -54.50
CAP COA Y . -40.33 14.94 -55.47
OAP COA Y . -41.00 15.87 -56.35
C9P COA Y . -39.19 14.28 -56.21
O9P COA Y . -38.47 13.31 -55.67
N8P COA Y . -38.87 14.66 -57.45
C7P COA Y . -37.79 14.06 -58.23
C6P COA Y . -36.47 14.62 -57.70
C5P COA Y . -35.35 13.98 -58.44
O5P COA Y . -35.09 14.34 -59.58
N4P COA Y . -34.71 13.03 -57.79
C3P COA Y . -33.61 12.23 -58.27
C2P COA Y . -32.54 12.22 -57.16
S1P COA Y . -31.29 13.41 -57.68
CL CL Z . -44.80 6.36 -47.27
N1A COA AA . -46.92 23.67 -27.59
C2A COA AA . -45.88 23.82 -28.44
N3A COA AA . -44.70 23.22 -28.24
C4A COA AA . -44.54 22.43 -27.15
C5A COA AA . -45.59 22.24 -26.25
C6A COA AA . -46.80 22.88 -26.50
N6A COA AA . -47.85 22.72 -25.64
N7A COA AA . -45.16 21.42 -25.27
C8A COA AA . -43.85 21.11 -25.56
N9A COA AA . -43.49 21.73 -26.70
C1B COA AA . -42.17 21.71 -27.35
C2B COA AA . -41.14 22.19 -26.35
O2B COA AA . -40.21 23.11 -26.94
C3B COA AA . -40.42 20.91 -25.93
O3B COA AA . -39.08 21.07 -25.52
P3B COA AA . -38.62 21.97 -24.26
O7A COA AA . -39.70 21.69 -23.24
O8A COA AA . -37.26 21.42 -23.90
O9A COA AA . -38.57 23.38 -24.75
C4B COA AA . -40.48 20.16 -27.22
O4B COA AA . -41.80 20.39 -27.72
C5B COA AA . -40.25 18.67 -27.08
O5B COA AA . -40.34 18.18 -28.41
P1A COA AA . -40.39 16.64 -28.75
O1A COA AA . -39.15 16.07 -28.14
O2A COA AA . -40.70 16.51 -30.19
O3A COA AA . -41.64 16.31 -27.79
P2A COA AA . -42.15 14.87 -27.34
O4A COA AA . -42.10 13.92 -28.53
O5A COA AA . -41.54 14.50 -26.04
O6A COA AA . -43.69 15.29 -27.05
CBP COA AA . -45.65 16.62 -27.59
CCP COA AA . -44.49 15.78 -28.11
CDP COA AA . -45.08 17.97 -27.17
CEP COA AA . -46.60 16.84 -28.75
CAP COA AA . -46.36 16.02 -26.37
OAP COA AA . -47.49 16.84 -26.06
C9P COA AA . -46.89 14.61 -26.52
O9P COA AA . -46.59 13.82 -27.55
N8P COA AA . -47.71 14.22 -25.54
C7P COA AA . -48.44 12.96 -25.33
C6P COA AA . -47.47 11.79 -25.34
C5P COA AA . -47.79 10.85 -26.48
O5P COA AA . -48.95 10.62 -26.79
N4P COA AA . -46.75 10.30 -27.11
C3P COA AA . -46.78 9.38 -28.24
C2P COA AA . -47.16 8.01 -27.72
S1P COA AA . -47.51 6.91 -29.12
CA CA BA . -41.81 14.27 -30.95
CA CA CA . -37.51 10.30 -48.62
C1 MPD DA . -43.31 4.21 -31.06
C2 MPD DA . -42.98 5.67 -30.82
O2 MPD DA . -41.83 5.74 -29.94
CM MPD DA . -44.14 6.40 -30.14
C3 MPD DA . -42.62 6.34 -32.15
C4 MPD DA . -41.84 7.64 -32.00
O4 MPD DA . -40.61 7.41 -31.34
C5 MPD DA . -41.52 8.27 -33.35
C ACT EA . -41.03 9.95 -49.30
O ACT EA . -39.83 10.23 -49.26
OXT ACT EA . -41.63 9.94 -48.20
CH3 ACT EA . -41.76 9.64 -50.59
C1 MPD FA . -20.21 21.42 -29.01
C2 MPD FA . -20.61 22.27 -30.22
O2 MPD FA . -19.95 21.74 -31.40
CM MPD FA . -20.16 23.71 -30.02
C3 MPD FA . -22.13 22.22 -30.42
C4 MPD FA . -22.53 21.20 -31.48
O4 MPD FA . -23.94 21.02 -31.46
C5 MPD FA . -22.09 21.62 -32.87
CA CA GA . -25.82 24.96 -36.40
CA CA HA . -38.02 13.98 -27.71
N1A COA IA . -28.29 34.70 -41.55
C2A COA IA . -29.07 33.63 -41.77
N3A COA IA . -28.54 32.44 -42.07
C4A COA IA . -27.19 32.29 -42.14
C5A COA IA . -26.36 33.40 -41.93
C6A COA IA . -26.94 34.61 -41.64
N6A COA IA . -26.18 35.73 -41.40
N7A COA IA . -25.08 32.98 -42.09
C8A COA IA . -25.12 31.66 -42.41
N9A COA IA . -26.42 31.25 -42.44
C1B COA IA . -26.90 29.90 -42.82
C2B COA IA . -26.36 29.51 -44.20
O2B COA IA . -27.37 28.97 -45.04
C3B COA IA . -25.31 28.46 -43.90
O3B COA IA . -25.05 27.50 -44.92
P3B COA IA . -24.57 27.91 -46.37
O7A COA IA . -23.55 29.01 -46.12
O8A COA IA . -23.97 26.69 -47.03
O9A COA IA . -25.82 28.36 -47.09
C4B COA IA . -25.94 27.81 -42.71
O4B COA IA . -26.49 28.87 -41.94
C5B COA IA . -24.99 27.07 -41.80
O5B COA IA . -25.79 26.75 -40.65
P1A COA IA . -25.30 25.59 -39.68
O1A COA IA . -24.66 24.57 -40.54
O2A COA IA . -26.42 25.28 -38.79
O3A COA IA . -24.28 26.67 -39.13
P2A COA IA . -22.96 26.64 -38.25
O4A COA IA . -23.33 25.83 -37.04
O5A COA IA . -21.83 26.39 -39.16
O6A COA IA . -23.04 28.23 -37.95
CBP COA IA . -24.27 30.28 -37.37
CCP COA IA . -24.12 28.76 -37.19
CDP COA IA . -24.89 30.53 -38.74
CEP COA IA . -25.26 30.72 -36.29
CAP COA IA . -22.98 31.08 -37.29
OAP COA IA . -23.27 32.48 -37.17
C9P COA IA . -22.05 30.71 -36.15
O9P COA IA . -21.84 29.43 -35.85
N8P COA IA . -21.42 31.69 -35.49
C7P COA IA . -20.46 31.60 -34.38
C6P COA IA . -21.11 30.72 -33.31
C5P COA IA . -20.12 30.38 -32.22
O5P COA IA . -19.72 31.26 -31.48
N4P COA IA . -19.78 29.10 -32.12
C3P COA IA . -18.86 28.47 -31.18
C2P COA IA . -19.61 27.27 -30.60
S1P COA IA . -20.41 27.74 -29.05
CA CA JA . -36.20 14.78 -49.86
CA CA KA . -22.89 22.82 -39.81
CL CL LA . -20.34 24.00 -47.73
C1 MPD MA . -30.05 11.81 -54.87
C2 MPD MA . -29.16 11.28 -53.76
O2 MPD MA . -29.79 10.11 -53.17
CM MPD MA . -27.81 10.87 -54.35
C3 MPD MA . -28.92 12.35 -52.68
C4 MPD MA . -30.09 12.53 -51.71
O4 MPD MA . -30.41 11.35 -51.00
C5 MPD MA . -29.77 13.62 -50.70
C ACT NA . -17.97 14.30 -44.33
O ACT NA . -18.81 15.00 -44.92
OXT ACT NA . -17.20 14.86 -43.55
CH3 ACT NA . -17.87 12.81 -44.53
N1A COA OA . -19.68 2.45 26.36
C2A COA OA . -19.17 2.30 27.58
N3A COA OA . -17.96 1.77 27.80
C4A COA OA . -17.22 1.37 26.74
C5A COA OA . -17.72 1.50 25.45
C6A COA OA . -18.99 2.06 25.28
N6A COA OA . -19.50 2.20 24.04
N7A COA OA . -16.79 1.02 24.61
C8A COA OA . -15.74 0.59 25.36
N9A COA OA . -16.02 0.81 26.66
C1B COA OA . -15.20 0.44 27.83
C2B COA OA . -14.85 -1.06 27.74
O2B COA OA . -14.99 -1.72 28.99
C3B COA OA . -13.39 -1.09 27.30
O3B COA OA . -12.62 -2.24 27.69
P3B COA OA . -13.03 -3.77 27.29
O7A COA OA . -13.37 -3.65 25.85
O8A COA OA . -11.79 -4.58 27.61
O9A COA OA . -14.13 -4.11 28.25
C4B COA OA . -12.88 0.17 27.96
O4B COA OA . -13.95 1.11 27.88
C5B COA OA . -11.62 0.77 27.33
O5B COA OA . -11.35 1.90 28.18
P1A COA OA . -10.07 2.84 28.00
O1A COA OA . -8.89 1.97 28.10
O2A COA OA . -10.31 4.00 28.92
O3A COA OA . -10.49 3.06 26.49
P2A COA OA . -9.80 3.80 25.28
O4A COA OA . -9.08 5.02 25.81
O5A COA OA . -9.15 2.81 24.38
O6A COA OA . -11.18 4.23 24.59
CBP COA OA . -13.35 5.34 24.57
CCP COA OA . -11.95 5.27 25.17
CDP COA OA . -14.17 4.20 25.12
CEP COA OA . -13.98 6.66 25.01
CAP COA OA . -13.32 5.24 23.04
OAP COA OA . -14.54 5.75 22.52
C9P COA OA . -12.20 6.01 22.37
O9P COA OA . -10.94 5.66 22.53
N8P COA OA . -12.51 7.04 21.57
C7P COA OA . -11.62 7.91 20.80
C6P COA OA . -10.73 8.71 21.76
C5P COA OA . -9.66 9.44 20.97
O5P COA OA . -9.93 10.42 20.32
N4P COA OA . -8.42 8.95 21.00
C3P COA OA . -7.25 9.47 20.31
C2P COA OA . -6.40 10.21 21.35
S1P COA OA . -7.09 11.86 21.63
CA CA PA . -7.40 -5.40 44.23
CA CA QA . -6.57 2.05 27.39
C1 MRD RA . -2.63 -12.04 41.35
C2 MRD RA . -1.63 -11.21 40.55
O2 MRD RA . -0.78 -10.51 41.48
CM MRD RA . -0.77 -12.13 39.71
C3 MRD RA . -2.34 -10.20 39.66
C4 MRD RA . -2.82 -8.95 40.42
O4 MRD RA . -3.50 -8.08 39.53
C5 MRD RA . -1.70 -8.16 41.06
N1A COA SA . -16.67 -5.70 50.62
C2A COA SA . -16.30 -4.52 50.06
N3A COA SA . -15.06 -4.06 50.14
C4A COA SA . -14.14 -4.78 50.80
C5A COA SA . -14.48 -5.99 51.40
C6A COA SA . -15.79 -6.43 51.28
N6A COA SA . -16.20 -7.59 51.84
N7A COA SA . -13.37 -6.49 51.99
C8A COA SA . -12.39 -5.58 51.76
N9A COA SA . -12.87 -4.56 51.06
C1B COA SA . -12.16 -3.32 50.62
C2B COA SA . -11.53 -2.61 51.84
O2B COA SA . -11.74 -1.20 51.80
C3B COA SA . -10.06 -2.93 51.71
O3B COA SA . -9.16 -1.98 52.26
P3B COA SA . -9.19 -1.55 53.80
O7A COA SA . -9.36 -2.85 54.57
O8A COA SA . -7.85 -0.89 54.06
O9A COA SA . -10.31 -0.60 53.95
C4B COA SA . -9.93 -2.97 50.20
O4B COA SA . -11.11 -3.63 49.73
C5B COA SA . -8.71 -3.73 49.71
O5B COA SA . -8.81 -3.57 48.30
P1A COA SA . -7.65 -4.09 47.34
O1A COA SA . -6.40 -3.48 47.85
O2A COA SA . -8.10 -3.84 45.93
O3A COA SA . -7.78 -5.57 47.90
P2A COA SA . -6.98 -6.90 47.58
O4A COA SA . -6.62 -6.86 46.13
O5A COA SA . -5.98 -7.12 48.67
O6A COA SA . -8.26 -7.85 47.94
CBP COA SA . -10.61 -8.62 47.68
CCP COA SA . -9.35 -7.96 47.05
CDP COA SA . -11.34 -7.59 48.52
CEP COA SA . -11.48 -9.06 46.53
CAP COA SA . -10.31 -9.79 48.61
OAP COA SA . -11.58 -10.39 48.99
C9P COA SA . -9.36 -10.81 48.00
O9P COA SA . -8.12 -10.45 47.68
N8P COA SA . -9.73 -12.08 47.82
C7P COA SA . -8.93 -13.18 47.28
C6P COA SA . -8.51 -12.79 45.85
C5P COA SA . -7.61 -13.84 45.24
O5P COA SA . -7.99 -15.01 45.15
N4P COA SA . -6.42 -13.41 44.81
C3P COA SA . -5.35 -14.18 44.19
C2P COA SA . -5.62 -14.25 42.69
S1P COA SA . -5.50 -15.97 42.14
CA CA TA . -6.48 14.28 45.92
CA CA UA . -3.87 -4.05 47.46
C1 MPD VA . -0.51 15.26 51.55
C2 MPD VA . 0.56 14.29 51.06
O2 MPD VA . 1.16 14.84 49.86
CM MPD VA . 1.64 14.12 52.12
C3 MPD VA . -0.05 12.92 50.76
C4 MPD VA . -0.84 12.88 49.44
O4 MPD VA . -0.02 13.24 48.35
C5 MPD VA . -1.38 11.48 49.17
CL CL WA . -3.41 -1.34 55.18
C ACT XA . -5.33 -4.14 50.65
O ACT XA . -5.40 -2.90 50.76
OXT ACT XA . -4.93 -4.55 49.54
CH3 ACT XA . -5.68 -5.09 51.76
N1A COA YA . -16.61 19.43 45.46
C2A COA YA . -16.39 18.36 44.68
N3A COA YA . -15.27 18.25 43.96
C4A COA YA . -14.32 19.23 44.01
C5A COA YA . -14.51 20.36 44.81
C6A COA YA . -15.69 20.43 45.54
N6A COA YA . -15.94 21.51 46.33
N7A COA YA . -13.41 21.15 44.67
C8A COA YA . -12.57 20.55 43.80
N9A COA YA . -13.14 19.37 43.39
C1B COA YA . -12.59 18.42 42.42
C2B COA YA . -12.33 19.18 41.11
O2B COA YA . -12.83 18.46 39.99
C3B COA YA . -10.82 19.34 41.10
O3B COA YA . -10.23 19.39 39.81
P3B COA YA . -10.60 20.50 38.70
O7A COA YA . -10.65 21.73 39.57
O8A COA YA . -9.48 20.42 37.69
O9A COA YA . -11.93 20.11 38.07
C4B COA YA . -10.38 18.09 41.85
O4B COA YA . -11.36 17.88 42.85
C5B COA YA . -9.05 18.21 42.55
O5B COA YA . -8.90 17.00 43.28
P1A COA YA . -7.47 16.30 43.35
O1A COA YA . -6.81 16.35 42.02
O2A COA YA . -7.61 14.98 44.04
O3A COA YA . -6.57 17.48 43.92
P2A COA YA . -6.33 18.10 45.35
O4A COA YA . -5.76 16.95 46.15
O5A COA YA . -5.55 19.32 45.05
O6A COA YA . -7.77 18.60 45.92
CBP COA YA . -9.45 18.70 47.72
CCP COA YA . -8.19 18.04 47.16
CDP COA YA . -10.54 18.72 46.67
CEP COA YA . -9.90 17.82 48.89
CAP COA YA . -9.19 20.13 48.19
OAP COA YA . -10.37 20.61 48.85
C9P COA YA . -7.99 20.22 49.11
O9P COA YA . -6.79 19.91 48.66
N8P COA YA . -8.14 20.61 50.37
C7P COA YA . -7.08 20.74 51.38
C6P COA YA . -6.39 19.39 51.52
C5P COA YA . -5.36 19.43 52.61
O5P COA YA . -5.64 19.87 53.72
N4P COA YA . -4.16 18.95 52.31
C3P COA YA . -2.99 18.88 53.16
C2P COA YA . -2.85 17.40 53.53
S1P COA YA . -2.45 17.24 55.28
CA CA ZA . -9.25 6.13 28.27
CA CA AB . -3.76 16.68 42.65
C1 MRD BB . -3.88 11.36 23.12
C2 MRD BB . -3.37 10.70 24.39
O2 MRD BB . -3.00 9.33 24.06
CM MRD BB . -2.13 11.43 24.86
C3 MRD BB . -4.45 10.69 25.47
C4 MRD BB . -3.93 10.38 26.87
O4 MRD BB . -3.50 9.05 26.95
C5 MRD BB . -5.01 10.58 27.93
N1A COA CB . 29.70 19.98 70.66
C2A COA CB . 29.80 18.69 70.30
N3A COA CB . 28.95 18.12 69.43
C4A COA CB . 27.97 18.88 68.90
C5A COA CB . 27.82 20.21 69.25
C6A COA CB . 28.73 20.75 70.15
N6A COA CB . 28.64 22.07 70.51
N7A COA CB . 26.76 20.70 68.56
C8A COA CB . 26.24 19.69 67.83
N9A COA CB . 26.98 18.58 68.04
C1B COA CB . 26.75 17.23 67.48
C2B COA CB . 25.33 16.80 67.83
O2B COA CB . 25.35 15.47 68.35
C3B COA CB . 24.58 16.94 66.51
O3B COA CB . 23.50 16.04 66.31
P3B COA CB . 22.23 16.05 67.29
O7A COA CB . 21.99 17.51 67.58
O8A COA CB . 21.13 15.41 66.48
O9A COA CB . 22.68 15.23 68.48
C4B COA CB . 25.66 16.61 65.53
O4B COA CB . 26.83 17.21 66.06
C5B COA CB . 25.45 17.10 64.11
O5B COA CB . 26.55 16.49 63.43
P1A COA CB . 26.87 16.82 61.91
O1A COA CB . 25.60 16.46 61.20
O2A COA CB . 28.23 16.26 61.60
O3A COA CB . 26.97 18.39 62.17
P2A COA CB . 26.61 19.59 61.17
O4A COA CB . 27.45 19.34 59.95
O5A COA CB . 25.12 19.69 61.13
O6A COA CB . 27.18 20.73 62.16
CBP COA CB . 28.98 21.66 63.59
CCP COA CB . 28.59 20.87 62.33
CDP COA CB . 28.76 20.78 64.81
CEP COA CB . 30.46 21.96 63.43
CAP COA CB . 28.21 22.95 63.79
OAP COA CB . 28.91 23.74 64.76
C9P COA CB . 28.09 23.77 62.54
O9P COA CB . 27.34 23.39 61.51
N8P COA CB . 28.76 24.92 62.50
C7P COA CB . 28.79 25.88 61.40
C6P COA CB . 29.68 25.27 60.32
C5P COA CB . 29.58 26.09 59.06
O5P COA CB . 29.49 27.32 59.13
N4P COA CB . 29.60 25.42 57.91
C3P COA CB . 29.48 25.98 56.56
C2P COA CB . 30.63 25.38 55.74
S1P COA CB . 31.12 26.62 54.50
C1 MPD DB . 16.73 -1.69 62.37
C2 MPD DB . 16.65 -0.89 61.08
O2 MPD DB . 17.10 -1.73 60.01
CM MPD DB . 15.21 -0.46 60.79
C3 MPD DB . 17.52 0.37 61.15
C4 MPD DB . 19.02 0.13 60.95
O4 MPD DB . 19.27 -0.70 59.83
C5 MPD DB . 19.75 1.44 60.74
CA CA EB . 24.56 16.57 58.92
CA CA FB . 24.68 -1.31 64.07
CL CL GB . 17.63 15.53 63.76
N1A COA HB . 30.36 -5.69 72.63
C2A COA HB . 31.03 -4.85 71.81
N3A COA HB . 30.97 -4.99 70.48
C4A COA HB . 30.23 -5.98 69.94
C5A COA HB . 29.52 -6.86 70.77
C6A COA HB . 29.61 -6.69 72.14
N6A COA HB . 28.94 -7.54 72.96
N7A COA HB . 28.88 -7.73 69.96
C8A COA HB . 29.18 -7.40 68.67
N9A COA HB . 30.00 -6.33 68.68
C1B COA HB . 30.60 -5.66 67.52
C2B COA HB . 31.41 -6.72 66.76
O2B COA HB . 32.69 -6.24 66.40
C3B COA HB . 30.56 -7.02 65.54
O3B COA HB . 31.32 -7.43 64.41
P3B COA HB . 32.16 -8.79 64.30
O7A COA HB . 31.37 -9.79 65.13
O8A COA HB . 32.18 -9.15 62.83
O9A COA HB . 33.52 -8.41 64.82
C4B COA HB . 29.94 -5.66 65.33
O4B COA HB . 29.62 -5.17 66.63
C5B COA HB . 28.71 -5.63 64.47
O5B COA HB . 28.42 -4.24 64.36
P1A COA HB . 27.05 -3.79 63.69
O1A COA HB . 27.09 -4.41 62.33
O2A COA HB . 26.81 -2.33 63.92
O3A COA HB . 26.15 -4.66 64.67
P2A COA HB . 24.64 -5.10 64.42
O4A COA HB . 23.87 -3.88 63.99
O5A COA HB . 24.63 -6.39 63.66
O6A COA HB . 24.34 -5.47 65.98
CBP COA HB . 24.57 -4.89 68.40
CCP COA HB . 24.30 -4.43 66.96
CDP COA HB . 26.07 -5.01 68.63
CEP COA HB . 24.03 -3.80 69.30
CAP COA HB . 23.95 -6.25 68.78
OAP COA HB . 23.81 -6.31 70.20
C9P COA HB . 22.58 -6.45 68.21
O9P COA HB . 22.32 -6.23 66.92
N8P COA HB . 21.64 -6.89 69.03
C7P COA HB . 20.24 -7.15 68.69
C6P COA HB . 19.58 -5.80 68.99
C5P COA HB . 18.36 -5.53 68.13
O5P COA HB . 17.34 -6.14 68.36
N4P COA HB . 18.49 -4.61 67.16
C3P COA HB . 17.48 -4.16 66.21
C2P COA HB . 16.16 -4.00 66.96
S1P COA HB . 15.12 -2.71 66.21
C1 MPD IB . 42.44 -3.22 48.74
C2 MPD IB . 40.96 -3.12 48.35
O2 MPD IB . 40.74 -1.89 47.63
CM MPD IB . 40.59 -4.29 47.44
C3 MPD IB . 40.06 -3.14 49.58
C4 MPD IB . 39.77 -1.76 50.17
O4 MPD IB . 38.94 -0.98 49.32
C5 MPD IB . 39.07 -1.91 51.51
CA CA JB . 25.66 -4.58 60.39
CA CA KB . 41.63 2.70 54.56
N1A COA LB . 49.64 6.86 61.24
C2A COA LB . 48.37 7.23 61.44
N3A COA LB . 47.61 7.67 60.43
C4A COA LB . 48.12 7.75 59.19
C5A COA LB . 49.42 7.38 58.94
C6A COA LB . 50.19 6.92 60.01
N6A COA LB . 51.47 6.53 59.80
N7A COA LB . 49.66 7.54 57.62
C8A COA LB . 48.51 8.05 57.07
N9A COA LB . 47.60 8.16 58.04
C1B COA LB . 46.22 8.70 57.93
C2B COA LB . 46.28 10.07 57.28
O2B COA LB . 45.36 10.95 57.94
C3B COA LB . 45.80 9.83 55.86
O3B COA LB . 45.17 10.93 55.23
P3B COA LB . 45.91 12.32 54.97
O7A COA LB . 47.30 11.93 54.56
O8A COA LB . 45.12 12.98 53.86
O9A COA LB . 45.78 13.07 56.30
C4B COA LB . 44.78 8.76 56.14
O4B COA LB . 45.40 7.89 57.11
C5B COA LB . 44.35 8.00 54.92
O5B COA LB . 43.45 7.01 55.43
P1A COA LB . 42.84 5.92 54.44
O1A COA LB . 42.38 6.76 53.32
O2A COA LB . 41.95 5.07 55.29
O3A COA LB . 44.24 5.22 54.17
P2A COA LB . 44.68 4.37 52.91
O4A COA LB . 43.66 3.28 52.77
O5A COA LB . 45.06 5.32 51.82
O6A COA LB . 46.06 3.83 53.58
CBP COA LB . 47.29 2.90 55.52
CCP COA LB . 46.00 2.96 54.70
CDP COA LB . 47.43 4.15 56.39
CEP COA LB . 47.13 1.68 56.41
CAP COA LB . 48.57 2.78 54.69
OAP COA LB . 49.63 2.51 55.62
C9P COA LB . 48.57 1.70 53.63
O9P COA LB . 47.68 1.68 52.65
N8P COA LB . 49.51 0.75 53.67
C7P COA LB . 49.67 -0.36 52.72
C6P COA LB . 48.44 -1.26 52.90
C5P COA LB . 48.38 -2.28 51.79
O5P COA LB . 49.16 -3.22 51.79
N4P COA LB . 47.46 -2.09 50.86
C3P COA LB . 47.18 -2.89 49.69
C2P COA LB . 45.80 -3.52 49.90
S1P COA LB . 46.04 -5.23 50.37
CA CA MB . 29.44 17.46 59.66
CA CA NB . 41.36 6.32 51.07
C1 MPD OB . 29.76 22.21 50.92
C2 MPD OB . 29.42 21.51 52.23
O2 MPD OB . 28.10 20.92 52.11
CM MPD OB . 29.41 22.51 53.38
C3 MPD OB . 30.45 20.40 52.47
C4 MPD OB . 29.98 19.32 53.44
O4 MPD OB . 28.93 18.56 52.87
C5 MPD OB . 31.12 18.36 53.79
N1A COA PB . 25.08 41.38 23.18
C2A COA PB . 25.72 40.28 22.72
N3A COA PB . 25.95 39.22 23.55
C4A COA PB . 25.54 39.29 24.83
C5A COA PB . 24.87 40.41 25.32
C6A COA PB . 24.65 41.47 24.46
N6A COA PB . 24.02 42.58 24.92
N7A COA PB . 24.57 40.20 26.62
C8A COA PB . 25.06 38.97 26.93
N9A COA PB . 25.65 38.43 25.85
C1B COA PB . 26.33 37.15 25.74
C2B COA PB . 27.42 37.05 26.83
O2B COA PB . 28.60 36.49 26.21
C3B COA PB . 26.81 36.12 27.84
O3B COA PB . 27.71 35.33 28.58
P3B COA PB . 28.87 35.99 29.50
O7A COA PB . 28.21 37.18 30.19
O8A COA PB . 29.27 34.88 30.45
O9A COA PB . 29.94 36.34 28.47
C4B COA PB . 26.02 35.20 26.94
O4B COA PB . 25.50 36.03 25.91
C5B COA PB . 24.87 34.49 27.63
O5B COA PB . 24.39 33.64 26.62
P1A COA PB . 23.21 32.61 26.86
O1A COA PB . 23.67 31.78 28.03
O2A COA PB . 22.78 32.03 25.55
O3A COA PB . 22.25 33.77 27.29
P2A COA PB . 21.03 33.77 28.28
O4A COA PB . 20.09 32.71 27.76
O5A COA PB . 21.55 33.89 29.68
O6A COA PB . 20.60 35.27 27.84
CBP COA PB . 19.98 36.98 26.19
CCP COA PB . 19.93 35.50 26.60
CDP COA PB . 21.43 37.30 25.86
CEP COA PB . 19.19 37.21 24.91
CAP COA PB . 19.49 37.93 27.30
OAP COA PB . 19.37 39.25 26.77
C9P COA PB . 18.18 37.53 27.93
O9P COA PB . 18.06 36.36 28.53
N8P COA PB . 17.13 38.37 27.91
C7P COA PB . 15.81 38.09 28.49
C6P COA PB . 15.21 36.92 27.69
C5P COA PB . 13.79 36.59 28.12
O5P COA PB . 12.91 37.43 28.10
N4P COA PB . 13.59 35.31 28.51
C3P COA PB . 12.34 34.72 28.97
C2P COA PB . 11.94 33.65 27.98
S1P COA PB . 10.21 33.95 27.52
CA CA QB . 37.62 22.19 21.83
CL CL RB . 28.98 32.70 34.44
CA CA SB . 22.75 30.08 29.62
CA CA TB . 37.21 17.46 20.51
C ACT UB . 36.75 14.77 22.60
O ACT UB . 36.17 15.30 23.58
OXT ACT UB . 36.82 15.45 21.57
CH3 ACT UB . 37.31 13.38 22.66
N1A COA VB . 43.26 26.36 13.32
C2A COA VB . 41.92 26.29 13.21
N3A COA VB . 41.26 25.16 13.48
C4A COA VB . 41.97 24.06 13.85
C5A COA VB . 43.37 24.10 13.99
C6A COA VB . 43.99 25.29 13.69
N6A COA VB . 45.35 25.36 13.78
N7A COA VB . 43.79 22.87 14.39
C8A COA VB . 42.69 22.09 14.49
N9A COA VB . 41.59 22.82 14.15
C1B COA VB . 40.19 22.37 14.09
C2B COA VB . 40.11 21.13 13.17
O2B COA VB . 39.04 21.24 12.23
C3B COA VB . 39.86 19.97 14.12
O3B COA VB . 39.11 18.87 13.59
P3B COA VB . 39.59 18.01 12.32
O7A COA VB . 41.07 17.88 12.54
O8A COA VB . 38.82 16.70 12.34
O9A COA VB . 39.25 18.89 11.15
C4B COA VB . 39.08 20.69 15.18
O4B COA VB . 39.67 21.96 15.34
C5B COA VB . 39.08 20.00 16.53
O5B COA VB . 38.26 20.83 17.36
P1A COA VB . 38.15 20.64 18.93
O1A COA VB . 37.50 19.29 19.11
O2A COA VB . 37.54 21.82 19.55
O3A COA VB . 39.75 20.52 19.23
P2A COA VB . 40.42 20.22 20.68
O4A COA VB . 39.52 20.68 21.79
O5A COA VB . 40.94 18.82 20.69
O6A COA VB . 41.69 21.20 20.56
CBP COA VB . 42.45 23.22 19.51
CCP COA VB . 41.54 22.60 20.57
CDP COA VB . 42.05 22.83 18.09
CEP COA VB . 42.38 24.72 19.68
CAP COA VB . 43.84 22.63 19.66
OAP COA VB . 44.71 23.17 18.65
C9P COA VB . 44.39 22.96 20.99
O9P COA VB . 45.04 24.09 21.05
N8P COA VB . 44.21 22.13 22.02
C7P COA VB . 44.75 22.26 23.37
C6P COA VB . 43.73 22.53 24.43
C5P COA VB . 44.42 22.56 25.79
O5P COA VB . 45.35 23.33 25.98
N4P COA VB . 43.93 21.74 26.72
C3P COA VB . 44.41 21.63 28.09
C2P COA VB . 43.45 22.53 28.85
S1P COA VB . 44.02 22.85 30.55
CA CA WB . 22.05 18.53 10.34
C ACT XB . 33.09 7.45 21.46
O ACT XB . 33.06 8.29 20.53
OXT ACT XB . 32.03 6.81 21.66
CH3 ACT XB . 34.33 7.19 22.28
C1 MRD YB . 22.26 10.36 8.99
C2 MRD YB . 22.80 10.12 10.39
O2 MRD YB . 21.70 10.21 11.33
CM MRD YB . 23.37 8.70 10.44
C3 MRD YB . 23.87 11.17 10.73
C4 MRD YB . 23.73 11.88 12.07
O4 MRD YB . 22.43 12.37 12.28
C5 MRD YB . 24.68 13.07 12.18
N1A COA ZB . 19.86 26.55 2.85
C2A COA ZB . 20.28 26.92 4.08
N3A COA ZB . 19.74 26.44 5.18
C4A COA ZB . 18.72 25.56 5.09
C5A COA ZB . 18.26 25.17 3.85
C6A COA ZB . 18.84 25.69 2.71
N6A COA ZB . 18.44 25.36 1.46
N7A COA ZB . 17.26 24.27 4.06
C8A COA ZB . 17.10 24.15 5.39
N9A COA ZB . 18.01 24.94 6.01
C1B COA ZB . 18.14 25.12 7.46
C2B COA ZB . 16.79 25.57 8.01
O2B COA ZB . 16.95 26.65 8.92
C3B COA ZB . 16.26 24.34 8.75
O3B COA ZB . 15.42 24.56 9.87
P3B COA ZB . 13.97 25.28 9.79
O7A COA ZB . 13.48 24.75 8.46
O8A COA ZB . 13.25 24.91 11.02
O9A COA ZB . 14.38 26.73 9.83
C4B COA ZB . 17.57 23.76 9.23
O4B COA ZB . 18.47 23.93 8.16
C5B COA ZB . 17.53 22.30 9.60
O5B COA ZB . 18.86 22.06 9.99
P1A COA ZB . 19.35 20.61 10.47
O1A COA ZB . 18.37 20.14 11.45
O2A COA ZB . 20.85 20.65 10.69
O3A COA ZB . 19.16 20.02 9.03
P2A COA ZB . 18.51 18.65 8.58
O4A COA ZB . 19.49 17.62 9.07
O5A COA ZB . 17.05 18.79 8.89
O6A COA ZB . 18.76 18.98 7.04
CBP COA ZB . 20.15 19.78 5.19
CCP COA ZB . 20.09 19.18 6.59
CDP COA ZB . 19.73 21.24 5.23
CEP COA ZB . 21.61 19.70 4.73
CAP COA ZB . 19.23 19.03 4.21
OAP COA ZB . 19.54 19.48 2.88
C9P COA ZB . 19.38 17.53 4.23
O9P COA ZB . 19.16 16.81 5.32
N8P COA ZB . 19.71 16.89 3.11
C7P COA ZB . 19.88 15.45 2.92
C6P COA ZB . 21.10 14.96 3.70
C5P COA ZB . 21.08 13.45 3.74
O5P COA ZB . 21.51 12.82 2.79
N4P COA ZB . 20.56 12.86 4.81
C3P COA ZB . 20.42 11.42 5.05
C2P COA ZB . 21.42 11.06 6.13
S1P COA ZB . 23.02 10.66 5.39
CA CA AC . 20.45 31.39 25.31
CA CA BC . 17.72 18.17 12.71
CL CL CC . 10.33 22.17 13.03
C1 MRD DC . 12.70 29.86 28.68
C2 MRD DC . 13.15 28.42 28.43
O2 MRD DC . 13.97 27.96 29.54
CM MRD DC . 11.93 27.52 28.34
C3 MRD DC . 13.96 28.38 27.13
C4 MRD DC . 14.82 27.12 26.94
O4 MRD DC . 15.73 26.96 28.00
C5 MRD DC . 15.58 27.14 25.62
CA CA EC . -39.64 -18.60 -25.92
CA CA FC . -39.19 -22.81 -44.09
CL CL GC . -46.33 -14.94 -29.03
C1 MPD HC . -41.76 -14.61 -46.38
C2 MPD HC . -40.91 -14.31 -45.14
O2 MPD HC . -39.55 -14.62 -45.47
CM MPD HC . -41.01 -12.84 -44.77
C3 MPD HC . -41.35 -15.19 -43.96
C4 MPD HC . -40.19 -16.00 -43.40
O4 MPD HC . -39.04 -15.19 -43.39
C5 MPD HC . -40.45 -16.47 -41.98
N1A COA IC . -43.17 -32.27 -48.70
C2A COA IC . -42.35 -32.35 -47.63
N3A COA IC . -41.20 -31.66 -47.60
C4A COA IC . -40.83 -30.89 -48.64
C5A COA IC . -41.65 -30.80 -49.77
C6A COA IC . -42.83 -31.53 -49.78
N6A COA IC . -43.67 -31.50 -50.85
N7A COA IC . -41.03 -29.95 -50.64
C8A COA IC . -39.88 -29.54 -50.07
N9A COA IC . -39.76 -30.13 -48.85
C1B COA IC . -38.65 -30.04 -47.89
C2B COA IC . -37.32 -30.45 -48.57
O2B COA IC . -36.58 -31.39 -47.76
C3B COA IC . -36.60 -29.14 -48.75
O3B COA IC . -35.18 -29.20 -48.85
P3B COA IC . -34.41 -30.09 -49.94
O7A COA IC . -35.18 -29.89 -51.23
O8A COA IC . -32.99 -29.50 -49.91
O9A COA IC . -34.44 -31.50 -49.39
C4B COA IC . -37.08 -28.39 -47.53
O4B COA IC . -38.46 -28.72 -47.37
C5B COA IC . -37.00 -26.90 -47.62
O5B COA IC . -37.62 -26.43 -46.41
P1A COA IC . -37.37 -24.91 -45.95
O1A COA IC . -35.92 -24.60 -46.13
O2A COA IC . -38.05 -24.75 -44.63
O3A COA IC . -37.92 -24.35 -47.33
P2A COA IC . -38.71 -23.05 -47.74
O4A COA IC . -39.10 -22.29 -46.48
O5A COA IC . -37.96 -22.40 -48.86
O6A COA IC . -39.94 -23.86 -48.42
CBP COA IC . -42.18 -24.84 -48.52
CCP COA IC . -41.22 -23.87 -47.83
CDP COA IC . -41.61 -26.25 -48.41
CEP COA IC . -43.51 -24.76 -47.77
CAP COA IC . -42.45 -24.51 -49.98
OAP COA IC . -43.57 -25.30 -50.41
C9P COA IC . -42.72 -23.04 -50.24
O9P COA IC . -41.72 -22.16 -50.32
N8P COA IC . -43.97 -22.60 -50.42
C7P COA IC . -44.38 -21.21 -50.68
C6P COA IC . -44.42 -20.55 -49.30
C5P COA IC . -44.39 -19.04 -49.36
O5P COA IC . -45.13 -18.45 -50.15
N4P COA IC . -43.56 -18.42 -48.52
C3P COA IC . -43.32 -16.98 -48.35
C2P COA IC . -44.32 -16.49 -47.32
S1P COA IC . -45.31 -15.12 -47.98
N1A COA JC . -27.92 -42.29 -30.71
C2A COA JC . -28.76 -41.25 -30.62
N3A COA JC . -28.37 -40.05 -30.15
C4A COA JC . -27.09 -39.88 -29.76
C5A COA JC . -26.19 -40.91 -29.84
C6A COA JC . -26.62 -42.14 -30.33
N6A COA JC . -25.75 -43.16 -30.43
N7A COA JC . -24.99 -40.46 -29.39
C8A COA JC . -25.17 -39.17 -29.02
N9A COA JC . -26.45 -38.82 -29.26
C1B COA JC . -27.09 -37.51 -28.97
C2B COA JC . -26.87 -37.19 -27.49
O2B COA JC . -28.10 -36.75 -26.88
C3B COA JC . -25.83 -36.08 -27.51
O3B COA JC . -25.90 -35.20 -26.39
P3B COA JC . -25.68 -35.68 -24.88
O7A COA JC . -24.68 -36.81 -25.03
O8A COA JC . -25.11 -34.48 -24.18
O9A COA JC . -27.05 -36.10 -24.42
C4B COA JC . -26.17 -35.39 -28.82
O4B COA JC . -26.51 -36.46 -29.72
C5B COA JC . -25.06 -34.60 -29.48
O5B COA JC . -25.59 -34.31 -30.78
P1A COA JC . -24.98 -33.22 -31.78
O1A COA JC . -24.53 -32.02 -30.96
O2A COA JC . -25.97 -33.00 -32.88
O3A COA JC . -23.70 -33.97 -32.39
P2A COA JC . -22.16 -33.68 -32.01
O4A COA JC . -21.59 -32.78 -33.06
O5A COA JC . -22.02 -33.33 -30.55
O6A COA JC . -21.61 -35.20 -32.19
CBP COA JC . -21.98 -37.64 -32.41
CCP COA JC . -22.59 -36.25 -32.20
CDP COA JC . -20.53 -37.65 -31.95
CEP COA JC . -22.77 -38.59 -31.53
CAP COA JC . -22.13 -38.10 -33.88
OAP COA JC . -23.52 -38.30 -34.19
C9P COA JC . -21.54 -37.15 -34.92
O9P COA JC . -21.59 -35.83 -34.79
N8P COA JC . -20.98 -37.72 -35.98
C7P COA JC . -20.32 -37.19 -37.18
C6P COA JC . -19.80 -35.78 -36.91
C5P COA JC . -18.60 -35.50 -37.78
O5P COA JC . -17.58 -36.16 -37.64
N4P COA JC . -18.68 -34.52 -38.67
C3P COA JC . -17.63 -34.11 -39.59
C2P COA JC . -17.13 -35.40 -40.23
S1P COA JC . -16.57 -35.07 -41.91
CA CA KC . -34.95 -22.14 -46.50
C1 MRD LC . -17.75 -28.46 -41.22
C2 MRD LC . -18.43 -29.16 -40.04
O2 MRD LC . -18.07 -28.47 -38.82
CM MRD LC . -17.93 -30.59 -39.92
C3 MRD LC . -19.94 -29.17 -40.28
C4 MRD LC . -20.81 -28.86 -39.06
O4 MRD LC . -21.81 -27.93 -39.42
C5 MRD LC . -20.05 -28.31 -37.87
N1A COA MC . -48.30 -28.38 -23.71
C2A COA MC . -47.58 -28.45 -24.84
N3A COA MC . -47.05 -27.35 -25.41
C4A COA MC . -47.23 -26.14 -24.86
C5A COA MC . -47.97 -26.03 -23.69
C6A COA MC . -48.52 -27.18 -23.12
N6A COA MC . -49.27 -27.12 -22.00
N7A COA MC . -47.99 -24.71 -23.36
C8A COA MC . -47.29 -24.04 -24.28
N9A COA MC . -46.82 -24.92 -25.20
C1B COA MC . -46.06 -24.58 -26.41
C2B COA MC . -46.90 -23.55 -27.18
O2B COA MC . -47.00 -23.86 -28.57
C3B COA MC . -46.17 -22.23 -26.97
O3B COA MC . -46.28 -21.32 -28.05
P3B COA MC . -47.66 -20.63 -28.50
O7A COA MC . -48.31 -20.36 -27.15
O8A COA MC . -47.26 -19.39 -29.27
O9A COA MC . -48.32 -21.66 -29.39
C4B COA MC . -44.75 -22.75 -26.87
O4B COA MC . -44.81 -23.98 -26.15
C5B COA MC . -43.80 -21.83 -26.15
O5B COA MC . -42.61 -22.63 -26.10
P1A COA MC . -41.21 -21.92 -25.84
O1A COA MC . -41.08 -20.83 -26.84
O2A COA MC . -40.22 -23.01 -25.76
O3A COA MC . -41.74 -21.19 -24.52
P2A COA MC . -41.16 -21.06 -23.07
O4A COA MC . -39.74 -21.59 -23.07
O5A COA MC . -41.43 -19.65 -22.72
O6A COA MC . -42.17 -21.98 -22.21
CBP COA MC . -42.89 -24.05 -21.12
CCP COA MC . -41.72 -23.19 -21.62
CDP COA MC . -43.83 -24.34 -22.28
CEP COA MC . -42.29 -25.38 -20.63
CAP COA MC . -43.72 -23.39 -20.02
OAP COA MC . -44.43 -24.44 -19.34
C9P COA MC . -42.88 -22.62 -19.04
O9P COA MC . -42.34 -21.45 -19.37
N8P COA MC . -42.69 -23.09 -17.82
C7P COA MC . -41.91 -22.48 -16.74
C6P COA MC . -40.45 -22.80 -17.08
C5P COA MC . -39.52 -22.02 -16.18
O5P COA MC . -39.75 -21.96 -14.99
N4P COA MC . -38.49 -21.42 -16.77
C3P COA MC . -37.45 -20.63 -16.14
C2P COA MC . -36.18 -21.47 -16.20
S1P COA MC . -35.58 -21.82 -14.53
C1 MPD NC . -31.46 -18.86 -18.43
C2 MPD NC . -32.67 -19.32 -19.22
O2 MPD NC . -33.14 -18.21 -20.01
CM MPD NC . -33.78 -19.74 -18.25
C3 MPD NC . -32.28 -20.49 -20.14
C4 MPD NC . -33.08 -20.57 -21.45
O4 MPD NC . -32.95 -19.39 -22.19
C5 MPD NC . -32.61 -21.74 -22.31
CA CA OC . -38.34 -23.14 -24.27
P1 A3P PC . -25.96 -35.54 -24.79
O1P A3P PC . -24.75 -36.45 -24.81
O2P A3P PC . -27.27 -36.25 -24.56
O3P A3P PC . -25.79 -34.30 -23.97
P2 A3P PC . -22.57 -33.62 -29.27
O4P A3P PC . -23.11 -32.72 -30.35
O5P A3P PC . -21.53 -34.60 -29.76
O6P A3P PC . -22.18 -32.90 -28.00
O5' A3P PC . -23.82 -34.57 -28.86
C5' A3P PC . -25.13 -34.33 -29.38
C4' A3P PC . -26.21 -35.22 -28.77
O4' A3P PC . -26.52 -36.31 -29.65
C3' A3P PC . -25.88 -35.88 -27.43
O3' A3P PC . -26.08 -35.02 -26.31
C2' A3P PC . -26.83 -37.05 -27.41
O2' A3P PC . -28.05 -36.74 -26.73
C1' A3P PC . -27.10 -37.37 -28.88
N9 A3P PC . -26.48 -38.69 -29.16
C8 A3P PC . -25.21 -39.06 -28.89
N7 A3P PC . -24.99 -40.35 -29.25
C5 A3P PC . -26.16 -40.83 -29.74
C6 A3P PC . -26.64 -42.12 -30.29
N6 A3P PC . -25.80 -43.18 -30.38
N1 A3P PC . -27.93 -42.20 -30.69
C2 A3P PC . -28.76 -41.14 -30.61
N3 A3P PC . -28.39 -39.94 -30.11
C4 A3P PC . -27.13 -39.72 -29.68
N1A COA QC . -14.17 -0.22 4.49
C2A COA QC . -13.21 -0.64 3.64
N3A COA QC . -13.50 -1.30 2.52
C4A COA QC . -14.79 -1.53 2.20
C5A COA QC . -15.81 -1.10 3.05
C6A COA QC . -15.46 -0.43 4.22
N6A COA QC . -16.43 0.00 5.07
N7A COA QC . -16.98 -1.48 2.52
C8A COA QC . -16.70 -2.12 1.35
N9A COA QC . -15.36 -2.15 1.18
C1B COA QC . -14.65 -2.79 0.07
C2B COA QC . -15.10 -4.24 -0.03
O2B COA QC . -13.94 -5.08 -0.20
C3B COA QC . -16.03 -4.27 -1.23
O3B COA QC . -16.07 -5.50 -1.93
P3B COA QC . -16.54 -6.90 -1.28
O7A COA QC . -17.70 -6.50 -0.39
O8A COA QC . -16.98 -7.78 -2.44
O9A COA QC . -15.29 -7.40 -0.63
C4B COA QC . -15.38 -3.23 -2.08
O4B COA QC . -14.97 -2.20 -1.18
C5B COA QC . -16.26 -2.64 -3.15
O5B COA QC . -15.36 -1.83 -3.90
P1A COA QC . -15.94 -0.87 -5.04
O1A COA QC . -16.46 -1.86 -6.03
O2A COA QC . -14.85 0.11 -5.41
O3A COA QC . -17.08 -0.20 -4.19
P2A COA QC . -18.44 0.52 -4.61
O4A COA QC . -18.12 1.55 -5.65
O5A COA QC . -19.48 -0.54 -4.80
O6A COA QC . -18.65 1.14 -3.13
CBP COA QC . -17.88 2.40 -1.14
CCP COA QC . -17.97 2.31 -2.67
CDP COA QC . -17.05 1.24 -0.63
CEP COA QC . -17.14 3.69 -0.84
CAP COA QC . -19.24 2.35 -0.39
OAP COA QC . -19.17 3.10 0.82
C9P COA QC . -20.41 2.88 -1.16
O9P COA QC . -21.48 2.10 -1.30
N8P COA QC . -20.38 4.13 -1.64
C7P COA QC . -21.43 4.85 -2.40
C6P COA QC . -20.76 6.05 -3.07
C5P COA QC . -21.71 6.86 -3.94
O5P COA QC . -22.50 7.64 -3.45
N4P COA QC . -21.60 6.69 -5.27
C3P COA QC . -22.38 7.35 -6.32
C2P COA QC . -21.77 8.73 -6.51
S1P COA QC . -23.00 10.02 -6.18
C1 MPD RC . -9.91 -18.50 -15.57
C2 MPD RC . -8.87 -17.47 -15.13
O2 MPD RC . -8.06 -17.13 -16.27
CM MPD RC . -7.94 -18.08 -14.09
C3 MPD RC . -9.58 -16.23 -14.62
C4 MPD RC . -8.59 -15.09 -14.33
O4 MPD RC . -7.71 -14.92 -15.41
C5 MPD RC . -9.32 -13.77 -14.08
CA CA SC . -3.07 -12.16 -11.77
CA CA TC . -17.95 -1.88 -7.96
CL CL UC . -20.00 -9.52 -5.24
N1A COA VC . 6.02 -12.80 -5.29
C2A COA VC . 5.56 -11.58 -5.58
N3A COA VC . 5.28 -11.21 -6.85
C4A COA VC . 5.49 -12.08 -7.85
C5A COA VC . 5.98 -13.35 -7.58
C6A COA VC . 6.26 -13.70 -6.27
N6A COA VC . 6.75 -14.93 -5.97
N7A COA VC . 6.09 -14.01 -8.76
C8A COA VC . 5.68 -13.16 -9.72
N9A COA VC . 5.32 -11.99 -9.16
C1B COA VC . 4.85 -10.76 -9.87
C2B COA VC . 5.86 -10.36 -10.94
O2B COA VC . 6.06 -8.94 -10.93
C3B COA VC . 5.19 -10.73 -12.26
O3B COA VC . 5.53 -9.95 -13.40
P3B COA VC . 7.03 -9.89 -14.00
O7A COA VC . 7.55 -11.32 -13.87
O8A COA VC . 6.93 -9.42 -15.42
O9A COA VC . 7.70 -8.87 -13.08
C4B COA VC . 3.76 -10.50 -11.89
O4B COA VC . 3.62 -11.01 -10.56
C5B COA VC . 2.73 -11.13 -12.80
O5B COA VC . 1.50 -10.93 -12.11
P1A COA VC . 0.09 -11.28 -12.76
O1A COA VC . 0.29 -10.98 -14.21
O2A COA VC . -0.99 -10.69 -11.90
O3A COA VC . 0.15 -12.80 -12.33
P2A COA VC . -0.11 -14.18 -13.11
O4A COA VC . -1.60 -14.28 -13.10
O5A COA VC . 0.77 -14.30 -14.31
O6A COA VC . 0.55 -15.08 -11.93
CBP COA VC . 0.87 -15.63 -9.55
CCP COA VC . -0.06 -15.10 -10.64
CDP COA VC . 1.87 -14.54 -9.20
CEP COA VC . 0.00 -15.90 -8.32
CAP COA VC . 1.65 -16.90 -9.93
OAP COA VC . 2.11 -17.51 -8.72
C9P COA VC . 0.85 -17.94 -10.71
O9P COA VC . 0.89 -17.93 -12.05
N8P COA VC . 0.17 -18.87 -10.04
C7P COA VC . -0.67 -19.97 -10.54
C6P COA VC . -2.10 -19.58 -10.13
C5P COA VC . -3.18 -20.46 -10.74
O5P COA VC . -3.27 -21.64 -10.45
N4P COA VC . -4.04 -19.85 -11.58
C3P COA VC . -5.16 -20.46 -12.30
C2P COA VC . -6.36 -20.48 -11.37
S1P COA VC . -7.22 -22.08 -11.45
CA CA WC . -0.99 -11.49 -16.24
CA CA XC . 1.11 6.79 -16.01
C1 MPD YC . 3.92 6.67 -23.68
C2 MPD YC . 2.94 5.58 -24.11
O2 MPD YC . 1.65 6.19 -24.28
CM MPD YC . 3.41 5.01 -25.45
C3 MPD YC . 2.89 4.44 -23.10
C4 MPD YC . 1.85 4.56 -21.97
O4 MPD YC . 0.68 5.25 -22.38
C5 MPD YC . 1.45 3.17 -21.48
N1A COA ZC . 4.83 12.74 -7.16
C2A COA ZC . 3.85 11.82 -6.95
N3A COA ZC . 2.76 11.78 -7.73
C4A COA ZC . 2.63 12.67 -8.74
C5A COA ZC . 3.61 13.62 -8.99
C6A COA ZC . 4.74 13.63 -8.17
N6A COA ZC . 5.73 14.55 -8.37
N7A COA ZC . 3.23 14.36 -10.06
C8A COA ZC . 2.03 13.88 -10.47
N9A COA ZC . 1.65 12.86 -9.66
C1B COA ZC . 0.40 12.09 -9.73
C2B COA ZC . -0.79 13.05 -9.68
O2B COA ZC . -1.81 12.59 -8.79
C3B COA ZC . -1.35 13.09 -11.09
O3B COA ZC . -2.76 13.31 -11.16
P3B COA ZC . -3.48 14.66 -10.67
O7A COA ZC . -2.49 15.76 -11.02
O8A COA ZC . -4.77 14.71 -11.45
O9A COA ZC . -3.69 14.48 -9.17
C4B COA ZC . -1.00 11.67 -11.51
O4B COA ZC . 0.30 11.41 -10.99
C5B COA ZC . -0.95 11.43 -13.00
O5B COA ZC . -0.83 10.02 -13.09
P1A COA ZC . -0.63 9.31 -14.49
O1A COA ZC . -1.89 9.66 -15.18
O2A COA ZC . -0.19 7.91 -14.25
O3A COA ZC . 0.57 10.25 -14.92
P2A COA ZC . 1.15 10.64 -16.34
O4A COA ZC . 1.45 9.37 -17.08
O5A COA ZC . 0.38 11.79 -16.84
O6A COA ZC . 2.52 11.25 -15.72
CBP COA ZC . 4.55 11.14 -14.31
CCP COA ZC . 3.55 10.41 -15.23
CDP COA ZC . 3.91 11.41 -12.96
CEP COA ZC . 5.70 10.17 -14.13
CAP COA ZC . 5.07 12.48 -14.86
OAP COA ZC . 6.18 12.88 -14.03
C9P COA ZC . 5.51 12.43 -16.30
O9P COA ZC . 4.67 12.05 -17.26
N8P COA ZC . 6.74 12.77 -16.66
C7P COA ZC . 7.27 12.73 -18.02
C6P COA ZC . 7.57 11.26 -18.30
C5P COA ZC . 7.70 10.94 -19.78
O5P COA ZC . 8.73 11.20 -20.37
N4P COA ZC . 6.65 10.36 -20.34
C3P COA ZC . 6.50 9.94 -21.74
C2P COA ZC . 6.77 8.45 -21.78
S1P COA ZC . 8.13 8.10 -22.94
CA CA AD . -15.61 2.22 -6.40
CA CA BD . -2.82 9.46 -17.54
C1 MPD CD . -20.91 7.19 -9.60
C2 MPD CD . -20.65 6.94 -11.07
O2 MPD CD . -21.22 5.66 -11.41
CM MPD CD . -21.33 8.01 -11.90
C3 MPD CD . -19.14 6.94 -11.37
C4 MPD CD . -18.41 5.66 -10.95
O4 MPD CD . -18.85 4.55 -11.70
C5 MPD CD . -16.90 5.82 -11.15
C ACT DD . -2.89 12.57 -15.67
O ACT DD . -3.95 12.47 -15.01
OXT ACT DD . -2.52 11.51 -16.22
CH3 ACT DD . -2.13 13.87 -15.80
N1A COA ED . -4.96 -6.92 -72.59
C2A COA ED . -4.31 -6.42 -71.53
N3A COA ED . -4.96 -5.77 -70.57
C4A COA ED . -6.30 -5.62 -70.62
C5A COA ED . -7.01 -6.13 -71.69
C6A COA ED . -6.29 -6.81 -72.69
N6A COA ED . -6.94 -7.30 -73.77
N7A COA ED . -8.30 -5.84 -71.50
C8A COA ED . -8.41 -5.15 -70.33
N9A COA ED . -7.17 -5.02 -69.81
C1B COA ED . -6.77 -4.34 -68.56
C2B COA ED . -7.23 -2.88 -68.58
O2B COA ED . -6.17 -2.03 -68.11
C3B COA ED . -8.39 -2.89 -67.59
O3B COA ED . -8.69 -1.65 -66.93
P3B COA ED . -9.05 -0.28 -67.72
O7A COA ED . -9.98 -0.70 -68.84
O8A COA ED . -9.72 0.59 -66.70
O9A COA ED . -7.67 0.19 -68.12
C4B COA ED . -7.86 -3.88 -66.58
O4B COA ED . -7.34 -4.92 -67.39
C5B COA ED . -8.86 -4.45 -65.59
O5B COA ED . -8.25 -5.64 -65.07
P1A COA ED . -8.92 -6.42 -63.83
O1A COA ED . -9.82 -5.43 -63.18
O2A COA ED . -7.81 -7.12 -63.09
O3A COA ED . -9.66 -7.64 -64.52
P2A COA ED . -11.18 -7.68 -64.92
O4A COA ED . -11.76 -8.66 -63.98
O5A COA ED . -11.63 -6.25 -65.06
O6A COA ED . -10.95 -8.28 -66.41
CBP COA ED . -9.82 -9.63 -68.08
CCP COA ED . -10.03 -9.34 -66.59
CDP COA ED . -9.30 -8.35 -68.73
CEP COA ED . -8.78 -10.71 -68.20
CAP COA ED . -11.11 -10.06 -68.77
OAP COA ED . -10.82 -10.29 -70.14
C9P COA ED . -11.69 -11.35 -68.26
O9P COA ED . -11.20 -11.99 -67.19
N8P COA ED . -12.72 -11.84 -68.94
C7P COA ED . -13.50 -13.06 -68.73
C6P COA ED . -13.14 -13.68 -67.38
C5P COA ED . -14.10 -14.80 -67.05
O5P COA ED . -14.24 -15.74 -67.81
N4P COA ED . -14.76 -14.68 -65.90
C3P COA ED . -15.74 -15.58 -65.32
C2P COA ED . -15.11 -16.16 -64.06
S1P COA ED . -15.70 -17.86 -63.85
C1 MPD FD . -5.04 9.32 -53.34
C2 MPD FD . -4.10 10.18 -52.51
O2 MPD FD . -4.81 10.55 -51.31
CM MPD FD . -3.77 11.47 -53.24
C3 MPD FD . -2.83 9.40 -52.15
C4 MPD FD . -1.96 10.05 -51.07
O4 MPD FD . -1.34 9.04 -50.29
C5 MPD FD . -0.88 10.96 -51.65
CA CA GD . -11.65 -5.38 -61.39
CA CA HD . 1.47 5.61 -54.50
N1A COA ID . 11.55 6.81 -58.69
C2A COA ID . 11.17 5.52 -58.47
N3A COA ID . 10.67 5.13 -57.29
C4A COA ID . 10.56 6.03 -56.27
C5A COA ID . 10.97 7.35 -56.44
C6A COA ID . 11.48 7.72 -57.70
N6A COA ID . 11.89 8.99 -57.94
N7A COA ID . 10.75 8.00 -55.27
C8A COA ID . 10.26 7.09 -54.40
N9A COA ID . 10.15 5.89 -55.01
C1B COA ID . 9.67 4.61 -54.47
C2B COA ID . 10.42 4.22 -53.19
O2B COA ID . 10.77 2.83 -53.13
C3B COA ID . 9.41 4.51 -52.09
O3B COA ID . 9.57 3.76 -50.89
P3B COA ID . 10.92 3.74 -50.03
O7A COA ID . 11.37 5.16 -50.02
O8A COA ID . 10.58 3.27 -48.62
O9A COA ID . 11.78 2.80 -50.84
C4B COA ID . 8.13 4.21 -52.80
O4B COA ID . 8.30 4.76 -54.11
C5B COA ID . 6.88 4.84 -52.20
O5B COA ID . 5.79 4.33 -52.98
P1A COA ID . 4.32 4.94 -52.86
O1A COA ID . 3.87 4.61 -51.48
O2A COA ID . 3.50 4.57 -54.08
O3A COA ID . 4.70 6.52 -52.94
P2A COA ID . 3.71 7.77 -52.75
O4A COA ID . 2.30 7.42 -53.15
O5A COA ID . 3.91 8.37 -51.39
O6A COA ID . 4.28 8.83 -53.87
CBP COA ID . 5.69 8.95 -55.81
CCP COA ID . 4.34 8.54 -55.24
CDP COA ID . 6.76 8.00 -55.26
CEP COA ID . 5.58 8.87 -57.32
CAP COA ID . 6.06 10.36 -55.40
OAP COA ID . 7.30 10.70 -56.02
C9P COA ID . 5.03 11.35 -55.87
O9P COA ID . 5.22 11.97 -57.04
N8P COA ID . 3.96 11.62 -55.13
C7P COA ID . 2.95 12.58 -55.56
C6P COA ID . 1.71 12.48 -54.71
C5P COA ID . 0.71 13.51 -55.20
O5P COA ID . 0.90 14.17 -56.23
N4P COA ID . -0.36 13.64 -54.42
C3P COA ID . -1.49 14.54 -54.61
C2P COA ID . -2.30 13.92 -55.74
S1P COA ID . -3.70 15.00 -56.09
CA CA JD . 2.52 5.07 -49.66
CA CA KD . 5.44 -13.10 -49.20
C ACT LD . 0.15 5.71 -47.34
O ACT LD . -0.28 5.78 -46.16
OXT ACT LD . 1.38 5.54 -47.46
CH3 ACT LD . -0.75 5.83 -48.53
C1 MRD MD . 5.41 -11.03 -39.77
C2 MRD MD . 5.51 -11.84 -41.06
O2 MRD MD . 4.37 -12.72 -41.15
CM MRD MD . 6.76 -12.72 -41.03
C3 MRD MD . 5.57 -10.93 -42.29
C4 MRD MD . 4.22 -10.32 -42.68
O4 MRD MD . 3.24 -11.32 -42.89
C5 MRD MD . 4.35 -9.50 -43.97
CL CL ND . 9.14 4.10 -44.33
C1 MPD OD . -15.36 -15.41 -58.01
C2 MPD OD . -14.63 -14.47 -58.96
O2 MPD OD . -15.17 -13.13 -58.78
CM MPD OD . -14.85 -14.91 -60.40
C3 MPD OD . -13.14 -14.47 -58.60
C4 MPD OD . -12.47 -13.11 -58.60
O4 MPD OD . -13.37 -12.09 -58.18
C5 MPD OD . -11.25 -13.11 -57.67
N1A COA PD . 11.33 -18.84 -56.73
C2A COA PD . 10.39 -17.99 -57.19
N3A COA PD . 9.13 -18.02 -56.71
C4A COA PD . 8.82 -18.91 -55.73
C5A COA PD . 9.77 -19.79 -55.25
C6A COA PD . 11.04 -19.73 -55.77
N6A COA PD . 11.97 -20.59 -55.33
N7A COA PD . 9.19 -20.58 -54.30
C8A COA PD . 7.88 -20.17 -54.22
N9A COA PD . 7.68 -19.16 -55.10
C1B COA PD . 6.42 -18.43 -55.37
C2B COA PD . 5.33 -19.42 -55.71
O2B COA PD . 4.61 -18.99 -56.86
C3B COA PD . 4.48 -19.48 -54.46
O3B COA PD . 3.12 -19.79 -54.67
P3B COA PD . 2.59 -21.15 -55.32
O7A COA PD . 3.48 -22.20 -54.69
O8A COA PD . 1.15 -21.25 -54.92
O9A COA PD . 2.77 -20.96 -56.81
C4B COA PD . 4.61 -18.04 -54.01
O4B COA PD . 5.98 -17.71 -54.22
C5B COA PD . 4.22 -17.78 -52.58
O5B COA PD . 4.49 -16.40 -52.38
P1A COA PD . 4.23 -15.71 -50.97
O1A COA PD . 2.87 -16.12 -50.52
O2A COA PD . 4.59 -14.27 -51.14
O3A COA PD . 5.44 -16.49 -50.29
P2A COA PD . 5.61 -17.11 -48.81
O4A COA PD . 4.75 -18.33 -48.78
O5A COA PD . 5.49 -15.94 -47.89
O6A COA PD . 7.15 -17.58 -48.99
CBP COA PD . 9.38 -17.30 -49.99
CCP COA PD . 8.13 -16.65 -49.38
CDP COA PD . 9.07 -17.68 -51.42
CEP COA PD . 10.47 -16.25 -49.98
CAP COA PD . 9.83 -18.56 -49.26
OAP COA PD . 11.12 -18.90 -49.73
C9P COA PD . 9.89 -18.38 -47.76
O9P COA PD . 8.85 -17.90 -47.10
N8P COA PD . 11.03 -18.71 -47.12
C7P COA PD . 11.29 -18.61 -45.68
C6P COA PD . 11.41 -17.12 -45.37
C5P COA PD . 11.44 -16.87 -43.89
O5P COA PD . 12.37 -17.31 -43.22
N4P COA PD . 10.44 -16.16 -43.37
C3P COA PD . 10.22 -15.80 -41.98
C2P COA PD . 10.37 -14.28 -41.89
S1P COA PD . 10.80 -13.83 -40.19
CA CA QD . -8.77 -9.42 -62.35
CA CA RD . 1.43 -15.96 -48.50
C1 MPD SD . 36.63 -6.30 19.24
C2 MPD SD . 36.58 -7.72 19.81
O2 MPD SD . 36.64 -7.61 21.25
CM MPD SD . 37.80 -8.51 19.33
C3 MPD SD . 35.27 -8.41 19.40
C4 MPD SD . 34.96 -9.67 20.21
O4 MPD SD . 34.63 -9.38 21.55
C5 MPD SD . 33.79 -10.41 19.58
CA CA TD . 36.21 -16.05 21.81
CA CA UD . 18.93 -14.45 15.24
N1A COA VD . 42.53 -25.37 20.96
C2A COA VD . 41.26 -25.50 21.38
N3A COA VD . 40.75 -24.72 22.35
C4A COA VD . 41.53 -23.81 22.96
C5A COA VD . 42.85 -23.66 22.58
C6A COA VD . 43.33 -24.47 21.56
N6A COA VD . 44.60 -24.37 21.16
N7A COA VD . 43.40 -22.67 23.36
C8A COA VD . 42.43 -22.23 24.19
N9A COA VD . 41.30 -22.93 23.95
C1B COA VD . 40.02 -22.81 24.67
C2B COA VD . 40.27 -22.98 26.16
O2B COA VD . 39.29 -23.86 26.72
C3B COA VD . 40.16 -21.58 26.75
O3B COA VD . 39.69 -21.49 28.09
P3B COA VD . 40.49 -22.14 29.33
O7A COA VD . 41.94 -21.84 29.00
O8A COA VD . 39.94 -21.44 30.53
O9A COA VD . 40.12 -23.59 29.30
C4B COA VD . 39.13 -21.01 25.81
O4B COA VD . 39.39 -21.55 24.52
C5B COA VD . 39.09 -19.50 25.72
O5B COA VD . 38.01 -19.29 24.81
P1A COA VD . 37.44 -17.85 24.49
O1A COA VD . 37.22 -17.19 25.80
O2A COA VD . 36.36 -18.02 23.48
O3A COA VD . 38.86 -17.49 23.82
P2A COA VD . 39.60 -16.11 23.66
O4A COA VD . 38.68 -15.24 22.85
O5A COA VD . 40.22 -15.70 24.97
O6A COA VD . 40.78 -16.68 22.71
CBP COA VD . 41.48 -18.23 20.92
CCP COA VD . 40.39 -17.31 21.48
CDP COA VD . 41.51 -19.53 21.72
CEP COA VD . 41.07 -18.53 19.48
CAP COA VD . 42.87 -17.62 20.89
OAP COA VD . 43.63 -18.38 19.95
C9P COA VD . 42.94 -16.19 20.43
O9P COA VD . 41.83 -15.48 20.19
N8P COA VD . 44.16 -15.67 20.25
C7P COA VD . 44.51 -14.32 19.80
C6P COA VD . 43.99 -14.18 18.36
C5P COA VD . 43.44 -12.80 18.11
O5P COA VD . 44.10 -12.01 17.45
N4P COA VD . 42.24 -12.52 18.64
C3P COA VD . 41.45 -11.29 18.59
C2P COA VD . 41.80 -10.54 17.31
S1P COA VD . 40.49 -9.36 16.90
N1A COA WD . 21.40 -35.87 31.00
C2A COA WD . 21.50 -34.95 30.01
N3A COA WD . 20.82 -33.81 30.07
C4A COA WD . 20.03 -33.54 31.14
C5A COA WD . 19.90 -34.49 32.17
C6A COA WD . 20.61 -35.67 32.07
N6A COA WD . 20.51 -36.60 33.05
N7A COA WD . 19.06 -33.98 33.09
C8A COA WD . 18.65 -32.75 32.64
N9A COA WD . 19.23 -32.51 31.44
C1B COA WD . 19.07 -31.33 30.57
C2B COA WD . 17.60 -31.13 30.24
O2B COA WD . 17.37 -30.88 28.84
C3B COA WD . 17.22 -29.92 31.09
O3B COA WD . 16.16 -29.13 30.55
P3B COA WD . 14.71 -29.72 30.24
O7A COA WD . 14.49 -30.62 31.46
O8A COA WD . 13.83 -28.50 30.17
O9A COA WD . 14.80 -30.41 28.91
C4B COA WD . 18.52 -29.16 31.08
O4B COA WD . 19.51 -30.16 31.25
C5B COA WD . 18.70 -28.12 32.19
O5B COA WD . 20.07 -27.69 32.01
P1A COA WD . 20.63 -26.44 32.83
O1A COA WD . 19.59 -25.37 32.72
O2A COA WD . 22.03 -26.14 32.43
O3A COA WD . 20.49 -27.21 34.23
P2A COA WD . 20.93 -26.76 35.71
O4A COA WD . 22.17 -25.90 35.65
O5A COA WD . 19.70 -26.28 36.42
O6A COA WD . 21.36 -28.21 36.29
CBP COA WD . 22.46 -30.34 35.76
CCP COA WD . 22.57 -28.82 35.84
CDP COA WD . 21.39 -30.73 34.75
CEP COA WD . 23.79 -30.96 35.36
CAP COA WD . 22.07 -30.91 37.10
OAP COA WD . 22.14 -32.33 36.91
C9P COA WD . 22.94 -30.54 38.28
O9P COA WD . 23.27 -31.52 39.12
N8P COA WD . 23.37 -29.30 38.55
C7P COA WD . 24.21 -29.00 39.71
C6P COA WD . 24.08 -27.51 40.09
C5P COA WD . 24.81 -27.25 41.40
O5P COA WD . 25.48 -28.12 41.92
N4P COA WD . 24.69 -26.03 41.93
C3P COA WD . 25.28 -25.53 43.18
C2P COA WD . 26.78 -25.78 43.14
S1P COA WD . 27.29 -26.42 44.76
C1 MPD XD . 26.52 -20.31 42.01
C2 MPD XD . 25.82 -21.07 40.89
O2 MPD XD . 24.53 -20.46 40.66
CM MPD XD . 25.61 -22.52 41.30
C3 MPD XD . 26.69 -21.01 39.64
C4 MPD XD . 25.92 -20.97 38.31
O4 MPD XD . 24.87 -20.03 38.33
C5 MPD XD . 26.86 -20.62 37.16
CA CA YD . 36.80 -14.77 26.61
CA CA ZD . 23.79 -25.43 34.12
C ACT AE . 39.31 -16.65 27.84
O ACT AE . 38.60 -17.08 28.76
OXT ACT AE . 38.72 -15.93 27.01
CH3 ACT AE . 40.78 -16.95 27.76
N1A COA BE . 20.38 -25.13 7.81
C2A COA BE . 21.27 -24.96 8.80
N3A COA BE . 21.55 -23.75 9.30
C4A COA BE . 20.94 -22.68 8.78
C5A COA BE . 20.03 -22.81 7.73
C6A COA BE . 19.75 -24.07 7.25
N6A COA BE . 18.86 -24.27 6.24
N7A COA BE . 19.56 -21.57 7.45
C8A COA BE . 20.20 -20.70 8.25
N9A COA BE . 21.02 -21.39 9.05
C1B COA BE . 21.94 -20.83 10.08
C2B COA BE . 22.86 -19.79 9.41
O2B COA BE . 24.22 -19.93 9.82
C3B COA BE . 22.33 -18.45 9.92
O3B COA BE . 23.29 -17.42 10.01
P3B COA BE . 24.10 -16.80 8.75
O7A COA BE . 23.05 -16.82 7.65
O8A COA BE . 24.51 -15.44 9.18
O9A COA BE . 25.24 -17.74 8.49
C4B COA BE . 21.84 -18.88 11.29
O4B COA BE . 21.23 -20.15 11.09
C5B COA BE . 20.83 -17.93 11.91
O5B COA BE . 20.65 -18.44 13.22
P1A COA BE . 19.60 -17.80 14.25
O1A COA BE . 20.06 -16.41 14.44
O2A COA BE . 19.43 -18.77 15.38
O3A COA BE . 18.42 -17.99 13.21
P2A COA BE . 16.99 -17.29 13.06
O4A COA BE . 16.28 -17.42 14.38
O5A COA BE . 17.20 -16.01 12.33
O6A COA BE . 16.45 -18.43 12.04
CBP COA BE . 15.98 -20.74 11.41
CCP COA BE . 16.15 -19.73 12.54
CDP COA BE . 17.34 -20.96 10.77
CEP COA BE . 15.50 -22.05 12.02
CAP COA BE . 15.02 -20.25 10.33
OAP COA BE . 14.55 -21.39 9.61
C9P COA BE . 13.83 -19.50 10.88
O9P COA BE . 13.98 -18.34 11.50
N8P COA BE . 12.62 -20.04 10.70
C7P COA BE . 11.32 -19.52 11.11
C6P COA BE . 11.25 -19.55 12.63
C5P COA BE . 10.03 -18.76 13.07
O5P COA BE . 8.91 -19.22 12.92
N4P COA BE . 10.28 -17.56 13.60
C3P COA BE . 9.32 -16.58 14.10
C2P COA BE . 9.52 -16.53 15.60
S1P COA BE . 8.47 -17.78 16.37
CA CA CE . 19.29 -23.40 34.52
CA CA DE . 17.30 -18.77 16.56
#